data_7WTI
#
_entry.id   7WTI
#
_cell.length_a   1.00
_cell.length_b   1.00
_cell.length_c   1.00
_cell.angle_alpha   90.00
_cell.angle_beta   90.00
_cell.angle_gamma   90.00
#
_symmetry.space_group_name_H-M   'P 1'
#
loop_
_entity.id
_entity.type
_entity.pdbx_description
1 polymer 'Spike glycoprotein'
2 polymer 'Heavy chain of XGv264'
3 polymer 'Light chain of XGv264'
4 non-polymer 2-acetamido-2-deoxy-beta-D-glucopyranose
#
loop_
_entity_poly.entity_id
_entity_poly.type
_entity_poly.pdbx_seq_one_letter_code
_entity_poly.pdbx_strand_id
1 'polypeptide(L)'
;MFVFLVLLPLVSSQCVNLTTRTQLPPAYTNSFTRGVYYPDKVFRSSVLHSTQDLFLPFFSNVTWFHVISGTNGTKRFDNP
VLPFNDGVYFASIEKSNIIRGWIFGTTLDSKTQSLLIVNNATNVVIKVCEFQFCNDPFLDHKNNKSWMESEFRVYSSANN
CTFEYVSQPFLMDLEGKQGNFKNLREFVFKNIDGYFKIYSKHTPIIVREPEDLPQGFSALEPLVDLPIGINITRFQTLLA
LHRSYLTPGDSSSGWTAGAAAYYVGYLQPRTFLLKYNENGTITDAVDCALDPLSETKCTLKSFTVEKGIYQTSNFRVQPT
ESIVRFPNITNLCPFDEVFNATRFASVYAWNRKRISNCVADYSVLYNLAPFFTFKCYGVSPTKLNDLCFTNVYADSFVIR
GDEVRQIAPGQTGNIADYNYKLPDDFTGCVIAWNSNKLDSKVSGNYNYLYRLFRKSNLKPFERDISTEIYQAGNKPCNGV
AGFNCYFPLRSYSFRPTYGVGHQPYRVVVLSFELLHAPATVCGPKKSTNLVKNKCVNFNFNGLKGTGVLTESNKKFLPFQ
QFGRDIADTTDAVRDPQTLEILDITPCSFGGVSVITPGTNTSNQVAVLYQGVNCTEVPVAIHADQLTPTWRVYSTGSNVF
QTRAGCLIGAEYVNNSYECDIPIGAGICASYQTQTKSHRAAASVASQSIIAYTMSLGAENSVAYSNNSIAIPTNFTISVT
TEILPVSMTKTSVDCTMYICGDSTECSNLLLQYGSFCTQLKRALTGIAVEQDKNTQEVFAQVKQIYKTPPIKYFGGFNFS
QILPDPSKPSKRSPIEDLLFNKVTLADAGFIKQYGDCLGDIAARDLICAQKFKGLTVLPPLLTDEMIAQYTSALLAGTIT
SGWTFGAGPALQIPFPMQMAYRFNGIGVTQNVLYENQKLIANQFNSAIGKIQDSLSSTPSALGKLQDVVNHNAQALNTLV
KQLSSKFGAISSVLNDIFSRLDPPEAEVQIDRLITGRLQSLQTYVTQQLIRAAEIRASANLAATKMSECVLGQSKRVDFC
GKGYHLMSFPQSAPHGVVFLHVTYVPAQEKNFTTAPAICHDGKAHFPREGVFVSNGTHWFVTQRNFYEPQIITTDNTFVS
GNCDVVIGIVNNTVYDPLQPELDSFKEELDKYFKNHTSPDVDLGDISGINASVVNIQKEIDRLNEVAKNLNESLIDLQEL
GKYEQYIKWPWYIWLGFIAGLIAIVMVTIMLCCMTSCCSCLKGCCSCGSCCKFDEDDSEPVLKGVKLHYT
;
A,B,C
2 'polypeptide(L)'
;ITLKESGPTLVKPTQTLTLTCAFSGFSLNTGGAGVGWIRQPPGKALEWLALIYWDGDKRYNPSLKSRLAIIMDTSKNRVV
LTMTNMDPVDTATYYCAHHKIEYIFDYWGQGTLVAVSS
;
H,I,G
3 'polypeptide(L)'
;ALTQPASVSGSPGQSITVSCTGTSSDLGNFQYVSWYQHHPGKAPKLLIYEVSKRPSGVSNRFSGSKSGNTASLTISGLQA
EDEADYYCCSYTTTTIPVAFGGGTKLTVLGQ
;
K,L,J
#
# COMPACT_ATOMS: atom_id res chain seq x y z
N GLN A 14 -28.56 61.69 14.01
CA GLN A 14 -29.74 62.05 14.79
C GLN A 14 -30.47 60.82 15.30
N CYS A 15 -30.89 60.85 16.56
CA CYS A 15 -31.60 59.74 17.18
C CYS A 15 -32.68 60.28 18.10
N VAL A 16 -33.91 59.81 17.89
CA VAL A 16 -35.04 60.13 18.73
C VAL A 16 -35.58 58.83 19.32
N ASN A 17 -35.70 58.80 20.65
CA ASN A 17 -36.26 57.63 21.34
C ASN A 17 -37.78 57.71 21.28
N LEU A 18 -38.33 57.05 20.25
CA LEU A 18 -39.79 57.03 20.09
C LEU A 18 -40.44 56.09 21.11
N THR A 19 -39.66 55.16 21.66
CA THR A 19 -40.06 54.15 22.67
C THR A 19 -41.20 53.32 22.08
N THR A 20 -42.41 53.36 22.65
CA THR A 20 -43.64 52.62 22.29
C THR A 20 -43.40 51.13 21.95
N ARG A 21 -42.43 50.50 22.61
CA ARG A 21 -42.16 49.09 22.37
C ARG A 21 -43.23 48.23 23.00
N THR A 22 -43.54 47.11 22.34
CA THR A 22 -44.61 46.22 22.76
C THR A 22 -44.02 44.98 23.42
N GLN A 23 -44.47 44.67 24.63
CA GLN A 23 -44.10 43.45 25.33
C GLN A 23 -45.25 42.43 25.26
N LEU A 24 -45.89 42.34 24.09
CA LEU A 24 -46.98 41.43 23.81
C LEU A 24 -46.48 39.98 23.89
N PRO A 25 -47.31 39.03 24.29
CA PRO A 25 -46.88 37.62 24.29
C PRO A 25 -46.64 37.12 22.89
N PRO A 26 -45.53 36.41 22.65
CA PRO A 26 -45.22 35.96 21.29
C PRO A 26 -46.10 34.80 20.88
N ALA A 27 -46.39 34.74 19.59
CA ALA A 27 -47.17 33.66 19.00
C ALA A 27 -46.23 32.74 18.24
N TYR A 28 -46.51 31.44 18.29
CA TYR A 28 -45.71 30.43 17.62
C TYR A 28 -46.56 29.75 16.57
N THR A 29 -46.10 29.74 15.33
CA THR A 29 -46.78 29.11 14.22
C THR A 29 -45.84 28.08 13.61
N ASN A 30 -46.35 26.89 13.29
CA ASN A 30 -45.48 25.86 12.75
C ASN A 30 -45.22 26.04 11.26
N SER A 31 -43.94 25.94 10.89
CA SER A 31 -43.53 25.97 9.50
C SER A 31 -43.83 24.62 8.87
N PHE A 32 -44.74 24.60 7.89
CA PHE A 32 -45.24 23.33 7.36
C PHE A 32 -44.22 22.63 6.48
N THR A 33 -43.86 23.23 5.35
CA THR A 33 -42.93 22.61 4.42
C THR A 33 -41.87 23.55 3.88
N ARG A 34 -42.12 24.86 3.85
CA ARG A 34 -41.21 25.83 3.26
C ARG A 34 -39.91 25.95 4.03
N GLY A 35 -38.83 26.24 3.30
CA GLY A 35 -37.52 26.37 3.90
C GLY A 35 -36.45 25.66 3.12
N VAL A 36 -36.85 24.79 2.18
CA VAL A 36 -35.89 24.06 1.37
C VAL A 36 -35.30 25.01 0.32
N TYR A 37 -33.99 24.92 0.11
CA TYR A 37 -33.28 25.81 -0.80
C TYR A 37 -32.28 25.01 -1.62
N TYR A 38 -31.74 25.64 -2.65
CA TYR A 38 -30.78 24.99 -3.54
C TYR A 38 -29.42 24.92 -2.87
N PRO A 39 -28.83 23.73 -2.73
CA PRO A 39 -27.55 23.63 -2.00
C PRO A 39 -26.34 24.04 -2.83
N ASP A 40 -26.36 23.78 -4.14
CA ASP A 40 -25.19 24.03 -4.96
C ASP A 40 -25.62 24.40 -6.38
N LYS A 41 -24.67 24.95 -7.13
CA LYS A 41 -24.92 25.42 -8.49
C LYS A 41 -24.65 24.28 -9.49
N VAL A 42 -25.45 23.23 -9.38
CA VAL A 42 -25.31 22.03 -10.19
C VAL A 42 -26.66 21.69 -10.82
N PHE A 43 -26.68 21.54 -12.14
CA PHE A 43 -27.84 20.99 -12.83
C PHE A 43 -27.92 19.47 -12.61
N ARG A 44 -29.12 19.00 -12.29
CA ARG A 44 -29.42 17.58 -12.26
C ARG A 44 -30.81 17.37 -12.85
N SER A 45 -31.04 16.20 -13.44
CA SER A 45 -32.26 15.92 -14.18
C SER A 45 -32.85 14.60 -13.73
N SER A 46 -34.01 14.67 -13.05
CA SER A 46 -34.82 13.50 -12.66
C SER A 46 -34.06 12.53 -11.77
N VAL A 47 -33.22 13.06 -10.88
CA VAL A 47 -32.48 12.24 -9.93
C VAL A 47 -33.06 12.47 -8.53
N LEU A 48 -32.63 11.63 -7.60
CA LEU A 48 -33.00 11.76 -6.19
C LEU A 48 -31.72 11.93 -5.39
N HIS A 49 -31.57 13.08 -4.76
CA HIS A 49 -30.31 13.43 -4.10
C HIS A 49 -30.50 13.55 -2.60
N SER A 50 -29.69 12.81 -1.85
CA SER A 50 -29.72 12.86 -0.39
C SER A 50 -28.53 13.70 0.08
N THR A 51 -28.82 14.84 0.70
CA THR A 51 -27.78 15.81 1.07
C THR A 51 -27.98 16.24 2.51
N GLN A 52 -26.89 16.29 3.27
CA GLN A 52 -26.93 16.80 4.64
C GLN A 52 -26.27 18.17 4.70
N ASP A 53 -26.98 19.14 5.27
CA ASP A 53 -26.56 20.53 5.29
C ASP A 53 -27.41 21.23 6.36
N LEU A 54 -27.10 22.49 6.63
CA LEU A 54 -27.97 23.35 7.44
C LEU A 54 -29.32 23.52 6.76
N PHE A 55 -30.40 23.32 7.52
CA PHE A 55 -31.74 23.42 6.96
C PHE A 55 -32.71 23.86 8.07
N LEU A 56 -33.95 24.13 7.66
CA LEU A 56 -35.06 24.36 8.56
C LEU A 56 -35.98 23.15 8.50
N PRO A 57 -36.09 22.33 9.55
CA PRO A 57 -36.90 21.12 9.47
C PRO A 57 -38.39 21.41 9.48
N PHE A 58 -39.15 20.43 9.03
CA PHE A 58 -40.60 20.55 8.96
C PHE A 58 -41.22 20.56 10.36
N PHE A 59 -42.32 21.31 10.49
CA PHE A 59 -43.15 21.38 11.71
C PHE A 59 -42.34 21.87 12.91
N SER A 60 -41.80 23.07 12.77
CA SER A 60 -41.03 23.71 13.83
C SER A 60 -41.68 25.05 14.17
N ASN A 61 -41.51 25.47 15.42
CA ASN A 61 -42.08 26.73 15.89
C ASN A 61 -41.40 27.92 15.23
N VAL A 62 -42.21 28.90 14.82
CA VAL A 62 -41.74 30.13 14.20
C VAL A 62 -42.38 31.29 14.96
N THR A 63 -41.57 32.24 15.39
CA THR A 63 -42.03 33.38 16.17
C THR A 63 -42.70 34.38 15.24
N TRP A 64 -44.01 34.55 15.37
CA TRP A 64 -44.74 35.55 14.61
C TRP A 64 -44.41 36.93 15.12
N PHE A 65 -44.00 37.82 14.22
CA PHE A 65 -43.73 39.21 14.55
C PHE A 65 -44.69 40.10 13.77
N HIS A 66 -45.40 40.98 14.48
CA HIS A 66 -46.40 41.84 13.87
C HIS A 66 -46.14 43.29 14.26
N VAL A 67 -46.28 44.18 13.27
CA VAL A 67 -46.18 45.62 13.47
C VAL A 67 -47.46 46.26 12.94
N ILE A 68 -48.11 47.08 13.77
CA ILE A 68 -49.28 47.82 13.32
C ILE A 68 -48.93 49.30 13.20
N LYS A 75 -49.47 52.77 18.30
CA LYS A 75 -50.20 51.51 18.39
C LYS A 75 -49.28 50.36 18.75
N ARG A 76 -48.68 49.75 17.73
CA ARG A 76 -47.81 48.60 17.91
C ARG A 76 -46.50 48.84 17.17
N PHE A 77 -45.38 48.72 17.88
CA PHE A 77 -44.05 48.97 17.33
C PHE A 77 -43.15 47.84 17.79
N ASP A 78 -42.66 47.03 16.84
CA ASP A 78 -42.00 45.77 17.18
C ASP A 78 -40.78 45.58 16.28
N ASN A 79 -39.59 45.85 16.81
CA ASN A 79 -38.34 45.51 16.14
C ASN A 79 -37.25 45.24 17.18
N PRO A 80 -37.31 44.11 17.88
CA PRO A 80 -36.29 43.80 18.89
C PRO A 80 -35.07 43.14 18.27
N VAL A 81 -34.00 43.11 19.05
CA VAL A 81 -32.76 42.52 18.60
C VAL A 81 -32.84 41.00 18.77
N LEU A 82 -32.24 40.27 17.83
CA LEU A 82 -32.35 38.81 17.79
C LEU A 82 -30.97 38.21 17.64
N PRO A 83 -30.75 37.01 18.20
CA PRO A 83 -29.45 36.34 18.02
C PRO A 83 -29.38 35.59 16.70
N PHE A 84 -28.30 35.80 15.95
CA PHE A 84 -28.05 35.10 14.70
C PHE A 84 -27.21 33.87 15.01
N ASN A 85 -27.82 32.69 14.90
CA ASN A 85 -27.18 31.43 15.27
C ASN A 85 -27.22 30.41 14.11
N ASP A 86 -26.14 30.44 13.31
CA ASP A 86 -25.87 29.51 12.21
C ASP A 86 -26.99 29.53 11.16
N GLY A 87 -27.14 30.69 10.53
CA GLY A 87 -28.10 30.86 9.45
C GLY A 87 -29.51 31.13 9.93
N VAL A 88 -30.18 32.09 9.30
CA VAL A 88 -31.53 32.49 9.70
C VAL A 88 -32.42 32.50 8.46
N TYR A 89 -33.56 31.81 8.55
CA TYR A 89 -34.62 31.92 7.55
C TYR A 89 -35.53 33.07 7.96
N PHE A 90 -35.86 33.92 6.99
CA PHE A 90 -36.67 35.11 7.22
C PHE A 90 -37.80 35.13 6.21
N ALA A 91 -39.00 35.46 6.68
CA ALA A 91 -40.17 35.54 5.81
C ALA A 91 -40.92 36.82 6.13
N SER A 92 -41.65 37.33 5.14
CA SER A 92 -42.47 38.51 5.36
C SER A 92 -43.65 38.52 4.41
N ILE A 93 -44.81 38.93 4.93
CA ILE A 93 -46.00 39.15 4.14
C ILE A 93 -46.11 40.65 3.94
N GLU A 94 -45.72 41.12 2.76
CA GLU A 94 -45.55 42.54 2.49
C GLU A 94 -46.31 42.93 1.24
N LYS A 95 -46.66 44.21 1.16
CA LYS A 95 -47.29 44.76 -0.03
C LYS A 95 -46.57 45.96 -0.60
N SER A 96 -46.06 46.86 0.25
CA SER A 96 -45.57 48.14 -0.21
C SER A 96 -44.26 48.51 0.47
N ASN A 97 -43.37 47.51 0.62
CA ASN A 97 -41.97 47.70 1.03
C ASN A 97 -41.86 48.31 2.42
N ILE A 98 -42.63 47.79 3.38
CA ILE A 98 -42.60 48.33 4.74
C ILE A 98 -41.28 47.99 5.41
N ILE A 99 -40.84 46.73 5.33
CA ILE A 99 -39.48 46.40 5.75
C ILE A 99 -38.52 46.81 4.65
N ARG A 100 -37.36 47.35 5.04
CA ARG A 100 -36.49 47.97 4.07
C ARG A 100 -35.08 47.40 4.10
N GLY A 101 -34.57 47.07 5.28
CA GLY A 101 -33.19 46.64 5.38
C GLY A 101 -32.89 45.70 6.53
N TRP A 102 -31.60 45.47 6.74
CA TRP A 102 -31.14 44.55 7.79
C TRP A 102 -29.82 45.03 8.35
N ILE A 103 -29.57 44.68 9.61
CA ILE A 103 -28.28 44.91 10.24
C ILE A 103 -27.75 43.56 10.71
N PHE A 104 -26.43 43.46 10.79
CA PHE A 104 -25.75 42.25 11.23
C PHE A 104 -24.52 42.64 12.01
N GLY A 105 -24.11 41.76 12.93
CA GLY A 105 -22.92 42.03 13.71
C GLY A 105 -22.91 41.19 14.98
N THR A 106 -22.09 41.63 15.94
CA THR A 106 -22.00 41.01 17.24
C THR A 106 -22.35 41.97 18.37
N THR A 107 -21.84 43.20 18.32
CA THR A 107 -22.05 44.19 19.36
C THR A 107 -22.82 45.42 18.91
N LEU A 108 -22.62 45.87 17.66
CA LEU A 108 -23.18 47.10 17.08
C LEU A 108 -22.84 48.32 17.94
N ASP A 109 -21.58 48.39 18.36
CA ASP A 109 -21.08 49.52 19.14
C ASP A 109 -19.94 50.26 18.45
N SER A 110 -19.85 50.12 17.11
CA SER A 110 -18.82 50.74 16.26
C SER A 110 -17.41 50.32 16.68
N LYS A 111 -17.26 49.12 17.22
CA LYS A 111 -15.95 48.55 17.53
C LYS A 111 -15.72 47.21 16.86
N THR A 112 -16.74 46.35 16.84
CA THR A 112 -16.70 45.12 16.06
C THR A 112 -17.27 45.38 14.67
N GLN A 113 -16.86 44.55 13.72
CA GLN A 113 -17.26 44.75 12.33
C GLN A 113 -18.73 44.36 12.15
N SER A 114 -19.48 45.24 11.49
CA SER A 114 -20.92 45.07 11.30
C SER A 114 -21.24 45.13 9.82
N LEU A 115 -22.46 44.72 9.49
CA LEU A 115 -22.91 44.66 8.10
C LEU A 115 -24.29 45.30 8.02
N LEU A 116 -24.56 45.96 6.88
CA LEU A 116 -25.82 46.67 6.70
C LEU A 116 -26.33 46.45 5.28
N ILE A 117 -27.61 46.09 5.16
CA ILE A 117 -28.28 45.90 3.87
C ILE A 117 -29.38 46.95 3.79
N VAL A 118 -29.36 47.79 2.76
CA VAL A 118 -30.38 48.81 2.58
C VAL A 118 -31.00 48.66 1.19
N ASN A 119 -32.32 48.56 1.14
CA ASN A 119 -33.13 48.47 -0.08
C ASN A 119 -34.18 49.56 -0.09
N ASN A 120 -33.76 50.79 0.18
CA ASN A 120 -34.73 51.86 0.46
C ASN A 120 -35.28 52.51 -0.81
N ALA A 121 -34.43 53.18 -1.57
CA ALA A 121 -34.92 54.10 -2.60
C ALA A 121 -34.52 53.72 -4.02
N THR A 122 -33.23 53.52 -4.28
CA THR A 122 -32.75 53.38 -5.65
C THR A 122 -32.28 51.98 -5.99
N ASN A 123 -31.33 51.44 -5.22
CA ASN A 123 -30.82 50.10 -5.49
C ASN A 123 -30.74 49.33 -4.18
N VAL A 124 -30.10 48.16 -4.21
CA VAL A 124 -29.65 47.48 -3.00
C VAL A 124 -28.21 47.90 -2.75
N VAL A 125 -27.93 48.32 -1.52
CA VAL A 125 -26.58 48.72 -1.15
C VAL A 125 -26.15 47.95 0.08
N ILE A 126 -24.91 47.45 0.03
CA ILE A 126 -24.32 46.63 1.08
C ILE A 126 -23.17 47.42 1.67
N LYS A 127 -23.22 47.66 2.98
CA LYS A 127 -22.20 48.45 3.67
C LYS A 127 -21.69 47.62 4.84
N VAL A 128 -20.51 47.03 4.69
CA VAL A 128 -19.89 46.28 5.78
C VAL A 128 -18.98 47.25 6.51
N CYS A 129 -19.49 47.81 7.61
CA CYS A 129 -18.75 48.81 8.36
C CYS A 129 -19.23 48.77 9.81
N GLU A 130 -18.35 49.16 10.72
CA GLU A 130 -18.71 49.21 12.13
C GLU A 130 -19.62 50.41 12.38
N PHE A 131 -20.70 50.17 13.11
CA PHE A 131 -21.73 51.18 13.33
C PHE A 131 -22.10 51.22 14.80
N GLN A 132 -22.46 52.41 15.27
CA GLN A 132 -23.07 52.61 16.58
C GLN A 132 -24.50 53.09 16.37
N PHE A 133 -25.44 52.40 17.00
CA PHE A 133 -26.86 52.64 16.79
C PHE A 133 -27.50 53.16 18.07
N CYS A 134 -28.82 53.28 18.04
CA CYS A 134 -29.58 53.80 19.17
C CYS A 134 -30.68 52.81 19.57
N ASN A 135 -31.60 53.24 20.44
CA ASN A 135 -32.68 52.37 20.89
C ASN A 135 -33.63 52.01 19.77
N ASP A 136 -33.95 52.97 18.90
CA ASP A 136 -34.85 52.74 17.77
C ASP A 136 -34.10 52.94 16.45
N PRO A 137 -33.78 51.87 15.73
CA PRO A 137 -33.35 52.03 14.34
C PRO A 137 -34.54 52.06 13.41
N PHE A 138 -34.76 53.16 12.70
CA PHE A 138 -36.00 53.31 11.95
C PHE A 138 -35.81 54.25 10.78
N LEU A 139 -36.74 54.16 9.83
CA LEU A 139 -37.03 55.21 8.86
C LEU A 139 -38.53 55.48 8.79
N ASP A 140 -39.20 55.48 9.95
CA ASP A 140 -40.65 55.38 10.04
C ASP A 140 -41.31 56.62 10.62
N HIS A 141 -40.58 57.73 10.75
CA HIS A 141 -41.09 58.92 11.44
C HIS A 141 -41.71 59.89 10.43
N LYS A 142 -42.90 59.52 9.96
CA LYS A 142 -43.69 60.38 9.09
C LYS A 142 -45.15 59.94 9.16
N ASN A 143 -46.04 60.86 8.83
CA ASN A 143 -47.46 60.52 8.69
C ASN A 143 -47.81 60.08 7.28
N ASN A 144 -46.88 60.18 6.34
CA ASN A 144 -47.14 59.77 4.97
C ASN A 144 -47.16 58.25 4.83
N LYS A 145 -47.84 57.76 3.80
CA LYS A 145 -47.89 56.33 3.55
C LYS A 145 -46.53 55.82 3.05
N SER A 146 -45.85 56.61 2.22
CA SER A 146 -44.53 56.26 1.72
C SER A 146 -43.42 56.66 2.68
N TRP A 147 -43.76 57.26 3.81
CA TRP A 147 -42.88 57.73 4.90
C TRP A 147 -41.93 58.78 4.32
N MET A 148 -40.71 58.91 4.86
CA MET A 148 -39.73 59.88 4.37
C MET A 148 -38.34 59.34 4.66
N GLU A 149 -37.36 60.20 4.41
CA GLU A 149 -35.96 59.88 4.73
C GLU A 149 -35.57 60.52 6.06
N SER A 150 -36.53 60.65 6.97
CA SER A 150 -36.23 61.14 8.31
C SER A 150 -35.37 60.13 9.06
N GLU A 151 -34.32 60.63 9.72
CA GLU A 151 -33.22 59.85 10.29
C GLU A 151 -32.63 58.90 9.24
N PHE A 152 -32.18 59.51 8.14
CA PHE A 152 -31.57 58.74 7.04
C PHE A 152 -30.28 58.07 7.48
N ARG A 153 -29.45 58.77 8.26
CA ARG A 153 -28.27 58.19 8.86
C ARG A 153 -28.72 57.42 10.10
N VAL A 154 -29.12 56.16 9.90
CA VAL A 154 -29.60 55.34 11.00
C VAL A 154 -28.46 54.98 11.96
N TYR A 155 -27.23 54.90 11.46
CA TYR A 155 -26.07 54.77 12.32
C TYR A 155 -25.61 56.13 12.81
N SER A 156 -24.54 56.14 13.62
CA SER A 156 -24.02 57.38 14.16
C SER A 156 -22.52 57.58 13.93
N SER A 157 -21.78 56.55 13.54
CA SER A 157 -20.35 56.69 13.35
C SER A 157 -19.85 55.69 12.33
N ALA A 158 -18.97 56.16 11.44
CA ALA A 158 -18.30 55.30 10.46
C ALA A 158 -16.97 55.97 10.11
N ASN A 159 -15.88 55.48 10.71
CA ASN A 159 -14.59 56.12 10.62
C ASN A 159 -13.59 55.34 9.76
N ASN A 160 -13.41 54.05 10.00
CA ASN A 160 -12.39 53.25 9.32
C ASN A 160 -13.03 51.98 8.77
N CYS A 161 -13.60 52.09 7.56
CA CYS A 161 -14.25 50.96 6.90
C CYS A 161 -14.31 51.24 5.41
N THR A 162 -13.85 50.26 4.62
CA THR A 162 -13.70 50.40 3.17
C THR A 162 -14.35 49.23 2.44
N PHE A 163 -15.60 48.93 2.80
CA PHE A 163 -16.32 47.80 2.21
C PHE A 163 -17.69 48.28 1.76
N GLU A 164 -17.88 48.42 0.45
CA GLU A 164 -19.14 48.87 -0.13
C GLU A 164 -19.50 47.98 -1.32
N TYR A 165 -20.80 47.87 -1.59
CA TYR A 165 -21.26 47.11 -2.74
C TYR A 165 -22.58 47.68 -3.24
N VAL A 166 -22.68 47.89 -4.56
CA VAL A 166 -23.88 48.43 -5.19
C VAL A 166 -24.28 47.47 -6.30
N SER A 167 -25.55 47.05 -6.31
CA SER A 167 -26.04 46.10 -7.32
C SER A 167 -27.26 46.62 -8.04
N GLN A 168 -27.93 45.75 -8.79
CA GLN A 168 -29.10 46.10 -9.57
C GLN A 168 -30.28 46.43 -8.64
N PRO A 169 -31.21 47.30 -9.08
CA PRO A 169 -32.36 47.64 -8.23
C PRO A 169 -33.30 46.45 -8.06
N PHE A 170 -33.71 46.22 -6.81
CA PHE A 170 -34.64 45.16 -6.47
C PHE A 170 -36.07 45.62 -6.72
N LEU A 171 -37.02 44.68 -6.57
CA LEU A 171 -38.43 44.98 -6.75
C LEU A 171 -38.95 45.72 -5.52
N MET A 172 -39.32 46.98 -5.69
CA MET A 172 -39.80 47.82 -4.60
C MET A 172 -41.14 48.44 -4.96
N ASP A 173 -42.04 48.50 -3.98
CA ASP A 173 -43.36 49.10 -4.16
C ASP A 173 -43.49 50.29 -3.21
N LEU A 174 -43.95 51.41 -3.75
CA LEU A 174 -44.05 52.65 -2.99
C LEU A 174 -45.31 52.63 -2.12
N GLU A 175 -45.45 53.68 -1.29
CA GLU A 175 -46.60 54.00 -0.44
C GLU A 175 -46.77 53.00 0.70
N GLY A 176 -47.94 53.04 1.34
CA GLY A 176 -48.21 52.27 2.55
C GLY A 176 -49.45 51.41 2.47
N LYS A 177 -49.63 50.71 1.34
CA LYS A 177 -50.85 49.97 1.07
C LYS A 177 -51.08 48.84 2.08
N GLN A 178 -52.29 48.81 2.65
CA GLN A 178 -52.69 47.83 3.62
C GLN A 178 -53.77 46.93 3.04
N GLY A 179 -53.80 45.67 3.50
CA GLY A 179 -54.79 44.72 3.03
C GLY A 179 -54.41 44.07 1.74
N ASN A 180 -54.58 42.73 1.68
CA ASN A 180 -54.19 41.88 0.55
C ASN A 180 -52.71 42.06 0.19
N PHE A 181 -51.86 41.78 1.17
CA PHE A 181 -50.42 41.88 0.96
C PHE A 181 -49.97 40.70 0.11
N LYS A 182 -49.98 40.86 -1.22
CA LYS A 182 -49.70 39.75 -2.11
C LYS A 182 -48.22 39.36 -2.14
N ASN A 183 -47.33 40.26 -1.73
CA ASN A 183 -45.90 39.96 -1.75
C ASN A 183 -45.53 39.02 -0.61
N LEU A 184 -44.81 37.95 -0.94
CA LEU A 184 -44.29 37.01 0.03
C LEU A 184 -42.78 36.94 -0.17
N ARG A 185 -42.02 37.40 0.82
CA ARG A 185 -40.57 37.44 0.72
C ARG A 185 -39.99 36.35 1.60
N GLU A 186 -39.11 35.52 1.02
CA GLU A 186 -38.44 34.45 1.75
C GLU A 186 -36.94 34.55 1.47
N PHE A 187 -36.17 34.92 2.50
CA PHE A 187 -34.73 35.05 2.38
C PHE A 187 -34.04 34.17 3.40
N VAL A 188 -33.12 33.34 2.93
CA VAL A 188 -32.25 32.56 3.81
C VAL A 188 -30.90 33.27 3.85
N PHE A 189 -30.50 33.70 5.04
CA PHE A 189 -29.21 34.32 5.24
C PHE A 189 -28.27 33.30 5.87
N LYS A 190 -27.13 33.07 5.24
CA LYS A 190 -26.19 32.09 5.74
C LYS A 190 -24.77 32.64 5.62
N ASN A 191 -23.86 32.08 6.41
CA ASN A 191 -22.44 32.37 6.28
C ASN A 191 -21.64 31.07 6.25
N ILE A 192 -20.69 30.99 5.34
CA ILE A 192 -19.79 29.84 5.25
C ILE A 192 -18.36 30.40 5.25
N ASP A 193 -17.58 30.02 6.27
CA ASP A 193 -16.22 30.51 6.52
C ASP A 193 -16.16 32.03 6.59
N GLY A 194 -17.21 32.66 7.12
CA GLY A 194 -17.30 34.10 7.19
C GLY A 194 -17.79 34.77 5.93
N TYR A 195 -18.06 34.03 4.86
CA TYR A 195 -18.45 34.60 3.58
C TYR A 195 -19.95 34.45 3.42
N PHE A 196 -20.63 35.54 3.11
CA PHE A 196 -22.04 35.68 3.47
C PHE A 196 -22.90 35.55 2.22
N LYS A 197 -23.97 34.77 2.32
CA LYS A 197 -24.83 34.39 1.20
C LYS A 197 -26.27 34.74 1.53
N ILE A 198 -26.96 35.34 0.56
CA ILE A 198 -28.37 35.67 0.63
C ILE A 198 -29.06 34.86 -0.47
N TYR A 199 -29.97 33.98 -0.08
CA TYR A 199 -30.77 33.22 -1.03
C TYR A 199 -32.20 33.74 -0.95
N SER A 200 -32.76 34.15 -2.09
CA SER A 200 -33.97 34.96 -2.08
C SER A 200 -35.06 34.34 -2.95
N LYS A 201 -36.31 34.59 -2.54
CA LYS A 201 -37.47 34.31 -3.38
C LYS A 201 -38.58 35.28 -3.05
N HIS A 202 -39.28 35.73 -4.09
CA HIS A 202 -40.43 36.62 -3.97
C HIS A 202 -41.61 36.02 -4.72
N THR A 203 -42.74 35.89 -4.03
CA THR A 203 -43.95 35.31 -4.60
C THR A 203 -45.06 36.34 -4.58
N PRO A 204 -45.62 36.73 -5.72
CA PRO A 204 -46.66 37.78 -5.73
C PRO A 204 -48.07 37.26 -5.54
N ILE A 205 -48.23 36.02 -5.06
CA ILE A 205 -49.54 35.40 -4.94
C ILE A 205 -49.78 35.11 -3.46
N ILE A 206 -50.58 35.96 -2.81
CA ILE A 206 -51.15 35.68 -1.50
C ILE A 206 -52.64 36.06 -1.54
N VAL A 207 -53.50 35.12 -1.19
CA VAL A 207 -54.93 35.38 -1.10
C VAL A 207 -55.51 35.09 0.28
N ARG A 208 -54.86 34.27 1.11
CA ARG A 208 -55.41 33.89 2.41
C ARG A 208 -55.07 34.93 3.46
N GLU A 209 -55.35 34.62 4.72
CA GLU A 209 -55.10 35.55 5.81
C GLU A 209 -53.61 35.63 6.11
N PRO A 210 -53.08 36.81 6.41
CA PRO A 210 -51.65 36.96 6.71
C PRO A 210 -51.28 36.66 8.16
N GLU A 211 -52.20 36.15 8.98
CA GLU A 211 -51.90 35.84 10.37
C GLU A 211 -51.06 34.58 10.52
N ASP A 212 -51.05 33.72 9.52
CA ASP A 212 -50.26 32.49 9.55
C ASP A 212 -49.74 32.18 8.16
N LEU A 213 -48.62 31.46 8.11
CA LEU A 213 -48.02 31.09 6.83
C LEU A 213 -48.83 29.96 6.20
N PRO A 214 -49.16 30.04 4.92
CA PRO A 214 -50.09 29.06 4.31
C PRO A 214 -49.45 27.73 3.99
N GLN A 215 -50.20 26.86 3.32
CA GLN A 215 -49.71 25.54 2.90
C GLN A 215 -48.98 25.67 1.56
N GLY A 216 -47.86 26.38 1.59
CA GLY A 216 -47.08 26.65 0.41
C GLY A 216 -45.91 25.69 0.24
N PHE A 217 -45.53 25.49 -1.02
CA PHE A 217 -44.40 24.64 -1.35
C PHE A 217 -43.75 25.14 -2.62
N SER A 218 -42.45 25.43 -2.53
CA SER A 218 -41.67 25.89 -3.66
C SER A 218 -40.20 25.63 -3.35
N ALA A 219 -39.37 25.75 -4.37
CA ALA A 219 -37.93 25.77 -4.18
C ALA A 219 -37.49 27.16 -3.74
N LEU A 220 -36.19 27.34 -3.54
CA LEU A 220 -35.68 28.66 -3.18
C LEU A 220 -34.27 28.76 -3.74
N GLU A 221 -34.01 29.81 -4.52
CA GLU A 221 -32.85 29.87 -5.40
C GLU A 221 -31.95 31.06 -5.07
N PRO A 222 -30.62 30.90 -5.23
CA PRO A 222 -29.68 31.92 -4.73
C PRO A 222 -29.69 33.22 -5.52
N LEU A 223 -29.42 34.32 -4.81
CA LEU A 223 -29.18 35.61 -5.46
C LEU A 223 -27.77 36.14 -5.19
N VAL A 224 -27.37 36.33 -3.94
CA VAL A 224 -26.15 37.07 -3.61
C VAL A 224 -25.20 36.15 -2.86
N ASP A 225 -23.93 36.15 -3.28
CA ASP A 225 -22.85 35.58 -2.49
C ASP A 225 -21.69 36.56 -2.51
N LEU A 226 -21.18 36.93 -1.34
CA LEU A 226 -20.02 37.82 -1.39
C LEU A 226 -19.09 37.43 -0.25
N PRO A 227 -17.78 37.35 -0.51
CA PRO A 227 -16.81 36.97 0.54
C PRO A 227 -16.31 38.11 1.40
N ILE A 228 -17.08 38.44 2.44
CA ILE A 228 -16.66 39.48 3.38
C ILE A 228 -15.56 38.96 4.29
N GLY A 229 -15.87 37.92 5.06
CA GLY A 229 -14.91 37.37 6.00
C GLY A 229 -15.01 37.95 7.40
N ILE A 230 -16.22 38.00 7.95
CA ILE A 230 -16.46 38.49 9.29
C ILE A 230 -17.28 37.47 10.07
N ASN A 231 -17.64 37.84 11.29
CA ASN A 231 -18.31 36.95 12.23
C ASN A 231 -19.57 37.66 12.71
N ILE A 232 -20.71 37.00 12.55
CA ILE A 232 -22.02 37.53 12.93
C ILE A 232 -22.64 36.59 13.95
N THR A 233 -23.16 37.17 15.05
CA THR A 233 -23.90 36.39 16.03
C THR A 233 -25.25 36.99 16.40
N ARG A 234 -25.62 38.14 15.84
CA ARG A 234 -26.78 38.87 16.34
C ARG A 234 -27.24 39.87 15.28
N PHE A 235 -28.54 39.85 14.97
CA PHE A 235 -29.07 40.66 13.89
C PHE A 235 -30.41 41.28 14.31
N GLN A 236 -30.77 42.37 13.62
CA GLN A 236 -32.06 43.02 13.81
C GLN A 236 -32.59 43.51 12.47
N THR A 237 -33.88 43.33 12.24
CA THR A 237 -34.50 43.79 11.01
C THR A 237 -34.70 45.31 11.04
N LEU A 238 -34.92 45.88 9.85
CA LEU A 238 -35.16 47.30 9.69
C LEU A 238 -36.41 47.51 8.86
N LEU A 239 -37.28 48.41 9.31
CA LEU A 239 -38.57 48.65 8.68
C LEU A 239 -38.81 50.15 8.52
N ALA A 240 -39.72 50.49 7.62
CA ALA A 240 -40.11 51.88 7.39
C ALA A 240 -41.56 51.94 6.90
N SER A 251 -50.36 60.55 12.83
CA SER A 251 -49.16 61.11 13.43
C SER A 251 -47.91 60.53 12.79
N SER A 252 -46.74 61.04 13.22
CA SER A 252 -45.48 60.54 12.69
C SER A 252 -45.20 59.12 13.16
N SER A 253 -45.53 58.81 14.41
CA SER A 253 -45.35 57.47 14.95
C SER A 253 -46.44 57.21 15.98
N GLY A 254 -46.70 55.92 16.22
CA GLY A 254 -47.75 55.51 17.12
C GLY A 254 -49.13 55.47 16.50
N TRP A 255 -49.27 55.81 15.23
CA TRP A 255 -50.55 55.81 14.55
C TRP A 255 -50.82 54.43 13.94
N THR A 256 -51.93 54.32 13.21
CA THR A 256 -52.31 53.07 12.55
C THR A 256 -51.45 52.89 11.31
N ALA A 257 -50.27 52.31 11.51
CA ALA A 257 -49.35 52.07 10.41
C ALA A 257 -49.72 50.78 9.68
N GLY A 258 -48.88 50.39 8.72
CA GLY A 258 -49.16 49.20 7.93
C GLY A 258 -48.95 47.94 8.75
N ALA A 259 -49.91 47.02 8.64
CA ALA A 259 -49.84 45.74 9.36
C ALA A 259 -48.82 44.84 8.67
N ALA A 260 -47.58 44.89 9.14
CA ALA A 260 -46.49 44.13 8.56
C ALA A 260 -46.22 42.90 9.43
N ALA A 261 -46.26 41.73 8.81
CA ALA A 261 -46.00 40.47 9.49
C ALA A 261 -44.70 39.87 8.96
N TYR A 262 -43.77 39.56 9.87
CA TYR A 262 -42.54 38.90 9.48
C TYR A 262 -42.22 37.78 10.45
N TYR A 263 -41.55 36.76 9.92
CA TYR A 263 -41.27 35.48 10.57
C TYR A 263 -39.77 35.25 10.60
N VAL A 264 -39.29 34.70 11.71
CA VAL A 264 -37.88 34.34 11.87
C VAL A 264 -37.80 32.87 12.26
N GLY A 265 -36.86 32.16 11.66
CA GLY A 265 -36.66 30.75 11.95
C GLY A 265 -35.19 30.42 11.96
N TYR A 266 -34.83 29.42 12.76
CA TYR A 266 -33.44 29.07 13.03
C TYR A 266 -33.10 27.74 12.38
N LEU A 267 -31.97 27.70 11.68
CA LEU A 267 -31.53 26.50 10.99
C LEU A 267 -30.66 25.63 11.89
N GLN A 268 -30.74 24.33 11.67
CA GLN A 268 -29.88 23.36 12.31
C GLN A 268 -29.45 22.33 11.26
N PRO A 269 -28.35 21.62 11.49
CA PRO A 269 -27.94 20.57 10.55
C PRO A 269 -28.96 19.45 10.47
N ARG A 270 -29.16 18.95 9.24
CA ARG A 270 -30.14 17.90 8.97
C ARG A 270 -29.73 17.23 7.68
N THR A 271 -30.39 16.11 7.37
CA THR A 271 -30.24 15.46 6.08
C THR A 271 -31.61 15.41 5.39
N PHE A 272 -31.63 15.81 4.12
CA PHE A 272 -32.84 15.91 3.32
C PHE A 272 -32.69 15.03 2.09
N LEU A 273 -33.83 14.65 1.51
CA LEU A 273 -33.87 13.99 0.21
C LEU A 273 -34.66 14.89 -0.74
N LEU A 274 -34.02 15.27 -1.85
CA LEU A 274 -34.57 16.22 -2.80
C LEU A 274 -34.87 15.50 -4.10
N LYS A 275 -36.04 15.80 -4.68
CA LYS A 275 -36.51 15.18 -5.91
C LYS A 275 -36.46 16.22 -7.02
N TYR A 276 -35.63 15.97 -8.03
CA TYR A 276 -35.58 16.84 -9.19
C TYR A 276 -36.64 16.42 -10.20
N ASN A 277 -36.67 17.12 -11.33
CA ASN A 277 -37.56 16.74 -12.43
C ASN A 277 -36.79 16.71 -13.74
N GLU A 278 -37.49 16.55 -14.86
CA GLU A 278 -36.82 16.51 -16.16
C GLU A 278 -36.31 17.88 -16.57
N ASN A 279 -36.96 18.96 -16.12
CA ASN A 279 -36.50 20.31 -16.44
C ASN A 279 -35.43 20.81 -15.48
N GLY A 280 -35.22 20.14 -14.35
CA GLY A 280 -34.16 20.52 -13.43
C GLY A 280 -34.57 21.42 -12.29
N THR A 281 -35.78 21.26 -11.77
CA THR A 281 -36.23 22.03 -10.62
C THR A 281 -36.71 21.10 -9.50
N ILE A 282 -36.76 21.66 -8.30
CA ILE A 282 -37.22 20.90 -7.13
C ILE A 282 -38.74 20.89 -7.10
N THR A 283 -39.32 19.70 -6.96
CA THR A 283 -40.76 19.58 -6.77
C THR A 283 -41.14 18.89 -5.47
N ASP A 284 -40.21 18.22 -4.79
CA ASP A 284 -40.51 17.58 -3.52
C ASP A 284 -39.22 17.43 -2.70
N ALA A 285 -39.38 17.50 -1.39
CA ALA A 285 -38.25 17.34 -0.46
C ALA A 285 -38.78 16.71 0.82
N VAL A 286 -38.11 15.66 1.29
CA VAL A 286 -38.56 14.92 2.47
C VAL A 286 -37.42 14.84 3.48
N ASP A 287 -37.76 15.08 4.74
CA ASP A 287 -36.82 14.94 5.84
C ASP A 287 -36.58 13.46 6.16
N CYS A 288 -35.53 13.20 6.92
CA CYS A 288 -35.19 11.84 7.34
C CYS A 288 -35.33 11.61 8.83
N ALA A 289 -35.01 12.62 9.66
CA ALA A 289 -35.04 12.48 11.11
C ALA A 289 -36.31 13.05 11.73
N LEU A 290 -37.45 12.94 11.03
CA LEU A 290 -38.71 13.48 11.51
C LEU A 290 -39.68 12.39 11.96
N ASP A 291 -39.90 11.38 11.15
CA ASP A 291 -40.86 10.32 11.42
C ASP A 291 -40.28 9.01 10.96
N PRO A 292 -40.75 7.88 11.51
CA PRO A 292 -40.32 6.56 10.99
C PRO A 292 -40.66 6.34 9.52
N LEU A 293 -41.81 6.84 9.06
CA LEU A 293 -42.14 6.75 7.64
C LEU A 293 -41.21 7.61 6.81
N SER A 294 -40.87 8.80 7.30
CA SER A 294 -39.90 9.65 6.61
C SER A 294 -38.50 9.04 6.66
N GLU A 295 -38.18 8.33 7.74
CA GLU A 295 -36.87 7.69 7.83
C GLU A 295 -36.74 6.51 6.88
N THR A 296 -37.80 5.69 6.76
CA THR A 296 -37.74 4.61 5.77
C THR A 296 -37.97 5.10 4.35
N LYS A 297 -38.48 6.32 4.17
CA LYS A 297 -38.44 6.95 2.86
C LYS A 297 -37.05 7.48 2.53
N CYS A 298 -36.29 7.88 3.56
CA CYS A 298 -34.95 8.40 3.33
C CYS A 298 -33.95 7.29 3.00
N THR A 299 -34.09 6.12 3.62
CA THR A 299 -33.07 5.08 3.55
C THR A 299 -33.20 4.18 2.32
N LEU A 300 -34.28 4.30 1.55
CA LEU A 300 -34.47 3.46 0.37
C LEU A 300 -34.26 4.21 -0.94
N LYS A 301 -33.93 5.50 -0.88
CA LYS A 301 -33.74 6.38 -2.04
C LYS A 301 -34.98 6.41 -2.94
N SER A 302 -36.15 6.43 -2.32
CA SER A 302 -37.40 6.50 -3.07
C SER A 302 -38.41 7.31 -2.26
N PHE A 303 -39.37 7.91 -2.98
CA PHE A 303 -40.42 8.66 -2.34
C PHE A 303 -41.65 7.82 -2.02
N THR A 304 -41.67 6.57 -2.45
CA THR A 304 -42.74 5.63 -2.12
C THR A 304 -42.12 4.35 -1.60
N VAL A 305 -42.70 3.81 -0.53
CA VAL A 305 -42.21 2.59 0.10
C VAL A 305 -43.29 1.53 0.02
N GLU A 306 -42.87 0.28 -0.08
CA GLU A 306 -43.78 -0.84 -0.19
C GLU A 306 -44.09 -1.44 1.18
N LYS A 307 -45.11 -2.28 1.22
CA LYS A 307 -45.53 -2.90 2.47
C LYS A 307 -44.56 -4.01 2.86
N GLY A 308 -44.02 -3.91 4.07
CA GLY A 308 -43.08 -4.91 4.56
C GLY A 308 -42.14 -4.31 5.58
N ILE A 309 -41.45 -5.21 6.30
CA ILE A 309 -40.52 -4.78 7.33
C ILE A 309 -39.23 -4.29 6.71
N TYR A 310 -38.75 -3.13 7.16
CA TYR A 310 -37.49 -2.56 6.73
C TYR A 310 -36.55 -2.46 7.93
N GLN A 311 -35.38 -1.86 7.70
CA GLN A 311 -34.38 -1.68 8.74
C GLN A 311 -33.96 -0.22 8.79
N THR A 312 -33.83 0.30 10.01
CA THR A 312 -33.47 1.70 10.22
C THR A 312 -32.27 1.80 11.14
N SER A 313 -31.98 3.00 11.64
CA SER A 313 -30.76 3.25 12.42
C SER A 313 -30.87 2.60 13.80
N ASN A 314 -29.78 2.70 14.56
CA ASN A 314 -29.63 1.96 15.81
C ASN A 314 -30.27 2.70 16.96
N PHE A 315 -31.03 1.95 17.76
CA PHE A 315 -31.60 2.46 19.01
C PHE A 315 -30.49 2.56 20.04
N ARG A 316 -30.05 3.78 20.32
CA ARG A 316 -28.94 4.02 21.23
C ARG A 316 -29.39 4.85 22.42
N VAL A 317 -28.51 4.98 23.41
CA VAL A 317 -28.74 5.78 24.60
C VAL A 317 -27.56 6.72 24.77
N GLN A 318 -27.83 8.03 24.76
CA GLN A 318 -26.78 9.02 24.97
C GLN A 318 -26.47 9.14 26.46
N PRO A 319 -25.24 9.52 26.82
CA PRO A 319 -24.90 9.71 28.23
C PRO A 319 -25.56 10.97 28.80
N THR A 320 -25.57 11.03 30.14
CA THR A 320 -26.20 12.12 30.86
C THR A 320 -25.21 13.16 31.35
N GLU A 321 -24.17 12.73 32.07
CA GLU A 321 -23.18 13.65 32.63
C GLU A 321 -21.80 13.02 32.47
N SER A 322 -20.81 13.61 33.13
CA SER A 322 -19.43 13.17 33.01
C SER A 322 -18.74 13.25 34.37
N ILE A 323 -17.83 12.31 34.61
CA ILE A 323 -17.06 12.23 35.84
C ILE A 323 -15.58 12.03 35.51
N VAL A 324 -14.72 12.67 36.30
CA VAL A 324 -13.28 12.50 36.21
C VAL A 324 -12.77 12.12 37.60
N ARG A 325 -11.86 11.15 37.65
CA ARG A 325 -11.33 10.71 38.94
C ARG A 325 -9.82 10.53 38.84
N PHE A 326 -9.09 11.32 39.61
CA PHE A 326 -7.64 11.30 39.72
C PHE A 326 -7.26 11.01 41.17
N PRO A 327 -6.04 10.52 41.42
CA PRO A 327 -5.54 10.47 42.80
C PRO A 327 -5.43 11.86 43.40
N ASN A 328 -5.75 11.96 44.70
CA ASN A 328 -5.91 13.26 45.33
C ASN A 328 -4.63 13.81 45.94
N ILE A 329 -3.51 13.09 45.82
CA ILE A 329 -2.23 13.64 46.26
C ILE A 329 -1.80 14.69 45.23
N THR A 330 -1.94 15.96 45.58
CA THR A 330 -1.74 17.08 44.65
C THR A 330 -0.63 17.97 45.17
N ASN A 331 0.61 17.68 44.77
CA ASN A 331 1.74 18.54 45.09
C ASN A 331 2.55 18.80 43.83
N LEU A 332 3.71 19.45 43.97
CA LEU A 332 4.56 19.80 42.84
C LEU A 332 5.83 18.97 42.89
N CYS A 333 6.30 18.56 41.71
CA CYS A 333 7.53 17.79 41.56
C CYS A 333 8.56 18.61 40.80
N PRO A 334 9.86 18.44 41.12
CA PRO A 334 10.87 19.35 40.55
C PRO A 334 11.21 19.15 39.07
N PHE A 335 10.36 19.70 38.21
CA PHE A 335 10.80 20.03 36.85
C PHE A 335 11.66 21.28 36.82
N ASP A 336 11.70 22.04 37.91
CA ASP A 336 12.60 23.18 38.06
C ASP A 336 14.01 22.76 38.47
N GLU A 337 14.22 21.47 38.73
CA GLU A 337 15.55 20.95 39.04
C GLU A 337 16.24 20.35 37.82
N VAL A 338 15.52 19.52 37.05
CA VAL A 338 16.13 18.89 35.88
C VAL A 338 16.32 19.87 34.73
N PHE A 339 15.61 20.99 34.73
CA PHE A 339 15.74 21.96 33.64
C PHE A 339 16.59 23.16 34.01
N ASN A 340 16.46 23.67 35.24
CA ASN A 340 17.14 24.87 35.67
C ASN A 340 18.41 24.59 36.47
N ALA A 341 19.00 23.40 36.30
CA ALA A 341 20.25 23.08 36.97
C ALA A 341 21.41 23.83 36.31
N THR A 342 22.38 24.22 37.13
CA THR A 342 23.53 24.95 36.63
C THR A 342 24.55 24.06 35.92
N ARG A 343 24.52 22.75 36.18
CA ARG A 343 25.45 21.81 35.59
C ARG A 343 24.70 20.59 35.12
N PHE A 344 25.04 20.09 33.93
CA PHE A 344 24.45 18.89 33.39
C PHE A 344 25.52 17.82 33.21
N ALA A 345 25.07 16.56 33.24
CA ALA A 345 25.99 15.43 33.12
C ALA A 345 26.54 15.32 31.71
N SER A 346 27.75 14.76 31.61
CA SER A 346 28.38 14.56 30.32
C SER A 346 27.71 13.44 29.54
N VAL A 347 28.00 13.37 28.25
CA VAL A 347 27.32 12.43 27.38
C VAL A 347 27.84 11.00 27.55
N TYR A 348 29.04 10.81 28.10
CA TYR A 348 29.53 9.45 28.29
C TYR A 348 29.02 8.84 29.59
N ALA A 349 28.77 9.66 30.61
CA ALA A 349 28.24 9.21 31.90
C ALA A 349 27.10 10.16 32.28
N TRP A 350 25.90 9.85 31.80
CA TRP A 350 24.74 10.68 32.07
C TRP A 350 24.09 10.25 33.38
N ASN A 351 22.96 10.87 33.72
CA ASN A 351 22.31 10.63 34.98
C ASN A 351 20.81 10.47 34.78
N ARG A 352 20.18 9.77 35.73
CA ARG A 352 18.74 9.63 35.80
C ARG A 352 18.19 10.48 36.92
N LYS A 353 16.87 10.67 36.91
CA LYS A 353 16.20 11.41 37.98
C LYS A 353 14.77 10.87 38.05
N ARG A 354 14.52 10.00 39.01
CA ARG A 354 13.20 9.37 39.14
C ARG A 354 12.22 10.35 39.75
N ILE A 355 11.16 10.68 39.01
CA ILE A 355 10.16 11.64 39.44
C ILE A 355 8.85 10.89 39.68
N SER A 356 8.26 11.10 40.86
CA SER A 356 7.03 10.41 41.21
C SER A 356 6.24 11.24 42.21
N ASN A 357 4.93 10.96 42.26
CA ASN A 357 3.98 11.45 43.25
C ASN A 357 3.88 12.98 43.25
N CYS A 358 3.38 13.50 42.14
CA CYS A 358 3.17 14.94 42.03
C CYS A 358 2.00 15.19 41.08
N VAL A 359 1.86 16.44 40.65
CA VAL A 359 1.00 16.82 39.55
C VAL A 359 1.89 17.44 38.47
N ALA A 360 1.85 16.87 37.27
CA ALA A 360 2.73 17.29 36.19
C ALA A 360 1.98 18.25 35.27
N ASP A 361 2.53 19.45 35.11
CA ASP A 361 1.99 20.45 34.19
C ASP A 361 3.07 20.83 33.19
N TYR A 362 2.74 20.72 31.90
CA TYR A 362 3.69 20.95 30.82
C TYR A 362 3.50 22.28 30.14
N SER A 363 2.60 23.13 30.65
CA SER A 363 2.49 24.49 30.15
C SER A 363 3.69 25.35 30.55
N VAL A 364 4.38 24.99 31.63
CA VAL A 364 5.60 25.69 32.04
C VAL A 364 6.78 25.34 31.15
N LEU A 365 6.69 24.27 30.35
CA LEU A 365 7.78 23.87 29.47
C LEU A 365 7.95 24.87 28.33
N TYR A 366 6.85 25.35 27.75
CA TYR A 366 6.92 26.23 26.59
C TYR A 366 7.41 27.64 26.91
N ASN A 367 7.47 28.01 28.19
CA ASN A 367 7.86 29.36 28.59
C ASN A 367 9.34 29.47 28.94
N LEU A 368 10.19 28.67 28.30
CA LEU A 368 11.63 28.68 28.59
C LEU A 368 12.40 29.49 27.55
N ALA A 369 12.32 29.09 26.29
CA ALA A 369 13.10 29.68 25.22
C ALA A 369 12.45 29.31 23.89
N PRO A 370 12.82 30.00 22.79
CA PRO A 370 12.49 29.47 21.47
C PRO A 370 13.19 28.14 21.21
N PHE A 371 12.41 27.06 21.14
CA PHE A 371 12.97 25.72 21.13
C PHE A 371 13.47 25.34 19.74
N PHE A 372 14.59 24.61 19.72
CA PHE A 372 15.10 24.07 18.46
C PHE A 372 14.18 22.98 17.91
N THR A 373 13.69 22.10 18.78
CA THR A 373 12.77 21.05 18.36
C THR A 373 11.88 20.66 19.52
N PHE A 374 10.73 20.09 19.18
CA PHE A 374 9.80 19.52 20.16
C PHE A 374 9.20 18.23 19.63
N LYS A 375 9.99 17.47 18.85
CA LYS A 375 9.47 16.30 18.16
C LYS A 375 9.15 15.19 19.16
N CYS A 376 7.96 14.63 19.05
CA CYS A 376 7.52 13.59 19.96
C CYS A 376 7.00 12.39 19.19
N TYR A 377 7.16 11.21 19.77
CA TYR A 377 6.96 9.95 19.06
C TYR A 377 5.71 9.21 19.51
N GLY A 378 5.60 8.90 20.80
CA GLY A 378 4.48 8.08 21.26
C GLY A 378 3.22 8.86 21.54
N VAL A 379 3.34 10.11 21.96
CA VAL A 379 2.20 10.94 22.35
C VAL A 379 2.29 12.29 21.63
N SER A 380 1.33 13.16 21.94
CA SER A 380 1.25 14.50 21.37
C SER A 380 1.61 15.54 22.42
N PRO A 381 2.25 16.65 22.00
CA PRO A 381 2.55 17.73 22.96
C PRO A 381 1.31 18.43 23.50
N THR A 382 0.24 18.53 22.71
CA THR A 382 -0.93 19.28 23.15
C THR A 382 -1.73 18.50 24.20
N LYS A 383 -1.88 17.19 24.02
CA LYS A 383 -2.64 16.36 24.93
C LYS A 383 -1.78 15.74 26.03
N LEU A 384 -0.63 16.34 26.33
CA LEU A 384 0.24 15.81 27.36
C LEU A 384 -0.32 16.02 28.76
N ASN A 385 -1.15 17.05 28.95
CA ASN A 385 -1.69 17.40 30.26
C ASN A 385 -3.05 16.73 30.53
N ASP A 386 -3.30 15.57 29.94
CA ASP A 386 -4.57 14.87 30.15
C ASP A 386 -4.31 13.37 30.33
N LEU A 387 -3.17 13.01 30.93
CA LEU A 387 -2.82 11.61 31.12
C LEU A 387 -2.16 11.44 32.49
N CYS A 388 -2.13 10.20 32.95
CA CYS A 388 -1.47 9.82 34.18
C CYS A 388 -0.41 8.77 33.87
N PHE A 389 0.79 8.95 34.42
CA PHE A 389 1.97 8.19 34.01
C PHE A 389 2.41 7.26 35.14
N THR A 390 2.83 6.05 34.77
CA THR A 390 3.29 5.09 35.76
C THR A 390 4.64 5.49 36.34
N ASN A 391 5.59 5.84 35.47
CA ASN A 391 6.90 6.28 35.90
C ASN A 391 7.54 7.13 34.81
N VAL A 392 8.30 8.14 35.22
CA VAL A 392 9.00 9.02 34.30
C VAL A 392 10.45 9.15 34.75
N TYR A 393 11.32 9.46 33.78
CA TYR A 393 12.73 9.66 34.05
C TYR A 393 13.24 10.80 33.17
N ALA A 394 14.33 11.42 33.60
CA ALA A 394 14.90 12.56 32.89
C ALA A 394 16.41 12.39 32.73
N ASP A 395 16.92 12.91 31.62
CA ASP A 395 18.35 12.92 31.32
C ASP A 395 18.79 14.35 31.03
N SER A 396 20.10 14.53 30.90
CA SER A 396 20.66 15.86 30.67
C SER A 396 22.03 15.70 30.03
N PHE A 397 22.16 16.13 28.77
CA PHE A 397 23.34 15.87 27.96
C PHE A 397 24.02 17.20 27.59
N VAL A 398 25.14 17.07 26.89
CA VAL A 398 25.73 18.16 26.11
C VAL A 398 26.15 17.55 24.78
N ILE A 399 25.65 18.12 23.68
CA ILE A 399 25.88 17.59 22.34
C ILE A 399 26.78 18.60 21.63
N ARG A 400 27.29 18.26 20.45
CA ARG A 400 28.00 19.21 19.61
C ARG A 400 27.21 19.38 18.31
N GLY A 401 26.23 20.28 18.33
CA GLY A 401 25.61 20.74 17.10
C GLY A 401 24.71 19.78 16.35
N ASP A 402 25.22 19.26 15.23
CA ASP A 402 24.38 18.63 14.21
C ASP A 402 23.80 17.30 14.66
N GLU A 403 24.49 16.55 15.53
CA GLU A 403 24.08 15.20 15.84
C GLU A 403 22.98 15.11 16.90
N VAL A 404 22.20 16.17 17.10
CA VAL A 404 20.96 16.05 17.85
C VAL A 404 19.95 15.23 17.04
N ARG A 405 19.98 15.37 15.71
CA ARG A 405 19.05 14.64 14.83
C ARG A 405 19.26 13.14 14.86
N GLN A 406 20.43 12.65 15.27
CA GLN A 406 20.64 11.22 15.40
C GLN A 406 20.16 10.67 16.73
N ILE A 407 19.78 11.53 17.67
CA ILE A 407 19.10 11.08 18.88
C ILE A 407 17.67 10.78 18.46
N ALA A 408 17.40 9.51 18.17
CA ALA A 408 16.16 9.08 17.54
C ALA A 408 16.04 7.58 17.73
N PRO A 409 14.82 7.04 17.71
CA PRO A 409 14.68 5.58 17.89
C PRO A 409 15.16 4.77 16.70
N GLY A 410 16.47 4.56 16.59
CA GLY A 410 16.99 3.65 15.59
C GLY A 410 18.22 4.12 14.85
N GLN A 411 18.35 5.43 14.64
CA GLN A 411 19.45 5.96 13.84
C GLN A 411 20.76 5.89 14.61
N THR A 412 21.85 5.77 13.87
CA THR A 412 23.19 5.62 14.42
C THR A 412 24.04 6.84 14.08
N GLY A 413 25.26 6.86 14.62
CA GLY A 413 26.17 7.97 14.39
C GLY A 413 27.40 7.86 15.25
N ASN A 414 27.94 9.02 15.61
CA ASN A 414 29.15 9.05 16.45
C ASN A 414 28.82 8.79 17.91
N ILE A 415 27.87 9.53 18.47
CA ILE A 415 27.46 9.36 19.85
C ILE A 415 26.19 8.52 19.97
N ALA A 416 25.87 7.74 18.95
CA ALA A 416 24.79 6.77 19.01
C ALA A 416 25.31 5.33 18.98
N ASP A 417 26.61 5.14 19.07
CA ASP A 417 27.25 3.83 19.06
C ASP A 417 28.16 3.62 20.25
N TYR A 418 28.87 4.66 20.70
CA TYR A 418 29.76 4.58 21.84
C TYR A 418 29.30 5.46 22.99
N ASN A 419 28.02 5.82 23.00
CA ASN A 419 27.42 6.71 23.98
C ASN A 419 25.98 6.26 24.17
N TYR A 420 25.13 7.15 24.67
CA TYR A 420 23.70 6.89 24.81
C TYR A 420 23.05 6.58 23.46
N LYS A 421 22.22 5.53 23.43
CA LYS A 421 21.52 5.12 22.23
C LYS A 421 20.08 4.80 22.59
N LEU A 422 19.13 5.41 21.86
CA LEU A 422 17.72 5.18 22.11
C LEU A 422 17.30 3.79 21.61
N PRO A 423 16.33 3.17 22.27
CA PRO A 423 15.79 1.89 21.79
C PRO A 423 14.80 2.11 20.66
N ASP A 424 14.25 1.02 20.16
CA ASP A 424 13.32 1.06 19.04
C ASP A 424 11.86 1.10 19.49
N ASP A 425 11.60 1.08 20.79
CA ASP A 425 10.24 1.15 21.30
C ASP A 425 10.09 2.37 22.21
N PHE A 426 10.58 3.51 21.74
CA PHE A 426 10.70 4.71 22.59
C PHE A 426 9.33 5.33 22.79
N THR A 427 8.79 5.17 23.99
CA THR A 427 7.60 5.89 24.43
C THR A 427 8.05 6.96 25.42
N GLY A 428 7.63 8.19 25.18
CA GLY A 428 8.30 9.33 25.77
C GLY A 428 9.30 9.93 24.78
N CYS A 429 9.62 11.20 24.99
CA CYS A 429 10.27 11.91 23.90
C CYS A 429 11.16 13.03 24.44
N VAL A 430 11.54 13.93 23.54
CA VAL A 430 12.76 14.73 23.63
C VAL A 430 12.41 16.20 23.74
N ILE A 431 13.00 16.89 24.72
CA ILE A 431 12.85 18.34 24.88
C ILE A 431 14.23 18.93 24.68
N ALA A 432 14.49 19.50 23.50
CA ALA A 432 15.81 20.01 23.16
C ALA A 432 15.70 21.45 22.69
N TRP A 433 16.56 22.31 23.21
CA TRP A 433 16.61 23.71 22.77
C TRP A 433 18.02 24.11 22.39
N ASN A 434 18.25 25.41 22.19
CA ASN A 434 19.57 25.96 21.86
C ASN A 434 20.14 26.59 23.11
N SER A 435 20.99 25.84 23.81
CA SER A 435 21.67 26.37 25.00
C SER A 435 23.10 26.77 24.64
N ASN A 436 23.20 27.79 23.78
CA ASN A 436 24.45 28.50 23.56
C ASN A 436 24.62 29.66 24.54
N LYS A 437 23.95 29.59 25.70
CA LYS A 437 23.92 30.69 26.65
C LYS A 437 24.66 30.38 27.94
N LEU A 438 24.82 29.11 28.29
CA LEU A 438 25.46 28.72 29.54
C LEU A 438 26.72 27.89 29.34
N ASP A 439 26.64 26.80 28.57
CA ASP A 439 27.72 25.82 28.49
C ASP A 439 28.67 26.16 27.34
N SER A 440 29.44 27.22 27.55
CA SER A 440 30.47 27.59 26.59
C SER A 440 31.58 28.33 27.33
N LYS A 441 32.79 28.24 26.79
CA LYS A 441 33.94 28.93 27.33
C LYS A 441 34.71 29.59 26.20
N VAL A 442 35.22 30.80 26.46
CA VAL A 442 35.68 31.70 25.40
C VAL A 442 36.91 31.17 24.68
N SER A 443 37.78 30.44 25.38
CA SER A 443 38.92 29.79 24.74
C SER A 443 38.70 28.30 24.54
N GLY A 444 37.48 27.83 24.75
CA GLY A 444 37.16 26.41 24.60
C GLY A 444 36.75 25.80 25.93
N ASN A 445 35.67 25.03 25.90
CA ASN A 445 35.17 24.34 27.08
C ASN A 445 35.57 22.88 26.99
N TYR A 446 36.50 22.47 27.86
CA TYR A 446 37.02 21.11 27.87
C TYR A 446 36.48 20.28 29.03
N ASN A 447 35.43 20.76 29.70
CA ASN A 447 34.87 20.06 30.83
C ASN A 447 33.85 19.00 30.43
N TYR A 448 33.56 18.84 29.15
CA TYR A 448 32.63 17.84 28.67
C TYR A 448 33.36 16.89 27.73
N LEU A 449 33.25 15.60 28.02
CA LEU A 449 34.02 14.56 27.33
C LEU A 449 33.08 13.64 26.56
N TYR A 450 33.58 13.08 25.47
CA TYR A 450 32.83 12.10 24.70
C TYR A 450 33.76 10.99 24.22
N ARG A 451 33.15 9.87 23.84
CA ARG A 451 33.84 8.63 23.54
C ARG A 451 33.86 8.41 22.03
N LEU A 452 35.00 7.95 21.50
CA LEU A 452 35.17 7.79 20.07
C LEU A 452 35.08 6.35 19.59
N PHE A 453 35.41 5.38 20.45
CA PHE A 453 35.39 3.98 20.04
C PHE A 453 35.23 3.09 21.26
N ARG A 454 34.89 1.83 21.00
CA ARG A 454 34.79 0.80 22.02
C ARG A 454 35.29 -0.51 21.42
N LYS A 455 35.19 -1.59 22.20
CA LYS A 455 35.48 -2.91 21.66
C LYS A 455 34.40 -3.38 20.70
N SER A 456 33.15 -3.00 20.95
CA SER A 456 32.02 -3.40 20.12
C SER A 456 30.90 -2.39 20.33
N ASN A 457 29.70 -2.74 19.87
CA ASN A 457 28.53 -1.88 20.06
C ASN A 457 27.97 -2.07 21.47
N LEU A 458 26.89 -1.34 21.75
CA LEU A 458 26.30 -1.36 23.08
C LEU A 458 24.78 -1.48 23.00
N LYS A 459 24.21 -2.20 23.96
CA LYS A 459 22.77 -2.36 24.07
C LYS A 459 22.13 -1.05 24.55
N PRO A 460 20.84 -0.84 24.27
CA PRO A 460 20.19 0.42 24.67
C PRO A 460 20.17 0.65 26.18
N PHE A 461 20.22 1.94 26.55
CA PHE A 461 20.19 2.48 27.91
C PHE A 461 21.40 2.11 28.76
N GLU A 462 22.43 1.52 28.18
CA GLU A 462 23.57 1.07 28.97
C GLU A 462 24.59 2.19 29.16
N ARG A 463 25.31 2.12 30.28
CA ARG A 463 26.29 3.12 30.67
C ARG A 463 27.66 2.48 30.68
N ASP A 464 28.59 3.02 29.88
CA ASP A 464 29.97 2.54 29.85
C ASP A 464 30.82 3.52 30.66
N ILE A 465 30.79 3.35 31.98
CA ILE A 465 31.53 4.23 32.87
C ILE A 465 33.01 3.87 32.88
N SER A 466 33.35 2.62 32.56
CA SER A 466 34.73 2.15 32.65
C SER A 466 35.59 2.76 31.56
N THR A 467 36.76 3.26 31.96
CA THR A 467 37.71 3.89 31.05
C THR A 467 39.06 3.20 31.18
N GLU A 468 39.65 2.84 30.05
CA GLU A 468 40.92 2.12 30.05
C GLU A 468 41.61 2.37 28.70
N ILE A 469 42.90 2.02 28.65
CA ILE A 469 43.65 2.15 27.40
C ILE A 469 43.18 1.10 26.41
N TYR A 470 42.98 1.53 25.16
CA TYR A 470 42.41 0.68 24.12
C TYR A 470 43.49 0.35 23.09
N GLN A 471 43.68 -0.93 22.83
CA GLN A 471 44.61 -1.41 21.82
C GLN A 471 43.85 -1.78 20.55
N ALA A 472 44.60 -2.00 19.47
CA ALA A 472 44.03 -2.26 18.16
C ALA A 472 44.33 -3.70 17.74
N GLY A 473 43.46 -4.62 18.18
CA GLY A 473 43.43 -5.96 17.64
C GLY A 473 44.45 -6.94 18.18
N ASN A 474 45.70 -6.84 17.71
CA ASN A 474 46.70 -7.87 17.98
C ASN A 474 48.01 -7.34 18.55
N LYS A 475 48.25 -6.04 18.53
CA LYS A 475 49.50 -5.51 19.04
C LYS A 475 49.51 -5.53 20.57
N PRO A 476 50.50 -6.15 21.20
CA PRO A 476 50.59 -6.11 22.67
C PRO A 476 50.93 -4.72 23.18
N CYS A 477 49.96 -4.08 23.83
CA CYS A 477 50.07 -2.68 24.21
C CYS A 477 49.25 -2.43 25.47
N ASN A 478 49.91 -2.03 26.54
CA ASN A 478 49.24 -1.77 27.81
C ASN A 478 50.03 -0.76 28.63
N GLY A 479 49.37 -0.19 29.63
CA GLY A 479 50.02 0.73 30.54
C GLY A 479 49.98 2.17 30.09
N VAL A 480 50.68 2.48 29.01
CA VAL A 480 50.79 3.85 28.50
C VAL A 480 50.23 3.90 27.09
N ALA A 481 50.23 5.11 26.52
CA ALA A 481 49.72 5.35 25.19
C ALA A 481 50.83 5.11 24.16
N GLY A 482 50.57 5.49 22.91
CA GLY A 482 51.56 5.32 21.86
C GLY A 482 50.96 4.89 20.53
N PHE A 483 51.60 3.95 19.86
CA PHE A 483 51.12 3.47 18.56
C PHE A 483 49.90 2.57 18.77
N ASN A 484 48.80 2.95 18.11
CA ASN A 484 47.51 2.25 18.17
C ASN A 484 46.96 2.13 19.59
N CYS A 485 47.26 3.12 20.43
CA CYS A 485 46.88 3.10 21.84
C CYS A 485 46.75 4.55 22.30
N TYR A 486 45.52 5.01 22.55
CA TYR A 486 45.30 6.31 23.13
C TYR A 486 43.97 6.31 23.88
N PHE A 487 43.82 7.28 24.78
CA PHE A 487 42.74 7.27 25.75
C PHE A 487 41.41 7.59 25.06
N PRO A 488 40.37 6.77 25.24
CA PRO A 488 39.21 6.83 24.35
C PRO A 488 38.26 7.98 24.58
N LEU A 489 38.46 8.77 25.64
CA LEU A 489 37.62 9.94 25.89
C LEU A 489 38.39 11.19 25.50
N ARG A 490 37.72 12.12 24.85
CA ARG A 490 38.34 13.42 24.59
C ARG A 490 37.30 14.52 24.72
N SER A 491 37.79 15.73 24.94
CA SER A 491 36.94 16.87 25.25
C SER A 491 36.53 17.61 23.98
N TYR A 492 35.42 18.33 24.09
CA TYR A 492 34.96 19.20 23.03
C TYR A 492 35.77 20.50 23.02
N SER A 493 35.61 21.27 21.95
CA SER A 493 36.21 22.59 21.83
C SER A 493 35.13 23.50 21.25
N PHE A 494 34.40 24.19 22.14
CA PHE A 494 33.21 24.91 21.70
C PHE A 494 33.58 26.24 21.02
N ARG A 495 34.31 27.11 21.76
CA ARG A 495 34.87 28.37 21.26
C ARG A 495 33.80 29.27 20.63
N PRO A 496 32.98 29.98 21.44
CA PRO A 496 31.64 30.40 20.97
C PRO A 496 31.62 31.45 19.86
N THR A 497 32.16 31.05 18.71
CA THR A 497 32.03 31.75 17.45
C THR A 497 31.57 30.80 16.35
N TYR A 498 31.32 29.53 16.68
CA TYR A 498 31.17 28.48 15.68
C TYR A 498 29.84 28.55 14.95
N GLY A 499 28.86 29.27 15.49
CA GLY A 499 27.59 29.38 14.80
C GLY A 499 26.75 28.13 14.91
N VAL A 500 25.70 28.10 14.09
CA VAL A 500 24.77 26.97 14.08
C VAL A 500 25.46 25.74 13.50
N GLY A 501 25.17 24.58 14.08
CA GLY A 501 25.79 23.33 13.69
C GLY A 501 26.94 22.87 14.57
N HIS A 502 27.45 23.74 15.44
CA HIS A 502 28.48 23.36 16.41
C HIS A 502 28.17 24.00 17.77
N GLN A 503 26.92 23.90 18.19
CA GLN A 503 26.40 24.50 19.41
C GLN A 503 26.07 23.42 20.43
N PRO A 504 25.99 23.76 21.73
CA PRO A 504 25.72 22.73 22.76
C PRO A 504 24.41 21.96 22.60
N TYR A 505 23.27 22.66 22.50
CA TYR A 505 21.95 22.06 22.34
C TYR A 505 21.62 21.09 23.49
N ARG A 506 21.46 21.68 24.67
CA ARG A 506 21.04 20.93 25.86
C ARG A 506 19.72 20.22 25.62
N VAL A 507 19.66 18.96 26.02
CA VAL A 507 18.53 18.09 25.71
C VAL A 507 18.12 17.32 26.97
N VAL A 508 16.81 17.17 27.16
CA VAL A 508 16.24 16.35 28.22
C VAL A 508 15.46 15.24 27.55
N VAL A 509 15.81 14.01 27.85
CA VAL A 509 15.22 12.84 27.19
C VAL A 509 14.27 12.20 28.19
N LEU A 510 12.99 12.52 28.08
CA LEU A 510 11.98 11.92 28.93
C LEU A 510 11.70 10.48 28.49
N SER A 511 11.08 9.72 29.38
CA SER A 511 10.73 8.33 29.10
C SER A 511 9.41 8.01 29.79
N PHE A 512 8.42 7.61 29.01
CA PHE A 512 7.07 7.39 29.51
C PHE A 512 6.75 5.90 29.52
N GLU A 513 5.63 5.57 30.18
CA GLU A 513 5.10 4.21 30.20
C GLU A 513 3.62 4.31 30.53
N LEU A 514 2.78 3.68 29.71
CA LEU A 514 1.34 3.87 29.77
C LEU A 514 0.63 2.56 30.07
N LEU A 515 -0.32 2.61 31.01
CA LEU A 515 -1.35 1.59 31.21
C LEU A 515 -0.77 0.23 31.63
N HIS A 516 0.10 0.25 32.64
CA HIS A 516 0.64 -0.99 33.18
C HIS A 516 0.52 -1.05 34.70
N ALA A 517 0.67 0.09 35.36
CA ALA A 517 0.82 0.18 36.79
C ALA A 517 -0.07 1.30 37.31
N PRO A 518 -0.37 1.32 38.62
CA PRO A 518 -0.94 2.53 39.22
C PRO A 518 0.00 3.73 39.06
N ALA A 519 -0.59 4.88 38.77
CA ALA A 519 0.17 6.04 38.39
C ALA A 519 0.76 6.76 39.60
N THR A 520 1.84 7.50 39.36
CA THR A 520 2.45 8.35 40.37
C THR A 520 2.26 9.83 40.05
N VAL A 521 2.63 10.26 38.85
CA VAL A 521 2.42 11.65 38.42
C VAL A 521 1.16 11.68 37.56
N CYS A 522 0.52 12.85 37.52
CA CYS A 522 -0.74 13.00 36.82
C CYS A 522 -0.87 14.43 36.32
N GLY A 523 -1.77 14.62 35.37
CA GLY A 523 -2.07 15.95 34.87
C GLY A 523 -2.93 16.74 35.83
N PRO A 524 -3.00 18.05 35.60
CA PRO A 524 -3.83 18.89 36.48
C PRO A 524 -5.32 18.75 36.18
N LYS A 525 -6.04 18.03 37.04
CA LYS A 525 -7.48 17.85 36.90
C LYS A 525 -8.12 17.92 38.27
N LYS A 526 -9.40 18.31 38.28
CA LYS A 526 -10.18 18.40 39.51
C LYS A 526 -11.18 17.25 39.52
N SER A 527 -10.99 16.32 40.45
CA SER A 527 -11.81 15.11 40.48
C SER A 527 -13.20 15.43 41.03
N THR A 528 -14.22 15.10 40.25
CA THR A 528 -15.60 15.28 40.68
C THR A 528 -16.05 14.09 41.53
N ASN A 529 -17.24 14.23 42.12
CA ASN A 529 -17.81 13.14 42.91
C ASN A 529 -18.30 12.03 41.99
N LEU A 530 -18.06 10.79 42.42
CA LEU A 530 -18.43 9.63 41.60
C LEU A 530 -19.94 9.41 41.62
N VAL A 531 -20.46 8.96 40.49
CA VAL A 531 -21.85 8.57 40.36
C VAL A 531 -21.89 7.10 39.96
N LYS A 532 -22.91 6.39 40.46
CA LYS A 532 -23.04 4.96 40.24
C LYS A 532 -24.42 4.65 39.67
N ASN A 533 -24.48 3.58 38.87
CA ASN A 533 -25.71 3.06 38.25
C ASN A 533 -26.40 4.09 37.37
N LYS A 534 -25.62 4.94 36.72
CA LYS A 534 -26.14 5.90 35.74
C LYS A 534 -25.23 5.91 34.53
N CYS A 535 -25.82 6.03 33.34
CA CYS A 535 -25.07 6.06 32.09
C CYS A 535 -24.29 7.36 32.01
N VAL A 536 -22.96 7.26 32.12
CA VAL A 536 -22.12 8.43 32.36
C VAL A 536 -20.86 8.34 31.49
N ASN A 537 -20.32 9.50 31.11
CA ASN A 537 -18.96 9.56 30.62
C ASN A 537 -18.00 9.48 31.79
N PHE A 538 -16.91 8.74 31.62
CA PHE A 538 -15.99 8.51 32.73
C PHE A 538 -14.56 8.71 32.27
N ASN A 539 -13.74 9.22 33.18
CA ASN A 539 -12.30 9.36 32.93
C ASN A 539 -11.58 8.89 34.19
N PHE A 540 -11.11 7.65 34.16
CA PHE A 540 -10.31 7.06 35.22
C PHE A 540 -8.86 7.03 34.77
N ASN A 541 -8.08 8.00 35.26
CA ASN A 541 -6.63 8.10 35.02
C ASN A 541 -6.27 8.20 33.55
N GLY A 542 -7.17 8.75 32.72
CA GLY A 542 -6.97 8.82 31.30
C GLY A 542 -7.67 7.75 30.48
N LEU A 543 -8.40 6.85 31.12
CA LEU A 543 -9.17 5.83 30.40
C LEU A 543 -10.49 6.44 29.97
N LYS A 544 -10.49 7.06 28.79
CA LYS A 544 -11.70 7.68 28.27
C LYS A 544 -12.69 6.62 27.79
N GLY A 545 -13.96 7.00 27.77
CA GLY A 545 -15.00 6.10 27.32
C GLY A 545 -16.37 6.62 27.74
N THR A 546 -17.34 5.71 27.69
CA THR A 546 -18.73 6.01 28.06
C THR A 546 -19.39 4.72 28.49
N GLY A 547 -19.91 4.69 29.72
CA GLY A 547 -20.55 3.48 30.19
C GLY A 547 -20.97 3.62 31.64
N VAL A 548 -21.72 2.64 32.09
CA VAL A 548 -22.27 2.63 33.45
C VAL A 548 -21.45 1.67 34.31
N LEU A 549 -21.19 2.10 35.54
CA LEU A 549 -20.30 1.42 36.47
C LEU A 549 -21.15 0.67 37.50
N THR A 550 -20.88 -0.61 37.66
CA THR A 550 -21.60 -1.45 38.61
C THR A 550 -20.63 -2.04 39.62
N GLU A 551 -21.13 -2.33 40.83
CA GLU A 551 -20.30 -2.97 41.83
C GLU A 551 -20.15 -4.45 41.53
N SER A 552 -19.01 -5.01 41.93
CA SER A 552 -18.69 -6.40 41.66
C SER A 552 -18.00 -6.99 42.89
N ASN A 553 -17.51 -8.22 42.74
CA ASN A 553 -16.88 -8.94 43.85
C ASN A 553 -15.59 -9.63 43.37
N LYS A 554 -14.79 -8.92 42.59
CA LYS A 554 -13.53 -9.44 42.08
C LYS A 554 -12.38 -9.05 42.99
N LYS A 555 -11.31 -9.82 42.92
CA LYS A 555 -10.15 -9.65 43.78
C LYS A 555 -8.95 -9.23 42.94
N PHE A 556 -8.22 -8.23 43.42
CA PHE A 556 -7.03 -7.73 42.75
C PHE A 556 -5.78 -8.02 43.56
N LEU A 557 -4.71 -8.39 42.86
CA LEU A 557 -3.39 -8.40 43.47
C LEU A 557 -2.94 -6.97 43.75
N PRO A 558 -2.10 -6.76 44.77
CA PRO A 558 -1.70 -5.38 45.12
C PRO A 558 -0.91 -4.64 44.05
N PHE A 559 -0.28 -5.34 43.11
CA PHE A 559 0.35 -4.68 41.98
C PHE A 559 -0.57 -4.60 40.76
N GLN A 560 -1.60 -5.43 40.69
CA GLN A 560 -2.54 -5.42 39.58
C GLN A 560 -3.56 -4.33 39.78
N GLN A 561 -3.75 -3.48 38.77
CA GLN A 561 -4.67 -2.36 38.84
C GLN A 561 -5.82 -2.51 37.85
N PHE A 562 -5.53 -2.63 36.57
CA PHE A 562 -6.55 -2.61 35.53
C PHE A 562 -7.15 -4.01 35.37
N GLY A 563 -8.01 -4.17 34.37
CA GLY A 563 -8.60 -5.45 34.07
C GLY A 563 -8.81 -5.58 32.57
N ARG A 564 -8.88 -6.84 32.12
CA ARG A 564 -9.02 -7.09 30.69
C ARG A 564 -10.09 -8.14 30.43
N ASP A 565 -10.23 -8.55 29.17
CA ASP A 565 -11.17 -9.58 28.77
C ASP A 565 -10.57 -10.32 27.57
N ILE A 566 -11.42 -11.03 26.83
CA ILE A 566 -10.96 -11.76 25.65
C ILE A 566 -10.52 -10.80 24.55
N ALA A 567 -11.27 -9.72 24.34
CA ALA A 567 -10.99 -8.76 23.28
C ALA A 567 -10.37 -7.47 23.82
N ASP A 568 -9.49 -7.61 24.84
CA ASP A 568 -8.66 -6.61 25.52
C ASP A 568 -9.26 -5.21 25.69
N THR A 569 -10.48 -5.16 26.19
CA THR A 569 -11.14 -3.90 26.56
C THR A 569 -11.21 -3.79 28.07
N THR A 570 -10.84 -2.63 28.60
CA THR A 570 -10.75 -2.42 30.05
C THR A 570 -12.16 -2.37 30.64
N ASP A 571 -12.61 -3.49 31.19
CA ASP A 571 -13.96 -3.60 31.76
C ASP A 571 -13.92 -3.98 33.24
N ALA A 572 -12.81 -3.70 33.91
CA ALA A 572 -12.69 -3.94 35.35
C ALA A 572 -11.65 -2.96 35.87
N VAL A 573 -12.10 -1.96 36.63
CA VAL A 573 -11.25 -0.84 36.99
C VAL A 573 -11.32 -0.58 38.50
N ARG A 574 -10.18 -0.28 39.10
CA ARG A 574 -10.11 0.10 40.49
C ARG A 574 -9.98 1.62 40.58
N ASP A 575 -10.79 2.23 41.43
CA ASP A 575 -10.80 3.68 41.55
C ASP A 575 -9.53 4.17 42.25
N PRO A 576 -9.03 5.35 41.88
CA PRO A 576 -7.77 5.82 42.50
C PRO A 576 -7.94 6.28 43.93
N GLN A 577 -9.04 6.97 44.26
CA GLN A 577 -9.19 7.53 45.59
C GLN A 577 -9.66 6.49 46.59
N THR A 578 -10.83 5.91 46.36
CA THR A 578 -11.36 4.85 47.21
C THR A 578 -11.09 3.51 46.55
N LEU A 579 -10.38 2.63 47.27
CA LEU A 579 -9.88 1.38 46.71
C LEU A 579 -11.04 0.38 46.62
N GLU A 580 -11.82 0.52 45.55
CA GLU A 580 -12.95 -0.38 45.32
C GLU A 580 -13.01 -0.70 43.83
N ILE A 581 -13.61 -1.85 43.51
CA ILE A 581 -13.56 -2.45 42.18
C ILE A 581 -14.89 -2.21 41.49
N LEU A 582 -14.83 -1.68 40.26
CA LEU A 582 -16.02 -1.42 39.45
C LEU A 582 -15.95 -2.21 38.15
N ASP A 583 -17.10 -2.77 37.76
CA ASP A 583 -17.29 -3.41 36.48
C ASP A 583 -17.90 -2.40 35.51
N ILE A 584 -17.28 -2.27 34.34
CA ILE A 584 -17.70 -1.32 33.32
C ILE A 584 -18.59 -2.05 32.33
N THR A 585 -19.81 -1.56 32.14
CA THR A 585 -20.62 -2.13 31.07
C THR A 585 -21.25 -0.99 30.26
N PRO A 586 -21.33 -1.12 28.94
CA PRO A 586 -21.83 -0.02 28.12
C PRO A 586 -23.34 0.14 28.24
N CYS A 587 -23.82 1.24 27.66
CA CYS A 587 -25.23 1.58 27.71
C CYS A 587 -26.05 0.63 26.84
N SER A 588 -27.35 0.59 27.09
CA SER A 588 -28.25 -0.30 26.37
C SER A 588 -28.40 0.14 24.92
N PHE A 589 -28.30 -0.82 24.01
CA PHE A 589 -28.41 -0.58 22.58
C PHE A 589 -29.48 -1.51 22.00
N GLY A 590 -29.74 -1.35 20.71
CA GLY A 590 -30.72 -2.20 20.05
C GLY A 590 -30.92 -1.76 18.62
N GLY A 591 -31.98 -2.32 18.02
CA GLY A 591 -32.33 -1.99 16.66
C GLY A 591 -33.78 -1.59 16.54
N VAL A 592 -34.07 -0.82 15.50
CA VAL A 592 -35.41 -0.34 15.21
C VAL A 592 -35.85 -0.92 13.88
N SER A 593 -37.03 -1.52 13.86
CA SER A 593 -37.60 -2.07 12.62
C SER A 593 -38.95 -1.41 12.37
N VAL A 594 -39.11 -0.84 11.18
CA VAL A 594 -40.31 -0.09 10.84
C VAL A 594 -41.30 -1.04 10.18
N ILE A 595 -42.51 -1.10 10.71
CA ILE A 595 -43.61 -1.87 10.13
C ILE A 595 -44.59 -0.87 9.53
N THR A 596 -44.71 -0.87 8.20
CA THR A 596 -45.58 0.07 7.53
C THR A 596 -46.39 -0.63 6.46
N PRO A 597 -47.61 -0.16 6.19
CA PRO A 597 -48.32 -0.58 4.98
C PRO A 597 -47.87 0.23 3.78
N GLY A 598 -48.52 0.05 2.64
CA GLY A 598 -48.12 0.75 1.43
C GLY A 598 -48.37 2.24 1.50
N THR A 599 -47.65 2.98 0.65
CA THR A 599 -47.80 4.42 0.57
C THR A 599 -49.19 4.80 0.02
N ASN A 600 -49.75 3.94 -0.85
CA ASN A 600 -51.14 4.11 -1.29
C ASN A 600 -52.13 3.91 -0.15
N THR A 601 -51.74 3.17 0.89
CA THR A 601 -52.56 2.95 2.07
C THR A 601 -52.17 4.07 3.06
N SER A 602 -52.63 4.03 4.31
CA SER A 602 -52.43 5.10 5.28
C SER A 602 -50.96 5.21 5.69
N ASN A 603 -50.66 6.29 6.41
CA ASN A 603 -49.30 6.68 6.74
C ASN A 603 -48.89 6.27 8.14
N GLN A 604 -49.66 5.43 8.82
CA GLN A 604 -49.28 4.98 10.15
C GLN A 604 -48.13 4.00 10.08
N VAL A 605 -47.33 3.98 11.15
CA VAL A 605 -46.19 3.09 11.27
C VAL A 605 -46.27 2.35 12.60
N ALA A 606 -45.39 1.37 12.77
CA ALA A 606 -45.26 0.65 14.03
C ALA A 606 -43.79 0.30 14.21
N VAL A 607 -43.16 0.87 15.22
CA VAL A 607 -41.75 0.59 15.45
C VAL A 607 -41.61 -0.69 16.26
N LEU A 608 -40.54 -1.42 16.00
CA LEU A 608 -40.14 -2.58 16.77
C LEU A 608 -38.78 -2.32 17.38
N TYR A 609 -38.71 -2.44 18.71
CA TYR A 609 -37.44 -2.35 19.44
C TYR A 609 -36.95 -3.78 19.59
N GLN A 610 -35.81 -4.07 18.97
CA GLN A 610 -35.37 -5.44 18.74
C GLN A 610 -34.46 -5.91 19.86
N GLY A 611 -34.85 -6.99 20.53
CA GLY A 611 -34.02 -7.65 21.53
C GLY A 611 -33.70 -6.83 22.76
N VAL A 612 -34.64 -6.01 23.22
CA VAL A 612 -34.45 -5.18 24.40
C VAL A 612 -35.71 -5.27 25.25
N ASN A 613 -35.54 -5.14 26.56
CA ASN A 613 -36.69 -5.09 27.47
C ASN A 613 -37.23 -3.67 27.49
N CYS A 614 -38.46 -3.50 27.04
CA CYS A 614 -39.14 -2.21 27.07
C CYS A 614 -40.08 -2.09 28.26
N THR A 615 -39.64 -2.61 29.41
CA THR A 615 -40.03 -2.04 30.69
C THR A 615 -39.13 -0.87 31.08
N GLU A 616 -38.23 -0.47 30.18
CA GLU A 616 -37.28 0.61 30.41
C GLU A 616 -37.55 1.82 29.51
N VAL A 617 -37.66 1.62 28.20
CA VAL A 617 -37.75 2.77 27.28
C VAL A 617 -39.10 3.49 27.29
N PRO A 618 -40.25 2.87 27.64
CA PRO A 618 -41.39 3.74 28.01
C PRO A 618 -41.21 4.50 29.32
N VAL A 619 -40.34 4.03 30.22
CA VAL A 619 -40.02 4.82 31.40
C VAL A 619 -38.99 5.88 31.02
N ALA A 620 -38.23 5.64 29.95
CA ALA A 620 -37.17 6.54 29.50
C ALA A 620 -37.67 7.56 28.48
N ILE A 621 -38.93 7.97 28.55
CA ILE A 621 -39.44 9.06 27.71
C ILE A 621 -38.97 10.37 28.33
N HIS A 622 -37.96 10.98 27.74
CA HIS A 622 -37.35 12.21 28.25
C HIS A 622 -36.92 13.04 27.05
N ALA A 623 -36.04 14.01 27.28
CA ALA A 623 -35.53 14.88 26.23
C ALA A 623 -34.02 14.77 26.15
N ASP A 624 -33.52 14.49 24.95
CA ASP A 624 -32.10 14.51 24.57
C ASP A 624 -31.28 13.53 25.41
N GLN A 625 -31.63 12.24 25.29
CA GLN A 625 -30.72 11.18 25.70
C GLN A 625 -30.78 9.96 24.79
N LEU A 626 -31.54 10.01 23.69
CA LEU A 626 -31.61 8.93 22.72
C LEU A 626 -31.20 9.45 21.35
N THR A 627 -30.52 8.59 20.58
CA THR A 627 -30.14 8.93 19.22
C THR A 627 -31.32 9.14 18.25
N PRO A 628 -32.37 8.29 18.20
CA PRO A 628 -33.48 8.59 17.27
C PRO A 628 -34.27 9.82 17.68
N THR A 629 -34.51 10.71 16.72
CA THR A 629 -35.16 11.99 16.99
C THR A 629 -36.65 11.80 17.22
N TRP A 630 -37.27 10.82 16.56
CA TRP A 630 -38.71 10.60 16.65
C TRP A 630 -39.13 10.04 18.00
N ARG A 631 -38.97 10.82 19.05
CA ARG A 631 -39.15 10.36 20.42
C ARG A 631 -40.51 10.72 21.00
N VAL A 632 -41.36 11.41 20.24
CA VAL A 632 -42.74 11.58 20.66
C VAL A 632 -43.56 10.32 20.40
N TYR A 633 -43.04 9.42 19.55
CA TYR A 633 -43.70 8.14 19.29
C TYR A 633 -43.59 7.18 20.47
N SER A 634 -42.61 7.40 21.36
CA SER A 634 -42.49 6.58 22.57
C SER A 634 -43.69 6.78 23.49
N THR A 635 -44.30 7.96 23.48
CA THR A 635 -45.62 8.16 24.08
C THR A 635 -46.66 7.82 22.99
N GLY A 636 -46.89 6.52 22.84
CA GLY A 636 -47.73 6.03 21.76
C GLY A 636 -48.90 5.18 22.20
N SER A 637 -49.21 4.16 21.42
CA SER A 637 -50.36 3.30 21.67
C SER A 637 -49.99 2.21 22.68
N ASN A 638 -50.86 1.22 22.82
CA ASN A 638 -50.63 0.15 23.79
C ASN A 638 -49.53 -0.77 23.31
N VAL A 639 -48.50 -0.95 24.13
CA VAL A 639 -47.33 -1.74 23.77
C VAL A 639 -47.66 -3.23 23.88
N PHE A 640 -46.78 -4.07 23.34
CA PHE A 640 -46.97 -5.51 23.38
C PHE A 640 -45.59 -6.16 23.40
N GLN A 641 -45.45 -7.20 24.22
CA GLN A 641 -44.15 -7.83 24.46
C GLN A 641 -44.12 -9.20 23.78
N THR A 642 -43.06 -9.45 23.02
CA THR A 642 -42.86 -10.76 22.40
C THR A 642 -41.44 -11.26 22.68
N ARG A 643 -41.08 -12.41 22.11
CA ARG A 643 -39.77 -12.99 22.37
C ARG A 643 -38.66 -12.27 21.62
N ALA A 644 -38.95 -11.80 20.40
CA ALA A 644 -37.93 -11.15 19.58
C ALA A 644 -37.57 -9.76 20.10
N GLY A 645 -38.49 -9.09 20.77
CA GLY A 645 -38.31 -7.73 21.21
C GLY A 645 -39.65 -7.19 21.69
N CYS A 646 -39.99 -5.96 21.34
CA CYS A 646 -41.35 -5.50 21.60
C CYS A 646 -41.78 -4.51 20.54
N LEU A 647 -43.09 -4.32 20.46
CA LEU A 647 -43.76 -3.57 19.40
C LEU A 647 -44.46 -2.36 20.02
N ILE A 648 -44.16 -1.18 19.50
CA ILE A 648 -44.80 0.06 19.92
C ILE A 648 -45.51 0.64 18.70
N GLY A 649 -46.82 0.86 18.83
CA GLY A 649 -47.63 1.36 17.74
C GLY A 649 -48.62 0.35 17.19
N ALA A 650 -48.64 -0.87 17.71
CA ALA A 650 -49.60 -1.88 17.30
C ALA A 650 -50.13 -2.60 18.54
N GLU A 651 -51.32 -3.17 18.41
CA GLU A 651 -52.01 -3.80 19.52
C GLU A 651 -52.26 -5.28 19.21
N TYR A 652 -52.21 -6.10 20.26
CA TYR A 652 -52.37 -7.53 20.11
C TYR A 652 -53.84 -7.90 19.93
N VAL A 653 -54.10 -8.93 19.12
CA VAL A 653 -55.42 -9.49 18.94
C VAL A 653 -55.35 -10.99 19.19
N ASN A 654 -56.51 -11.56 19.53
CA ASN A 654 -56.61 -12.99 19.81
C ASN A 654 -57.02 -13.80 18.60
N ASN A 655 -57.28 -13.16 17.46
CA ASN A 655 -57.69 -13.89 16.27
C ASN A 655 -56.50 -14.49 15.56
N SER A 656 -56.78 -15.30 14.53
CA SER A 656 -55.75 -15.98 13.77
C SER A 656 -56.03 -15.82 12.28
N TYR A 657 -55.20 -15.02 11.61
CA TYR A 657 -55.26 -14.85 10.15
C TYR A 657 -53.95 -15.33 9.55
N GLU A 658 -53.78 -15.09 8.25
CA GLU A 658 -52.53 -15.39 7.58
C GLU A 658 -51.49 -14.31 7.92
N CYS A 659 -50.28 -14.48 7.42
CA CYS A 659 -49.16 -13.63 7.79
C CYS A 659 -48.74 -12.78 6.61
N ASP A 660 -48.58 -11.47 6.84
CA ASP A 660 -48.22 -10.52 5.79
C ASP A 660 -46.83 -9.94 6.00
N ILE A 661 -46.59 -9.29 7.14
CA ILE A 661 -45.30 -8.71 7.47
C ILE A 661 -44.71 -9.53 8.62
N PRO A 662 -43.65 -10.31 8.39
CA PRO A 662 -43.15 -11.19 9.45
C PRO A 662 -42.39 -10.46 10.54
N ILE A 663 -43.03 -10.32 11.71
CA ILE A 663 -42.35 -9.77 12.87
C ILE A 663 -41.32 -10.76 13.39
N GLY A 664 -41.72 -12.02 13.53
CA GLY A 664 -40.84 -13.07 13.98
C GLY A 664 -41.23 -13.58 15.36
N ALA A 665 -40.66 -14.75 15.70
CA ALA A 665 -40.77 -15.41 17.00
C ALA A 665 -42.22 -15.70 17.39
N GLY A 666 -43.00 -16.19 16.43
CA GLY A 666 -44.38 -16.56 16.68
C GLY A 666 -45.39 -15.47 16.48
N ILE A 667 -44.95 -14.24 16.27
CA ILE A 667 -45.83 -13.09 16.10
C ILE A 667 -45.54 -12.50 14.72
N CYS A 668 -46.59 -12.10 14.00
CA CYS A 668 -46.40 -11.24 12.84
C CYS A 668 -47.60 -10.32 12.69
N ALA A 669 -47.40 -9.25 11.93
CA ALA A 669 -48.33 -8.12 11.89
C ALA A 669 -49.08 -8.06 10.57
N SER A 670 -50.22 -7.37 10.60
CA SER A 670 -51.08 -7.18 9.44
C SER A 670 -51.96 -5.95 9.68
N TYR A 671 -52.90 -5.73 8.77
CA TYR A 671 -53.78 -4.56 8.77
C TYR A 671 -55.20 -5.00 9.06
N GLN A 672 -55.92 -4.21 9.85
CA GLN A 672 -57.27 -4.60 10.25
C GLN A 672 -58.13 -3.35 10.36
N THR A 673 -59.41 -3.50 10.00
CA THR A 673 -60.36 -2.41 10.07
C THR A 673 -61.11 -2.43 11.41
N SER A 686 -60.79 3.29 13.01
CA SER A 686 -61.16 2.08 12.30
C SER A 686 -59.93 1.32 11.80
N GLN A 687 -59.20 1.95 10.88
CA GLN A 687 -58.00 1.32 10.32
C GLN A 687 -56.89 1.29 11.35
N SER A 688 -56.25 0.13 11.50
CA SER A 688 -55.20 -0.04 12.50
C SER A 688 -54.29 -1.17 12.07
N ILE A 689 -53.13 -1.23 12.72
CA ILE A 689 -52.12 -2.27 12.49
C ILE A 689 -52.14 -3.20 13.69
N ILE A 690 -52.34 -4.49 13.44
CA ILE A 690 -52.44 -5.47 14.52
C ILE A 690 -51.31 -6.49 14.37
N ALA A 691 -51.09 -7.28 15.41
CA ALA A 691 -50.13 -8.37 15.37
C ALA A 691 -50.74 -9.57 16.08
N TYR A 692 -50.40 -10.77 15.60
CA TYR A 692 -51.02 -11.98 16.13
C TYR A 692 -50.09 -13.16 15.87
N THR A 693 -50.60 -14.36 16.11
CA THR A 693 -49.90 -15.61 15.85
C THR A 693 -50.36 -16.19 14.52
N MET A 694 -49.46 -16.89 13.84
CA MET A 694 -49.76 -17.39 12.50
C MET A 694 -50.78 -18.51 12.55
N SER A 695 -51.76 -18.44 11.65
CA SER A 695 -52.68 -19.55 11.43
C SER A 695 -52.09 -20.43 10.33
N LEU A 696 -51.77 -21.67 10.67
CA LEU A 696 -51.07 -22.56 9.76
C LEU A 696 -52.02 -23.34 8.85
N GLY A 697 -53.26 -22.88 8.72
CA GLY A 697 -54.27 -23.57 7.93
C GLY A 697 -55.38 -24.10 8.82
N ALA A 698 -56.39 -24.65 8.16
CA ALA A 698 -57.51 -25.25 8.87
C ALA A 698 -57.10 -26.59 9.47
N GLU A 699 -57.44 -26.82 10.72
CA GLU A 699 -57.14 -28.08 11.41
C GLU A 699 -58.11 -29.15 10.92
N ASN A 700 -57.83 -29.66 9.73
CA ASN A 700 -58.68 -30.68 9.13
C ASN A 700 -58.33 -32.05 9.71
N SER A 701 -59.36 -32.84 9.96
CA SER A 701 -59.20 -34.19 10.49
C SER A 701 -59.87 -35.18 9.55
N VAL A 702 -59.30 -36.38 9.46
CA VAL A 702 -59.82 -37.42 8.59
C VAL A 702 -60.11 -38.65 9.46
N ALA A 703 -61.06 -39.47 9.01
CA ALA A 703 -61.57 -40.57 9.82
C ALA A 703 -60.84 -41.85 9.45
N TYR A 704 -59.86 -42.23 10.27
CA TYR A 704 -59.23 -43.53 10.15
C TYR A 704 -60.11 -44.60 10.78
N SER A 705 -60.16 -45.77 10.13
CA SER A 705 -60.92 -46.90 10.65
C SER A 705 -60.32 -48.18 10.07
N ASN A 706 -60.91 -49.32 10.46
CA ASN A 706 -60.54 -50.59 9.86
C ASN A 706 -60.93 -50.63 8.39
N ASN A 707 -62.11 -50.11 8.05
CA ASN A 707 -62.70 -50.19 6.72
C ASN A 707 -63.28 -48.85 6.24
N SER A 708 -62.38 -47.96 5.82
CA SER A 708 -62.79 -46.62 5.40
C SER A 708 -61.83 -46.17 4.30
N ILE A 709 -62.29 -46.20 3.05
CA ILE A 709 -61.49 -45.77 1.91
C ILE A 709 -62.22 -44.62 1.22
N ALA A 710 -61.45 -43.79 0.53
CA ALA A 710 -61.98 -42.66 -0.21
C ALA A 710 -61.40 -42.67 -1.62
N ILE A 711 -62.28 -42.59 -2.61
CA ILE A 711 -61.89 -42.69 -4.02
C ILE A 711 -62.38 -41.44 -4.74
N PRO A 712 -61.51 -40.72 -5.45
CA PRO A 712 -62.00 -39.59 -6.24
C PRO A 712 -62.74 -40.07 -7.48
N THR A 713 -63.70 -39.25 -7.93
CA THR A 713 -64.46 -39.58 -9.12
C THR A 713 -64.35 -38.52 -10.22
N ASN A 714 -63.61 -37.43 -10.00
CA ASN A 714 -63.44 -36.44 -11.04
C ASN A 714 -61.97 -36.03 -11.10
N PHE A 715 -61.57 -35.49 -12.25
CA PHE A 715 -60.20 -35.03 -12.44
C PHE A 715 -60.21 -33.63 -13.03
N THR A 716 -59.25 -32.82 -12.61
CA THR A 716 -59.07 -31.48 -13.15
C THR A 716 -57.62 -31.30 -13.57
N ILE A 717 -57.42 -30.60 -14.67
CA ILE A 717 -56.09 -30.34 -15.22
C ILE A 717 -55.77 -28.89 -14.98
N SER A 718 -54.77 -28.64 -14.13
CA SER A 718 -54.35 -27.29 -13.76
C SER A 718 -52.94 -27.07 -14.27
N VAL A 719 -52.82 -26.32 -15.36
CA VAL A 719 -51.51 -26.04 -15.94
C VAL A 719 -50.82 -24.99 -15.07
N THR A 720 -49.65 -25.35 -14.54
CA THR A 720 -48.93 -24.51 -13.60
C THR A 720 -47.67 -23.96 -14.26
N THR A 721 -47.45 -22.67 -14.13
CA THR A 721 -46.23 -22.05 -14.62
C THR A 721 -45.12 -22.20 -13.59
N GLU A 722 -43.88 -22.17 -14.08
CA GLU A 722 -42.72 -22.25 -13.20
C GLU A 722 -41.56 -21.56 -13.89
N ILE A 723 -40.96 -20.57 -13.22
CA ILE A 723 -40.04 -19.63 -13.85
C ILE A 723 -38.65 -19.87 -13.28
N LEU A 724 -37.68 -20.11 -14.16
CA LEU A 724 -36.32 -20.39 -13.72
C LEU A 724 -35.34 -19.47 -14.44
N PRO A 725 -34.23 -19.12 -13.78
CA PRO A 725 -33.14 -18.45 -14.49
C PRO A 725 -32.25 -19.48 -15.18
N VAL A 726 -31.60 -19.03 -16.26
CA VAL A 726 -30.74 -19.91 -17.04
C VAL A 726 -29.36 -19.30 -17.16
N SER A 727 -29.28 -18.05 -17.60
CA SER A 727 -28.00 -17.41 -17.85
C SER A 727 -28.06 -15.94 -17.45
N MET A 728 -27.07 -15.50 -16.69
CA MET A 728 -26.97 -14.10 -16.33
C MET A 728 -26.26 -13.32 -17.43
N THR A 729 -26.27 -11.99 -17.30
CA THR A 729 -25.69 -11.13 -18.31
C THR A 729 -24.16 -11.18 -18.25
N LYS A 730 -23.53 -11.33 -19.41
CA LYS A 730 -22.08 -11.36 -19.49
C LYS A 730 -21.51 -9.98 -19.23
N THR A 731 -20.28 -9.96 -18.70
CA THR A 731 -19.64 -8.69 -18.35
C THR A 731 -18.13 -8.85 -18.43
N SER A 732 -17.45 -7.71 -18.48
CA SER A 732 -15.99 -7.66 -18.51
C SER A 732 -15.55 -6.30 -17.98
N VAL A 733 -14.30 -6.24 -17.52
CA VAL A 733 -13.73 -5.01 -16.97
C VAL A 733 -12.33 -4.85 -17.52
N ASP A 734 -11.87 -3.61 -17.61
CA ASP A 734 -10.52 -3.29 -18.03
C ASP A 734 -9.66 -2.99 -16.80
N CYS A 735 -8.37 -3.29 -16.88
CA CYS A 735 -7.48 -3.11 -15.74
C CYS A 735 -7.18 -1.64 -15.49
N THR A 736 -6.52 -0.98 -16.45
CA THR A 736 -6.06 0.38 -16.23
C THR A 736 -7.14 1.42 -16.48
N MET A 737 -8.10 1.12 -17.36
CA MET A 737 -9.12 2.10 -17.72
C MET A 737 -10.06 2.40 -16.56
N TYR A 738 -10.40 1.38 -15.78
CA TYR A 738 -11.30 1.56 -14.65
C TYR A 738 -10.61 2.32 -13.52
N ILE A 739 -9.38 1.93 -13.19
CA ILE A 739 -8.73 2.46 -12.00
C ILE A 739 -8.07 3.81 -12.29
N CYS A 740 -7.20 3.86 -13.30
CA CYS A 740 -6.44 5.05 -13.65
C CYS A 740 -6.60 5.36 -15.13
N GLY A 741 -7.86 5.45 -15.57
CA GLY A 741 -8.12 5.90 -16.93
C GLY A 741 -7.63 7.31 -17.17
N ASP A 742 -7.19 7.56 -18.42
CA ASP A 742 -6.42 8.70 -18.92
C ASP A 742 -5.34 9.17 -17.94
N SER A 743 -4.61 8.22 -17.36
CA SER A 743 -3.52 8.51 -16.43
C SER A 743 -2.33 7.63 -16.80
N THR A 744 -1.39 8.21 -17.55
CA THR A 744 -0.19 7.48 -17.95
C THR A 744 0.73 7.21 -16.76
N GLU A 745 0.78 8.14 -15.81
CA GLU A 745 1.68 8.03 -14.66
C GLU A 745 1.25 6.99 -13.64
N CYS A 746 0.05 6.43 -13.77
CA CYS A 746 -0.29 5.23 -12.98
C CYS A 746 0.29 3.96 -13.58
N SER A 747 0.72 3.99 -14.84
CA SER A 747 1.09 2.78 -15.57
C SER A 747 2.30 2.08 -14.95
N ASN A 748 3.32 2.85 -14.56
CA ASN A 748 4.42 2.24 -13.81
C ASN A 748 4.01 1.96 -12.37
N LEU A 749 3.03 2.69 -11.85
CA LEU A 749 2.59 2.50 -10.47
C LEU A 749 1.63 1.32 -10.32
N LEU A 750 0.93 0.93 -11.39
CA LEU A 750 -0.03 -0.16 -11.31
C LEU A 750 0.56 -1.49 -11.76
N LEU A 751 1.43 -1.47 -12.78
CA LEU A 751 2.02 -2.69 -13.30
C LEU A 751 3.07 -3.29 -12.38
N GLN A 752 3.55 -2.55 -11.39
CA GLN A 752 4.50 -3.08 -10.44
C GLN A 752 3.85 -3.98 -9.39
N TYR A 753 2.52 -4.00 -9.32
CA TYR A 753 1.84 -4.89 -8.39
C TYR A 753 1.90 -6.35 -8.83
N GLY A 754 2.17 -6.61 -10.11
CA GLY A 754 2.39 -7.95 -10.61
C GLY A 754 1.33 -8.36 -11.61
N SER A 755 0.94 -9.64 -11.56
CA SER A 755 -0.03 -10.24 -12.46
C SER A 755 -1.41 -10.33 -11.82
N PHE A 756 -1.80 -9.28 -11.07
CA PHE A 756 -2.99 -9.33 -10.24
C PHE A 756 -4.26 -9.37 -11.08
N CYS A 757 -4.39 -8.49 -12.08
CA CYS A 757 -5.64 -8.35 -12.80
C CYS A 757 -5.72 -9.26 -14.03
N THR A 758 -4.64 -9.95 -14.37
CA THR A 758 -4.75 -11.05 -15.33
C THR A 758 -5.62 -12.16 -14.79
N GLN A 759 -5.54 -12.42 -13.48
CA GLN A 759 -6.45 -13.35 -12.82
C GLN A 759 -7.89 -12.86 -12.88
N LEU A 760 -8.09 -11.54 -12.73
CA LEU A 760 -9.43 -10.96 -12.80
C LEU A 760 -10.03 -11.11 -14.20
N LYS A 761 -9.22 -10.81 -15.23
CA LYS A 761 -9.67 -10.97 -16.61
C LYS A 761 -9.92 -12.42 -16.96
N ARG A 762 -9.08 -13.34 -16.45
CA ARG A 762 -9.28 -14.77 -16.68
C ARG A 762 -10.54 -15.27 -16.02
N ALA A 763 -10.83 -14.79 -14.80
CA ALA A 763 -12.05 -15.19 -14.10
C ALA A 763 -13.29 -14.68 -14.81
N LEU A 764 -13.27 -13.42 -15.28
CA LEU A 764 -14.43 -12.89 -15.98
C LEU A 764 -14.60 -13.52 -17.37
N THR A 765 -13.49 -13.89 -18.02
CA THR A 765 -13.59 -14.65 -19.27
C THR A 765 -14.17 -16.04 -19.03
N GLY A 766 -13.82 -16.65 -17.89
CA GLY A 766 -14.42 -17.92 -17.53
C GLY A 766 -15.91 -17.83 -17.26
N ILE A 767 -16.34 -16.75 -16.60
CA ILE A 767 -17.77 -16.50 -16.41
C ILE A 767 -18.46 -16.28 -17.75
N ALA A 768 -17.82 -15.53 -18.64
CA ALA A 768 -18.40 -15.22 -19.95
C ALA A 768 -18.56 -16.47 -20.82
N VAL A 769 -17.58 -17.38 -20.78
CA VAL A 769 -17.74 -18.61 -21.54
C VAL A 769 -18.66 -19.60 -20.82
N GLU A 770 -18.79 -19.51 -19.49
CA GLU A 770 -19.73 -20.36 -18.77
C GLU A 770 -21.17 -19.98 -19.06
N GLN A 771 -21.45 -18.68 -19.29
CA GLN A 771 -22.79 -18.27 -19.68
C GLN A 771 -23.19 -18.86 -21.03
N ASP A 772 -22.26 -18.84 -21.99
CA ASP A 772 -22.54 -19.42 -23.31
C ASP A 772 -22.65 -20.95 -23.23
N LYS A 773 -21.85 -21.58 -22.36
CA LYS A 773 -21.97 -23.02 -22.15
C LYS A 773 -23.32 -23.38 -21.52
N ASN A 774 -23.80 -22.58 -20.57
CA ASN A 774 -25.10 -22.80 -19.96
C ASN A 774 -26.22 -22.65 -20.97
N THR A 775 -26.15 -21.59 -21.78
CA THR A 775 -27.17 -21.38 -22.81
C THR A 775 -27.13 -22.47 -23.87
N GLN A 776 -25.95 -22.99 -24.19
CA GLN A 776 -25.83 -24.09 -25.14
C GLN A 776 -26.40 -25.40 -24.58
N GLU A 777 -26.13 -25.72 -23.32
CA GLU A 777 -26.54 -27.01 -22.78
C GLU A 777 -27.94 -27.02 -22.19
N VAL A 778 -28.56 -25.85 -21.99
CA VAL A 778 -29.94 -25.85 -21.52
C VAL A 778 -30.91 -26.10 -22.67
N PHE A 779 -30.73 -25.37 -23.77
CA PHE A 779 -31.68 -25.38 -24.88
C PHE A 779 -31.38 -26.45 -25.92
N ALA A 780 -30.15 -26.53 -26.42
CA ALA A 780 -29.82 -27.35 -27.58
C ALA A 780 -29.67 -28.81 -27.17
N GLN A 781 -30.82 -29.46 -26.94
CA GLN A 781 -30.84 -30.89 -26.67
C GLN A 781 -30.95 -31.72 -27.95
N VAL A 782 -31.33 -31.11 -29.06
CA VAL A 782 -31.39 -31.79 -30.35
C VAL A 782 -30.65 -30.94 -31.37
N LYS A 783 -30.19 -31.59 -32.44
CA LYS A 783 -29.44 -30.91 -33.49
C LYS A 783 -30.22 -30.75 -34.78
N GLN A 784 -31.38 -31.38 -34.91
CA GLN A 784 -32.24 -31.20 -36.07
C GLN A 784 -33.36 -30.22 -35.71
N ILE A 785 -33.47 -29.16 -36.49
CA ILE A 785 -34.48 -28.13 -36.26
C ILE A 785 -35.75 -28.58 -36.98
N TYR A 786 -36.71 -29.08 -36.21
CA TYR A 786 -37.96 -29.58 -36.76
C TYR A 786 -38.87 -28.42 -37.13
N LYS A 787 -39.89 -28.72 -37.94
CA LYS A 787 -40.83 -27.73 -38.41
C LYS A 787 -42.26 -28.16 -38.07
N THR A 788 -43.10 -27.17 -37.77
CA THR A 788 -44.50 -27.44 -37.52
C THR A 788 -45.21 -27.80 -38.83
N PRO A 789 -46.25 -28.62 -38.77
CA PRO A 789 -47.05 -28.91 -39.96
C PRO A 789 -47.84 -27.68 -40.40
N PRO A 790 -48.23 -27.61 -41.68
CA PRO A 790 -49.03 -26.45 -42.14
C PRO A 790 -50.40 -26.37 -41.49
N ILE A 791 -51.18 -27.45 -41.55
CA ILE A 791 -52.46 -27.47 -40.83
C ILE A 791 -52.21 -27.66 -39.35
N LYS A 792 -53.04 -27.01 -38.53
CA LYS A 792 -52.81 -26.93 -37.09
C LYS A 792 -53.86 -27.68 -36.28
N TYR A 793 -54.59 -28.61 -36.91
CA TYR A 793 -55.52 -29.45 -36.15
C TYR A 793 -54.73 -30.49 -35.37
N PHE A 794 -55.02 -30.62 -34.08
CA PHE A 794 -54.25 -31.46 -33.18
C PHE A 794 -55.17 -32.33 -32.34
N GLY A 795 -56.13 -32.98 -32.98
CA GLY A 795 -57.00 -33.90 -32.28
C GLY A 795 -58.04 -33.25 -31.40
N GLY A 796 -58.39 -31.99 -31.67
CA GLY A 796 -59.41 -31.30 -30.90
C GLY A 796 -58.87 -30.35 -29.85
N PHE A 797 -57.55 -30.22 -29.71
CA PHE A 797 -56.96 -29.33 -28.73
C PHE A 797 -56.61 -28.01 -29.40
N ASN A 798 -56.09 -27.07 -28.63
CA ASN A 798 -55.77 -25.73 -29.12
C ASN A 798 -54.40 -25.34 -28.60
N PHE A 799 -53.46 -25.11 -29.52
CA PHE A 799 -52.12 -24.66 -29.19
C PHE A 799 -51.78 -23.39 -29.96
N SER A 800 -52.77 -22.51 -30.12
CA SER A 800 -52.56 -21.29 -30.89
C SER A 800 -51.68 -20.29 -30.14
N GLN A 801 -51.73 -20.29 -28.82
CA GLN A 801 -50.97 -19.31 -28.03
C GLN A 801 -49.48 -19.63 -27.97
N ILE A 802 -49.11 -20.91 -28.07
CA ILE A 802 -47.72 -21.28 -27.82
C ILE A 802 -46.90 -21.36 -29.11
N LEU A 803 -47.52 -21.72 -30.24
CA LEU A 803 -46.81 -21.75 -31.51
C LEU A 803 -46.52 -20.32 -31.98
N PRO A 804 -45.42 -20.12 -32.71
CA PRO A 804 -45.09 -18.77 -33.21
C PRO A 804 -46.12 -18.26 -34.22
N ASP A 805 -46.38 -16.96 -34.15
CA ASP A 805 -47.36 -16.33 -35.01
C ASP A 805 -46.69 -15.81 -36.28
N PRO A 806 -47.13 -16.23 -37.47
CA PRO A 806 -46.48 -15.74 -38.70
C PRO A 806 -46.80 -14.29 -39.04
N SER A 807 -47.83 -13.70 -38.42
CA SER A 807 -48.20 -12.33 -38.75
C SER A 807 -47.18 -11.32 -38.22
N LYS A 808 -46.56 -11.62 -37.08
CA LYS A 808 -45.57 -10.72 -36.50
C LYS A 808 -44.27 -10.78 -37.29
N PRO A 809 -43.52 -9.67 -37.36
CA PRO A 809 -42.18 -9.73 -37.97
C PRO A 809 -41.22 -10.64 -37.23
N SER A 810 -41.31 -10.69 -35.91
CA SER A 810 -40.57 -11.68 -35.13
C SER A 810 -41.34 -12.98 -35.08
N LYS A 811 -40.61 -14.10 -35.14
CA LYS A 811 -41.23 -15.42 -35.14
C LYS A 811 -41.45 -15.93 -33.72
N ARG A 812 -42.16 -15.15 -32.91
CA ARG A 812 -42.41 -15.48 -31.52
C ARG A 812 -43.90 -15.75 -31.32
N SER A 813 -44.24 -16.15 -30.10
CA SER A 813 -45.60 -16.44 -29.69
C SER A 813 -46.15 -15.31 -28.84
N PRO A 814 -47.48 -15.19 -28.70
CA PRO A 814 -48.04 -14.18 -27.79
C PRO A 814 -47.62 -14.32 -26.32
N ILE A 815 -47.27 -15.52 -25.87
CA ILE A 815 -46.83 -15.68 -24.49
C ILE A 815 -45.48 -15.01 -24.27
N GLU A 816 -44.55 -15.13 -25.24
CA GLU A 816 -43.35 -14.31 -25.21
C GLU A 816 -43.65 -12.82 -25.35
N ASP A 817 -44.73 -12.45 -26.04
CA ASP A 817 -45.09 -11.03 -26.13
C ASP A 817 -45.51 -10.47 -24.77
N LEU A 818 -46.27 -11.25 -23.99
CA LEU A 818 -46.59 -10.81 -22.63
C LEU A 818 -45.37 -10.89 -21.72
N LEU A 819 -44.48 -11.88 -21.94
CA LEU A 819 -43.34 -12.05 -21.05
C LEU A 819 -42.25 -11.00 -21.28
N PHE A 820 -42.12 -10.49 -22.51
CA PHE A 820 -41.05 -9.56 -22.81
C PHE A 820 -41.31 -8.16 -22.27
N ASN A 821 -42.57 -7.73 -22.24
CA ASN A 821 -42.89 -6.38 -21.81
C ASN A 821 -42.78 -6.21 -20.30
N LYS A 822 -43.01 -7.29 -19.54
CA LYS A 822 -42.96 -7.18 -18.09
C LYS A 822 -41.54 -7.09 -17.57
N VAL A 823 -40.57 -7.67 -18.28
CA VAL A 823 -39.18 -7.61 -17.87
C VAL A 823 -38.60 -6.27 -18.31
N THR A 824 -38.08 -5.51 -17.36
CA THR A 824 -37.50 -4.19 -17.61
C THR A 824 -35.99 -4.25 -17.44
N LEU A 825 -35.35 -3.10 -17.65
CA LEU A 825 -33.90 -3.00 -17.52
C LEU A 825 -33.51 -1.93 -16.52
N LEU A 846 -30.90 1.91 -22.64
CA LEU A 846 -30.63 3.23 -22.09
C LEU A 846 -29.72 3.12 -20.86
N ILE A 847 -29.70 1.93 -20.26
CA ILE A 847 -28.88 1.72 -19.06
C ILE A 847 -27.43 1.40 -19.41
N CYS A 848 -27.12 1.14 -20.67
CA CYS A 848 -25.76 0.82 -21.09
C CYS A 848 -24.96 2.04 -21.52
N ALA A 849 -25.60 3.19 -21.69
CA ALA A 849 -24.90 4.39 -22.13
C ALA A 849 -24.06 5.02 -21.03
N GLN A 850 -24.35 4.71 -19.77
CA GLN A 850 -23.62 5.27 -18.63
C GLN A 850 -22.47 4.38 -18.18
N LYS A 851 -21.92 3.56 -19.07
CA LYS A 851 -20.90 2.59 -18.72
C LYS A 851 -19.58 2.90 -19.41
N PHE A 852 -19.18 4.18 -19.40
CA PHE A 852 -17.99 4.64 -20.10
C PHE A 852 -16.69 4.37 -19.34
N LYS A 853 -16.73 3.61 -18.25
CA LYS A 853 -15.55 3.41 -17.40
C LYS A 853 -15.01 1.99 -17.48
N GLY A 854 -15.00 1.42 -18.68
CA GLY A 854 -14.41 0.12 -18.91
C GLY A 854 -15.33 -1.06 -18.72
N LEU A 855 -16.56 -0.84 -18.24
CA LEU A 855 -17.53 -1.93 -18.05
C LEU A 855 -18.30 -2.09 -19.35
N THR A 856 -17.81 -2.97 -20.21
CA THR A 856 -18.44 -3.24 -21.50
C THR A 856 -19.21 -4.55 -21.41
N VAL A 857 -20.53 -4.47 -21.56
CA VAL A 857 -21.38 -5.66 -21.51
C VAL A 857 -21.24 -6.39 -22.83
N LEU A 858 -20.66 -7.59 -22.79
CA LEU A 858 -20.49 -8.38 -24.00
C LEU A 858 -21.83 -8.97 -24.44
N PRO A 859 -22.11 -8.99 -25.74
CA PRO A 859 -23.36 -9.60 -26.20
C PRO A 859 -23.27 -11.11 -26.12
N PRO A 860 -24.41 -11.80 -25.99
CA PRO A 860 -24.38 -13.26 -25.99
C PRO A 860 -24.06 -13.82 -27.37
N LEU A 861 -23.50 -15.03 -27.39
CA LEU A 861 -23.20 -15.69 -28.66
C LEU A 861 -24.48 -16.08 -29.38
N LEU A 862 -25.41 -16.72 -28.67
CA LEU A 862 -26.72 -17.00 -29.23
C LEU A 862 -27.59 -15.75 -29.15
N THR A 863 -28.01 -15.24 -30.30
CA THR A 863 -28.84 -14.05 -30.31
C THR A 863 -30.28 -14.41 -29.93
N ASP A 864 -31.10 -13.38 -29.76
CA ASP A 864 -32.45 -13.57 -29.21
C ASP A 864 -33.41 -14.21 -30.21
N GLU A 865 -33.03 -14.34 -31.48
CA GLU A 865 -33.94 -14.92 -32.46
C GLU A 865 -33.77 -16.43 -32.57
N MET A 866 -32.53 -16.92 -32.55
CA MET A 866 -32.30 -18.35 -32.70
C MET A 866 -32.66 -19.14 -31.45
N ILE A 867 -32.71 -18.48 -30.28
CA ILE A 867 -33.23 -19.13 -29.08
C ILE A 867 -34.71 -19.42 -29.24
N ALA A 868 -35.44 -18.50 -29.86
CA ALA A 868 -36.84 -18.74 -30.20
C ALA A 868 -36.98 -19.86 -31.22
N GLN A 869 -35.99 -20.00 -32.12
CA GLN A 869 -36.00 -21.12 -33.07
C GLN A 869 -35.77 -22.44 -32.36
N TYR A 870 -34.88 -22.46 -31.35
CA TYR A 870 -34.68 -23.66 -30.55
C TYR A 870 -35.93 -24.04 -29.76
N THR A 871 -36.61 -23.05 -29.18
CA THR A 871 -37.85 -23.35 -28.46
C THR A 871 -38.96 -23.81 -29.41
N SER A 872 -39.00 -23.26 -30.62
CA SER A 872 -39.95 -23.74 -31.63
C SER A 872 -39.64 -25.17 -32.06
N ALA A 873 -38.35 -25.51 -32.16
CA ALA A 873 -37.96 -26.87 -32.51
C ALA A 873 -38.32 -27.85 -31.40
N LEU A 874 -38.09 -27.48 -30.14
CA LEU A 874 -38.49 -28.32 -29.02
C LEU A 874 -40.01 -28.48 -28.95
N LEU A 875 -40.76 -27.42 -29.25
CA LEU A 875 -42.21 -27.51 -29.28
C LEU A 875 -42.70 -28.41 -30.42
N ALA A 876 -42.12 -28.26 -31.61
CA ALA A 876 -42.50 -29.11 -32.73
C ALA A 876 -42.10 -30.57 -32.50
N GLY A 877 -41.06 -30.82 -31.72
CA GLY A 877 -40.77 -32.16 -31.28
C GLY A 877 -41.78 -32.69 -30.27
N THR A 878 -42.15 -31.89 -29.28
CA THR A 878 -42.97 -32.40 -28.20
C THR A 878 -44.46 -32.47 -28.54
N ILE A 879 -44.92 -31.84 -29.62
CA ILE A 879 -46.29 -32.05 -30.09
C ILE A 879 -46.38 -33.18 -31.11
N THR A 880 -45.53 -33.19 -32.12
CA THR A 880 -45.71 -34.13 -33.22
C THR A 880 -44.98 -35.46 -33.03
N SER A 881 -43.90 -35.50 -32.25
CA SER A 881 -43.10 -36.71 -32.13
C SER A 881 -43.27 -37.42 -30.79
N GLY A 882 -43.62 -36.71 -29.73
CA GLY A 882 -43.76 -37.33 -28.41
C GLY A 882 -42.48 -37.23 -27.63
N TRP A 883 -41.98 -38.37 -27.14
CA TRP A 883 -40.73 -38.41 -26.41
C TRP A 883 -39.62 -39.15 -27.16
N THR A 884 -39.92 -39.73 -28.32
CA THR A 884 -38.96 -40.56 -29.01
C THR A 884 -37.93 -39.77 -29.81
N PHE A 885 -38.12 -38.46 -29.99
CA PHE A 885 -37.16 -37.69 -30.75
C PHE A 885 -35.93 -37.31 -29.93
N GLY A 886 -35.98 -37.47 -28.62
CA GLY A 886 -34.81 -37.30 -27.77
C GLY A 886 -34.03 -38.56 -27.49
N ALA A 887 -34.41 -39.68 -28.11
CA ALA A 887 -33.78 -40.97 -27.87
C ALA A 887 -33.57 -41.70 -29.20
N GLY A 888 -33.05 -40.98 -30.19
CA GLY A 888 -32.77 -41.57 -31.48
C GLY A 888 -33.45 -40.85 -32.61
N PRO A 889 -33.88 -41.59 -33.63
CA PRO A 889 -34.61 -40.97 -34.74
C PRO A 889 -36.01 -40.58 -34.32
N ALA A 890 -36.50 -39.49 -34.93
CA ALA A 890 -37.82 -38.98 -34.59
C ALA A 890 -38.91 -39.85 -35.17
N LEU A 891 -39.85 -40.25 -34.32
CA LEU A 891 -41.01 -41.04 -34.73
C LEU A 891 -42.25 -40.17 -34.51
N GLN A 892 -42.90 -39.79 -35.60
CA GLN A 892 -44.08 -38.95 -35.50
C GLN A 892 -45.27 -39.75 -34.98
N ILE A 893 -46.09 -39.10 -34.16
CA ILE A 893 -47.24 -39.74 -33.53
C ILE A 893 -48.37 -38.72 -33.43
N PRO A 894 -49.62 -39.12 -33.67
CA PRO A 894 -50.75 -38.20 -33.45
C PRO A 894 -50.93 -37.89 -31.97
N PHE A 895 -51.39 -36.68 -31.70
CA PHE A 895 -51.56 -36.16 -30.35
C PHE A 895 -52.66 -36.81 -29.50
N PRO A 896 -53.86 -37.18 -30.02
CA PRO A 896 -54.80 -37.93 -29.16
C PRO A 896 -54.33 -39.31 -28.74
N MET A 897 -53.35 -39.91 -29.41
CA MET A 897 -52.73 -41.12 -28.90
C MET A 897 -51.45 -40.86 -28.13
N GLN A 898 -50.78 -39.72 -28.39
CA GLN A 898 -49.59 -39.39 -27.62
C GLN A 898 -49.95 -38.97 -26.20
N MET A 899 -51.15 -38.41 -26.00
CA MET A 899 -51.64 -38.15 -24.66
C MET A 899 -52.08 -39.44 -23.97
N ALA A 900 -52.52 -40.44 -24.73
CA ALA A 900 -53.02 -41.69 -24.16
C ALA A 900 -51.93 -42.55 -23.57
N TYR A 901 -50.67 -42.25 -23.84
CA TYR A 901 -49.54 -42.93 -23.22
C TYR A 901 -48.89 -42.08 -22.13
N ARG A 902 -49.55 -41.00 -21.70
CA ARG A 902 -49.16 -40.29 -20.49
C ARG A 902 -50.05 -40.60 -19.31
N PHE A 903 -51.33 -40.93 -19.53
CA PHE A 903 -52.14 -41.50 -18.45
C PHE A 903 -51.62 -42.86 -18.03
N ASN A 904 -51.11 -43.65 -18.98
CA ASN A 904 -50.69 -45.02 -18.69
C ASN A 904 -49.44 -45.08 -17.84
N GLY A 905 -48.70 -43.98 -17.71
CA GLY A 905 -47.59 -43.92 -16.79
C GLY A 905 -47.93 -43.21 -15.49
N ILE A 906 -49.22 -42.99 -15.24
CA ILE A 906 -49.70 -42.34 -14.03
C ILE A 906 -50.32 -43.34 -13.07
N GLY A 907 -51.21 -44.19 -13.57
CA GLY A 907 -51.92 -45.13 -12.72
C GLY A 907 -53.35 -45.36 -13.16
N VAL A 908 -53.79 -44.58 -14.15
CA VAL A 908 -55.10 -44.75 -14.77
C VAL A 908 -54.89 -45.32 -16.17
N THR A 909 -55.73 -46.28 -16.54
CA THR A 909 -55.64 -46.85 -17.88
C THR A 909 -56.17 -45.84 -18.90
N GLN A 910 -55.88 -46.12 -20.17
CA GLN A 910 -56.19 -45.19 -21.26
C GLN A 910 -57.62 -45.30 -21.76
N ASN A 911 -58.55 -45.85 -20.98
CA ASN A 911 -59.95 -45.89 -21.38
C ASN A 911 -60.73 -44.66 -20.98
N VAL A 912 -60.07 -43.65 -20.40
CA VAL A 912 -60.75 -42.43 -19.97
C VAL A 912 -60.39 -41.23 -20.85
N LEU A 913 -59.39 -41.34 -21.72
CA LEU A 913 -59.01 -40.20 -22.54
C LEU A 913 -59.91 -40.09 -23.77
N TYR A 914 -60.09 -41.19 -24.50
CA TYR A 914 -60.84 -41.16 -25.76
C TYR A 914 -62.32 -40.87 -25.52
N GLU A 915 -62.95 -41.64 -24.62
CA GLU A 915 -64.38 -41.52 -24.39
C GLU A 915 -64.75 -40.22 -23.68
N ASN A 916 -63.77 -39.53 -23.10
CA ASN A 916 -63.97 -38.18 -22.59
C ASN A 916 -63.05 -37.22 -23.35
N GLN A 917 -63.01 -37.35 -24.68
CA GLN A 917 -62.08 -36.54 -25.46
C GLN A 917 -62.51 -35.07 -25.50
N LYS A 918 -63.74 -34.80 -25.93
CA LYS A 918 -64.22 -33.42 -26.08
C LYS A 918 -64.24 -32.70 -24.73
N LEU A 919 -64.67 -33.40 -23.68
CA LEU A 919 -64.68 -32.84 -22.33
C LEU A 919 -63.27 -32.56 -21.83
N ILE A 920 -62.26 -33.28 -22.32
CA ILE A 920 -60.90 -32.96 -21.89
C ILE A 920 -60.26 -31.95 -22.85
N ALA A 921 -60.93 -31.62 -23.95
CA ALA A 921 -60.36 -30.64 -24.87
C ALA A 921 -60.53 -29.23 -24.32
N ASN A 922 -61.78 -28.78 -24.14
CA ASN A 922 -62.07 -27.43 -23.68
C ASN A 922 -61.62 -27.19 -22.25
N GLN A 923 -61.48 -28.26 -21.46
CA GLN A 923 -60.92 -28.13 -20.12
C GLN A 923 -59.44 -27.77 -20.17
N PHE A 924 -58.74 -28.19 -21.22
CA PHE A 924 -57.33 -27.83 -21.38
C PHE A 924 -57.16 -26.44 -21.99
N ASN A 925 -57.94 -26.13 -23.04
CA ASN A 925 -57.77 -24.88 -23.78
C ASN A 925 -58.08 -23.67 -22.91
N SER A 926 -59.16 -23.75 -22.13
CA SER A 926 -59.46 -22.71 -21.16
C SER A 926 -58.40 -22.62 -20.07
N ALA A 927 -57.75 -23.75 -19.77
CA ALA A 927 -56.62 -23.74 -18.84
C ALA A 927 -55.44 -22.96 -19.40
N ILE A 928 -55.35 -22.85 -20.74
CA ILE A 928 -54.37 -21.95 -21.33
C ILE A 928 -54.74 -20.51 -21.07
N GLY A 929 -56.05 -20.20 -21.13
CA GLY A 929 -56.49 -18.80 -21.12
C GLY A 929 -56.22 -18.08 -19.81
N LYS A 930 -56.35 -18.80 -18.70
CA LYS A 930 -56.03 -18.22 -17.40
C LYS A 930 -54.54 -17.95 -17.22
N ILE A 931 -53.68 -18.55 -18.05
CA ILE A 931 -52.27 -18.17 -18.05
C ILE A 931 -52.08 -16.80 -18.67
N GLN A 932 -52.99 -16.38 -19.56
CA GLN A 932 -52.81 -15.14 -20.32
C GLN A 932 -52.88 -13.91 -19.44
N ASP A 933 -53.76 -13.92 -18.44
CA ASP A 933 -53.92 -12.76 -17.57
C ASP A 933 -53.24 -12.90 -16.21
N SER A 934 -52.84 -14.12 -15.83
CA SER A 934 -52.21 -14.32 -14.52
C SER A 934 -50.81 -13.72 -14.47
N LEU A 935 -50.11 -13.68 -15.61
CA LEU A 935 -48.83 -13.00 -15.66
C LEU A 935 -48.99 -11.49 -15.48
N SER A 936 -50.08 -10.93 -16.00
CA SER A 936 -50.38 -9.51 -15.85
C SER A 936 -51.26 -9.22 -14.64
N SER A 937 -51.69 -10.24 -13.90
CA SER A 937 -52.48 -10.01 -12.71
C SER A 937 -51.64 -9.44 -11.57
N THR A 938 -50.46 -9.99 -11.35
CA THR A 938 -49.57 -9.56 -10.29
C THR A 938 -48.17 -9.31 -10.86
N PRO A 939 -47.44 -8.35 -10.30
CA PRO A 939 -46.05 -8.12 -10.75
C PRO A 939 -45.05 -9.15 -10.23
N SER A 940 -45.45 -10.02 -9.30
CA SER A 940 -44.53 -11.02 -8.76
C SER A 940 -44.45 -12.28 -9.59
N ALA A 941 -45.24 -12.37 -10.67
CA ALA A 941 -45.28 -13.59 -11.48
C ALA A 941 -43.94 -13.85 -12.18
N LEU A 942 -43.30 -12.80 -12.67
CA LEU A 942 -41.94 -12.91 -13.19
C LEU A 942 -40.91 -12.49 -12.15
N GLY A 943 -41.24 -12.62 -10.86
CA GLY A 943 -40.35 -12.24 -9.78
C GLY A 943 -39.11 -13.07 -9.67
N LYS A 944 -39.11 -14.27 -10.27
CA LYS A 944 -37.89 -15.07 -10.34
C LYS A 944 -36.90 -14.52 -11.35
N LEU A 945 -37.34 -13.70 -12.31
CA LEU A 945 -36.45 -13.10 -13.30
C LEU A 945 -36.21 -11.62 -13.08
N GLN A 946 -37.24 -10.89 -12.63
CA GLN A 946 -37.15 -9.44 -12.49
C GLN A 946 -36.13 -9.02 -11.45
N ASP A 947 -35.91 -9.87 -10.44
CA ASP A 947 -34.84 -9.60 -9.47
C ASP A 947 -33.46 -9.79 -10.10
N VAL A 948 -33.33 -10.76 -11.01
CA VAL A 948 -32.02 -11.15 -11.52
C VAL A 948 -31.41 -10.04 -12.36
N VAL A 949 -32.19 -9.49 -13.30
CA VAL A 949 -31.77 -8.31 -14.03
C VAL A 949 -31.66 -7.10 -13.10
N ASN A 950 -32.37 -7.10 -11.98
CA ASN A 950 -32.15 -6.07 -10.97
C ASN A 950 -30.84 -6.29 -10.22
N HIS A 951 -30.42 -7.55 -10.06
CA HIS A 951 -29.18 -7.84 -9.34
C HIS A 951 -27.96 -7.31 -10.09
N ASN A 952 -27.98 -7.39 -11.42
CA ASN A 952 -26.96 -6.70 -12.19
C ASN A 952 -27.26 -5.23 -12.39
N ALA A 953 -28.50 -4.79 -12.12
CA ALA A 953 -28.77 -3.35 -12.15
C ALA A 953 -28.23 -2.67 -10.91
N GLN A 954 -28.36 -3.32 -9.75
CA GLN A 954 -27.88 -2.73 -8.51
C GLN A 954 -26.35 -2.80 -8.43
N ALA A 955 -25.76 -3.91 -8.85
CA ALA A 955 -24.33 -4.12 -8.63
C ALA A 955 -23.49 -3.29 -9.59
N LEU A 956 -23.92 -3.18 -10.85
CA LEU A 956 -23.17 -2.39 -11.82
C LEU A 956 -23.24 -0.90 -11.52
N ASN A 957 -24.37 -0.43 -11.01
CA ASN A 957 -24.49 0.98 -10.64
C ASN A 957 -23.63 1.31 -9.43
N THR A 958 -23.72 0.51 -8.37
CA THR A 958 -22.97 0.79 -7.15
C THR A 958 -21.48 0.53 -7.32
N LEU A 959 -21.06 -0.17 -8.38
CA LEU A 959 -19.65 -0.27 -8.72
C LEU A 959 -19.08 1.10 -9.11
N VAL A 960 -19.92 1.98 -9.65
CA VAL A 960 -19.47 3.30 -10.07
C VAL A 960 -19.19 4.20 -8.87
N LYS A 961 -19.97 4.10 -7.79
CA LYS A 961 -19.92 5.09 -6.73
C LYS A 961 -18.70 4.98 -5.82
N GLN A 962 -17.94 3.88 -5.87
CA GLN A 962 -16.71 3.80 -5.08
C GLN A 962 -15.61 4.70 -5.63
N LEU A 963 -15.50 4.82 -6.95
CA LEU A 963 -14.50 5.74 -7.48
C LEU A 963 -14.95 7.20 -7.34
N SER A 964 -16.24 7.44 -7.14
CA SER A 964 -16.72 8.77 -6.76
C SER A 964 -16.46 9.08 -5.29
N SER A 965 -16.21 8.06 -4.47
CA SER A 965 -15.98 8.26 -3.05
C SER A 965 -14.53 8.67 -2.78
N LYS A 966 -14.30 9.20 -1.58
CA LYS A 966 -12.97 9.65 -1.20
C LYS A 966 -12.05 8.49 -0.86
N PHE A 967 -12.58 7.44 -0.23
CA PHE A 967 -11.83 6.27 0.25
C PHE A 967 -10.69 6.66 1.18
N GLY A 968 -10.94 7.62 2.06
CA GLY A 968 -9.93 8.08 2.99
C GLY A 968 -8.89 9.00 2.41
N ALA A 969 -9.05 9.43 1.16
CA ALA A 969 -8.14 10.36 0.51
C ALA A 969 -8.78 11.74 0.47
N ILE A 970 -8.02 12.70 -0.06
CA ILE A 970 -8.48 14.09 -0.04
C ILE A 970 -9.36 14.45 -1.23
N SER A 971 -9.33 13.68 -2.31
CA SER A 971 -10.16 13.96 -3.47
C SER A 971 -10.36 12.68 -4.27
N SER A 972 -11.53 12.58 -4.91
CA SER A 972 -11.86 11.41 -5.71
C SER A 972 -11.35 11.49 -7.14
N VAL A 973 -10.83 12.63 -7.57
CA VAL A 973 -10.25 12.78 -8.90
C VAL A 973 -8.73 12.93 -8.75
N LEU A 974 -8.03 12.61 -9.83
CA LEU A 974 -6.58 12.48 -9.78
C LEU A 974 -5.82 13.71 -10.24
N ASN A 975 -6.45 14.61 -11.01
CA ASN A 975 -5.74 15.72 -11.60
C ASN A 975 -5.42 16.82 -10.58
N ASP A 976 -6.36 17.08 -9.66
CA ASP A 976 -6.18 18.21 -8.74
C ASP A 976 -5.15 17.89 -7.66
N ILE A 977 -5.09 16.63 -7.20
CA ILE A 977 -4.08 16.25 -6.23
C ILE A 977 -2.72 16.13 -6.89
N PHE A 978 -2.68 15.87 -8.19
CA PHE A 978 -1.43 15.99 -8.93
C PHE A 978 -1.02 17.44 -9.12
N SER A 979 -1.99 18.35 -9.16
CA SER A 979 -1.69 19.76 -9.41
C SER A 979 -1.16 20.46 -8.16
N ARG A 980 -1.97 20.52 -7.10
CA ARG A 980 -1.61 21.34 -5.95
C ARG A 980 -0.58 20.66 -5.04
N LEU A 981 -0.41 19.35 -5.17
CA LEU A 981 0.51 18.61 -4.31
C LEU A 981 1.49 17.84 -5.18
N ASP A 982 2.75 17.81 -4.74
CA ASP A 982 3.83 17.33 -5.59
C ASP A 982 3.87 15.80 -5.64
N PRO A 983 4.30 15.24 -6.78
CA PRO A 983 4.48 13.78 -6.92
C PRO A 983 5.51 13.15 -5.98
N PRO A 984 6.54 13.86 -5.44
CA PRO A 984 7.36 13.21 -4.40
C PRO A 984 6.63 12.79 -3.11
N GLU A 985 5.46 13.34 -2.81
CA GLU A 985 4.65 12.77 -1.73
C GLU A 985 3.19 12.64 -2.15
N ALA A 986 2.95 12.27 -3.41
CA ALA A 986 1.61 11.96 -3.88
C ALA A 986 1.31 10.47 -3.94
N GLU A 987 2.35 9.62 -3.96
CA GLU A 987 2.12 8.18 -3.94
C GLU A 987 1.56 7.72 -2.59
N VAL A 988 1.92 8.42 -1.50
CA VAL A 988 1.38 8.11 -0.18
C VAL A 988 -0.06 8.60 -0.06
N GLN A 989 -0.49 9.48 -0.97
CA GLN A 989 -1.89 9.90 -1.03
C GLN A 989 -2.71 8.99 -1.94
N ILE A 990 -2.12 8.50 -3.03
CA ILE A 990 -2.89 7.74 -4.02
C ILE A 990 -2.84 6.24 -3.83
N ASP A 991 -1.96 5.71 -2.98
CA ASP A 991 -1.93 4.26 -2.75
C ASP A 991 -3.21 3.78 -2.07
N ARG A 992 -3.80 4.63 -1.22
CA ARG A 992 -5.10 4.33 -0.63
C ARG A 992 -6.18 4.18 -1.68
N LEU A 993 -6.21 5.10 -2.66
CA LEU A 993 -7.21 5.04 -3.72
C LEU A 993 -7.00 3.83 -4.62
N ILE A 994 -5.74 3.51 -4.93
CA ILE A 994 -5.42 2.35 -5.76
C ILE A 994 -5.86 1.07 -5.07
N THR A 995 -5.49 0.91 -3.80
CA THR A 995 -5.82 -0.30 -3.04
C THR A 995 -7.32 -0.43 -2.82
N GLY A 996 -8.01 0.68 -2.53
CA GLY A 996 -9.45 0.64 -2.33
C GLY A 996 -10.21 0.30 -3.60
N ARG A 997 -9.77 0.86 -4.74
CA ARG A 997 -10.43 0.56 -6.01
C ARG A 997 -10.20 -0.89 -6.44
N LEU A 998 -8.98 -1.42 -6.25
CA LEU A 998 -8.76 -2.82 -6.61
C LEU A 998 -9.48 -3.76 -5.64
N GLN A 999 -9.60 -3.37 -4.36
CA GLN A 999 -10.33 -4.19 -3.41
C GLN A 999 -11.82 -4.19 -3.71
N SER A 1000 -12.37 -3.05 -4.14
CA SER A 1000 -13.77 -3.00 -4.53
C SER A 1000 -14.03 -3.81 -5.80
N LEU A 1001 -13.10 -3.77 -6.75
CA LEU A 1001 -13.22 -4.61 -7.94
C LEU A 1001 -13.13 -6.09 -7.61
N GLN A 1002 -12.24 -6.45 -6.68
CA GLN A 1002 -12.13 -7.84 -6.24
C GLN A 1002 -13.39 -8.31 -5.52
N THR A 1003 -13.98 -7.43 -4.70
CA THR A 1003 -15.22 -7.77 -4.01
C THR A 1003 -16.37 -7.96 -5.01
N TYR A 1004 -16.45 -7.09 -6.02
CA TYR A 1004 -17.48 -7.22 -7.05
C TYR A 1004 -17.31 -8.51 -7.85
N VAL A 1005 -16.06 -8.87 -8.17
CA VAL A 1005 -15.80 -10.09 -8.92
C VAL A 1005 -16.10 -11.34 -8.07
N THR A 1006 -15.81 -11.28 -6.76
CA THR A 1006 -16.14 -12.39 -5.86
C THR A 1006 -17.65 -12.58 -5.75
N GLN A 1007 -18.41 -11.48 -5.63
CA GLN A 1007 -19.87 -11.58 -5.64
C GLN A 1007 -20.38 -12.10 -6.98
N GLN A 1008 -19.71 -11.73 -8.08
CA GLN A 1008 -20.07 -12.26 -9.40
C GLN A 1008 -19.83 -13.76 -9.48
N LEU A 1009 -18.74 -14.24 -8.88
CA LEU A 1009 -18.46 -15.69 -8.86
C LEU A 1009 -19.50 -16.45 -8.05
N ILE A 1010 -19.91 -15.91 -6.89
CA ILE A 1010 -20.94 -16.59 -6.10
C ILE A 1010 -22.28 -16.58 -6.82
N ARG A 1011 -22.64 -15.45 -7.45
CA ARG A 1011 -23.88 -15.37 -8.21
C ARG A 1011 -23.85 -16.29 -9.43
N ALA A 1012 -22.69 -16.43 -10.08
CA ALA A 1012 -22.57 -17.32 -11.22
C ALA A 1012 -22.62 -18.78 -10.80
N ALA A 1013 -22.12 -19.10 -9.60
CA ALA A 1013 -22.31 -20.44 -9.06
C ALA A 1013 -23.77 -20.74 -8.79
N GLU A 1014 -24.52 -19.74 -8.30
CA GLU A 1014 -25.96 -19.88 -8.10
C GLU A 1014 -26.69 -20.10 -9.43
N ILE A 1015 -26.33 -19.32 -10.46
CA ILE A 1015 -26.93 -19.47 -11.79
C ILE A 1015 -26.55 -20.81 -12.42
N ARG A 1016 -25.33 -21.30 -12.17
CA ARG A 1016 -24.92 -22.63 -12.64
C ARG A 1016 -25.75 -23.74 -11.97
N ALA A 1017 -25.96 -23.63 -10.66
CA ALA A 1017 -26.79 -24.61 -9.95
C ALA A 1017 -28.24 -24.55 -10.40
N SER A 1018 -28.72 -23.37 -10.80
CA SER A 1018 -30.06 -23.28 -11.36
C SER A 1018 -30.11 -23.84 -12.78
N ALA A 1019 -29.04 -23.65 -13.55
CA ALA A 1019 -29.04 -24.04 -14.97
C ALA A 1019 -28.94 -25.55 -15.13
N ASN A 1020 -28.18 -26.22 -14.25
CA ASN A 1020 -28.15 -27.68 -14.28
C ASN A 1020 -29.50 -28.27 -13.93
N LEU A 1021 -30.20 -27.67 -12.98
CA LEU A 1021 -31.56 -28.09 -12.63
C LEU A 1021 -32.52 -27.86 -13.79
N ALA A 1022 -32.40 -26.73 -14.48
CA ALA A 1022 -33.25 -26.45 -15.64
C ALA A 1022 -32.98 -27.42 -16.79
N ALA A 1023 -31.71 -27.78 -16.98
CA ALA A 1023 -31.37 -28.78 -17.99
C ALA A 1023 -31.95 -30.15 -17.64
N THR A 1024 -31.93 -30.52 -16.35
CA THR A 1024 -32.53 -31.76 -15.91
C THR A 1024 -34.05 -31.75 -16.14
N LYS A 1025 -34.69 -30.61 -15.83
CA LYS A 1025 -36.13 -30.46 -16.03
C LYS A 1025 -36.51 -30.57 -17.51
N MET A 1026 -35.74 -29.94 -18.39
CA MET A 1026 -36.06 -30.07 -19.81
C MET A 1026 -35.65 -31.45 -20.34
N SER A 1027 -34.73 -32.13 -19.66
CA SER A 1027 -34.36 -33.47 -20.08
C SER A 1027 -35.40 -34.52 -19.72
N GLU A 1028 -36.15 -34.36 -18.62
CA GLU A 1028 -37.15 -35.37 -18.30
C GLU A 1028 -38.58 -34.89 -18.17
N CYS A 1029 -38.85 -33.61 -17.90
CA CYS A 1029 -40.25 -33.19 -17.87
C CYS A 1029 -40.77 -32.79 -19.25
N VAL A 1030 -39.91 -32.72 -20.26
CA VAL A 1030 -40.30 -32.40 -21.63
C VAL A 1030 -40.12 -33.60 -22.56
N LEU A 1031 -38.94 -34.23 -22.51
CA LEU A 1031 -38.60 -35.34 -23.40
C LEU A 1031 -39.05 -36.69 -22.86
N GLY A 1032 -40.04 -36.71 -21.98
CA GLY A 1032 -40.55 -37.96 -21.43
C GLY A 1032 -41.67 -37.72 -20.43
N GLN A 1033 -41.71 -38.52 -19.37
CA GLN A 1033 -42.71 -38.34 -18.32
C GLN A 1033 -42.07 -38.81 -17.01
N SER A 1034 -41.65 -37.85 -16.19
CA SER A 1034 -40.93 -38.16 -14.97
C SER A 1034 -41.88 -38.69 -13.90
N LYS A 1035 -41.44 -39.71 -13.18
CA LYS A 1035 -42.23 -40.34 -12.14
C LYS A 1035 -42.01 -39.76 -10.76
N ARG A 1036 -41.07 -38.83 -10.61
CA ARG A 1036 -40.79 -38.25 -9.30
C ARG A 1036 -41.90 -37.28 -8.92
N VAL A 1037 -42.51 -37.51 -7.76
CA VAL A 1037 -43.61 -36.67 -7.30
C VAL A 1037 -43.05 -35.33 -6.82
N ASP A 1038 -43.75 -34.24 -7.19
CA ASP A 1038 -43.41 -32.85 -6.90
C ASP A 1038 -42.02 -32.53 -7.48
N PHE A 1039 -41.89 -32.81 -8.77
CA PHE A 1039 -40.71 -32.39 -9.52
C PHE A 1039 -41.07 -31.63 -10.78
N CYS A 1040 -42.12 -32.03 -11.49
CA CYS A 1040 -42.57 -31.34 -12.69
C CYS A 1040 -43.97 -30.77 -12.47
N GLY A 1041 -44.20 -30.17 -11.33
CA GLY A 1041 -45.47 -29.57 -10.99
C GLY A 1041 -46.16 -30.30 -9.84
N LYS A 1042 -47.15 -29.63 -9.26
CA LYS A 1042 -47.88 -30.20 -8.14
C LYS A 1042 -48.83 -31.28 -8.63
N GLY A 1043 -48.77 -32.44 -7.99
CA GLY A 1043 -49.62 -33.55 -8.37
C GLY A 1043 -48.99 -34.43 -9.41
N TYR A 1044 -49.83 -35.27 -10.02
CA TYR A 1044 -49.38 -36.16 -11.08
C TYR A 1044 -49.02 -35.36 -12.32
N HIS A 1045 -47.95 -35.77 -13.00
CA HIS A 1045 -47.34 -34.99 -14.07
C HIS A 1045 -47.56 -35.70 -15.40
N LEU A 1046 -48.03 -34.95 -16.40
CA LEU A 1046 -48.30 -35.50 -17.71
C LEU A 1046 -47.25 -35.09 -18.73
N MET A 1047 -47.07 -33.79 -18.95
CA MET A 1047 -46.09 -33.26 -19.90
C MET A 1047 -45.84 -31.80 -19.54
N SER A 1048 -45.00 -31.16 -20.33
CA SER A 1048 -44.69 -29.75 -20.11
C SER A 1048 -44.28 -29.11 -21.42
N PHE A 1049 -44.36 -27.79 -21.44
CA PHE A 1049 -43.97 -26.99 -22.61
C PHE A 1049 -42.94 -25.95 -22.19
N PRO A 1050 -41.81 -25.85 -22.89
CA PRO A 1050 -40.85 -24.79 -22.58
C PRO A 1050 -41.18 -23.51 -23.34
N GLN A 1051 -40.84 -22.38 -22.72
CA GLN A 1051 -41.04 -21.07 -23.32
C GLN A 1051 -39.82 -20.22 -23.01
N SER A 1052 -39.38 -19.45 -24.00
CA SER A 1052 -38.22 -18.60 -23.82
C SER A 1052 -38.57 -17.39 -22.95
N ALA A 1053 -37.53 -16.76 -22.42
CA ALA A 1053 -37.68 -15.66 -21.49
C ALA A 1053 -36.41 -14.83 -21.53
N PRO A 1054 -36.47 -13.54 -21.17
CA PRO A 1054 -35.23 -12.76 -21.06
C PRO A 1054 -34.37 -13.23 -19.89
N HIS A 1055 -33.21 -13.81 -20.22
CA HIS A 1055 -32.24 -14.36 -19.27
C HIS A 1055 -32.86 -15.43 -18.37
N GLY A 1056 -33.64 -16.32 -18.98
CA GLY A 1056 -34.28 -17.37 -18.20
C GLY A 1056 -35.13 -18.27 -19.07
N VAL A 1057 -36.03 -19.00 -18.42
CA VAL A 1057 -36.91 -19.93 -19.11
C VAL A 1057 -38.18 -20.07 -18.27
N VAL A 1058 -39.29 -20.39 -18.94
CA VAL A 1058 -40.58 -20.56 -18.29
C VAL A 1058 -41.16 -21.90 -18.70
N PHE A 1059 -41.45 -22.76 -17.74
CA PHE A 1059 -42.05 -24.05 -18.00
C PHE A 1059 -43.55 -23.99 -17.72
N LEU A 1060 -44.31 -24.65 -18.60
CA LEU A 1060 -45.75 -24.81 -18.43
C LEU A 1060 -45.98 -26.29 -18.18
N HIS A 1061 -46.16 -26.67 -16.91
CA HIS A 1061 -46.39 -28.06 -16.53
C HIS A 1061 -47.89 -28.36 -16.62
N VAL A 1062 -48.26 -29.31 -17.49
CA VAL A 1062 -49.66 -29.72 -17.62
C VAL A 1062 -49.85 -30.86 -16.62
N THR A 1063 -50.21 -30.50 -15.39
CA THR A 1063 -50.28 -31.46 -14.29
C THR A 1063 -51.65 -32.12 -14.26
N TYR A 1064 -51.96 -32.82 -13.17
CA TYR A 1064 -53.18 -33.61 -13.05
C TYR A 1064 -53.56 -33.65 -11.58
N VAL A 1065 -54.82 -33.34 -11.27
CA VAL A 1065 -55.26 -33.29 -9.87
C VAL A 1065 -56.61 -34.00 -9.72
N PRO A 1066 -56.71 -35.02 -8.87
CA PRO A 1066 -58.02 -35.63 -8.60
C PRO A 1066 -58.87 -34.77 -7.69
N ALA A 1067 -60.18 -34.98 -7.78
CA ALA A 1067 -61.14 -34.19 -7.03
C ALA A 1067 -62.45 -34.96 -6.89
N GLN A 1068 -63.30 -34.46 -6.00
CA GLN A 1068 -64.63 -35.00 -5.67
C GLN A 1068 -64.53 -36.45 -5.16
N GLU A 1069 -63.92 -36.57 -3.99
CA GLU A 1069 -63.74 -37.86 -3.35
C GLU A 1069 -65.08 -38.40 -2.84
N LYS A 1070 -65.13 -39.72 -2.64
CA LYS A 1070 -66.32 -40.39 -2.17
C LYS A 1070 -65.93 -41.47 -1.15
N ASN A 1071 -66.76 -41.61 -0.13
CA ASN A 1071 -66.55 -42.58 0.94
C ASN A 1071 -66.98 -43.97 0.51
N PHE A 1072 -66.22 -44.98 0.94
CA PHE A 1072 -66.56 -46.37 0.66
C PHE A 1072 -65.98 -47.25 1.75
N THR A 1073 -66.51 -48.47 1.85
CA THR A 1073 -66.08 -49.47 2.82
C THR A 1073 -65.26 -50.54 2.11
N THR A 1074 -64.07 -50.83 2.63
CA THR A 1074 -63.10 -51.68 1.98
C THR A 1074 -62.85 -52.96 2.77
N ALA A 1075 -62.10 -53.87 2.15
CA ALA A 1075 -61.66 -55.13 2.73
C ALA A 1075 -60.25 -55.41 2.24
N PRO A 1076 -59.42 -56.12 3.02
CA PRO A 1076 -58.07 -56.42 2.51
C PRO A 1076 -58.06 -57.49 1.43
N ALA A 1077 -58.91 -58.51 1.53
CA ALA A 1077 -58.96 -59.58 0.54
C ALA A 1077 -60.34 -60.23 0.61
N ILE A 1078 -60.55 -61.21 -0.27
CA ILE A 1078 -61.78 -62.00 -0.30
C ILE A 1078 -61.39 -63.46 -0.52
N CYS A 1079 -61.91 -64.36 0.33
CA CYS A 1079 -61.77 -65.79 0.11
C CYS A 1079 -63.13 -66.39 -0.22
N HIS A 1080 -63.19 -67.14 -1.33
CA HIS A 1080 -64.45 -67.74 -1.77
C HIS A 1080 -64.58 -69.19 -1.34
N ASP A 1081 -63.73 -70.07 -1.84
CA ASP A 1081 -63.73 -71.48 -1.45
C ASP A 1081 -62.70 -71.75 -0.35
N GLY A 1082 -62.72 -70.97 0.72
CA GLY A 1082 -61.80 -71.15 1.82
C GLY A 1082 -60.37 -70.72 1.55
N LYS A 1083 -60.06 -70.19 0.37
CA LYS A 1083 -58.71 -69.78 0.02
C LYS A 1083 -58.74 -68.35 -0.51
N ALA A 1084 -57.75 -67.57 -0.11
CA ALA A 1084 -57.79 -66.13 -0.31
C ALA A 1084 -57.54 -65.75 -1.77
N HIS A 1085 -58.16 -64.65 -2.18
CA HIS A 1085 -57.94 -64.06 -3.49
C HIS A 1085 -57.52 -62.61 -3.30
N PHE A 1086 -56.42 -62.23 -3.91
CA PHE A 1086 -55.90 -60.87 -3.86
C PHE A 1086 -56.14 -60.19 -5.20
N PRO A 1087 -56.45 -58.89 -5.21
CA PRO A 1087 -56.67 -58.19 -6.47
C PRO A 1087 -55.38 -58.05 -7.26
N ARG A 1088 -55.51 -58.13 -8.60
CA ARG A 1088 -54.34 -57.99 -9.46
C ARG A 1088 -53.84 -56.55 -9.48
N GLU A 1089 -54.75 -55.60 -9.66
CA GLU A 1089 -54.42 -54.18 -9.60
C GLU A 1089 -55.68 -53.44 -9.19
N GLY A 1090 -55.79 -53.12 -7.92
CA GLY A 1090 -56.96 -52.43 -7.40
C GLY A 1090 -57.23 -52.84 -5.97
N VAL A 1091 -58.42 -52.46 -5.49
CA VAL A 1091 -58.78 -52.66 -4.09
C VAL A 1091 -60.26 -53.03 -4.04
N PHE A 1092 -60.61 -53.93 -3.12
CA PHE A 1092 -62.00 -54.35 -2.96
C PHE A 1092 -62.79 -53.22 -2.32
N VAL A 1093 -63.83 -52.76 -3.03
CA VAL A 1093 -64.60 -51.57 -2.67
C VAL A 1093 -66.07 -51.94 -2.60
N SER A 1094 -66.72 -51.61 -1.48
CA SER A 1094 -68.14 -51.89 -1.31
C SER A 1094 -68.91 -50.62 -1.07
N ASN A 1095 -70.13 -50.58 -1.60
CA ASN A 1095 -71.09 -49.51 -1.31
C ASN A 1095 -72.20 -49.99 -0.39
N GLY A 1096 -71.97 -51.09 0.34
CA GLY A 1096 -72.90 -51.61 1.32
C GLY A 1096 -73.68 -52.83 0.87
N THR A 1097 -73.79 -53.07 -0.44
CA THR A 1097 -74.56 -54.21 -0.92
C THR A 1097 -73.71 -55.10 -1.82
N HIS A 1098 -72.84 -54.50 -2.64
CA HIS A 1098 -72.11 -55.22 -3.66
C HIS A 1098 -70.63 -54.85 -3.59
N TRP A 1099 -69.79 -55.76 -4.08
CA TRP A 1099 -68.34 -55.60 -4.03
C TRP A 1099 -67.80 -55.42 -5.44
N PHE A 1100 -66.87 -54.49 -5.61
CA PHE A 1100 -66.28 -54.15 -6.89
C PHE A 1100 -64.79 -53.92 -6.72
N VAL A 1101 -64.11 -53.65 -7.82
CA VAL A 1101 -62.71 -53.26 -7.82
C VAL A 1101 -62.56 -52.03 -8.71
N THR A 1102 -61.75 -51.07 -8.28
CA THR A 1102 -61.51 -49.84 -9.01
C THR A 1102 -60.01 -49.64 -9.18
N GLN A 1103 -59.65 -48.54 -9.84
CA GLN A 1103 -58.25 -48.22 -10.06
C GLN A 1103 -57.75 -47.32 -8.93
N ARG A 1104 -56.56 -46.74 -9.10
CA ARG A 1104 -55.97 -45.92 -8.05
C ARG A 1104 -56.60 -44.54 -7.98
N ASN A 1105 -56.49 -43.77 -9.07
CA ASN A 1105 -56.86 -42.36 -9.06
C ASN A 1105 -58.15 -42.10 -9.84
N PHE A 1106 -59.01 -43.11 -9.97
CA PHE A 1106 -60.29 -42.94 -10.63
C PHE A 1106 -61.26 -43.98 -10.09
N TYR A 1107 -62.55 -43.69 -10.24
CA TYR A 1107 -63.61 -44.60 -9.84
C TYR A 1107 -64.18 -45.25 -11.09
N GLU A 1108 -63.93 -46.54 -11.26
CA GLU A 1108 -64.48 -47.32 -12.36
C GLU A 1108 -64.73 -48.73 -11.86
N PRO A 1109 -65.91 -48.97 -11.27
CA PRO A 1109 -66.18 -50.28 -10.67
C PRO A 1109 -66.45 -51.35 -11.73
N GLN A 1110 -65.98 -52.57 -11.44
CA GLN A 1110 -66.27 -53.74 -12.26
C GLN A 1110 -66.54 -54.91 -11.34
N ILE A 1111 -67.08 -55.99 -11.90
CA ILE A 1111 -67.33 -57.18 -11.09
C ILE A 1111 -66.02 -57.91 -10.84
N ILE A 1112 -66.04 -58.79 -9.84
CA ILE A 1112 -64.85 -59.51 -9.41
C ILE A 1112 -64.78 -60.85 -10.14
N THR A 1113 -63.71 -61.06 -10.90
CA THR A 1113 -63.51 -62.27 -11.67
C THR A 1113 -62.10 -62.80 -11.42
N THR A 1114 -61.79 -63.94 -12.05
CA THR A 1114 -60.46 -64.52 -11.96
C THR A 1114 -59.43 -63.73 -12.76
N ASP A 1115 -59.89 -62.94 -13.73
CA ASP A 1115 -58.97 -62.12 -14.53
C ASP A 1115 -58.36 -60.97 -13.73
N ASN A 1116 -58.96 -60.59 -12.61
CA ASN A 1116 -58.44 -59.50 -11.78
C ASN A 1116 -58.04 -59.94 -10.39
N THR A 1117 -58.10 -61.24 -10.08
CA THR A 1117 -57.71 -61.76 -8.79
C THR A 1117 -56.79 -62.97 -8.96
N PHE A 1118 -55.95 -63.20 -7.95
CA PHE A 1118 -55.08 -64.37 -7.94
C PHE A 1118 -55.12 -65.01 -6.57
N VAL A 1119 -54.93 -66.33 -6.53
CA VAL A 1119 -55.11 -67.13 -5.33
C VAL A 1119 -53.76 -67.48 -4.73
N SER A 1120 -53.64 -67.38 -3.40
CA SER A 1120 -52.42 -67.73 -2.69
C SER A 1120 -52.79 -68.08 -1.26
N GLY A 1121 -52.85 -69.37 -0.96
CA GLY A 1121 -53.05 -69.84 0.40
C GLY A 1121 -54.49 -69.75 0.87
N ASN A 1122 -54.71 -70.29 2.06
CA ASN A 1122 -56.02 -70.28 2.68
C ASN A 1122 -56.29 -68.93 3.35
N CYS A 1123 -57.54 -68.73 3.77
CA CYS A 1123 -57.97 -67.49 4.40
C CYS A 1123 -58.15 -67.62 5.91
N ASP A 1124 -57.35 -68.46 6.56
CA ASP A 1124 -57.38 -68.63 8.00
C ASP A 1124 -56.30 -67.84 8.72
N VAL A 1125 -55.40 -67.18 7.97
CA VAL A 1125 -54.26 -66.49 8.55
C VAL A 1125 -54.24 -65.01 8.15
N VAL A 1126 -55.41 -64.43 7.90
CA VAL A 1126 -55.51 -63.04 7.48
C VAL A 1126 -56.64 -62.38 8.26
N ILE A 1127 -56.47 -61.08 8.55
CA ILE A 1127 -57.41 -60.35 9.40
C ILE A 1127 -58.47 -59.68 8.51
N GLY A 1128 -59.74 -59.90 8.85
CA GLY A 1128 -60.82 -59.14 8.26
C GLY A 1128 -61.18 -59.49 6.84
N ILE A 1129 -60.99 -60.75 6.44
CA ILE A 1129 -61.36 -61.16 5.09
C ILE A 1129 -62.87 -61.38 5.04
N VAL A 1130 -63.44 -61.17 3.86
CA VAL A 1130 -64.89 -61.12 3.67
C VAL A 1130 -65.31 -62.24 2.75
N ASN A 1131 -66.30 -63.03 3.17
CA ASN A 1131 -66.87 -64.06 2.32
C ASN A 1131 -67.62 -63.44 1.15
N ASN A 1132 -67.37 -63.97 -0.04
CA ASN A 1132 -68.03 -63.49 -1.25
C ASN A 1132 -67.95 -64.60 -2.31
N THR A 1133 -68.74 -64.42 -3.37
CA THR A 1133 -68.77 -65.37 -4.48
C THR A 1133 -68.04 -64.73 -5.66
N VAL A 1134 -66.78 -65.12 -5.86
CA VAL A 1134 -65.99 -64.59 -6.96
C VAL A 1134 -66.40 -65.31 -8.25
N TYR A 1135 -66.75 -64.52 -9.27
CA TYR A 1135 -67.17 -65.07 -10.53
C TYR A 1135 -65.98 -65.62 -11.33
N ASP A 1136 -66.29 -66.52 -12.26
CA ASP A 1136 -65.30 -67.05 -13.18
C ASP A 1136 -65.60 -66.55 -14.58
N PRO A 1137 -64.69 -65.81 -15.23
CA PRO A 1137 -65.00 -65.24 -16.54
C PRO A 1137 -65.11 -66.26 -17.66
N LEU A 1138 -64.57 -67.46 -17.49
CA LEU A 1138 -64.74 -68.52 -18.48
C LEU A 1138 -65.88 -69.46 -18.14
N GLN A 1139 -66.64 -69.19 -17.07
CA GLN A 1139 -67.72 -70.08 -16.68
C GLN A 1139 -68.93 -70.03 -17.61
N PRO A 1140 -69.61 -68.88 -17.83
CA PRO A 1140 -70.93 -68.95 -18.47
C PRO A 1140 -70.89 -69.24 -19.96
N GLU A 1141 -69.75 -69.02 -20.64
CA GLU A 1141 -69.65 -69.34 -22.06
C GLU A 1141 -69.74 -70.85 -22.30
N LEU A 1142 -69.04 -71.63 -21.47
CA LEU A 1142 -69.19 -73.08 -21.55
C LEU A 1142 -70.46 -73.56 -20.85
N ASP A 1143 -70.96 -72.82 -19.86
CA ASP A 1143 -72.21 -73.20 -19.20
C ASP A 1143 -73.40 -73.07 -20.14
N SER A 1144 -73.35 -72.12 -21.09
CA SER A 1144 -74.37 -72.04 -22.11
C SER A 1144 -74.28 -73.19 -23.10
N PHE A 1145 -73.07 -73.75 -23.29
CA PHE A 1145 -72.92 -74.93 -24.13
C PHE A 1145 -73.25 -76.22 -23.41
N LYS A 1146 -73.30 -76.20 -22.07
CA LYS A 1146 -73.66 -77.38 -21.30
C LYS A 1146 -75.08 -77.86 -21.62
N GLU A 1147 -76.05 -76.93 -21.63
CA GLU A 1147 -77.41 -77.35 -21.95
C GLU A 1147 -77.57 -77.65 -23.44
N GLU A 1148 -76.71 -77.08 -24.29
CA GLU A 1148 -76.72 -77.44 -25.70
C GLU A 1148 -76.23 -78.86 -25.92
N LEU A 1149 -75.21 -79.28 -25.18
CA LEU A 1149 -74.75 -80.67 -25.23
C LEU A 1149 -75.77 -81.61 -24.60
N ASP A 1150 -76.42 -81.18 -23.52
CA ASP A 1150 -77.46 -81.98 -22.90
C ASP A 1150 -78.69 -82.12 -23.79
N LYS A 1151 -78.92 -81.14 -24.67
CA LYS A 1151 -79.98 -81.27 -25.67
C LYS A 1151 -79.69 -82.39 -26.65
N TYR A 1152 -78.43 -82.53 -27.08
CA TYR A 1152 -78.05 -83.65 -27.95
C TYR A 1152 -78.13 -84.98 -27.21
N PHE A 1153 -77.72 -84.98 -25.93
CA PHE A 1153 -77.82 -86.20 -25.10
C PHE A 1153 -79.26 -86.63 -24.91
N LYS A 1154 -80.19 -85.69 -24.73
CA LYS A 1154 -81.60 -86.03 -24.62
C LYS A 1154 -82.17 -86.45 -25.97
N ASN A 1155 -81.74 -85.80 -27.06
CA ASN A 1155 -82.26 -86.09 -28.38
C ASN A 1155 -81.77 -87.42 -28.94
N HIS A 1156 -80.65 -87.94 -28.47
CA HIS A 1156 -80.13 -89.20 -28.99
C HIS A 1156 -80.38 -90.40 -28.10
N THR A 1157 -80.17 -90.29 -26.79
CA THR A 1157 -80.24 -91.45 -25.91
C THR A 1157 -81.67 -91.91 -25.67
N SER A 1158 -82.58 -90.99 -25.39
CA SER A 1158 -83.98 -91.32 -25.06
C SER A 1158 -84.77 -91.97 -26.21
N PRO A 1159 -84.72 -91.49 -27.48
CA PRO A 1159 -85.52 -92.28 -28.41
C PRO A 1159 -84.73 -93.45 -29.01
N GLN B 14 47.58 16.72 -36.42
CA GLN B 14 47.34 17.01 -37.83
C GLN B 14 45.87 16.82 -38.18
N CYS B 15 45.33 17.75 -38.96
CA CYS B 15 43.94 17.68 -39.44
C CYS B 15 43.84 18.43 -40.75
N VAL B 16 43.17 17.82 -41.73
CA VAL B 16 43.12 18.35 -43.09
C VAL B 16 41.77 19.04 -43.27
N ASN B 17 41.81 20.33 -43.60
CA ASN B 17 40.59 21.12 -43.81
C ASN B 17 40.37 21.33 -45.31
N LEU B 18 39.71 20.34 -45.92
CA LEU B 18 39.40 20.44 -47.35
C LEU B 18 38.22 21.38 -47.60
N THR B 19 37.28 21.43 -46.65
CA THR B 19 36.13 22.35 -46.61
C THR B 19 35.24 22.26 -47.86
N THR B 20 35.16 21.07 -48.45
CA THR B 20 34.23 20.82 -49.55
C THR B 20 33.92 19.33 -49.60
N ARG B 21 32.67 18.99 -49.90
CA ARG B 21 32.25 17.61 -50.05
C ARG B 21 30.93 17.54 -50.80
N THR B 22 30.81 16.57 -51.71
CA THR B 22 29.55 16.26 -52.38
C THR B 22 28.94 15.02 -51.72
N GLN B 23 27.66 15.10 -51.40
CA GLN B 23 26.97 14.06 -50.65
C GLN B 23 26.04 13.27 -51.57
N LEU B 24 26.08 11.94 -51.44
CA LEU B 24 25.24 10.97 -52.16
C LEU B 24 24.01 10.65 -51.32
N PRO B 25 22.86 10.42 -51.97
CA PRO B 25 21.65 10.01 -51.23
C PRO B 25 21.81 8.63 -50.63
N PRO B 26 21.25 8.38 -49.46
CA PRO B 26 21.40 7.09 -48.79
C PRO B 26 20.40 6.06 -49.33
N ALA B 27 20.40 4.90 -48.69
CA ALA B 27 19.42 3.85 -48.96
C ALA B 27 18.79 3.40 -47.64
N TYR B 28 17.88 2.43 -47.74
CA TYR B 28 17.22 1.87 -46.56
C TYR B 28 17.31 0.35 -46.63
N THR B 29 17.74 -0.26 -45.53
CA THR B 29 17.91 -1.71 -45.46
C THR B 29 17.01 -2.28 -44.37
N ASN B 30 16.22 -3.28 -44.72
CA ASN B 30 15.30 -3.91 -43.78
C ASN B 30 16.08 -4.89 -42.91
N SER B 31 16.53 -4.40 -41.76
CA SER B 31 17.14 -5.28 -40.76
C SER B 31 16.08 -6.17 -40.13
N PHE B 32 16.37 -7.47 -40.06
CA PHE B 32 15.38 -8.48 -39.74
C PHE B 32 15.37 -8.88 -38.26
N THR B 33 16.49 -9.40 -37.76
CA THR B 33 16.48 -10.12 -36.49
C THR B 33 17.53 -9.59 -35.52
N ARG B 34 18.60 -8.99 -36.05
CA ARG B 34 19.70 -8.50 -35.23
C ARG B 34 19.25 -7.31 -34.38
N GLY B 35 19.87 -7.19 -33.20
CA GLY B 35 19.58 -6.08 -32.30
C GLY B 35 19.29 -6.50 -30.88
N VAL B 36 19.61 -7.74 -30.53
CA VAL B 36 19.36 -8.26 -29.18
C VAL B 36 20.67 -8.28 -28.41
N TYR B 37 20.57 -8.04 -27.09
CA TYR B 37 21.73 -8.05 -26.23
C TYR B 37 21.32 -8.49 -24.84
N TYR B 38 22.31 -8.92 -24.06
CA TYR B 38 22.04 -9.47 -22.73
C TYR B 38 21.65 -8.35 -21.77
N PRO B 39 20.67 -8.58 -20.88
CA PRO B 39 20.29 -7.54 -19.91
C PRO B 39 21.35 -7.27 -18.86
N ASP B 40 21.83 -8.31 -18.19
CA ASP B 40 22.88 -8.17 -17.18
C ASP B 40 23.60 -9.52 -17.03
N LYS B 41 24.48 -9.61 -16.04
CA LYS B 41 25.22 -10.84 -15.76
C LYS B 41 24.50 -11.75 -14.77
N VAL B 42 23.23 -12.05 -15.05
CA VAL B 42 22.42 -12.91 -14.19
C VAL B 42 21.88 -14.06 -15.06
N PHE B 43 22.21 -15.28 -14.67
CA PHE B 43 21.83 -16.48 -15.42
C PHE B 43 20.45 -16.96 -14.99
N ARG B 44 19.62 -17.31 -15.96
CA ARG B 44 18.31 -17.90 -15.73
C ARG B 44 18.18 -19.15 -16.57
N SER B 45 17.62 -20.22 -16.00
CA SER B 45 17.58 -21.53 -16.63
C SER B 45 16.16 -21.82 -17.09
N SER B 46 15.96 -21.79 -18.42
CA SER B 46 14.72 -22.19 -19.09
C SER B 46 13.50 -21.39 -18.61
N VAL B 47 13.67 -20.08 -18.46
CA VAL B 47 12.60 -19.20 -17.99
C VAL B 47 12.34 -18.17 -19.07
N LEU B 48 11.08 -18.06 -19.50
CA LEU B 48 10.67 -17.09 -20.50
C LEU B 48 10.44 -15.75 -19.82
N HIS B 49 11.28 -14.75 -20.13
CA HIS B 49 11.21 -13.44 -19.50
C HIS B 49 10.64 -12.41 -20.46
N SER B 50 9.79 -11.53 -19.94
CA SER B 50 9.27 -10.38 -20.68
C SER B 50 9.94 -9.14 -20.11
N THR B 51 10.95 -8.63 -20.82
CA THR B 51 11.74 -7.51 -20.36
C THR B 51 11.50 -6.29 -21.24
N GLN B 52 11.35 -5.13 -20.61
CA GLN B 52 11.15 -3.86 -21.30
C GLN B 52 12.45 -3.07 -21.24
N ASP B 53 12.99 -2.71 -22.40
CA ASP B 53 14.26 -2.00 -22.45
C ASP B 53 14.36 -1.26 -23.77
N LEU B 54 15.37 -0.40 -23.86
CA LEU B 54 15.66 0.41 -25.05
C LEU B 54 16.27 -0.51 -26.11
N PHE B 55 15.45 -1.01 -27.02
CA PHE B 55 15.87 -2.01 -27.99
C PHE B 55 15.85 -1.45 -29.40
N LEU B 56 16.36 -2.25 -30.34
CA LEU B 56 16.22 -2.02 -31.77
C LEU B 56 14.99 -2.76 -32.27
N PRO B 57 14.08 -2.10 -32.99
CA PRO B 57 12.88 -2.79 -33.47
C PRO B 57 13.19 -3.84 -34.52
N PHE B 58 12.37 -4.89 -34.52
CA PHE B 58 12.50 -5.95 -35.51
C PHE B 58 11.92 -5.49 -36.84
N PHE B 59 12.59 -5.88 -37.92
CA PHE B 59 12.25 -5.52 -39.31
C PHE B 59 12.15 -4.00 -39.48
N SER B 60 13.29 -3.34 -39.28
CA SER B 60 13.36 -1.88 -39.29
C SER B 60 14.31 -1.41 -40.37
N ASN B 61 14.00 -0.25 -40.96
CA ASN B 61 14.88 0.35 -41.94
C ASN B 61 16.06 1.01 -41.25
N VAL B 62 17.24 0.44 -41.41
CA VAL B 62 18.48 1.12 -41.06
C VAL B 62 18.93 1.93 -42.27
N THR B 63 19.37 3.16 -42.02
CA THR B 63 19.78 4.05 -43.10
C THR B 63 21.18 3.66 -43.56
N TRP B 64 21.29 3.29 -44.82
CA TRP B 64 22.54 2.82 -45.42
C TRP B 64 23.27 4.01 -46.02
N PHE B 65 24.35 4.43 -45.37
CA PHE B 65 25.30 5.36 -45.94
C PHE B 65 26.38 4.55 -46.66
N HIS B 66 26.45 4.72 -47.97
CA HIS B 66 27.48 4.09 -48.80
C HIS B 66 28.49 5.14 -49.18
N VAL B 67 29.74 4.93 -48.77
CA VAL B 67 30.83 5.87 -48.97
C VAL B 67 31.89 5.19 -49.83
N ILE B 68 32.20 5.79 -50.98
CA ILE B 68 33.21 5.24 -51.89
C ILE B 68 34.41 6.18 -51.96
N LYS B 75 36.78 8.49 -53.20
CA LYS B 75 36.34 9.77 -53.74
C LYS B 75 35.20 10.35 -52.91
N ARG B 76 34.88 9.67 -51.81
CA ARG B 76 33.84 10.12 -50.89
C ARG B 76 34.38 10.09 -49.47
N PHE B 77 34.13 11.16 -48.73
CA PHE B 77 34.56 11.28 -47.33
C PHE B 77 33.39 11.82 -46.53
N ASP B 78 32.54 10.92 -46.03
CA ASP B 78 31.36 11.32 -45.28
C ASP B 78 31.49 10.82 -43.85
N ASN B 79 31.70 11.74 -42.92
CA ASN B 79 31.64 11.47 -41.48
C ASN B 79 30.71 12.49 -40.83
N PRO B 80 29.40 12.35 -41.02
CA PRO B 80 28.45 13.38 -40.59
C PRO B 80 28.22 13.33 -39.09
N VAL B 81 27.47 14.30 -38.60
CA VAL B 81 26.97 14.23 -37.23
C VAL B 81 25.85 13.20 -37.17
N LEU B 82 25.93 12.32 -36.18
CA LEU B 82 24.93 11.26 -36.16
C LEU B 82 23.83 11.59 -35.15
N PRO B 83 22.57 11.23 -35.44
CA PRO B 83 21.47 11.63 -34.55
C PRO B 83 21.44 10.86 -33.24
N PHE B 84 22.27 11.28 -32.30
CA PHE B 84 22.35 10.62 -30.99
C PHE B 84 21.19 11.07 -30.12
N ASN B 85 20.37 10.11 -29.69
CA ASN B 85 19.25 10.36 -28.79
C ASN B 85 19.34 9.42 -27.58
N ASP B 86 20.53 9.39 -26.98
CA ASP B 86 20.89 8.55 -25.83
C ASP B 86 20.70 7.07 -26.17
N GLY B 87 21.51 6.61 -27.12
CA GLY B 87 21.48 5.22 -27.53
C GLY B 87 21.12 5.02 -28.99
N VAL B 88 22.12 4.65 -29.82
CA VAL B 88 21.91 4.44 -31.25
C VAL B 88 22.64 3.16 -31.67
N TYR B 89 22.44 2.80 -32.95
CA TYR B 89 22.92 1.56 -33.53
C TYR B 89 23.78 1.88 -34.75
N PHE B 90 24.95 1.25 -34.84
CA PHE B 90 25.90 1.53 -35.92
C PHE B 90 26.47 0.21 -36.42
N ALA B 91 26.01 -0.25 -37.58
CA ALA B 91 26.49 -1.51 -38.16
C ALA B 91 27.29 -1.19 -39.41
N SER B 92 28.61 -1.33 -39.33
CA SER B 92 29.49 -1.00 -40.45
C SER B 92 30.11 -2.28 -41.00
N ILE B 93 29.95 -2.50 -42.30
CA ILE B 93 30.55 -3.66 -42.97
C ILE B 93 31.94 -3.22 -43.41
N GLU B 94 32.94 -3.57 -42.59
CA GLU B 94 34.29 -3.06 -42.76
C GLU B 94 35.29 -4.20 -42.82
N LYS B 95 36.39 -3.96 -43.52
CA LYS B 95 37.44 -4.96 -43.70
C LYS B 95 38.84 -4.42 -43.46
N SER B 96 39.06 -3.11 -43.59
CA SER B 96 40.38 -2.52 -43.40
C SER B 96 40.50 -1.74 -42.09
N ASN B 97 39.61 -2.01 -41.12
CA ASN B 97 39.56 -1.33 -39.81
C ASN B 97 39.44 0.18 -39.97
N ILE B 98 38.41 0.60 -40.70
CA ILE B 98 38.21 2.02 -40.98
C ILE B 98 37.76 2.77 -39.73
N ILE B 99 36.89 2.16 -38.93
CA ILE B 99 36.40 2.78 -37.69
C ILE B 99 37.55 2.90 -36.69
N ARG B 100 37.93 4.13 -36.36
CA ARG B 100 39.06 4.39 -35.48
C ARG B 100 38.62 4.85 -34.10
N GLY B 101 37.82 5.90 -34.03
CA GLY B 101 37.39 6.45 -32.76
C GLY B 101 36.02 7.08 -32.89
N TRP B 102 35.65 7.86 -31.88
CA TRP B 102 34.33 8.50 -31.86
C TRP B 102 34.47 9.89 -31.26
N ILE B 103 34.18 10.92 -32.06
CA ILE B 103 34.13 12.28 -31.57
C ILE B 103 32.92 12.43 -30.67
N PHE B 104 33.12 13.03 -29.49
CA PHE B 104 32.02 13.20 -28.54
C PHE B 104 31.88 14.65 -28.11
N GLY B 105 31.06 14.90 -27.10
CA GLY B 105 30.83 16.25 -26.59
C GLY B 105 29.62 16.91 -27.22
N THR B 106 29.45 18.19 -26.90
CA THR B 106 28.31 18.94 -27.41
C THR B 106 28.69 20.34 -27.88
N THR B 107 29.84 20.88 -27.49
CA THR B 107 30.08 22.31 -27.62
C THR B 107 31.15 22.65 -28.66
N LEU B 108 32.01 21.69 -28.99
CA LEU B 108 33.01 21.76 -30.06
C LEU B 108 34.06 22.86 -29.85
N ASP B 109 34.25 23.34 -28.62
CA ASP B 109 35.26 24.38 -28.39
C ASP B 109 36.03 24.16 -27.09
N SER B 110 36.21 22.89 -26.70
CA SER B 110 37.00 22.47 -25.52
C SER B 110 36.48 23.09 -24.22
N LYS B 111 35.16 23.24 -24.12
CA LYS B 111 34.53 23.83 -22.94
C LYS B 111 33.87 22.80 -22.04
N THR B 112 33.58 21.61 -22.54
CA THR B 112 32.90 20.57 -21.78
C THR B 112 33.66 19.26 -21.92
N GLN B 113 33.33 18.31 -21.05
CA GLN B 113 33.97 16.99 -21.07
C GLN B 113 33.53 16.18 -22.28
N SER B 114 34.44 15.36 -22.78
CA SER B 114 34.20 14.53 -23.94
C SER B 114 35.08 13.29 -23.84
N LEU B 115 34.69 12.25 -24.57
CA LEU B 115 35.44 11.01 -24.64
C LEU B 115 36.13 10.92 -26.00
N LEU B 116 37.34 10.37 -25.99
CA LEU B 116 38.09 10.09 -27.22
C LEU B 116 38.81 8.77 -27.04
N ILE B 117 38.35 7.75 -27.76
CA ILE B 117 39.00 6.45 -27.80
C ILE B 117 39.84 6.37 -29.07
N VAL B 118 41.12 6.00 -28.95
CA VAL B 118 41.92 5.65 -30.12
C VAL B 118 42.58 4.29 -29.86
N ASN B 119 42.37 3.37 -30.81
CA ASN B 119 43.11 2.12 -30.89
C ASN B 119 44.18 2.21 -31.98
N ASN B 120 45.13 3.12 -31.78
CA ASN B 120 46.19 3.32 -32.77
C ASN B 120 47.20 2.19 -32.78
N ALA B 121 47.32 1.46 -31.68
CA ALA B 121 48.23 0.33 -31.56
C ALA B 121 47.61 -0.66 -30.59
N THR B 122 48.44 -1.56 -30.04
CA THR B 122 47.98 -2.44 -28.97
C THR B 122 47.71 -1.69 -27.68
N ASN B 123 48.26 -0.48 -27.52
CA ASN B 123 47.95 0.39 -26.38
C ASN B 123 46.76 1.25 -26.77
N VAL B 124 45.56 0.72 -26.53
CA VAL B 124 44.33 1.47 -26.79
C VAL B 124 44.09 2.43 -25.63
N VAL B 125 43.87 3.70 -25.92
CA VAL B 125 43.72 4.68 -24.86
C VAL B 125 42.40 5.44 -25.02
N ILE B 126 41.67 5.56 -23.92
CA ILE B 126 40.44 6.32 -23.82
C ILE B 126 40.71 7.51 -22.93
N LYS B 127 40.50 8.72 -23.45
CA LYS B 127 40.75 9.95 -22.73
C LYS B 127 39.44 10.71 -22.57
N VAL B 128 39.09 11.05 -21.34
CA VAL B 128 37.91 11.86 -21.05
C VAL B 128 38.42 13.20 -20.56
N CYS B 129 38.23 14.24 -21.37
CA CYS B 129 38.82 15.56 -21.16
C CYS B 129 38.10 16.56 -22.06
N GLU B 130 38.56 17.80 -22.02
CA GLU B 130 38.05 18.82 -22.94
C GLU B 130 38.81 18.73 -24.26
N PHE B 131 38.08 18.74 -25.36
CA PHE B 131 38.67 18.56 -26.68
C PHE B 131 38.13 19.61 -27.65
N GLN B 132 39.03 20.26 -28.37
CA GLN B 132 38.69 21.20 -29.44
C GLN B 132 39.04 20.53 -30.77
N PHE B 133 38.06 19.84 -31.34
CA PHE B 133 38.27 19.08 -32.57
C PHE B 133 38.48 20.00 -33.76
N CYS B 134 39.18 19.50 -34.77
CA CYS B 134 39.35 20.23 -36.01
C CYS B 134 38.10 20.14 -36.88
N ASN B 135 38.21 20.65 -38.11
CA ASN B 135 37.11 20.58 -39.06
C ASN B 135 36.84 19.14 -39.48
N ASP B 136 37.87 18.43 -39.93
CA ASP B 136 37.73 17.05 -40.41
C ASP B 136 39.08 16.34 -40.34
N PRO B 137 39.42 15.76 -39.18
CA PRO B 137 40.68 14.98 -39.08
C PRO B 137 40.53 13.55 -39.60
N PHE B 138 40.67 13.38 -40.92
CA PHE B 138 40.65 12.05 -41.52
C PHE B 138 41.94 11.32 -41.17
N LEU B 139 41.80 10.10 -40.65
CA LEU B 139 42.96 9.29 -40.29
C LEU B 139 43.61 8.69 -41.54
N ASP B 140 42.85 8.58 -42.63
CA ASP B 140 43.16 7.60 -43.67
C ASP B 140 44.31 8.02 -44.58
N HIS B 141 44.39 9.31 -44.91
CA HIS B 141 45.12 9.82 -46.09
C HIS B 141 46.62 9.49 -46.16
N LYS B 142 47.16 9.61 -47.39
CA LYS B 142 48.54 9.43 -47.86
C LYS B 142 48.91 7.95 -47.93
N ASN B 143 50.07 7.66 -48.55
CA ASN B 143 50.58 6.32 -48.81
C ASN B 143 49.66 5.48 -49.70
N ASN B 144 49.06 6.15 -50.70
CA ASN B 144 48.34 5.54 -51.84
C ASN B 144 47.16 4.74 -51.34
N LYS B 145 47.17 3.41 -51.41
CA LYS B 145 46.09 2.57 -50.93
C LYS B 145 46.32 2.08 -49.50
N SER B 146 47.55 2.12 -49.01
CA SER B 146 47.87 1.70 -47.66
C SER B 146 47.40 2.76 -46.68
N TRP B 147 46.54 2.36 -45.75
CA TRP B 147 46.00 3.29 -44.77
C TRP B 147 47.05 3.67 -43.73
N MET B 148 46.96 4.91 -43.25
CA MET B 148 47.97 5.52 -42.41
C MET B 148 47.43 5.75 -41.00
N GLU B 149 48.34 5.67 -40.02
CA GLU B 149 48.00 5.89 -38.63
C GLU B 149 48.15 7.34 -38.19
N SER B 150 48.52 8.24 -39.10
CA SER B 150 48.67 9.65 -38.77
C SER B 150 47.30 10.33 -38.65
N GLU B 151 47.35 11.61 -38.26
CA GLU B 151 46.23 12.50 -37.94
C GLU B 151 45.43 11.99 -36.75
N PHE B 152 46.04 11.26 -35.82
CA PHE B 152 45.31 10.76 -34.66
C PHE B 152 45.03 11.86 -33.65
N ARG B 153 45.86 12.91 -33.65
CA ARG B 153 45.67 14.04 -32.75
C ARG B 153 44.52 14.91 -33.26
N VAL B 154 43.30 14.48 -32.92
CA VAL B 154 42.10 15.14 -33.42
C VAL B 154 41.92 16.50 -32.74
N TYR B 155 42.05 16.55 -31.43
CA TYR B 155 41.80 17.79 -30.70
C TYR B 155 42.98 18.73 -30.80
N SER B 156 42.79 19.94 -30.30
CA SER B 156 43.82 20.98 -30.32
C SER B 156 44.11 21.55 -28.94
N SER B 157 43.10 21.75 -28.10
CA SER B 157 43.27 22.37 -26.80
C SER B 157 42.47 21.61 -25.75
N ALA B 158 42.91 21.74 -24.49
CA ALA B 158 42.24 21.11 -23.36
C ALA B 158 42.26 22.07 -22.18
N ASN B 159 41.21 22.01 -21.36
CA ASN B 159 41.09 22.89 -20.20
C ASN B 159 41.59 22.22 -18.92
N ASN B 160 40.98 21.10 -18.53
CA ASN B 160 41.37 20.40 -17.30
C ASN B 160 41.01 18.92 -17.50
N CYS B 161 42.00 18.12 -17.85
CA CYS B 161 41.76 16.73 -18.19
C CYS B 161 41.41 15.91 -16.96
N THR B 162 40.52 14.94 -17.14
CA THR B 162 39.92 14.22 -16.02
C THR B 162 40.30 12.75 -15.98
N PHE B 163 40.03 11.98 -17.03
CA PHE B 163 40.09 10.53 -16.92
C PHE B 163 40.94 9.91 -18.02
N GLU B 164 41.74 8.92 -17.62
CA GLU B 164 42.55 8.11 -18.53
C GLU B 164 42.16 6.64 -18.37
N TYR B 165 42.19 5.89 -19.47
CA TYR B 165 41.95 4.47 -19.39
C TYR B 165 42.76 3.77 -20.49
N VAL B 166 43.32 2.61 -20.13
CA VAL B 166 44.17 1.82 -21.02
C VAL B 166 43.53 0.46 -21.23
N SER B 167 43.35 0.08 -22.50
CA SER B 167 42.70 -1.19 -22.83
C SER B 167 43.44 -1.85 -24.00
N GLN B 168 43.28 -3.18 -24.05
CA GLN B 168 43.77 -4.05 -25.11
C GLN B 168 42.88 -3.92 -26.35
N PRO B 169 43.41 -4.19 -27.56
CA PRO B 169 42.59 -4.06 -28.77
C PRO B 169 41.80 -5.30 -29.11
N PHE B 170 40.99 -5.18 -30.15
CA PHE B 170 40.31 -6.31 -30.78
C PHE B 170 41.21 -6.86 -31.88
N LEU B 171 40.65 -7.69 -32.76
CA LEU B 171 41.40 -8.20 -33.89
C LEU B 171 41.67 -7.08 -34.90
N MET B 172 42.94 -6.87 -35.22
CA MET B 172 43.34 -5.83 -36.15
C MET B 172 43.09 -6.27 -37.59
N ASP B 173 43.44 -5.39 -38.52
CA ASP B 173 43.30 -5.66 -39.95
C ASP B 173 44.62 -5.31 -40.63
N LEU B 174 44.97 -6.13 -41.63
CA LEU B 174 46.31 -6.09 -42.23
C LEU B 174 46.37 -5.04 -43.34
N GLU B 175 46.27 -3.77 -42.93
CA GLU B 175 46.46 -2.57 -43.75
C GLU B 175 45.47 -2.58 -44.91
N GLY B 176 45.90 -2.76 -46.16
CA GLY B 176 44.97 -2.81 -47.28
C GLY B 176 44.24 -4.13 -47.32
N LYS B 177 42.91 -4.08 -47.25
CA LYS B 177 42.08 -5.28 -47.27
C LYS B 177 40.74 -4.92 -47.89
N GLN B 178 40.58 -5.23 -49.17
CA GLN B 178 39.36 -4.93 -49.91
C GLN B 178 38.82 -6.21 -50.55
N GLY B 179 37.51 -6.37 -50.48
CA GLY B 179 36.88 -7.56 -51.05
C GLY B 179 36.72 -8.67 -50.03
N ASN B 180 35.75 -9.56 -50.31
CA ASN B 180 35.35 -10.68 -49.45
C ASN B 180 34.97 -10.20 -48.05
N PHE B 181 33.95 -9.35 -48.00
CA PHE B 181 33.55 -8.66 -46.78
C PHE B 181 32.86 -9.64 -45.84
N LYS B 182 33.68 -10.36 -45.07
CA LYS B 182 33.18 -11.33 -44.12
C LYS B 182 32.84 -10.72 -42.76
N ASN B 183 33.36 -9.54 -42.46
CA ASN B 183 33.27 -8.95 -41.13
C ASN B 183 32.22 -7.85 -41.10
N LEU B 184 31.50 -7.76 -39.97
CA LEU B 184 30.59 -6.66 -39.70
C LEU B 184 30.78 -6.22 -38.26
N ARG B 185 31.02 -4.93 -38.06
CA ARG B 185 31.24 -4.36 -36.73
C ARG B 185 29.98 -3.62 -36.31
N GLU B 186 29.39 -4.05 -35.19
CA GLU B 186 28.18 -3.45 -34.65
C GLU B 186 28.54 -2.75 -33.34
N PHE B 187 28.40 -1.43 -33.33
CA PHE B 187 28.60 -0.60 -32.15
C PHE B 187 27.24 -0.04 -31.74
N VAL B 188 26.80 -0.37 -30.54
CA VAL B 188 25.56 0.18 -29.99
C VAL B 188 25.94 1.08 -28.82
N PHE B 189 25.48 2.33 -28.88
CA PHE B 189 25.82 3.31 -27.87
C PHE B 189 24.63 3.50 -26.95
N LYS B 190 24.88 3.46 -25.64
CA LYS B 190 23.83 3.74 -24.67
C LYS B 190 24.45 4.47 -23.49
N ASN B 191 23.58 4.98 -22.60
CA ASN B 191 24.04 5.57 -21.35
C ASN B 191 22.94 5.51 -20.30
N ILE B 192 23.28 5.03 -19.11
CA ILE B 192 22.38 5.06 -17.96
C ILE B 192 23.09 5.75 -16.79
N ASP B 193 22.42 6.77 -16.22
CA ASP B 193 22.93 7.59 -15.11
C ASP B 193 24.27 8.25 -15.42
N GLY B 194 24.51 8.60 -16.67
CA GLY B 194 25.79 9.15 -17.11
C GLY B 194 26.83 8.11 -17.46
N TYR B 195 26.62 6.86 -17.09
CA TYR B 195 27.52 5.77 -17.42
C TYR B 195 27.28 5.36 -18.86
N PHE B 196 28.29 5.57 -19.71
CA PHE B 196 28.18 5.27 -21.13
C PHE B 196 28.55 3.82 -21.37
N LYS B 197 27.70 3.10 -22.08
CA LYS B 197 27.89 1.70 -22.43
C LYS B 197 28.15 1.57 -23.92
N ILE B 198 29.27 0.92 -24.25
CA ILE B 198 29.64 0.55 -25.61
C ILE B 198 29.33 -0.92 -25.79
N TYR B 199 28.56 -1.26 -26.82
CA TYR B 199 28.17 -2.63 -27.09
C TYR B 199 28.79 -3.03 -28.42
N SER B 200 29.83 -3.86 -28.38
CA SER B 200 30.62 -4.20 -29.56
C SER B 200 30.34 -5.64 -29.98
N LYS B 201 30.11 -5.84 -31.28
CA LYS B 201 29.88 -7.18 -31.82
C LYS B 201 30.56 -7.28 -33.17
N HIS B 202 31.55 -8.16 -33.28
CA HIS B 202 32.27 -8.38 -34.53
C HIS B 202 31.81 -9.73 -35.09
N THR B 203 31.15 -9.71 -36.25
CA THR B 203 30.66 -10.93 -36.87
C THR B 203 31.54 -11.29 -38.06
N PRO B 204 32.32 -12.38 -37.97
CA PRO B 204 33.11 -12.82 -39.12
C PRO B 204 32.35 -13.78 -40.02
N ILE B 205 33.07 -14.34 -41.01
CA ILE B 205 32.69 -15.38 -41.98
C ILE B 205 31.29 -15.20 -42.60
N ILE B 206 30.87 -13.96 -42.79
CA ILE B 206 29.66 -13.67 -43.56
C ILE B 206 30.05 -13.65 -45.03
N VAL B 207 29.95 -14.81 -45.68
CA VAL B 207 30.44 -14.97 -47.05
C VAL B 207 29.30 -14.52 -47.97
N ARG B 208 29.27 -13.22 -48.25
CA ARG B 208 28.26 -12.60 -49.09
C ARG B 208 28.78 -11.22 -49.51
N GLU B 209 28.19 -10.69 -50.58
CA GLU B 209 28.41 -9.29 -50.92
C GLU B 209 27.74 -8.40 -49.85
N PRO B 210 28.29 -7.18 -49.60
CA PRO B 210 27.77 -6.36 -48.49
C PRO B 210 26.30 -5.94 -48.62
N GLU B 211 25.96 -5.15 -49.66
CA GLU B 211 24.62 -4.72 -50.07
C GLU B 211 23.66 -4.40 -48.93
N ASP B 212 22.73 -5.32 -48.67
CA ASP B 212 21.81 -5.27 -47.54
C ASP B 212 22.15 -6.36 -46.53
N LEU B 213 21.56 -6.26 -45.34
CA LEU B 213 21.86 -7.19 -44.27
C LEU B 213 21.28 -8.57 -44.56
N PRO B 214 21.96 -9.64 -44.14
CA PRO B 214 21.38 -10.98 -44.26
C PRO B 214 20.54 -11.34 -43.03
N GLN B 215 20.02 -12.56 -42.99
CA GLN B 215 19.21 -13.02 -41.88
C GLN B 215 20.09 -13.80 -40.89
N GLY B 216 20.01 -13.42 -39.62
CA GLY B 216 20.78 -14.11 -38.59
C GLY B 216 20.52 -13.49 -37.24
N PHE B 217 20.93 -14.22 -36.21
CA PHE B 217 20.78 -13.78 -34.83
C PHE B 217 22.02 -14.18 -34.05
N SER B 218 22.30 -13.41 -32.98
CA SER B 218 23.43 -13.72 -32.10
C SER B 218 23.17 -13.09 -30.74
N ALA B 219 23.76 -13.69 -29.72
CA ALA B 219 23.68 -13.16 -28.36
C ALA B 219 24.85 -12.21 -28.11
N LEU B 220 24.53 -11.03 -27.58
CA LEU B 220 25.51 -9.97 -27.39
C LEU B 220 25.73 -9.76 -25.90
N GLU B 221 27.00 -9.66 -25.50
CA GLU B 221 27.40 -9.55 -24.11
C GLU B 221 27.85 -8.12 -23.79
N PRO B 222 27.66 -7.66 -22.55
CA PRO B 222 28.18 -6.33 -22.18
C PRO B 222 29.66 -6.41 -21.84
N LEU B 223 30.45 -5.52 -22.44
CA LEU B 223 31.88 -5.52 -22.23
C LEU B 223 32.33 -4.45 -21.23
N VAL B 224 32.04 -3.19 -21.52
CA VAL B 224 32.56 -2.07 -20.73
C VAL B 224 31.42 -1.12 -20.37
N ASP B 225 31.67 -0.31 -19.34
CA ASP B 225 30.75 0.74 -18.92
C ASP B 225 31.58 1.81 -18.23
N LEU B 226 31.70 2.99 -18.85
CA LEU B 226 32.60 3.99 -18.32
C LEU B 226 31.84 5.25 -17.93
N PRO B 227 32.18 5.88 -16.80
CA PRO B 227 31.48 7.09 -16.40
C PRO B 227 31.85 8.28 -17.27
N ILE B 228 30.88 9.18 -17.46
CA ILE B 228 31.07 10.40 -18.23
C ILE B 228 30.72 11.60 -17.38
N GLY B 229 29.48 11.64 -16.90
CA GLY B 229 29.00 12.77 -16.13
C GLY B 229 28.36 13.87 -16.96
N ILE B 230 28.44 13.79 -18.29
CA ILE B 230 27.87 14.79 -19.18
C ILE B 230 26.95 14.09 -20.17
N ASN B 231 25.70 14.53 -20.25
CA ASN B 231 24.75 14.04 -21.23
C ASN B 231 25.13 14.46 -22.65
N ILE B 232 25.40 13.46 -23.49
CA ILE B 232 25.92 13.69 -24.83
C ILE B 232 24.77 13.89 -25.80
N THR B 233 24.87 14.95 -26.61
CA THR B 233 23.85 15.28 -27.60
C THR B 233 24.24 14.83 -29.01
N ARG B 234 25.47 15.10 -29.41
CA ARG B 234 25.97 14.78 -30.74
C ARG B 234 27.20 13.90 -30.64
N PHE B 235 27.39 13.03 -31.64
CA PHE B 235 28.65 12.32 -31.77
C PHE B 235 28.92 12.06 -33.24
N GLN B 236 30.21 12.03 -33.60
CA GLN B 236 30.65 11.94 -34.98
C GLN B 236 31.56 10.74 -35.16
N THR B 237 31.71 10.30 -36.41
CA THR B 237 32.46 9.10 -36.74
C THR B 237 33.89 9.45 -37.13
N LEU B 238 34.85 8.73 -36.56
CA LEU B 238 36.26 8.83 -36.95
C LEU B 238 36.62 7.66 -37.85
N LEU B 239 36.98 7.97 -39.09
CA LEU B 239 37.24 6.96 -40.10
C LEU B 239 38.72 6.91 -40.45
N ALA B 240 39.20 5.70 -40.72
CA ALA B 240 40.58 5.48 -41.12
C ALA B 240 40.61 4.69 -42.43
N SER B 251 48.53 13.55 -51.99
CA SER B 251 48.06 14.84 -51.51
C SER B 251 47.54 14.74 -50.07
N SER B 252 47.18 15.89 -49.50
CA SER B 252 46.61 15.89 -48.16
C SER B 252 45.20 15.33 -48.15
N SER B 253 44.47 15.49 -49.26
CA SER B 253 43.12 14.93 -49.38
C SER B 253 43.00 14.27 -50.74
N GLY B 254 42.14 13.25 -50.82
CA GLY B 254 41.95 12.51 -52.04
C GLY B 254 42.28 11.04 -51.91
N TRP B 255 41.28 10.19 -52.11
CA TRP B 255 41.43 8.74 -51.94
C TRP B 255 40.35 8.03 -52.74
N THR B 256 40.77 7.03 -53.52
CA THR B 256 39.84 6.18 -54.27
C THR B 256 39.48 4.99 -53.38
N ALA B 257 38.52 5.23 -52.48
CA ALA B 257 38.14 4.24 -51.49
C ALA B 257 37.28 3.15 -52.12
N GLY B 258 37.13 2.05 -51.38
CA GLY B 258 36.33 0.93 -51.80
C GLY B 258 34.88 1.09 -51.42
N ALA B 259 34.17 -0.04 -51.36
CA ALA B 259 32.75 -0.05 -51.05
C ALA B 259 32.56 0.05 -49.54
N ALA B 260 32.74 1.27 -49.02
CA ALA B 260 32.49 1.53 -47.62
C ALA B 260 30.99 1.55 -47.37
N ALA B 261 30.55 0.84 -46.33
CA ALA B 261 29.13 0.66 -46.06
C ALA B 261 28.88 0.73 -44.57
N TYR B 262 28.02 1.65 -44.13
CA TYR B 262 27.63 1.65 -42.73
C TYR B 262 26.18 2.07 -42.58
N TYR B 263 25.50 1.41 -41.65
CA TYR B 263 24.06 1.55 -41.44
C TYR B 263 23.85 2.17 -40.07
N VAL B 264 23.06 3.24 -40.02
CA VAL B 264 22.73 3.91 -38.77
C VAL B 264 21.27 3.59 -38.43
N GLY B 265 21.00 3.41 -37.14
CA GLY B 265 19.66 3.08 -36.69
C GLY B 265 19.37 3.63 -35.31
N TYR B 266 18.08 3.73 -35.02
CA TYR B 266 17.58 4.28 -33.76
C TYR B 266 17.36 3.18 -32.74
N LEU B 267 17.14 3.59 -31.50
CA LEU B 267 16.71 2.71 -30.43
C LEU B 267 15.49 3.30 -29.75
N GLN B 268 14.51 2.45 -29.46
CA GLN B 268 13.28 2.88 -28.82
C GLN B 268 12.89 1.84 -27.77
N PRO B 269 12.22 2.27 -26.69
CA PRO B 269 11.89 1.32 -25.61
C PRO B 269 10.74 0.41 -26.00
N ARG B 270 10.95 -0.90 -25.85
CA ARG B 270 9.95 -1.89 -26.19
C ARG B 270 10.17 -3.13 -25.36
N THR B 271 9.21 -4.06 -25.45
CA THR B 271 9.25 -5.32 -24.74
C THR B 271 9.65 -6.46 -25.66
N PHE B 272 10.42 -7.40 -25.12
CA PHE B 272 10.77 -8.65 -25.79
C PHE B 272 10.23 -9.83 -25.02
N LEU B 273 10.38 -11.00 -25.63
CA LEU B 273 10.23 -12.28 -24.96
C LEU B 273 11.44 -13.12 -25.37
N LEU B 274 12.22 -13.55 -24.36
CA LEU B 274 13.49 -14.20 -24.56
C LEU B 274 13.40 -15.66 -24.13
N LYS B 275 14.05 -16.54 -24.88
CA LYS B 275 14.04 -17.98 -24.58
C LYS B 275 15.41 -18.35 -24.04
N TYR B 276 15.54 -18.40 -22.72
CA TYR B 276 16.74 -18.92 -22.10
C TYR B 276 16.78 -20.43 -22.27
N ASN B 277 17.94 -20.96 -22.68
CA ASN B 277 18.13 -22.39 -22.76
C ASN B 277 18.76 -22.89 -21.46
N GLU B 278 19.24 -24.13 -21.45
CA GLU B 278 19.96 -24.65 -20.30
C GLU B 278 21.38 -24.11 -20.19
N ASN B 279 21.91 -23.48 -21.25
CA ASN B 279 23.23 -22.91 -21.24
C ASN B 279 23.22 -21.38 -21.18
N GLY B 280 22.06 -20.77 -20.97
CA GLY B 280 21.97 -19.33 -20.85
C GLY B 280 22.09 -18.56 -22.14
N THR B 281 22.06 -19.23 -23.29
CA THR B 281 22.14 -18.57 -24.59
C THR B 281 20.73 -18.25 -25.07
N ILE B 282 20.54 -17.04 -25.59
CA ILE B 282 19.24 -16.64 -26.10
C ILE B 282 19.01 -17.34 -27.42
N THR B 283 18.23 -18.43 -27.39
CA THR B 283 17.95 -19.20 -28.59
C THR B 283 16.96 -18.47 -29.48
N ASP B 284 15.97 -17.81 -28.89
CA ASP B 284 14.97 -17.07 -29.64
C ASP B 284 14.56 -15.83 -28.86
N ALA B 285 14.15 -14.81 -29.60
CA ALA B 285 13.69 -13.56 -29.01
C ALA B 285 12.66 -12.95 -29.95
N VAL B 286 11.50 -12.61 -29.41
CA VAL B 286 10.40 -12.08 -30.23
C VAL B 286 9.91 -10.78 -29.61
N ASP B 287 9.71 -9.76 -30.45
CA ASP B 287 9.15 -8.50 -30.01
C ASP B 287 7.63 -8.60 -30.02
N CYS B 288 7.00 -8.17 -28.93
CA CYS B 288 5.55 -8.33 -28.79
C CYS B 288 4.76 -7.32 -29.63
N ALA B 289 5.32 -6.15 -29.93
CA ALA B 289 4.55 -5.04 -30.49
C ALA B 289 4.71 -4.88 -32.00
N LEU B 290 4.82 -5.97 -32.77
CA LEU B 290 4.93 -5.86 -34.23
C LEU B 290 3.61 -6.15 -34.95
N ASP B 291 3.07 -7.34 -34.76
CA ASP B 291 1.86 -7.83 -35.41
C ASP B 291 1.01 -8.50 -34.34
N PRO B 292 -0.32 -8.58 -34.53
CA PRO B 292 -1.18 -9.17 -33.47
C PRO B 292 -0.89 -10.63 -33.12
N LEU B 293 -0.21 -11.38 -33.98
CA LEU B 293 0.33 -12.67 -33.56
C LEU B 293 1.38 -12.52 -32.47
N SER B 294 2.12 -11.41 -32.47
CA SER B 294 3.11 -11.22 -31.42
C SER B 294 2.53 -10.75 -30.10
N GLU B 295 1.42 -9.98 -30.08
CA GLU B 295 0.74 -9.76 -28.81
C GLU B 295 0.04 -11.01 -28.31
N THR B 296 -0.57 -11.81 -29.20
CA THR B 296 -1.18 -13.02 -28.68
C THR B 296 -0.14 -14.08 -28.32
N LYS B 297 1.10 -13.94 -28.79
CA LYS B 297 2.20 -14.77 -28.28
C LYS B 297 2.75 -14.24 -26.97
N CYS B 298 2.93 -12.92 -26.85
CA CYS B 298 3.61 -12.36 -25.69
C CYS B 298 2.71 -12.33 -24.46
N THR B 299 1.41 -12.47 -24.62
CA THR B 299 0.48 -12.48 -23.49
C THR B 299 0.29 -13.86 -22.89
N LEU B 300 0.84 -14.90 -23.51
CA LEU B 300 0.75 -16.26 -22.99
C LEU B 300 2.10 -16.84 -22.62
N LYS B 301 3.19 -16.09 -22.84
CA LYS B 301 4.58 -16.52 -22.59
C LYS B 301 4.91 -17.82 -23.33
N SER B 302 4.41 -17.96 -24.56
CA SER B 302 4.62 -19.16 -25.35
C SER B 302 4.93 -18.77 -26.79
N PHE B 303 5.66 -19.64 -27.47
CA PHE B 303 6.01 -19.43 -28.87
C PHE B 303 4.97 -19.98 -29.83
N THR B 304 4.05 -20.82 -29.35
CA THR B 304 2.96 -21.35 -30.15
C THR B 304 1.64 -21.04 -29.45
N VAL B 305 0.64 -20.65 -30.24
CA VAL B 305 -0.69 -20.34 -29.71
C VAL B 305 -1.72 -21.16 -30.48
N GLU B 306 -2.69 -21.68 -29.75
CA GLU B 306 -3.72 -22.53 -30.34
C GLU B 306 -4.79 -21.66 -31.01
N LYS B 307 -5.75 -22.33 -31.64
CA LYS B 307 -6.86 -21.63 -32.28
C LYS B 307 -7.83 -21.11 -31.23
N GLY B 308 -8.65 -20.15 -31.65
CA GLY B 308 -9.63 -19.53 -30.77
C GLY B 308 -9.44 -18.04 -30.68
N ILE B 309 -10.41 -17.40 -30.03
CA ILE B 309 -10.42 -15.96 -29.83
C ILE B 309 -9.70 -15.63 -28.53
N TYR B 310 -8.77 -14.66 -28.60
CA TYR B 310 -7.98 -14.26 -27.45
C TYR B 310 -8.33 -12.83 -27.05
N GLN B 311 -7.61 -12.30 -26.07
CA GLN B 311 -7.79 -10.94 -25.61
C GLN B 311 -6.44 -10.23 -25.55
N THR B 312 -6.45 -8.94 -25.86
CA THR B 312 -5.25 -8.12 -25.88
C THR B 312 -5.60 -6.79 -25.21
N SER B 313 -4.74 -5.79 -25.40
CA SER B 313 -4.96 -4.47 -24.83
C SER B 313 -6.12 -3.77 -25.54
N ASN B 314 -6.61 -2.71 -24.89
CA ASN B 314 -7.79 -2.01 -25.36
C ASN B 314 -7.45 -1.09 -26.53
N PHE B 315 -8.50 -0.58 -27.17
CA PHE B 315 -8.39 0.32 -28.32
C PHE B 315 -8.57 1.74 -27.79
N ARG B 316 -7.46 2.46 -27.64
CA ARG B 316 -7.45 3.77 -27.02
C ARG B 316 -7.31 4.85 -28.09
N VAL B 317 -8.18 5.86 -28.02
CA VAL B 317 -8.14 7.02 -28.91
C VAL B 317 -7.64 8.21 -28.10
N GLN B 318 -6.57 8.86 -28.57
CA GLN B 318 -5.93 9.94 -27.84
C GLN B 318 -6.38 11.30 -28.37
N PRO B 319 -6.43 12.32 -27.52
CA PRO B 319 -6.79 13.67 -27.98
C PRO B 319 -5.60 14.35 -28.63
N THR B 320 -5.84 15.58 -29.11
CA THR B 320 -4.85 16.32 -29.88
C THR B 320 -4.39 17.60 -29.19
N GLU B 321 -5.32 18.48 -28.79
CA GLU B 321 -4.97 19.79 -28.28
C GLU B 321 -5.79 20.08 -27.02
N SER B 322 -5.52 21.24 -26.42
CA SER B 322 -6.18 21.67 -25.19
C SER B 322 -6.96 22.94 -25.44
N ILE B 323 -8.12 23.06 -24.79
CA ILE B 323 -9.01 24.19 -24.93
C ILE B 323 -9.30 24.74 -23.53
N VAL B 324 -8.98 26.01 -23.30
CA VAL B 324 -9.22 26.65 -21.97
C VAL B 324 -10.07 27.89 -22.18
N ARG B 325 -11.33 27.89 -21.74
CA ARG B 325 -12.11 29.14 -21.88
C ARG B 325 -12.65 29.64 -20.52
N PHE B 326 -11.84 30.37 -19.75
CA PHE B 326 -12.32 30.97 -18.49
C PHE B 326 -13.12 32.21 -18.88
N PRO B 327 -13.88 32.87 -17.99
CA PRO B 327 -14.74 34.01 -18.37
C PRO B 327 -14.09 35.31 -18.86
N ASN B 328 -14.85 36.14 -19.61
CA ASN B 328 -14.29 37.39 -20.20
C ASN B 328 -13.79 38.30 -19.09
N ILE B 329 -12.69 38.99 -19.37
CA ILE B 329 -12.11 39.87 -18.32
C ILE B 329 -13.13 40.95 -18.01
N THR B 330 -13.21 41.35 -16.74
CA THR B 330 -14.19 42.40 -16.33
C THR B 330 -13.68 43.04 -15.05
N ASN B 331 -14.27 44.16 -14.64
CA ASN B 331 -13.86 44.86 -13.40
C ASN B 331 -12.34 44.95 -13.36
N LEU B 332 -11.73 45.38 -14.47
CA LEU B 332 -10.29 45.58 -14.37
C LEU B 332 -9.96 46.43 -13.15
N CYS B 333 -8.92 46.03 -12.43
CA CYS B 333 -8.45 46.81 -11.28
C CYS B 333 -7.90 48.15 -11.73
N PRO B 334 -8.11 49.22 -10.94
CA PRO B 334 -7.70 50.57 -11.38
C PRO B 334 -6.22 50.86 -11.14
N PHE B 335 -5.36 50.03 -11.72
CA PHE B 335 -3.95 50.37 -11.79
C PHE B 335 -3.66 51.38 -12.89
N ASP B 336 -4.55 51.51 -13.87
CA ASP B 336 -4.34 52.46 -14.96
C ASP B 336 -4.46 53.89 -14.50
N GLU B 337 -5.39 54.18 -13.59
CA GLU B 337 -5.57 55.54 -13.10
C GLU B 337 -4.51 55.96 -12.10
N VAL B 338 -3.89 55.02 -11.39
CA VAL B 338 -2.91 55.41 -10.38
C VAL B 338 -1.52 55.62 -10.99
N PHE B 339 -1.20 54.95 -12.10
CA PHE B 339 0.06 55.24 -12.76
C PHE B 339 -0.05 56.48 -13.64
N ASN B 340 -1.25 56.76 -14.16
CA ASN B 340 -1.51 57.95 -14.96
C ASN B 340 -2.08 59.09 -14.14
N ALA B 341 -1.92 59.06 -12.82
CA ALA B 341 -2.47 60.10 -11.96
C ALA B 341 -1.69 61.41 -12.12
N THR B 342 -2.41 62.52 -12.03
CA THR B 342 -1.80 63.84 -12.20
C THR B 342 -0.89 64.19 -11.03
N ARG B 343 -1.39 64.00 -9.80
CA ARG B 343 -0.66 64.37 -8.60
C ARG B 343 -0.70 63.23 -7.60
N PHE B 344 0.47 62.89 -7.07
CA PHE B 344 0.60 61.87 -6.05
C PHE B 344 0.52 62.49 -4.65
N ALA B 345 0.59 61.62 -3.65
CA ALA B 345 0.62 62.06 -2.26
C ALA B 345 2.05 62.38 -1.85
N SER B 346 2.17 63.22 -0.82
CA SER B 346 3.49 63.61 -0.33
C SER B 346 4.09 62.50 0.53
N VAL B 347 5.38 62.67 0.86
CA VAL B 347 6.07 61.72 1.71
C VAL B 347 5.54 61.81 3.15
N TYR B 348 5.24 63.03 3.60
CA TYR B 348 4.64 63.23 4.92
C TYR B 348 3.24 62.62 5.00
N ALA B 349 2.38 62.99 4.06
CA ALA B 349 1.00 62.52 4.04
C ALA B 349 0.85 61.59 2.83
N TRP B 350 1.13 60.31 3.05
CA TRP B 350 1.05 59.33 1.98
C TRP B 350 -0.29 58.61 2.02
N ASN B 351 -0.90 58.48 0.85
CA ASN B 351 -2.19 57.84 0.75
C ASN B 351 -2.06 56.32 0.87
N ARG B 352 -3.11 55.70 1.41
CA ARG B 352 -3.21 54.25 1.48
C ARG B 352 -4.47 53.83 0.74
N LYS B 353 -4.30 53.01 -0.29
CA LYS B 353 -5.40 52.61 -1.16
C LYS B 353 -5.63 51.12 -1.04
N ARG B 354 -6.89 50.72 -0.85
CA ARG B 354 -7.28 49.32 -0.78
C ARG B 354 -7.95 48.93 -2.09
N ILE B 355 -7.47 47.86 -2.70
CA ILE B 355 -7.99 47.36 -3.97
C ILE B 355 -8.44 45.92 -3.75
N SER B 356 -9.69 45.62 -4.11
CA SER B 356 -10.22 44.28 -3.90
C SER B 356 -11.33 44.00 -4.90
N ASN B 357 -11.52 42.70 -5.18
CA ASN B 357 -12.60 42.16 -6.02
C ASN B 357 -12.57 42.73 -7.44
N CYS B 358 -11.48 42.44 -8.15
CA CYS B 358 -11.32 42.89 -9.53
C CYS B 358 -10.33 41.98 -10.22
N VAL B 359 -10.31 42.07 -11.55
CA VAL B 359 -9.39 41.27 -12.35
C VAL B 359 -8.11 42.07 -12.59
N ALA B 360 -6.98 41.49 -12.19
CA ALA B 360 -5.68 42.18 -12.26
C ALA B 360 -4.77 41.43 -13.22
N ASP B 361 -4.31 42.11 -14.26
CA ASP B 361 -3.32 41.59 -15.19
C ASP B 361 -2.06 42.43 -15.10
N TYR B 362 -0.91 41.78 -14.95
CA TYR B 362 0.36 42.45 -14.77
C TYR B 362 1.17 42.53 -16.05
N SER B 363 0.61 42.08 -17.18
CA SER B 363 1.28 42.22 -18.46
C SER B 363 1.22 43.64 -18.99
N VAL B 364 0.31 44.47 -18.46
CA VAL B 364 0.25 45.87 -18.85
C VAL B 364 1.37 46.66 -18.21
N LEU B 365 1.99 46.13 -17.15
CA LEU B 365 3.05 46.84 -16.44
C LEU B 365 4.33 46.94 -17.27
N TYR B 366 4.65 45.90 -18.04
CA TYR B 366 5.94 45.85 -18.74
C TYR B 366 6.03 46.80 -19.93
N ASN B 367 4.90 47.36 -20.40
CA ASN B 367 4.91 48.29 -21.51
C ASN B 367 4.58 49.72 -21.09
N LEU B 368 4.76 50.04 -19.81
CA LEU B 368 4.46 51.39 -19.33
C LEU B 368 5.59 52.36 -19.65
N ALA B 369 6.78 52.10 -19.11
CA ALA B 369 7.90 53.02 -19.20
C ALA B 369 9.18 52.24 -18.98
N PRO B 370 10.34 52.78 -19.42
CA PRO B 370 11.62 52.17 -19.00
C PRO B 370 11.83 52.25 -17.50
N PHE B 371 11.81 51.09 -16.85
CA PHE B 371 11.77 51.02 -15.39
C PHE B 371 13.14 51.27 -14.78
N PHE B 372 13.15 52.01 -13.67
CA PHE B 372 14.37 52.20 -12.90
C PHE B 372 14.77 50.90 -12.21
N THR B 373 13.81 50.22 -11.59
CA THR B 373 14.06 48.92 -10.97
C THR B 373 12.77 48.09 -11.00
N PHE B 374 12.95 46.77 -10.93
CA PHE B 374 11.84 45.83 -10.92
C PHE B 374 12.11 44.68 -9.97
N LYS B 375 12.90 44.92 -8.93
CA LYS B 375 13.28 43.85 -8.01
C LYS B 375 12.11 43.46 -7.13
N CYS B 376 11.86 42.16 -7.01
CA CYS B 376 10.78 41.66 -6.16
C CYS B 376 11.33 40.65 -5.15
N TYR B 377 10.71 40.64 -3.97
CA TYR B 377 11.18 39.86 -2.84
C TYR B 377 10.23 38.72 -2.48
N GLY B 378 8.96 39.01 -2.25
CA GLY B 378 8.04 37.98 -1.81
C GLY B 378 7.66 37.00 -2.91
N VAL B 379 7.44 37.51 -4.12
CA VAL B 379 7.05 36.69 -5.26
C VAL B 379 7.98 36.99 -6.42
N SER B 380 7.71 36.34 -7.55
CA SER B 380 8.48 36.52 -8.77
C SER B 380 7.65 37.28 -9.81
N PRO B 381 8.30 38.08 -10.67
CA PRO B 381 7.55 38.77 -11.73
C PRO B 381 6.92 37.83 -12.76
N THR B 382 7.52 36.66 -13.00
CA THR B 382 6.98 35.74 -14.00
C THR B 382 5.72 35.04 -13.50
N LYS B 383 5.70 34.63 -12.24
CA LYS B 383 4.56 33.92 -11.66
C LYS B 383 3.58 34.85 -10.95
N LEU B 384 3.72 36.17 -11.11
CA LEU B 384 2.82 37.10 -10.47
C LEU B 384 1.42 37.04 -11.07
N ASN B 385 1.32 36.77 -12.37
CA ASN B 385 0.04 36.67 -13.06
C ASN B 385 -0.65 35.34 -12.85
N ASP B 386 0.05 34.35 -12.26
CA ASP B 386 -0.48 33.00 -12.12
C ASP B 386 -0.77 32.69 -10.66
N LEU B 387 -0.92 33.74 -9.84
CA LEU B 387 -1.15 33.56 -8.42
C LEU B 387 -2.30 34.50 -8.01
N CYS B 388 -3.06 34.06 -7.01
CA CYS B 388 -4.28 34.76 -6.59
C CYS B 388 -4.09 35.33 -5.20
N PHE B 389 -4.57 36.55 -5.00
CA PHE B 389 -4.36 37.30 -3.77
C PHE B 389 -5.69 37.59 -3.10
N THR B 390 -5.72 37.51 -1.76
CA THR B 390 -6.94 37.81 -1.02
C THR B 390 -7.24 39.30 -1.07
N ASN B 391 -6.24 40.14 -0.80
CA ASN B 391 -6.37 41.58 -0.96
C ASN B 391 -5.02 42.18 -1.35
N VAL B 392 -5.07 43.32 -2.03
CA VAL B 392 -3.87 44.03 -2.44
C VAL B 392 -3.99 45.49 -2.03
N TYR B 393 -2.85 46.15 -1.87
CA TYR B 393 -2.81 47.55 -1.47
C TYR B 393 -1.75 48.27 -2.30
N ALA B 394 -1.96 49.58 -2.48
CA ALA B 394 -1.05 50.38 -3.30
C ALA B 394 -0.97 51.79 -2.73
N ASP B 395 0.15 52.46 -3.03
CA ASP B 395 0.45 53.78 -2.52
C ASP B 395 0.88 54.70 -3.66
N SER B 396 1.38 55.89 -3.31
CA SER B 396 1.82 56.88 -4.29
C SER B 396 2.82 57.81 -3.62
N PHE B 397 4.04 57.88 -4.17
CA PHE B 397 5.13 58.65 -3.59
C PHE B 397 5.84 59.52 -4.62
N VAL B 398 6.57 60.51 -4.11
CA VAL B 398 7.57 61.26 -4.87
C VAL B 398 8.84 61.25 -4.02
N ILE B 399 9.84 60.48 -4.44
CA ILE B 399 11.05 60.27 -3.65
C ILE B 399 12.19 61.10 -4.23
N ARG B 400 12.93 61.75 -3.33
CA ARG B 400 14.00 62.67 -3.72
C ARG B 400 15.24 61.85 -4.08
N GLY B 401 15.30 61.43 -5.33
CA GLY B 401 16.52 60.89 -5.90
C GLY B 401 16.99 59.54 -5.42
N ASP B 402 18.08 59.53 -4.66
CA ASP B 402 18.87 58.33 -4.43
C ASP B 402 18.34 57.42 -3.32
N GLU B 403 17.37 57.86 -2.52
CA GLU B 403 16.85 57.00 -1.47
C GLU B 403 15.65 56.16 -1.90
N VAL B 404 15.47 55.96 -3.22
CA VAL B 404 14.63 54.86 -3.67
C VAL B 404 15.32 53.53 -3.39
N ARG B 405 16.66 53.53 -3.38
CA ARG B 405 17.43 52.33 -3.04
C ARG B 405 17.20 51.90 -1.60
N GLN B 406 17.00 52.86 -0.69
CA GLN B 406 16.77 52.53 0.71
C GLN B 406 15.39 51.96 0.98
N ILE B 407 14.46 52.06 0.02
CA ILE B 407 13.14 51.47 0.18
C ILE B 407 13.27 49.97 -0.02
N ALA B 408 13.40 49.24 1.08
CA ALA B 408 13.67 47.81 1.07
C ALA B 408 13.27 47.25 2.42
N PRO B 409 12.91 45.96 2.51
CA PRO B 409 12.49 45.39 3.79
C PRO B 409 13.62 45.17 4.79
N GLY B 410 13.94 46.18 5.60
CA GLY B 410 14.81 45.95 6.74
C GLY B 410 15.83 46.99 7.13
N GLN B 411 16.37 47.76 6.19
CA GLN B 411 17.36 48.77 6.57
C GLN B 411 16.73 50.16 6.64
N THR B 412 17.38 51.04 7.39
CA THR B 412 16.87 52.37 7.67
C THR B 412 17.43 53.39 6.67
N GLY B 413 17.16 54.67 6.94
CA GLY B 413 17.62 55.73 6.06
C GLY B 413 17.03 57.06 6.48
N ASN B 414 17.00 57.99 5.52
CA ASN B 414 16.51 59.34 5.80
C ASN B 414 15.00 59.35 5.98
N ILE B 415 14.27 58.65 5.10
CA ILE B 415 12.82 58.60 5.15
C ILE B 415 12.32 57.24 5.60
N ALA B 416 13.20 56.42 6.19
CA ALA B 416 12.81 55.11 6.69
C ALA B 416 12.65 55.11 8.21
N ASP B 417 12.67 56.26 8.84
CA ASP B 417 12.45 56.36 10.28
C ASP B 417 11.40 57.41 10.65
N TYR B 418 11.34 58.51 9.93
CA TYR B 418 10.34 59.56 10.16
C TYR B 418 9.23 59.54 9.12
N ASN B 419 9.24 58.56 8.22
CA ASN B 419 8.32 58.47 7.10
C ASN B 419 8.06 56.99 6.84
N TYR B 420 7.62 56.66 5.62
CA TYR B 420 7.28 55.28 5.26
C TYR B 420 8.49 54.35 5.36
N LYS B 421 8.32 53.26 6.09
CA LYS B 421 9.33 52.22 6.22
C LYS B 421 8.68 50.87 6.01
N LEU B 422 9.44 49.94 5.43
CA LEU B 422 8.92 48.62 5.14
C LEU B 422 9.21 47.67 6.31
N PRO B 423 8.28 46.78 6.62
CA PRO B 423 8.52 45.81 7.71
C PRO B 423 9.46 44.70 7.26
N ASP B 424 9.90 43.91 8.23
CA ASP B 424 10.82 42.80 7.98
C ASP B 424 10.14 41.61 7.34
N ASP B 425 8.81 41.57 7.33
CA ASP B 425 8.07 40.49 6.68
C ASP B 425 7.28 41.01 5.49
N PHE B 426 7.90 41.88 4.69
CA PHE B 426 7.26 42.57 3.59
C PHE B 426 6.98 41.58 2.45
N THR B 427 5.72 41.16 2.34
CA THR B 427 5.25 40.50 1.14
C THR B 427 4.73 41.55 0.16
N GLY B 428 4.82 41.24 -1.13
CA GLY B 428 4.71 42.24 -2.16
C GLY B 428 6.03 42.96 -2.37
N CYS B 429 6.06 43.83 -3.36
CA CYS B 429 7.34 44.47 -3.69
C CYS B 429 7.08 45.85 -4.27
N VAL B 430 8.10 46.39 -4.94
CA VAL B 430 8.22 47.79 -5.29
C VAL B 430 8.09 47.94 -6.80
N ILE B 431 7.16 48.79 -7.24
CA ILE B 431 6.96 49.09 -8.65
C ILE B 431 7.44 50.53 -8.82
N ALA B 432 8.58 50.70 -9.50
CA ALA B 432 9.24 51.99 -9.62
C ALA B 432 9.56 52.30 -11.06
N TRP B 433 9.54 53.59 -11.40
CA TRP B 433 9.89 54.06 -12.72
C TRP B 433 10.34 55.52 -12.63
N ASN B 434 11.17 55.92 -13.59
CA ASN B 434 11.72 57.28 -13.63
C ASN B 434 10.69 58.17 -14.33
N SER B 435 9.81 58.78 -13.53
CA SER B 435 8.82 59.71 -14.06
C SER B 435 9.31 61.13 -13.80
N ASN B 436 10.25 61.57 -14.64
CA ASN B 436 10.60 62.97 -14.71
C ASN B 436 9.58 63.79 -15.50
N LYS B 437 8.66 63.11 -16.20
CA LYS B 437 7.77 63.78 -17.14
C LYS B 437 6.64 64.54 -16.45
N LEU B 438 6.25 64.13 -15.24
CA LEU B 438 5.07 64.71 -14.60
C LEU B 438 5.38 65.47 -13.32
N ASP B 439 6.06 64.85 -12.36
CA ASP B 439 6.31 65.47 -11.06
C ASP B 439 7.66 66.18 -11.04
N SER B 440 7.84 67.08 -12.00
CA SER B 440 9.04 67.91 -12.07
C SER B 440 8.72 69.17 -12.84
N LYS B 441 9.04 70.32 -12.24
CA LYS B 441 8.82 71.62 -12.85
C LYS B 441 9.87 72.61 -12.34
N VAL B 442 10.05 73.69 -13.12
CA VAL B 442 11.40 74.17 -13.46
C VAL B 442 12.12 74.81 -12.26
N SER B 443 11.41 75.57 -11.42
CA SER B 443 12.09 76.29 -10.34
C SER B 443 11.89 75.61 -8.99
N GLY B 444 11.80 74.30 -8.96
CA GLY B 444 11.60 73.56 -7.73
C GLY B 444 10.12 73.37 -7.47
N ASN B 445 9.77 72.22 -6.91
CA ASN B 445 8.38 71.87 -6.62
C ASN B 445 8.10 71.90 -5.11
N TYR B 446 7.54 73.01 -4.65
CA TYR B 446 7.27 73.21 -3.23
C TYR B 446 5.86 72.77 -2.85
N ASN B 447 5.21 71.97 -3.70
CA ASN B 447 3.89 71.42 -3.42
C ASN B 447 3.97 70.05 -2.76
N TYR B 448 5.17 69.50 -2.56
CA TYR B 448 5.35 68.21 -1.92
C TYR B 448 6.15 68.37 -0.64
N LEU B 449 5.81 67.59 0.37
CA LEU B 449 6.35 67.76 1.72
C LEU B 449 6.91 66.44 2.22
N TYR B 450 7.87 66.54 3.15
CA TYR B 450 8.47 65.38 3.77
C TYR B 450 8.90 65.74 5.19
N ARG B 451 8.85 64.76 6.08
CA ARG B 451 9.14 64.96 7.49
C ARG B 451 10.62 64.68 7.76
N LEU B 452 11.28 65.60 8.48
CA LEU B 452 12.70 65.48 8.75
C LEU B 452 13.03 64.89 10.11
N PHE B 453 12.16 65.05 11.10
CA PHE B 453 12.46 64.56 12.44
C PHE B 453 11.17 64.32 13.23
N ARG B 454 11.29 63.51 14.28
CA ARG B 454 10.19 63.19 15.17
C ARG B 454 10.72 63.18 16.61
N LYS B 455 9.87 62.74 17.53
CA LYS B 455 10.33 62.45 18.89
C LYS B 455 11.13 61.16 18.93
N SER B 456 10.70 60.15 18.19
CA SER B 456 11.36 58.85 18.15
C SER B 456 11.01 58.18 16.82
N ASN B 457 11.45 56.93 16.66
CA ASN B 457 11.12 56.16 15.47
C ASN B 457 9.66 55.73 15.49
N LEU B 458 9.05 55.70 14.31
CA LEU B 458 7.67 55.28 14.13
C LEU B 458 7.60 53.85 13.64
N LYS B 459 6.55 53.14 14.04
CA LYS B 459 6.33 51.77 13.63
C LYS B 459 5.92 51.72 12.16
N PRO B 460 6.17 50.60 11.47
CA PRO B 460 5.76 50.48 10.07
C PRO B 460 4.24 50.53 9.88
N PHE B 461 3.85 50.93 8.67
CA PHE B 461 2.45 51.09 8.23
C PHE B 461 1.69 52.09 9.11
N GLU B 462 2.35 53.19 9.49
CA GLU B 462 1.72 54.25 10.26
C GLU B 462 1.82 55.57 9.52
N ARG B 463 0.81 56.42 9.75
CA ARG B 463 0.73 57.74 9.13
C ARG B 463 0.92 58.81 10.19
N ASP B 464 1.84 59.74 9.93
CA ASP B 464 2.09 60.87 10.82
C ASP B 464 1.48 62.11 10.18
N ILE B 465 0.35 62.57 10.74
CA ILE B 465 -0.38 63.69 10.18
C ILE B 465 -0.40 64.90 11.11
N SER B 466 0.00 64.74 12.37
CA SER B 466 -0.04 65.85 13.32
C SER B 466 1.12 66.81 13.07
N THR B 467 0.79 68.05 12.75
CA THR B 467 1.78 69.11 12.54
C THR B 467 1.85 69.97 13.79
N GLU B 468 3.03 70.07 14.37
CA GLU B 468 3.20 70.78 15.64
C GLU B 468 4.65 71.23 15.75
N ILE B 469 4.86 72.38 16.40
CA ILE B 469 6.19 72.97 16.49
C ILE B 469 7.06 72.14 17.44
N TYR B 470 8.28 71.85 17.00
CA TYR B 470 9.15 70.90 17.69
C TYR B 470 10.25 71.64 18.43
N GLN B 471 10.32 71.44 19.73
CA GLN B 471 11.38 71.98 20.56
C GLN B 471 12.51 70.97 20.71
N ALA B 472 13.66 71.45 21.19
CA ALA B 472 14.85 70.62 21.33
C ALA B 472 15.03 70.25 22.80
N GLY B 473 14.34 69.19 23.23
CA GLY B 473 14.56 68.60 24.53
C GLY B 473 13.90 69.30 25.70
N ASN B 474 14.49 70.42 26.15
CA ASN B 474 14.05 71.08 27.37
C ASN B 474 13.87 72.58 27.25
N LYS B 475 14.00 73.15 26.05
CA LYS B 475 13.91 74.59 25.90
C LYS B 475 12.45 75.04 26.01
N PRO B 476 12.15 76.01 26.89
CA PRO B 476 10.77 76.54 26.94
C PRO B 476 10.47 77.38 25.72
N CYS B 477 9.67 76.82 24.81
CA CYS B 477 9.50 77.36 23.47
C CYS B 477 8.24 76.78 22.84
N ASN B 478 7.26 77.63 22.58
CA ASN B 478 6.02 77.20 21.96
C ASN B 478 5.37 78.38 21.27
N GLY B 479 4.42 78.08 20.38
CA GLY B 479 3.68 79.09 19.66
C GLY B 479 4.34 79.54 18.37
N VAL B 480 5.52 80.14 18.48
CA VAL B 480 6.24 80.64 17.30
C VAL B 480 7.54 79.87 17.14
N ALA B 481 8.25 80.15 16.06
CA ALA B 481 9.53 79.50 15.78
C ALA B 481 10.66 80.33 16.38
N GLY B 482 11.90 79.98 16.05
CA GLY B 482 13.05 80.71 16.56
C GLY B 482 14.22 79.80 16.89
N PHE B 483 14.84 80.02 18.05
CA PHE B 483 15.99 79.22 18.46
C PHE B 483 15.52 77.85 18.94
N ASN B 484 16.06 76.80 18.31
CA ASN B 484 15.79 75.39 18.62
C ASN B 484 14.31 75.03 18.47
N CYS B 485 13.58 75.76 17.61
CA CYS B 485 12.16 75.50 17.36
C CYS B 485 11.92 75.68 15.86
N TYR B 486 11.95 74.56 15.15
CA TYR B 486 11.76 74.55 13.71
C TYR B 486 10.52 73.73 13.38
N PHE B 487 9.84 74.12 12.32
CA PHE B 487 8.73 73.32 11.81
C PHE B 487 9.26 72.00 11.25
N PRO B 488 8.60 70.88 11.53
CA PRO B 488 9.10 69.58 11.05
C PRO B 488 8.87 69.30 9.58
N LEU B 489 8.41 70.27 8.80
CA LEU B 489 8.12 70.09 7.39
C LEU B 489 8.93 71.10 6.57
N ARG B 490 9.58 70.60 5.52
CA ARG B 490 10.19 71.45 4.50
C ARG B 490 9.80 70.94 3.13
N SER B 491 9.83 71.83 2.15
CA SER B 491 9.43 71.50 0.79
C SER B 491 10.63 71.02 -0.03
N TYR B 492 10.36 70.12 -0.96
CA TYR B 492 11.39 69.66 -1.88
C TYR B 492 11.71 70.71 -2.92
N SER B 493 12.89 70.58 -3.53
CA SER B 493 13.30 71.41 -4.67
C SER B 493 14.06 70.50 -5.62
N PHE B 494 13.36 69.90 -6.58
CA PHE B 494 14.01 69.00 -7.51
C PHE B 494 14.86 69.76 -8.53
N ARG B 495 14.29 70.86 -9.11
CA ARG B 495 14.92 71.77 -10.05
C ARG B 495 15.53 71.03 -11.23
N PRO B 496 14.71 70.59 -12.22
CA PRO B 496 15.14 69.54 -13.17
C PRO B 496 16.26 69.91 -14.13
N THR B 497 17.41 70.30 -13.57
CA THR B 497 18.69 70.36 -14.27
C THR B 497 19.73 69.51 -13.55
N TYR B 498 19.34 68.81 -12.50
CA TYR B 498 20.28 68.13 -11.61
C TYR B 498 20.65 66.74 -12.09
N GLY B 499 19.91 66.18 -13.04
CA GLY B 499 20.20 64.84 -13.51
C GLY B 499 19.78 63.77 -12.52
N VAL B 500 20.48 62.63 -12.60
CA VAL B 500 20.19 61.52 -11.71
C VAL B 500 20.71 61.83 -10.30
N GLY B 501 20.14 61.15 -9.32
CA GLY B 501 20.40 61.44 -7.93
C GLY B 501 19.48 62.48 -7.32
N HIS B 502 18.81 63.27 -8.15
CA HIS B 502 17.81 64.24 -7.73
C HIS B 502 16.61 64.14 -8.66
N GLN B 503 16.20 62.92 -8.95
CA GLN B 503 15.16 62.58 -9.91
C GLN B 503 13.84 62.33 -9.18
N PRO B 504 12.70 62.62 -9.84
CA PRO B 504 11.40 62.48 -9.15
C PRO B 504 11.06 61.05 -8.75
N TYR B 505 11.22 60.08 -9.66
CA TYR B 505 11.16 58.64 -9.38
C TYR B 505 9.84 58.21 -8.74
N ARG B 506 8.78 58.34 -9.53
CA ARG B 506 7.45 57.94 -9.07
C ARG B 506 7.42 56.44 -8.80
N VAL B 507 6.89 56.08 -7.63
CA VAL B 507 6.93 54.71 -7.15
C VAL B 507 5.60 54.36 -6.48
N VAL B 508 5.12 53.15 -6.76
CA VAL B 508 3.92 52.60 -6.14
C VAL B 508 4.32 51.31 -5.44
N VAL B 509 4.06 51.24 -4.14
CA VAL B 509 4.46 50.10 -3.33
C VAL B 509 3.27 49.16 -3.21
N LEU B 510 3.43 47.93 -3.68
CA LEU B 510 2.38 46.92 -3.59
C LEU B 510 2.60 46.04 -2.38
N SER B 511 1.52 45.40 -1.95
CA SER B 511 1.57 44.44 -0.84
C SER B 511 0.39 43.49 -0.99
N PHE B 512 0.67 42.19 -0.87
CA PHE B 512 -0.33 41.16 -1.09
C PHE B 512 -0.65 40.45 0.22
N GLU B 513 -1.46 39.40 0.11
CA GLU B 513 -1.78 38.53 1.24
C GLU B 513 -2.14 37.16 0.69
N LEU B 514 -1.47 36.13 1.18
CA LEU B 514 -1.54 34.80 0.56
C LEU B 514 -2.03 33.76 1.56
N LEU B 515 -2.90 32.86 1.06
CA LEU B 515 -3.27 31.60 1.72
C LEU B 515 -3.94 31.83 3.08
N HIS B 516 -4.75 32.87 3.17
CA HIS B 516 -5.58 33.09 4.35
C HIS B 516 -7.07 33.14 4.06
N ALA B 517 -7.47 33.27 2.80
CA ALA B 517 -8.87 33.39 2.43
C ALA B 517 -9.01 33.01 0.96
N PRO B 518 -10.21 32.64 0.51
CA PRO B 518 -10.49 32.66 -0.92
C PRO B 518 -10.29 34.05 -1.51
N ALA B 519 -9.73 34.09 -2.70
CA ALA B 519 -9.21 35.33 -3.27
C ALA B 519 -10.33 36.23 -3.76
N THR B 520 -10.07 37.54 -3.68
CA THR B 520 -10.92 38.56 -4.28
C THR B 520 -10.36 39.04 -5.62
N VAL B 521 -9.04 39.27 -5.67
CA VAL B 521 -8.37 39.65 -6.90
C VAL B 521 -7.59 38.44 -7.42
N CYS B 522 -7.53 38.30 -8.74
CA CYS B 522 -6.86 37.18 -9.37
C CYS B 522 -6.35 37.60 -10.74
N GLY B 523 -5.42 36.81 -11.27
CA GLY B 523 -4.93 36.99 -12.61
C GLY B 523 -5.83 36.30 -13.62
N PRO B 524 -5.96 36.87 -14.81
CA PRO B 524 -6.86 36.29 -15.81
C PRO B 524 -6.23 35.15 -16.58
N LYS B 525 -7.09 34.37 -17.23
CA LYS B 525 -6.67 33.27 -18.08
C LYS B 525 -7.21 33.52 -19.49
N LYS B 526 -6.34 33.35 -20.48
CA LYS B 526 -6.69 33.66 -21.86
C LYS B 526 -7.61 32.59 -22.43
N SER B 527 -8.70 33.03 -23.04
CA SER B 527 -9.66 32.11 -23.67
C SER B 527 -9.07 31.64 -24.99
N THR B 528 -8.61 30.39 -25.02
CA THR B 528 -7.92 29.84 -26.19
C THR B 528 -8.90 29.13 -27.13
N ASN B 529 -9.90 29.88 -27.60
CA ASN B 529 -10.86 29.49 -28.65
C ASN B 529 -11.72 28.31 -28.26
N LEU B 530 -12.56 27.84 -29.19
CA LEU B 530 -13.43 26.70 -28.96
C LEU B 530 -13.46 25.84 -30.22
N VAL B 531 -13.35 24.53 -30.04
CA VAL B 531 -13.39 23.56 -31.12
C VAL B 531 -14.56 22.62 -30.90
N LYS B 532 -15.37 22.45 -31.96
CA LYS B 532 -16.55 21.61 -31.91
C LYS B 532 -16.29 20.29 -32.60
N ASN B 533 -16.89 19.22 -32.05
CA ASN B 533 -16.94 17.87 -32.63
C ASN B 533 -15.55 17.26 -32.83
N LYS B 534 -14.61 17.58 -31.94
CA LYS B 534 -13.30 16.95 -31.96
C LYS B 534 -12.94 16.51 -30.55
N CYS B 535 -12.38 15.30 -30.44
CA CYS B 535 -11.95 14.78 -29.15
C CYS B 535 -10.70 15.51 -28.69
N VAL B 536 -10.88 16.57 -27.91
CA VAL B 536 -9.77 17.41 -27.44
C VAL B 536 -9.90 17.61 -25.94
N ASN B 537 -8.81 18.02 -25.33
CA ASN B 537 -8.81 18.40 -23.93
C ASN B 537 -9.55 19.73 -23.75
N PHE B 538 -10.43 19.78 -22.76
CA PHE B 538 -11.15 21.01 -22.44
C PHE B 538 -10.92 21.37 -20.99
N ASN B 539 -10.88 22.69 -20.72
CA ASN B 539 -10.74 23.20 -19.36
C ASN B 539 -11.73 24.36 -19.22
N PHE B 540 -12.94 24.04 -18.77
CA PHE B 540 -14.00 25.02 -18.58
C PHE B 540 -14.12 25.32 -17.09
N ASN B 541 -13.64 26.50 -16.69
CA ASN B 541 -13.78 27.10 -15.37
C ASN B 541 -13.13 26.26 -14.27
N GLY B 542 -12.17 25.40 -14.62
CA GLY B 542 -11.51 24.59 -13.61
C GLY B 542 -11.93 23.14 -13.63
N LEU B 543 -12.32 22.64 -14.80
CA LEU B 543 -12.78 21.27 -14.97
C LEU B 543 -11.85 20.53 -15.91
N LYS B 544 -11.67 19.23 -15.66
CA LYS B 544 -10.74 18.40 -16.41
C LYS B 544 -11.50 17.34 -17.18
N GLY B 545 -11.19 17.20 -18.46
CA GLY B 545 -11.80 16.18 -19.29
C GLY B 545 -11.29 16.30 -20.71
N THR B 546 -11.37 15.17 -21.42
CA THR B 546 -10.86 15.07 -22.78
C THR B 546 -11.92 14.52 -23.75
N GLY B 547 -13.16 14.97 -23.62
CA GLY B 547 -14.22 14.53 -24.51
C GLY B 547 -14.43 15.45 -25.70
N VAL B 548 -15.47 15.13 -26.46
CA VAL B 548 -15.86 15.97 -27.60
C VAL B 548 -16.77 17.08 -27.09
N LEU B 549 -16.96 18.12 -27.90
CA LEU B 549 -17.83 19.24 -27.55
C LEU B 549 -18.86 19.38 -28.66
N THR B 550 -20.09 18.92 -28.41
CA THR B 550 -21.18 18.97 -29.36
C THR B 550 -22.30 19.87 -28.81
N GLU B 551 -23.42 19.90 -29.52
CA GLU B 551 -24.58 20.68 -29.13
C GLU B 551 -25.67 19.75 -28.60
N SER B 552 -26.23 20.10 -27.46
CA SER B 552 -27.30 19.32 -26.84
C SER B 552 -28.55 20.16 -26.72
N ASN B 553 -29.70 19.48 -26.64
CA ASN B 553 -30.99 20.13 -26.58
C ASN B 553 -31.48 20.35 -25.16
N LYS B 554 -30.70 20.00 -24.15
CA LYS B 554 -31.13 20.19 -22.76
C LYS B 554 -31.03 21.66 -22.38
N LYS B 555 -31.85 22.06 -21.41
CA LYS B 555 -31.99 23.45 -21.00
C LYS B 555 -31.57 23.60 -19.54
N PHE B 556 -30.67 24.55 -19.29
CA PHE B 556 -30.26 24.87 -17.93
C PHE B 556 -31.11 26.00 -17.35
N LEU B 557 -31.14 26.04 -16.02
CA LEU B 557 -31.59 27.21 -15.30
C LEU B 557 -30.55 28.31 -15.42
N PRO B 558 -30.96 29.59 -15.25
CA PRO B 558 -29.96 30.69 -15.29
C PRO B 558 -28.89 30.62 -14.22
N PHE B 559 -29.14 29.96 -13.09
CA PHE B 559 -28.13 29.80 -12.05
C PHE B 559 -27.50 28.42 -12.03
N GLN B 560 -28.19 27.39 -12.54
CA GLN B 560 -27.64 26.05 -12.60
C GLN B 560 -26.64 25.96 -13.74
N GLN B 561 -25.35 25.90 -13.40
CA GLN B 561 -24.27 26.04 -14.36
C GLN B 561 -23.72 24.72 -14.88
N PHE B 562 -23.62 23.70 -14.04
CA PHE B 562 -22.94 22.46 -14.38
C PHE B 562 -23.90 21.29 -14.35
N GLY B 563 -23.99 20.55 -15.46
CA GLY B 563 -24.87 19.41 -15.54
C GLY B 563 -24.25 18.13 -15.03
N ARG B 564 -25.11 17.16 -14.73
CA ARG B 564 -24.67 15.87 -14.21
C ARG B 564 -25.74 14.82 -14.56
N ASP B 565 -25.50 13.59 -14.11
CA ASP B 565 -26.39 12.48 -14.41
C ASP B 565 -26.58 11.66 -13.13
N ILE B 566 -27.17 10.47 -13.28
CA ILE B 566 -27.39 9.58 -12.14
C ILE B 566 -26.07 9.01 -11.64
N ALA B 567 -25.20 8.57 -12.55
CA ALA B 567 -24.00 7.83 -12.19
C ALA B 567 -22.79 8.73 -11.92
N ASP B 568 -23.03 10.03 -11.65
CA ASP B 568 -22.02 11.01 -11.24
C ASP B 568 -20.92 11.16 -12.30
N THR B 569 -21.35 11.55 -13.50
CA THR B 569 -20.44 11.79 -14.62
C THR B 569 -20.62 13.23 -15.11
N THR B 570 -19.54 13.81 -15.60
CA THR B 570 -19.56 15.15 -16.19
C THR B 570 -19.98 15.03 -17.64
N ASP B 571 -21.10 15.68 -18.00
CA ASP B 571 -21.61 15.59 -19.36
C ASP B 571 -22.08 16.91 -19.95
N ALA B 572 -22.06 18.01 -19.20
CA ALA B 572 -22.55 19.28 -19.73
C ALA B 572 -21.88 20.42 -18.97
N VAL B 573 -21.44 21.45 -19.70
CA VAL B 573 -20.85 22.64 -19.14
C VAL B 573 -21.46 23.87 -19.83
N ARG B 574 -21.11 25.04 -19.31
CA ARG B 574 -21.49 26.32 -19.90
C ARG B 574 -20.25 27.09 -20.29
N ASP B 575 -20.19 27.55 -21.53
CA ASP B 575 -19.09 28.38 -21.98
C ASP B 575 -19.19 29.76 -21.34
N PRO B 576 -18.18 30.27 -20.61
CA PRO B 576 -18.30 31.63 -20.07
C PRO B 576 -18.63 32.71 -21.11
N GLN B 577 -17.88 32.77 -22.21
CA GLN B 577 -18.06 33.84 -23.22
C GLN B 577 -19.47 33.80 -23.81
N THR B 578 -19.98 32.62 -24.14
CA THR B 578 -21.31 32.51 -24.78
C THR B 578 -22.15 31.55 -23.97
N LEU B 579 -23.39 31.93 -23.66
CA LEU B 579 -24.15 31.12 -22.71
C LEU B 579 -24.92 29.99 -23.37
N GLU B 580 -24.45 29.46 -24.50
CA GLU B 580 -25.10 28.33 -25.13
C GLU B 580 -24.84 27.05 -24.33
N ILE B 581 -25.67 26.04 -24.61
CA ILE B 581 -25.58 24.76 -23.91
C ILE B 581 -24.68 23.81 -24.70
N LEU B 582 -23.74 23.18 -23.98
CA LEU B 582 -22.77 22.28 -24.57
C LEU B 582 -23.09 20.84 -24.22
N ASP B 583 -22.20 19.92 -24.63
CA ASP B 583 -22.38 18.50 -24.37
C ASP B 583 -21.01 17.83 -24.37
N ILE B 584 -20.82 16.90 -23.44
CA ILE B 584 -19.56 16.20 -23.25
C ILE B 584 -19.81 14.70 -23.28
N THR B 585 -19.06 13.97 -24.11
CA THR B 585 -18.99 12.52 -24.08
C THR B 585 -17.64 12.08 -24.63
N PRO B 586 -17.04 11.03 -24.07
CA PRO B 586 -15.75 10.56 -24.59
C PRO B 586 -15.89 9.45 -25.60
N CYS B 587 -14.88 9.35 -26.47
CA CYS B 587 -14.85 8.33 -27.51
C CYS B 587 -13.40 8.15 -27.97
N SER B 588 -12.97 6.91 -28.20
CA SER B 588 -13.74 5.69 -27.96
C SER B 588 -12.85 4.63 -27.32
N PHE B 589 -13.46 3.59 -26.75
CA PHE B 589 -12.68 2.51 -26.15
C PHE B 589 -13.40 1.19 -26.39
N GLY B 590 -12.63 0.11 -26.37
CA GLY B 590 -13.18 -1.21 -26.56
C GLY B 590 -12.07 -2.24 -26.63
N GLY B 591 -12.48 -3.50 -26.52
CA GLY B 591 -11.53 -4.59 -26.56
C GLY B 591 -11.05 -4.92 -27.97
N VAL B 592 -9.89 -5.57 -28.02
CA VAL B 592 -9.27 -5.99 -29.27
C VAL B 592 -8.98 -7.47 -29.17
N SER B 593 -9.50 -8.26 -30.11
CA SER B 593 -9.31 -9.70 -30.13
C SER B 593 -8.54 -10.10 -31.38
N VAL B 594 -7.84 -11.22 -31.28
CA VAL B 594 -7.01 -11.73 -32.38
C VAL B 594 -7.64 -13.06 -32.80
N ILE B 595 -8.47 -13.03 -33.84
CA ILE B 595 -9.06 -14.24 -34.40
C ILE B 595 -7.97 -14.93 -35.22
N THR B 596 -7.35 -15.96 -34.65
CA THR B 596 -6.23 -16.62 -35.30
C THR B 596 -6.43 -18.13 -35.32
N PRO B 597 -5.90 -18.79 -36.35
CA PRO B 597 -5.81 -20.26 -36.32
C PRO B 597 -4.58 -20.72 -35.55
N GLY B 598 -4.27 -22.02 -35.62
CA GLY B 598 -3.08 -22.53 -34.97
C GLY B 598 -1.81 -21.97 -35.57
N THR B 599 -0.76 -21.98 -34.74
CA THR B 599 0.52 -21.37 -35.10
C THR B 599 1.19 -22.11 -36.26
N ASN B 600 1.11 -23.43 -36.26
CA ASN B 600 1.70 -24.21 -37.35
C ASN B 600 0.90 -24.11 -38.65
N THR B 601 -0.36 -23.70 -38.56
CA THR B 601 -1.19 -23.58 -39.77
C THR B 601 -0.78 -22.37 -40.60
N SER B 602 -0.86 -21.18 -40.02
CA SER B 602 -0.54 -19.95 -40.74
C SER B 602 -0.15 -18.88 -39.73
N ASN B 603 0.13 -17.68 -40.24
CA ASN B 603 0.48 -16.54 -39.42
C ASN B 603 -0.45 -15.35 -39.63
N GLN B 604 -1.45 -15.46 -40.50
CA GLN B 604 -2.38 -14.37 -40.73
C GLN B 604 -3.37 -14.24 -39.58
N VAL B 605 -3.94 -13.04 -39.45
CA VAL B 605 -4.72 -12.64 -38.29
C VAL B 605 -6.08 -12.13 -38.75
N ALA B 606 -6.91 -11.80 -37.77
CA ALA B 606 -8.17 -11.09 -38.02
C ALA B 606 -8.49 -10.30 -36.75
N VAL B 607 -8.15 -9.01 -36.76
CA VAL B 607 -8.30 -8.17 -35.58
C VAL B 607 -9.75 -7.71 -35.48
N LEU B 608 -10.36 -7.95 -34.32
CA LEU B 608 -11.75 -7.56 -34.06
C LEU B 608 -11.78 -6.32 -33.16
N TYR B 609 -12.80 -5.51 -33.35
CA TYR B 609 -13.02 -4.30 -32.55
C TYR B 609 -14.40 -4.40 -31.91
N GLN B 610 -14.42 -4.45 -30.58
CA GLN B 610 -15.66 -4.71 -29.84
C GLN B 610 -16.46 -3.42 -29.68
N GLY B 611 -17.65 -3.39 -30.29
CA GLY B 611 -18.61 -2.33 -30.07
C GLY B 611 -18.36 -1.03 -30.78
N VAL B 612 -17.14 -0.77 -31.24
CA VAL B 612 -16.80 0.51 -31.85
C VAL B 612 -17.34 0.54 -33.28
N ASN B 613 -18.06 1.59 -33.62
CA ASN B 613 -18.45 1.82 -35.01
C ASN B 613 -17.22 2.16 -35.83
N CYS B 614 -16.98 1.38 -36.88
CA CYS B 614 -15.79 1.54 -37.71
C CYS B 614 -16.02 2.43 -38.92
N THR B 615 -16.93 3.39 -38.81
CA THR B 615 -16.83 4.62 -39.58
C THR B 615 -15.98 5.67 -38.88
N GLU B 616 -15.44 5.34 -37.71
CA GLU B 616 -14.67 6.24 -36.86
C GLU B 616 -13.18 5.88 -36.84
N VAL B 617 -12.83 4.60 -36.80
CA VAL B 617 -11.44 4.17 -36.77
C VAL B 617 -10.64 4.49 -38.05
N PRO B 618 -11.18 4.57 -39.29
CA PRO B 618 -10.31 5.10 -40.37
C PRO B 618 -10.13 6.60 -40.32
N VAL B 619 -10.98 7.33 -39.59
CA VAL B 619 -10.70 8.74 -39.33
C VAL B 619 -9.57 8.88 -38.32
N ALA B 620 -9.47 7.93 -37.40
CA ALA B 620 -8.49 7.98 -36.31
C ALA B 620 -7.12 7.42 -36.69
N ILE B 621 -6.80 7.33 -37.98
CA ILE B 621 -5.46 6.90 -38.42
C ILE B 621 -4.53 8.09 -38.24
N HIS B 622 -3.80 8.12 -37.13
CA HIS B 622 -2.89 9.22 -36.86
C HIS B 622 -1.80 8.75 -35.90
N ALA B 623 -0.64 9.40 -36.00
CA ALA B 623 0.43 9.15 -35.05
C ALA B 623 0.08 9.74 -33.69
N ASP B 624 0.53 9.05 -32.64
CA ASP B 624 0.26 9.38 -31.22
C ASP B 624 -1.24 9.42 -30.93
N GLN B 625 -2.02 8.59 -31.62
CA GLN B 625 -3.45 8.49 -31.36
C GLN B 625 -3.87 7.04 -31.17
N LEU B 626 -3.16 6.13 -31.84
CA LEU B 626 -3.45 4.70 -31.79
C LEU B 626 -2.40 4.03 -30.92
N THR B 627 -2.81 3.54 -29.75
CA THR B 627 -1.95 2.81 -28.84
C THR B 627 -1.61 1.42 -29.39
N PRO B 628 -2.51 0.70 -30.10
CA PRO B 628 -2.02 -0.38 -30.97
C PRO B 628 -1.08 0.15 -32.06
N THR B 629 -0.07 -0.65 -32.38
CA THR B 629 1.01 -0.19 -33.25
C THR B 629 0.62 -0.14 -34.72
N TRP B 630 -0.29 -1.01 -35.16
CA TRP B 630 -0.61 -1.11 -36.58
C TRP B 630 -1.51 0.05 -36.99
N ARG B 631 -0.89 1.17 -37.35
CA ARG B 631 -1.64 2.31 -37.87
C ARG B 631 -2.13 2.06 -39.29
N VAL B 632 -1.46 1.20 -40.05
CA VAL B 632 -1.87 0.91 -41.43
C VAL B 632 -2.91 -0.18 -41.53
N TYR B 633 -3.24 -0.86 -40.42
CA TYR B 633 -4.22 -1.93 -40.46
C TYR B 633 -5.66 -1.42 -40.51
N SER B 634 -5.89 -0.15 -40.18
CA SER B 634 -7.24 0.39 -40.22
C SER B 634 -7.78 0.52 -41.64
N THR B 635 -6.89 0.59 -42.63
CA THR B 635 -7.27 0.49 -44.05
C THR B 635 -6.63 -0.79 -44.58
N GLY B 636 -7.34 -1.90 -44.40
CA GLY B 636 -6.82 -3.19 -44.78
C GLY B 636 -7.74 -3.96 -45.72
N SER B 637 -8.16 -5.15 -45.30
CA SER B 637 -9.02 -6.00 -46.10
C SER B 637 -10.48 -5.54 -46.01
N ASN B 638 -11.36 -6.29 -46.66
CA ASN B 638 -12.77 -5.94 -46.67
C ASN B 638 -13.41 -6.28 -45.33
N VAL B 639 -14.08 -5.29 -44.74
CA VAL B 639 -14.66 -5.45 -43.41
C VAL B 639 -16.09 -5.95 -43.53
N PHE B 640 -16.58 -6.55 -42.46
CA PHE B 640 -17.97 -6.98 -42.35
C PHE B 640 -18.49 -6.54 -41.00
N GLN B 641 -19.67 -5.92 -40.99
CA GLN B 641 -20.21 -5.28 -39.80
C GLN B 641 -21.16 -6.23 -39.07
N THR B 642 -20.89 -6.45 -37.78
CA THR B 642 -21.71 -7.27 -36.91
C THR B 642 -22.35 -6.41 -35.83
N ARG B 643 -23.13 -7.05 -34.97
CA ARG B 643 -23.77 -6.34 -33.86
C ARG B 643 -22.76 -5.94 -32.79
N ALA B 644 -21.71 -6.73 -32.62
CA ALA B 644 -20.68 -6.46 -31.62
C ALA B 644 -19.56 -5.58 -32.15
N GLY B 645 -19.70 -5.07 -33.36
CA GLY B 645 -18.66 -4.29 -34.00
C GLY B 645 -18.06 -5.04 -35.18
N CYS B 646 -17.58 -4.29 -36.16
CA CYS B 646 -17.05 -4.91 -37.36
C CYS B 646 -15.67 -5.50 -37.07
N LEU B 647 -15.28 -6.48 -37.87
CA LEU B 647 -13.98 -7.10 -37.76
C LEU B 647 -13.17 -6.79 -39.02
N ILE B 648 -11.90 -6.46 -38.82
CA ILE B 648 -11.01 -6.06 -39.91
C ILE B 648 -9.96 -7.15 -40.11
N GLY B 649 -9.85 -7.63 -41.34
CA GLY B 649 -8.95 -8.71 -41.67
C GLY B 649 -9.62 -10.00 -42.08
N ALA B 650 -10.94 -10.02 -42.19
CA ALA B 650 -11.66 -11.22 -42.59
C ALA B 650 -12.83 -10.84 -43.49
N GLU B 651 -13.00 -11.59 -44.58
CA GLU B 651 -14.12 -11.37 -45.49
C GLU B 651 -15.36 -12.08 -44.97
N TYR B 652 -16.48 -11.91 -45.69
CA TYR B 652 -17.75 -12.49 -45.31
C TYR B 652 -18.18 -13.53 -46.34
N VAL B 653 -18.75 -14.62 -45.85
CA VAL B 653 -19.40 -15.62 -46.70
C VAL B 653 -20.80 -15.85 -46.15
N ASN B 654 -21.68 -16.29 -47.05
CA ASN B 654 -23.11 -16.45 -46.73
C ASN B 654 -23.55 -17.89 -46.87
N ASN B 655 -22.73 -18.83 -46.39
CA ASN B 655 -23.09 -20.24 -46.34
C ASN B 655 -23.62 -20.59 -44.94
N SER B 656 -23.96 -21.86 -44.76
CA SER B 656 -24.43 -22.38 -43.48
C SER B 656 -23.41 -23.43 -43.01
N TYR B 657 -22.38 -22.96 -42.32
CA TYR B 657 -21.32 -23.81 -41.81
C TYR B 657 -21.36 -23.87 -40.30
N GLU B 658 -20.78 -24.94 -39.75
CA GLU B 658 -20.66 -25.07 -38.30
C GLU B 658 -19.62 -24.08 -37.78
N CYS B 659 -19.76 -23.74 -36.50
CA CYS B 659 -18.92 -22.74 -35.86
C CYS B 659 -17.74 -23.40 -35.17
N ASP B 660 -16.54 -22.91 -35.45
CA ASP B 660 -15.31 -23.38 -34.81
C ASP B 660 -14.81 -22.40 -33.75
N ILE B 661 -14.65 -21.13 -34.10
CA ILE B 661 -14.25 -20.10 -33.15
C ILE B 661 -15.42 -19.15 -32.97
N PRO B 662 -16.17 -19.24 -31.87
CA PRO B 662 -17.30 -18.33 -31.66
C PRO B 662 -16.85 -16.89 -31.46
N ILE B 663 -17.66 -15.97 -31.98
CA ILE B 663 -17.39 -14.53 -31.92
C ILE B 663 -18.48 -13.80 -31.13
N GLY B 664 -19.73 -14.00 -31.51
CA GLY B 664 -20.85 -13.37 -30.83
C GLY B 664 -21.91 -12.87 -31.79
N ALA B 665 -23.16 -12.80 -31.28
CA ALA B 665 -24.33 -12.22 -31.97
C ALA B 665 -24.64 -12.94 -33.28
N GLY B 666 -24.45 -14.25 -33.30
CA GLY B 666 -24.84 -15.05 -34.45
C GLY B 666 -23.86 -15.07 -35.60
N ILE B 667 -22.71 -14.43 -35.47
CA ILE B 667 -21.65 -14.45 -36.47
C ILE B 667 -20.40 -15.02 -35.81
N CYS B 668 -19.69 -15.89 -36.52
CA CYS B 668 -18.41 -16.40 -36.03
C CYS B 668 -17.52 -16.78 -37.20
N ALA B 669 -16.25 -16.99 -36.89
CA ALA B 669 -15.20 -17.19 -37.89
C ALA B 669 -14.76 -18.65 -37.95
N SER B 670 -13.97 -18.94 -38.97
CA SER B 670 -13.35 -20.25 -39.18
C SER B 670 -12.16 -20.07 -40.11
N TYR B 671 -11.59 -21.18 -40.57
CA TYR B 671 -10.48 -21.19 -41.50
C TYR B 671 -10.88 -22.04 -42.70
N GLN B 672 -10.84 -21.45 -43.89
CA GLN B 672 -11.36 -22.12 -45.09
C GLN B 672 -10.50 -21.77 -46.29
N THR B 673 -10.64 -22.59 -47.33
CA THR B 673 -9.94 -22.39 -48.58
C THR B 673 -10.72 -21.46 -49.50
N SER B 686 -5.08 -19.74 -51.48
CA SER B 686 -6.41 -19.16 -51.30
C SER B 686 -6.93 -19.40 -49.89
N GLN B 687 -6.07 -19.18 -48.90
CA GLN B 687 -6.41 -19.39 -47.50
C GLN B 687 -6.62 -18.04 -46.83
N SER B 688 -7.81 -17.84 -46.27
CA SER B 688 -8.14 -16.59 -45.60
C SER B 688 -9.18 -16.86 -44.53
N ILE B 689 -9.27 -15.94 -43.58
CA ILE B 689 -10.23 -16.04 -42.48
C ILE B 689 -11.58 -15.50 -42.96
N ILE B 690 -12.65 -16.23 -42.66
CA ILE B 690 -13.98 -15.87 -43.14
C ILE B 690 -14.90 -15.60 -41.95
N ALA B 691 -16.17 -15.30 -42.24
CA ALA B 691 -17.19 -15.11 -41.21
C ALA B 691 -18.54 -15.44 -41.83
N TYR B 692 -19.42 -16.07 -41.06
CA TYR B 692 -20.65 -16.62 -41.61
C TYR B 692 -21.71 -16.69 -40.52
N THR B 693 -22.78 -17.43 -40.81
CA THR B 693 -23.94 -17.54 -39.95
C THR B 693 -24.01 -18.95 -39.38
N MET B 694 -24.59 -19.09 -38.18
CA MET B 694 -24.70 -20.37 -37.49
C MET B 694 -25.53 -21.36 -38.30
N SER B 695 -25.02 -22.59 -38.41
CA SER B 695 -25.76 -23.71 -38.97
C SER B 695 -26.28 -24.54 -37.81
N LEU B 696 -27.58 -24.45 -37.55
CA LEU B 696 -28.20 -25.15 -36.43
C LEU B 696 -28.65 -26.55 -36.79
N GLY B 697 -28.17 -27.09 -37.91
CA GLY B 697 -28.58 -28.40 -38.38
C GLY B 697 -29.54 -28.29 -39.56
N ALA B 698 -29.69 -29.41 -40.25
CA ALA B 698 -30.60 -29.47 -41.39
C ALA B 698 -32.04 -29.42 -40.93
N GLU B 699 -32.88 -28.74 -41.70
CA GLU B 699 -34.30 -28.60 -41.36
C GLU B 699 -35.02 -29.91 -41.63
N ASN B 700 -34.99 -30.83 -40.66
CA ASN B 700 -35.67 -32.11 -40.81
C ASN B 700 -37.17 -31.91 -40.71
N SER B 701 -37.90 -32.53 -41.63
CA SER B 701 -39.34 -32.41 -41.67
C SER B 701 -40.00 -33.50 -40.84
N VAL B 702 -41.28 -33.30 -40.52
CA VAL B 702 -42.08 -34.26 -39.78
C VAL B 702 -43.34 -34.52 -40.61
N ALA B 703 -43.57 -35.79 -40.94
CA ALA B 703 -44.76 -36.18 -41.69
C ALA B 703 -45.89 -36.50 -40.72
N TYR B 704 -46.33 -35.46 -40.01
CA TYR B 704 -47.37 -35.61 -39.01
C TYR B 704 -48.74 -35.71 -39.67
N SER B 705 -49.56 -36.62 -39.17
CA SER B 705 -50.95 -36.72 -39.58
C SER B 705 -51.74 -37.23 -38.38
N ASN B 706 -53.05 -37.36 -38.57
CA ASN B 706 -53.91 -37.92 -37.53
C ASN B 706 -54.00 -39.44 -37.59
N ASN B 707 -53.34 -40.08 -38.57
CA ASN B 707 -53.17 -41.53 -38.57
C ASN B 707 -51.84 -41.93 -39.24
N SER B 708 -50.78 -41.96 -38.42
CA SER B 708 -49.46 -42.38 -38.89
C SER B 708 -48.59 -42.68 -37.67
N ILE B 709 -48.15 -43.92 -37.52
CA ILE B 709 -47.19 -44.30 -36.48
C ILE B 709 -45.87 -44.62 -37.17
N ALA B 710 -44.78 -44.47 -36.43
CA ALA B 710 -43.44 -44.80 -36.91
C ALA B 710 -42.76 -45.70 -35.90
N ILE B 711 -42.44 -46.92 -36.30
CA ILE B 711 -41.92 -47.95 -35.41
C ILE B 711 -40.60 -48.44 -35.98
N PRO B 712 -39.50 -48.41 -35.22
CA PRO B 712 -38.24 -48.96 -35.72
C PRO B 712 -38.29 -50.47 -35.83
N THR B 713 -37.48 -51.00 -36.75
CA THR B 713 -37.39 -52.44 -36.99
C THR B 713 -36.03 -53.01 -36.64
N ASN B 714 -35.10 -52.19 -36.15
CA ASN B 714 -33.76 -52.64 -35.81
C ASN B 714 -33.19 -51.73 -34.74
N PHE B 715 -31.99 -52.04 -34.28
CA PHE B 715 -31.36 -51.28 -33.21
C PHE B 715 -29.85 -51.44 -33.28
N THR B 716 -29.14 -50.44 -32.76
CA THR B 716 -27.68 -50.48 -32.65
C THR B 716 -27.30 -50.13 -31.22
N ILE B 717 -26.66 -51.07 -30.53
CA ILE B 717 -26.15 -50.83 -29.20
C ILE B 717 -24.87 -50.00 -29.32
N SER B 718 -24.84 -48.86 -28.64
CA SER B 718 -23.67 -47.98 -28.67
C SER B 718 -23.13 -47.82 -27.26
N VAL B 719 -21.84 -47.49 -27.19
CA VAL B 719 -21.16 -47.27 -25.91
C VAL B 719 -20.71 -45.81 -25.91
N THR B 720 -21.44 -44.97 -25.20
CA THR B 720 -21.13 -43.55 -25.09
C THR B 720 -20.31 -43.31 -23.82
N THR B 721 -19.32 -42.44 -23.93
CA THR B 721 -18.37 -42.18 -22.85
C THR B 721 -18.57 -40.77 -22.32
N GLU B 722 -18.80 -40.66 -21.01
CA GLU B 722 -18.84 -39.38 -20.33
C GLU B 722 -17.81 -39.38 -19.19
N ILE B 723 -17.32 -38.19 -18.86
CA ILE B 723 -16.18 -38.04 -17.97
C ILE B 723 -16.54 -37.04 -16.88
N LEU B 724 -16.39 -37.45 -15.62
CA LEU B 724 -16.74 -36.63 -14.47
C LEU B 724 -15.55 -36.53 -13.51
N PRO B 725 -15.22 -35.34 -13.02
CA PRO B 725 -14.22 -35.24 -11.96
C PRO B 725 -14.79 -35.71 -10.62
N VAL B 726 -13.91 -36.12 -9.72
CA VAL B 726 -14.31 -36.59 -8.40
C VAL B 726 -13.55 -35.81 -7.33
N SER B 727 -12.22 -35.74 -7.46
CA SER B 727 -11.41 -35.14 -6.41
C SER B 727 -10.51 -34.04 -6.94
N MET B 728 -9.60 -33.56 -6.09
CA MET B 728 -8.72 -32.45 -6.40
C MET B 728 -7.43 -32.66 -5.62
N THR B 729 -6.33 -32.15 -6.17
CA THR B 729 -5.02 -32.26 -5.52
C THR B 729 -5.01 -31.52 -4.20
N LYS B 730 -4.71 -32.24 -3.11
CA LYS B 730 -4.69 -31.65 -1.78
C LYS B 730 -3.49 -30.72 -1.62
N THR B 731 -3.72 -29.56 -1.02
CA THR B 731 -2.68 -28.57 -0.86
C THR B 731 -2.73 -28.00 0.55
N SER B 732 -1.59 -28.00 1.24
CA SER B 732 -1.45 -27.39 2.55
C SER B 732 -0.33 -26.35 2.49
N VAL B 733 -0.52 -25.27 3.24
CA VAL B 733 0.40 -24.14 3.20
C VAL B 733 0.82 -23.81 4.64
N ASP B 734 2.03 -23.27 4.77
CA ASP B 734 2.54 -22.80 6.06
C ASP B 734 2.69 -21.29 5.99
N CYS B 735 2.31 -20.60 7.07
CA CYS B 735 2.24 -19.14 7.04
C CYS B 735 3.62 -18.51 7.15
N THR B 736 4.35 -18.81 8.23
CA THR B 736 5.52 -18.02 8.63
C THR B 736 6.66 -18.14 7.62
N MET B 737 6.89 -19.35 7.12
CA MET B 737 8.03 -19.61 6.25
C MET B 737 7.71 -19.42 4.76
N TYR B 738 6.50 -18.99 4.42
CA TYR B 738 6.16 -18.60 3.05
C TYR B 738 6.24 -17.09 2.85
N ILE B 739 5.52 -16.31 3.67
CA ILE B 739 5.54 -14.86 3.53
C ILE B 739 6.88 -14.27 3.95
N CYS B 740 7.65 -14.98 4.77
CA CYS B 740 8.95 -14.51 5.25
C CYS B 740 9.89 -15.72 5.30
N GLY B 741 10.60 -15.95 4.21
CA GLY B 741 11.49 -17.08 4.11
C GLY B 741 12.82 -16.85 4.79
N ASP B 742 13.12 -17.68 5.80
CA ASP B 742 14.37 -17.64 6.58
C ASP B 742 14.61 -16.28 7.22
N SER B 743 13.58 -15.76 7.88
CA SER B 743 13.66 -14.49 8.59
C SER B 743 12.89 -14.65 9.89
N THR B 744 13.61 -14.66 11.02
CA THR B 744 12.98 -14.92 12.31
C THR B 744 12.28 -13.71 12.90
N GLU B 745 12.44 -12.52 12.32
CA GLU B 745 11.73 -11.35 12.82
C GLU B 745 10.26 -11.35 12.43
N CYS B 746 9.90 -12.04 11.35
CA CYS B 746 8.51 -12.12 10.94
C CYS B 746 7.68 -13.03 11.82
N SER B 747 8.32 -13.89 12.62
CA SER B 747 7.57 -14.69 13.59
C SER B 747 6.97 -13.81 14.68
N ASN B 748 7.64 -12.72 15.03
CA ASN B 748 7.09 -11.79 16.02
C ASN B 748 5.96 -10.96 15.44
N LEU B 749 6.08 -10.56 14.17
CA LEU B 749 5.07 -9.70 13.56
C LEU B 749 3.85 -10.47 13.07
N LEU B 750 3.94 -11.80 12.94
CA LEU B 750 2.79 -12.55 12.48
C LEU B 750 1.84 -12.91 13.62
N LEU B 751 2.37 -13.07 14.84
CA LEU B 751 1.51 -13.45 15.96
C LEU B 751 0.62 -12.29 16.42
N GLN B 752 1.04 -11.06 16.20
CA GLN B 752 0.25 -9.91 16.63
C GLN B 752 -0.86 -9.54 15.66
N TYR B 753 -0.94 -10.19 14.49
CA TYR B 753 -2.10 -10.04 13.62
C TYR B 753 -3.28 -10.90 14.04
N GLY B 754 -3.09 -11.79 15.01
CA GLY B 754 -4.21 -12.54 15.57
C GLY B 754 -4.38 -13.93 15.01
N SER B 755 -5.63 -14.34 14.82
CA SER B 755 -5.97 -15.70 14.40
C SER B 755 -6.28 -15.78 12.91
N PHE B 756 -5.55 -15.02 12.09
CA PHE B 756 -5.64 -15.18 10.65
C PHE B 756 -5.16 -16.58 10.22
N CYS B 757 -3.97 -16.96 10.67
CA CYS B 757 -3.38 -18.20 10.23
C CYS B 757 -3.97 -19.41 10.94
N THR B 758 -4.63 -19.22 12.09
CA THR B 758 -5.46 -20.28 12.64
C THR B 758 -6.67 -20.53 11.75
N GLN B 759 -7.23 -19.46 11.19
CA GLN B 759 -8.38 -19.58 10.29
C GLN B 759 -7.96 -20.17 8.93
N LEU B 760 -6.84 -19.70 8.37
CA LEU B 760 -6.42 -20.15 7.04
C LEU B 760 -5.98 -21.60 7.05
N LYS B 761 -5.29 -22.04 8.11
CA LYS B 761 -4.91 -23.44 8.21
C LYS B 761 -6.12 -24.34 8.41
N ARG B 762 -7.08 -23.89 9.22
CA ARG B 762 -8.30 -24.67 9.42
C ARG B 762 -9.26 -24.56 8.24
N ALA B 763 -9.07 -23.59 7.35
CA ALA B 763 -9.87 -23.55 6.13
C ALA B 763 -9.38 -24.58 5.12
N LEU B 764 -8.07 -24.57 4.82
CA LEU B 764 -7.50 -25.49 3.85
C LEU B 764 -7.46 -26.93 4.35
N THR B 765 -7.49 -27.14 5.67
CA THR B 765 -7.68 -28.48 6.21
C THR B 765 -9.08 -28.99 5.90
N GLY B 766 -10.06 -28.09 5.81
CA GLY B 766 -11.41 -28.50 5.44
C GLY B 766 -11.50 -29.05 4.03
N ILE B 767 -10.73 -28.49 3.10
CA ILE B 767 -10.59 -29.11 1.78
C ILE B 767 -9.80 -30.40 1.88
N ALA B 768 -8.70 -30.38 2.64
CA ALA B 768 -7.77 -31.51 2.70
C ALA B 768 -8.34 -32.73 3.41
N VAL B 769 -9.45 -32.61 4.11
CA VAL B 769 -10.15 -33.78 4.65
C VAL B 769 -11.38 -34.12 3.80
N GLU B 770 -11.90 -33.16 3.04
CA GLU B 770 -13.06 -33.42 2.19
C GLU B 770 -12.68 -34.25 0.96
N GLN B 771 -11.46 -34.08 0.45
CA GLN B 771 -11.02 -34.83 -0.72
C GLN B 771 -10.86 -36.32 -0.41
N ASP B 772 -10.52 -36.66 0.83
CA ASP B 772 -10.58 -38.05 1.26
C ASP B 772 -12.02 -38.52 1.31
N LYS B 773 -12.94 -37.65 1.75
CA LYS B 773 -14.34 -38.00 1.84
C LYS B 773 -15.00 -38.11 0.47
N ASN B 774 -14.52 -37.33 -0.52
CA ASN B 774 -15.08 -37.40 -1.86
C ASN B 774 -14.75 -38.72 -2.54
N THR B 775 -13.51 -39.18 -2.42
CA THR B 775 -13.11 -40.43 -3.06
C THR B 775 -13.76 -41.64 -2.40
N GLN B 776 -13.93 -41.60 -1.07
CA GLN B 776 -14.63 -42.65 -0.36
C GLN B 776 -16.12 -42.66 -0.66
N GLU B 777 -16.68 -41.53 -1.09
CA GLU B 777 -18.11 -41.47 -1.38
C GLU B 777 -18.45 -42.13 -2.72
N VAL B 778 -17.58 -41.99 -3.71
CA VAL B 778 -17.91 -42.45 -5.06
C VAL B 778 -17.64 -43.95 -5.21
N PHE B 779 -16.55 -44.44 -4.63
CA PHE B 779 -16.09 -45.80 -4.90
C PHE B 779 -16.52 -46.83 -3.86
N ALA B 780 -16.72 -46.44 -2.61
CA ALA B 780 -16.79 -47.38 -1.50
C ALA B 780 -18.22 -47.61 -1.00
N GLN B 781 -19.20 -47.72 -1.89
CA GLN B 781 -20.55 -48.09 -1.45
C GLN B 781 -20.63 -49.53 -0.96
N VAL B 782 -19.75 -50.40 -1.43
CA VAL B 782 -19.69 -51.79 -0.99
C VAL B 782 -18.35 -52.03 -0.30
N LYS B 783 -18.40 -52.71 0.84
CA LYS B 783 -17.21 -52.99 1.64
C LYS B 783 -16.75 -54.44 1.50
N GLN B 784 -17.31 -55.19 0.55
CA GLN B 784 -16.88 -56.55 0.27
C GLN B 784 -16.13 -56.55 -1.05
N ILE B 785 -14.86 -56.97 -1.02
CA ILE B 785 -14.02 -56.99 -2.21
C ILE B 785 -14.23 -58.33 -2.91
N TYR B 786 -14.98 -58.31 -3.99
CA TYR B 786 -15.22 -59.51 -4.77
C TYR B 786 -14.05 -59.75 -5.73
N LYS B 787 -14.10 -60.88 -6.43
CA LYS B 787 -13.11 -61.18 -7.45
C LYS B 787 -13.73 -62.06 -8.52
N THR B 788 -13.34 -61.81 -9.76
CA THR B 788 -13.90 -62.54 -10.89
C THR B 788 -13.30 -63.95 -10.96
N PRO B 789 -14.08 -64.94 -11.40
CA PRO B 789 -13.52 -66.27 -11.63
C PRO B 789 -12.60 -66.27 -12.84
N PRO B 790 -11.65 -67.22 -12.91
CA PRO B 790 -10.74 -67.27 -14.08
C PRO B 790 -11.43 -67.58 -15.40
N ILE B 791 -12.59 -68.24 -15.38
CA ILE B 791 -13.32 -68.52 -16.61
C ILE B 791 -14.03 -67.23 -17.03
N LYS B 792 -13.57 -66.64 -18.14
CA LYS B 792 -14.06 -65.35 -18.60
C LYS B 792 -15.11 -65.46 -19.69
N TYR B 793 -15.60 -66.66 -19.99
CA TYR B 793 -16.60 -66.86 -21.04
C TYR B 793 -17.95 -66.43 -20.50
N PHE B 794 -18.27 -65.15 -20.64
CA PHE B 794 -19.53 -64.59 -20.18
C PHE B 794 -20.59 -64.58 -21.28
N GLY B 795 -20.82 -65.74 -21.88
CA GLY B 795 -21.85 -65.85 -22.91
C GLY B 795 -21.48 -65.27 -24.25
N GLY B 796 -20.20 -64.95 -24.48
CA GLY B 796 -19.76 -64.39 -25.73
C GLY B 796 -19.51 -62.89 -25.71
N PHE B 797 -19.96 -62.20 -24.67
CA PHE B 797 -19.73 -60.76 -24.53
C PHE B 797 -18.29 -60.59 -24.05
N ASN B 798 -17.40 -60.19 -24.95
CA ASN B 798 -15.96 -60.21 -24.68
C ASN B 798 -15.59 -59.02 -23.79
N PHE B 799 -15.31 -59.31 -22.52
CA PHE B 799 -14.91 -58.32 -21.53
C PHE B 799 -13.39 -58.29 -21.33
N SER B 800 -12.62 -58.54 -22.38
CA SER B 800 -11.19 -58.75 -22.22
C SER B 800 -10.43 -57.44 -21.96
N GLN B 801 -11.05 -56.30 -22.22
CA GLN B 801 -10.32 -55.04 -22.13
C GLN B 801 -10.57 -54.28 -20.83
N ILE B 802 -11.77 -54.40 -20.25
CA ILE B 802 -12.09 -53.59 -19.08
C ILE B 802 -11.61 -54.24 -17.78
N LEU B 803 -11.50 -55.57 -17.75
CA LEU B 803 -11.06 -56.27 -16.56
C LEU B 803 -9.55 -56.14 -16.40
N PRO B 804 -9.02 -56.39 -15.19
CA PRO B 804 -7.57 -56.35 -14.99
C PRO B 804 -6.79 -57.34 -15.84
N ASP B 805 -5.59 -56.91 -16.23
CA ASP B 805 -4.67 -57.71 -17.03
C ASP B 805 -3.61 -58.30 -16.11
N PRO B 806 -3.50 -59.63 -16.01
CA PRO B 806 -2.48 -60.22 -15.11
C PRO B 806 -1.04 -60.06 -15.59
N SER B 807 -0.83 -59.66 -16.85
CA SER B 807 0.53 -59.42 -17.32
C SER B 807 1.16 -58.22 -16.64
N LYS B 808 0.37 -57.17 -16.44
CA LYS B 808 0.83 -56.00 -15.68
C LYS B 808 0.99 -56.38 -14.21
N PRO B 809 2.03 -55.89 -13.53
CA PRO B 809 2.15 -56.12 -12.08
C PRO B 809 0.99 -55.54 -11.27
N SER B 810 0.42 -54.42 -11.70
CA SER B 810 -0.80 -53.91 -11.10
C SER B 810 -2.01 -54.50 -11.82
N LYS B 811 -3.20 -54.20 -11.32
CA LYS B 811 -4.45 -54.70 -11.89
C LYS B 811 -5.14 -53.66 -12.76
N ARG B 812 -4.37 -52.84 -13.46
CA ARG B 812 -4.91 -51.80 -14.33
C ARG B 812 -5.26 -52.37 -15.70
N SER B 813 -6.42 -51.99 -16.22
CA SER B 813 -6.89 -52.49 -17.50
C SER B 813 -6.14 -51.81 -18.65
N PRO B 814 -6.13 -52.44 -19.84
CA PRO B 814 -5.59 -51.75 -21.02
C PRO B 814 -6.35 -50.49 -21.39
N ILE B 815 -7.66 -50.44 -21.17
CA ILE B 815 -8.40 -49.19 -21.35
C ILE B 815 -7.99 -48.19 -20.28
N GLU B 816 -7.76 -48.66 -19.05
CA GLU B 816 -7.25 -47.80 -17.99
C GLU B 816 -5.84 -47.32 -18.29
N ASP B 817 -5.01 -48.17 -18.90
CA ASP B 817 -3.61 -47.81 -19.16
C ASP B 817 -3.48 -46.66 -20.16
N LEU B 818 -4.45 -46.51 -21.06
CA LEU B 818 -4.51 -45.30 -21.87
C LEU B 818 -4.84 -44.07 -21.02
N LEU B 819 -5.71 -44.23 -20.03
CA LEU B 819 -6.16 -43.11 -19.23
C LEU B 819 -5.08 -42.61 -18.27
N PHE B 820 -4.23 -43.52 -17.75
CA PHE B 820 -3.12 -43.11 -16.91
C PHE B 820 -1.94 -42.57 -17.73
N ASN B 821 -1.98 -42.63 -19.05
CA ASN B 821 -0.90 -42.19 -19.90
C ASN B 821 -1.13 -40.83 -20.55
N LYS B 822 -2.36 -40.53 -20.98
CA LYS B 822 -2.63 -39.27 -21.64
C LYS B 822 -2.62 -38.10 -20.65
N VAL B 823 -3.10 -38.33 -19.44
CA VAL B 823 -3.14 -37.28 -18.42
C VAL B 823 -1.74 -37.09 -17.86
N THR B 824 -1.26 -35.85 -17.89
CA THR B 824 0.08 -35.50 -17.42
C THR B 824 0.00 -34.97 -16.00
N LEU B 825 0.82 -35.52 -15.11
CA LEU B 825 0.87 -35.08 -13.73
C LEU B 825 2.26 -34.57 -13.37
N LEU B 846 11.75 -30.97 -10.62
CA LEU B 846 11.95 -29.75 -11.38
C LEU B 846 10.72 -28.85 -11.24
N ILE B 847 9.55 -29.39 -11.60
CA ILE B 847 8.32 -28.63 -11.47
C ILE B 847 7.93 -28.46 -10.00
N CYS B 848 8.30 -29.42 -9.15
CA CYS B 848 8.04 -29.35 -7.73
C CYS B 848 9.31 -29.19 -6.91
N ALA B 849 10.48 -29.17 -7.55
CA ALA B 849 11.74 -29.05 -6.82
C ALA B 849 11.94 -27.64 -6.28
N GLN B 850 11.41 -26.63 -6.97
CA GLN B 850 11.54 -25.25 -6.53
C GLN B 850 10.37 -24.81 -5.67
N LYS B 851 9.51 -25.73 -5.23
CA LYS B 851 8.44 -25.43 -4.28
C LYS B 851 8.94 -25.55 -2.84
N PHE B 852 10.01 -24.83 -2.53
CA PHE B 852 10.52 -24.77 -1.16
C PHE B 852 9.80 -23.76 -0.30
N LYS B 853 8.87 -22.99 -0.86
CA LYS B 853 8.16 -21.94 -0.12
C LYS B 853 6.85 -22.45 0.47
N GLY B 854 6.89 -23.58 1.18
CA GLY B 854 5.76 -24.05 1.96
C GLY B 854 4.67 -24.75 1.19
N LEU B 855 4.52 -24.51 -0.11
CA LEU B 855 3.41 -25.05 -0.88
C LEU B 855 3.71 -26.51 -1.23
N THR B 856 3.40 -27.38 -0.29
CA THR B 856 3.54 -28.82 -0.49
C THR B 856 2.21 -29.43 -0.91
N VAL B 857 2.28 -30.59 -1.55
CA VAL B 857 1.11 -31.35 -1.95
C VAL B 857 1.05 -32.63 -1.13
N LEU B 858 -0.06 -32.82 -0.43
CA LEU B 858 -0.22 -34.01 0.38
C LEU B 858 -0.66 -35.20 -0.47
N PRO B 859 -0.15 -36.39 -0.19
CA PRO B 859 -0.58 -37.56 -0.96
C PRO B 859 -1.98 -37.97 -0.56
N PRO B 860 -2.75 -38.56 -1.49
CA PRO B 860 -4.08 -39.06 -1.12
C PRO B 860 -4.00 -40.29 -0.25
N LEU B 861 -5.12 -40.57 0.43
CA LEU B 861 -5.18 -41.73 1.31
C LEU B 861 -5.21 -43.02 0.51
N LEU B 862 -6.14 -43.14 -0.43
CA LEU B 862 -6.23 -44.29 -1.29
C LEU B 862 -5.21 -44.15 -2.42
N THR B 863 -4.26 -45.09 -2.49
CA THR B 863 -3.30 -45.08 -3.59
C THR B 863 -3.93 -45.60 -4.86
N ASP B 864 -3.21 -45.45 -5.97
CA ASP B 864 -3.73 -45.83 -7.28
C ASP B 864 -3.89 -47.33 -7.43
N GLU B 865 -3.14 -48.13 -6.68
CA GLU B 865 -3.29 -49.58 -6.76
C GLU B 865 -4.59 -50.04 -6.11
N MET B 866 -4.90 -49.53 -4.92
CA MET B 866 -6.11 -49.92 -4.20
C MET B 866 -7.36 -49.22 -4.71
N ILE B 867 -7.22 -48.14 -5.47
CA ILE B 867 -8.35 -47.59 -6.22
C ILE B 867 -8.81 -48.59 -7.27
N ALA B 868 -7.85 -49.22 -7.95
CA ALA B 868 -8.17 -50.30 -8.88
C ALA B 868 -8.72 -51.54 -8.19
N GLN B 869 -8.46 -51.71 -6.89
CA GLN B 869 -9.08 -52.80 -6.16
C GLN B 869 -10.57 -52.53 -5.92
N TYR B 870 -10.93 -51.28 -5.62
CA TYR B 870 -12.34 -50.90 -5.63
C TYR B 870 -12.94 -51.01 -7.03
N THR B 871 -12.19 -50.56 -8.04
CA THR B 871 -12.69 -50.57 -9.41
C THR B 871 -12.87 -51.99 -9.94
N SER B 872 -11.98 -52.91 -9.57
CA SER B 872 -12.18 -54.31 -9.92
C SER B 872 -13.33 -54.92 -9.12
N ALA B 873 -13.63 -54.37 -7.95
CA ALA B 873 -14.72 -54.91 -7.13
C ALA B 873 -16.09 -54.54 -7.71
N LEU B 874 -16.22 -53.32 -8.25
CA LEU B 874 -17.49 -52.89 -8.82
C LEU B 874 -17.84 -53.66 -10.08
N LEU B 875 -16.84 -53.96 -10.93
CA LEU B 875 -17.12 -54.80 -12.09
C LEU B 875 -17.30 -56.26 -11.72
N ALA B 876 -16.76 -56.70 -10.59
CA ALA B 876 -16.97 -58.09 -10.17
C ALA B 876 -18.38 -58.33 -9.65
N GLY B 877 -19.14 -57.27 -9.37
CA GLY B 877 -20.51 -57.43 -8.91
C GLY B 877 -21.53 -57.29 -10.02
N THR B 878 -21.27 -56.40 -10.98
CA THR B 878 -22.26 -56.14 -12.03
C THR B 878 -22.17 -57.11 -13.19
N ILE B 879 -21.19 -58.01 -13.22
CA ILE B 879 -21.12 -59.03 -14.26
C ILE B 879 -21.36 -60.43 -13.73
N THR B 880 -21.40 -60.62 -12.42
CA THR B 880 -21.70 -61.92 -11.82
C THR B 880 -22.92 -61.89 -10.93
N SER B 881 -23.13 -60.82 -10.17
CA SER B 881 -24.26 -60.74 -9.26
C SER B 881 -25.39 -59.84 -9.76
N GLY B 882 -25.10 -58.88 -10.62
CA GLY B 882 -26.12 -58.00 -11.15
C GLY B 882 -26.20 -56.71 -10.35
N TRP B 883 -27.42 -56.38 -9.89
CA TRP B 883 -27.65 -55.19 -9.08
C TRP B 883 -27.94 -55.50 -7.62
N THR B 884 -28.03 -56.78 -7.26
CA THR B 884 -28.47 -57.15 -5.91
C THR B 884 -27.39 -56.91 -4.87
N PHE B 885 -26.11 -57.00 -5.26
CA PHE B 885 -24.99 -56.92 -4.33
C PHE B 885 -24.83 -55.53 -3.70
N GLY B 886 -25.46 -54.50 -4.26
CA GLY B 886 -25.50 -53.21 -3.62
C GLY B 886 -26.62 -53.02 -2.62
N ALA B 887 -27.50 -54.01 -2.48
CA ALA B 887 -28.65 -53.90 -1.59
C ALA B 887 -28.89 -55.20 -0.83
N GLY B 888 -27.82 -55.81 -0.32
CA GLY B 888 -27.94 -57.02 0.47
C GLY B 888 -26.92 -58.07 0.11
N PRO B 889 -27.30 -59.34 0.22
CA PRO B 889 -26.37 -60.42 -0.16
C PRO B 889 -26.24 -60.52 -1.67
N ALA B 890 -25.04 -60.90 -2.11
CA ALA B 890 -24.75 -61.01 -3.54
C ALA B 890 -25.36 -62.29 -4.08
N LEU B 891 -26.30 -62.15 -5.01
CA LEU B 891 -26.96 -63.28 -5.63
C LEU B 891 -26.39 -63.47 -7.03
N GLN B 892 -25.69 -64.58 -7.24
CA GLN B 892 -25.06 -64.82 -8.53
C GLN B 892 -26.09 -65.16 -9.59
N ILE B 893 -25.95 -64.56 -10.77
CA ILE B 893 -26.83 -64.80 -11.91
C ILE B 893 -25.99 -65.04 -13.16
N PRO B 894 -26.42 -65.92 -14.06
CA PRO B 894 -25.74 -66.03 -15.36
C PRO B 894 -26.00 -64.82 -16.22
N PHE B 895 -24.95 -64.33 -16.85
CA PHE B 895 -24.98 -63.11 -17.67
C PHE B 895 -25.90 -63.10 -18.90
N PRO B 896 -26.22 -64.22 -19.58
CA PRO B 896 -27.30 -64.13 -20.59
C PRO B 896 -28.65 -63.71 -20.05
N MET B 897 -28.99 -64.06 -18.81
CA MET B 897 -30.27 -63.62 -18.27
C MET B 897 -30.23 -62.26 -17.59
N GLN B 898 -29.06 -61.64 -17.46
CA GLN B 898 -29.04 -60.29 -16.93
C GLN B 898 -29.49 -59.26 -17.96
N MET B 899 -29.18 -59.52 -19.24
CA MET B 899 -29.74 -58.68 -20.30
C MET B 899 -31.25 -58.85 -20.41
N ALA B 900 -31.77 -60.04 -20.10
CA ALA B 900 -33.21 -60.27 -20.11
C ALA B 900 -33.92 -59.54 -18.98
N TYR B 901 -33.21 -59.22 -17.89
CA TYR B 901 -33.75 -58.37 -16.84
C TYR B 901 -33.39 -56.91 -17.01
N ARG B 902 -32.75 -56.54 -18.10
CA ARG B 902 -32.44 -55.14 -18.36
C ARG B 902 -33.05 -54.60 -19.64
N PHE B 903 -33.38 -55.47 -20.62
CA PHE B 903 -34.30 -55.06 -21.66
C PHE B 903 -35.68 -54.80 -21.10
N ASN B 904 -36.13 -55.64 -20.16
CA ASN B 904 -37.48 -55.56 -19.60
C ASN B 904 -37.72 -54.27 -18.82
N GLY B 905 -36.66 -53.64 -18.31
CA GLY B 905 -36.83 -52.35 -17.66
C GLY B 905 -36.95 -51.17 -18.59
N ILE B 906 -36.77 -51.37 -19.89
CA ILE B 906 -36.89 -50.31 -20.87
C ILE B 906 -38.32 -50.18 -21.39
N GLY B 907 -38.92 -51.29 -21.81
CA GLY B 907 -40.24 -51.27 -22.38
C GLY B 907 -40.41 -52.28 -23.49
N VAL B 908 -39.29 -52.80 -23.98
CA VAL B 908 -39.29 -53.91 -24.92
C VAL B 908 -39.01 -55.19 -24.12
N THR B 909 -39.68 -56.27 -24.48
CA THR B 909 -39.58 -57.48 -23.69
C THR B 909 -38.25 -58.20 -23.94
N GLN B 910 -38.07 -59.33 -23.26
CA GLN B 910 -36.88 -60.15 -23.37
C GLN B 910 -36.95 -61.15 -24.53
N ASN B 911 -37.97 -61.05 -25.38
CA ASN B 911 -38.07 -61.92 -26.54
C ASN B 911 -37.03 -61.57 -27.59
N VAL B 912 -36.57 -60.32 -27.62
CA VAL B 912 -35.66 -59.86 -28.64
C VAL B 912 -34.20 -59.98 -28.20
N LEU B 913 -33.93 -60.80 -27.19
CA LEU B 913 -32.56 -61.06 -26.74
C LEU B 913 -32.00 -62.39 -27.24
N TYR B 914 -32.66 -63.50 -26.91
CA TYR B 914 -32.11 -64.82 -27.24
C TYR B 914 -32.32 -65.18 -28.70
N GLU B 915 -33.19 -64.48 -29.41
CA GLU B 915 -33.42 -64.79 -30.81
C GLU B 915 -32.28 -64.32 -31.69
N ASN B 916 -31.58 -63.26 -31.28
CA ASN B 916 -30.45 -62.72 -32.02
C ASN B 916 -29.29 -62.40 -31.09
N GLN B 917 -28.94 -63.38 -30.24
CA GLN B 917 -27.92 -63.17 -29.21
C GLN B 917 -26.52 -62.96 -29.79
N LYS B 918 -26.24 -63.57 -30.95
CA LYS B 918 -24.89 -63.50 -31.51
C LYS B 918 -24.59 -62.13 -32.08
N LEU B 919 -25.53 -61.52 -32.80
CA LEU B 919 -25.30 -60.20 -33.37
C LEU B 919 -25.32 -59.11 -32.32
N ILE B 920 -25.99 -59.33 -31.19
CA ILE B 920 -25.86 -58.43 -30.05
C ILE B 920 -24.44 -58.47 -29.50
N ALA B 921 -23.85 -59.66 -29.43
CA ALA B 921 -22.47 -59.81 -28.98
C ALA B 921 -21.49 -59.15 -29.96
N ASN B 922 -21.72 -59.29 -31.26
CA ASN B 922 -20.84 -58.67 -32.24
C ASN B 922 -20.98 -57.15 -32.24
N GLN B 923 -22.19 -56.64 -32.00
CA GLN B 923 -22.36 -55.21 -31.80
C GLN B 923 -21.74 -54.73 -30.50
N PHE B 924 -21.61 -55.62 -29.52
CA PHE B 924 -20.97 -55.28 -28.25
C PHE B 924 -19.46 -55.51 -28.29
N ASN B 925 -18.99 -56.53 -29.03
CA ASN B 925 -17.55 -56.77 -29.11
C ASN B 925 -16.84 -55.69 -29.92
N SER B 926 -17.42 -55.28 -31.04
CA SER B 926 -16.81 -54.25 -31.87
C SER B 926 -16.94 -52.86 -31.29
N ALA B 927 -17.86 -52.65 -30.34
CA ALA B 927 -18.04 -51.33 -29.76
C ALA B 927 -16.91 -50.96 -28.82
N ILE B 928 -16.46 -51.90 -27.99
CA ILE B 928 -15.43 -51.61 -27.00
C ILE B 928 -14.07 -51.41 -27.67
N GLY B 929 -13.81 -52.14 -28.77
CA GLY B 929 -12.57 -51.98 -29.49
C GLY B 929 -12.40 -50.65 -30.18
N LYS B 930 -13.51 -49.97 -30.49
CA LYS B 930 -13.45 -48.64 -31.08
C LYS B 930 -13.08 -47.56 -30.06
N ILE B 931 -13.25 -47.83 -28.76
CA ILE B 931 -13.02 -46.81 -27.75
C ILE B 931 -11.54 -46.49 -27.60
N GLN B 932 -10.68 -47.52 -27.68
CA GLN B 932 -9.24 -47.32 -27.52
C GLN B 932 -8.65 -46.49 -28.65
N ASP B 933 -9.22 -46.59 -29.86
CA ASP B 933 -8.85 -45.67 -30.92
C ASP B 933 -9.51 -44.30 -30.72
N SER B 934 -10.70 -44.27 -30.10
CA SER B 934 -11.42 -43.03 -29.94
C SER B 934 -10.80 -42.13 -28.86
N LEU B 935 -10.34 -42.74 -27.77
CA LEU B 935 -9.76 -41.97 -26.67
C LEU B 935 -8.38 -41.40 -26.99
N SER B 936 -7.71 -41.89 -28.04
CA SER B 936 -6.41 -41.40 -28.43
C SER B 936 -6.40 -40.65 -29.75
N SER B 937 -7.52 -40.60 -30.47
CA SER B 937 -7.56 -39.87 -31.73
C SER B 937 -7.58 -38.36 -31.50
N THR B 938 -8.36 -37.91 -30.53
CA THR B 938 -8.49 -36.48 -30.25
C THR B 938 -8.12 -36.18 -28.82
N PRO B 939 -7.54 -34.99 -28.55
CA PRO B 939 -7.26 -34.61 -27.16
C PRO B 939 -8.47 -34.14 -26.36
N SER B 940 -9.62 -33.96 -27.01
CA SER B 940 -10.80 -33.47 -26.33
C SER B 940 -11.54 -34.53 -25.53
N ALA B 941 -11.12 -35.81 -25.63
CA ALA B 941 -11.78 -36.86 -24.86
C ALA B 941 -11.46 -36.76 -23.38
N LEU B 942 -10.20 -36.50 -23.03
CA LEU B 942 -9.77 -36.37 -21.65
C LEU B 942 -9.51 -34.91 -21.28
N GLY B 943 -10.24 -33.98 -21.89
CA GLY B 943 -9.99 -32.57 -21.63
C GLY B 943 -10.53 -32.10 -20.29
N LYS B 944 -11.53 -32.79 -19.74
CA LYS B 944 -12.12 -32.36 -18.49
C LYS B 944 -11.19 -32.63 -17.30
N LEU B 945 -10.60 -33.84 -17.25
CA LEU B 945 -9.65 -34.12 -16.19
C LEU B 945 -8.33 -33.40 -16.41
N GLN B 946 -7.97 -33.15 -17.69
CA GLN B 946 -6.80 -32.33 -17.97
C GLN B 946 -6.99 -30.91 -17.49
N ASP B 947 -8.20 -30.34 -17.68
CA ASP B 947 -8.44 -28.98 -17.20
C ASP B 947 -8.46 -28.91 -15.68
N VAL B 948 -8.82 -30.00 -15.00
CA VAL B 948 -8.81 -30.04 -13.55
C VAL B 948 -7.39 -29.90 -13.02
N VAL B 949 -6.43 -30.61 -13.62
CA VAL B 949 -5.08 -30.56 -13.10
C VAL B 949 -4.35 -29.28 -13.56
N ASN B 950 -4.79 -28.66 -14.67
CA ASN B 950 -4.17 -27.40 -15.05
C ASN B 950 -4.62 -26.22 -14.20
N HIS B 951 -5.87 -26.21 -13.70
CA HIS B 951 -6.28 -25.12 -12.80
C HIS B 951 -5.52 -25.17 -11.48
N ASN B 952 -5.30 -26.36 -10.93
CA ASN B 952 -4.54 -26.43 -9.68
C ASN B 952 -3.05 -26.20 -9.91
N ALA B 953 -2.54 -26.54 -11.09
CA ALA B 953 -1.14 -26.25 -11.40
C ALA B 953 -0.91 -24.76 -11.61
N GLN B 954 -1.77 -24.12 -12.42
CA GLN B 954 -1.58 -22.71 -12.75
C GLN B 954 -1.96 -21.79 -11.60
N ALA B 955 -2.69 -22.29 -10.60
CA ALA B 955 -2.93 -21.50 -9.40
C ALA B 955 -1.64 -21.31 -8.60
N LEU B 956 -0.84 -22.36 -8.48
CA LEU B 956 0.43 -22.24 -7.76
C LEU B 956 1.48 -21.53 -8.61
N ASN B 957 1.39 -21.63 -9.94
CA ASN B 957 2.31 -20.89 -10.80
C ASN B 957 2.09 -19.38 -10.69
N THR B 958 0.82 -18.96 -10.60
CA THR B 958 0.54 -17.56 -10.34
C THR B 958 0.90 -17.15 -8.92
N LEU B 959 0.81 -18.09 -7.98
CA LEU B 959 0.94 -17.75 -6.56
C LEU B 959 2.36 -17.37 -6.19
N VAL B 960 3.35 -18.06 -6.75
CA VAL B 960 4.75 -17.79 -6.43
C VAL B 960 5.20 -16.46 -7.05
N LYS B 961 4.52 -16.04 -8.12
CA LYS B 961 4.94 -14.84 -8.84
C LYS B 961 4.66 -13.54 -8.08
N GLN B 962 3.77 -13.55 -7.09
CA GLN B 962 3.60 -12.35 -6.28
C GLN B 962 4.64 -12.22 -5.18
N LEU B 963 5.48 -13.24 -4.97
CA LEU B 963 6.57 -13.10 -4.01
C LEU B 963 7.63 -12.13 -4.52
N SER B 964 7.84 -12.09 -5.84
CA SER B 964 8.75 -11.14 -6.46
C SER B 964 8.08 -9.81 -6.79
N SER B 965 6.78 -9.68 -6.50
CA SER B 965 6.09 -8.42 -6.77
C SER B 965 6.51 -7.35 -5.79
N LYS B 966 6.63 -6.12 -6.29
CA LYS B 966 7.15 -5.02 -5.48
C LYS B 966 6.12 -4.55 -4.45
N PHE B 967 4.84 -4.50 -4.85
CA PHE B 967 3.73 -3.99 -4.03
C PHE B 967 3.96 -2.55 -3.56
N GLY B 968 4.62 -1.75 -4.41
CA GLY B 968 4.88 -0.37 -4.09
C GLY B 968 5.97 -0.13 -3.08
N ALA B 969 6.72 -1.17 -2.69
CA ALA B 969 7.79 -1.03 -1.72
C ALA B 969 9.10 -0.67 -2.43
N ILE B 970 10.21 -0.77 -1.72
CA ILE B 970 11.51 -0.51 -2.33
C ILE B 970 12.15 -1.77 -2.90
N SER B 971 11.78 -2.94 -2.40
CA SER B 971 12.39 -4.19 -2.84
C SER B 971 11.47 -5.35 -2.49
N SER B 972 11.75 -6.50 -3.10
CA SER B 972 11.07 -7.74 -2.75
C SER B 972 11.87 -8.60 -1.79
N VAL B 973 13.20 -8.47 -1.79
CA VAL B 973 14.03 -9.16 -0.80
C VAL B 973 13.87 -8.47 0.55
N LEU B 974 13.76 -9.27 1.61
CA LEU B 974 13.37 -8.75 2.92
C LEU B 974 14.48 -7.94 3.57
N ASN B 975 15.75 -8.35 3.38
CA ASN B 975 16.86 -7.72 4.08
C ASN B 975 17.25 -6.36 3.50
N ASP B 976 16.73 -5.99 2.33
CA ASP B 976 17.04 -4.69 1.76
C ASP B 976 16.31 -3.56 2.48
N ILE B 977 15.13 -3.84 3.04
CA ILE B 977 14.40 -2.83 3.81
C ILE B 977 15.15 -2.51 5.09
N PHE B 978 15.68 -3.52 5.77
CA PHE B 978 16.37 -3.34 7.04
C PHE B 978 17.79 -2.83 6.88
N SER B 979 18.28 -2.69 5.64
CA SER B 979 19.69 -2.34 5.44
C SER B 979 19.96 -0.88 5.76
N ARG B 980 19.06 0.02 5.36
CA ARG B 980 19.31 1.45 5.50
C ARG B 980 18.18 2.25 6.13
N LEU B 981 16.95 1.73 6.16
CA LEU B 981 15.82 2.53 6.60
C LEU B 981 15.75 2.62 8.12
N ASP B 982 14.94 3.56 8.58
CA ASP B 982 14.63 3.69 10.00
C ASP B 982 13.82 2.47 10.44
N PRO B 983 14.23 1.77 11.50
CA PRO B 983 13.49 0.55 11.94
C PRO B 983 12.03 0.77 12.33
N PRO B 984 11.62 1.96 12.88
CA PRO B 984 10.16 2.19 12.94
C PRO B 984 9.54 2.39 11.57
N GLU B 985 10.27 3.05 10.66
CA GLU B 985 9.77 3.23 9.31
C GLU B 985 9.85 1.95 8.50
N ALA B 986 10.82 1.07 8.82
CA ALA B 986 10.94 -0.21 8.15
C ALA B 986 9.78 -1.14 8.51
N GLU B 987 9.30 -1.07 9.76
CA GLU B 987 8.17 -1.91 10.16
C GLU B 987 6.88 -1.43 9.52
N VAL B 988 6.76 -0.12 9.27
CA VAL B 988 5.66 0.41 8.47
C VAL B 988 5.80 -0.05 7.02
N GLN B 989 7.03 -0.03 6.49
CA GLN B 989 7.28 -0.48 5.12
C GLN B 989 7.01 -1.97 4.97
N ILE B 990 7.37 -2.77 5.98
CA ILE B 990 7.10 -4.21 5.88
C ILE B 990 5.64 -4.52 6.19
N ASP B 991 4.90 -3.60 6.81
CA ASP B 991 3.48 -3.82 7.06
C ASP B 991 2.69 -3.79 5.77
N ARG B 992 2.99 -2.87 4.87
CA ARG B 992 2.33 -2.78 3.58
C ARG B 992 2.78 -3.89 2.63
N LEU B 993 3.93 -4.52 2.90
CA LEU B 993 4.39 -5.67 2.13
C LEU B 993 3.84 -6.98 2.68
N ILE B 994 3.73 -7.14 4.00
CA ILE B 994 3.21 -8.38 4.55
C ILE B 994 1.70 -8.46 4.38
N THR B 995 1.01 -7.32 4.23
CA THR B 995 -0.41 -7.36 3.91
C THR B 995 -0.63 -7.69 2.44
N GLY B 996 0.26 -7.21 1.58
CA GLY B 996 0.16 -7.55 0.16
C GLY B 996 0.43 -9.01 -0.12
N ARG B 997 1.38 -9.61 0.60
CA ARG B 997 1.63 -11.04 0.45
C ARG B 997 0.51 -11.87 1.05
N LEU B 998 -0.10 -11.40 2.15
CA LEU B 998 -1.19 -12.14 2.76
C LEU B 998 -2.47 -12.02 1.95
N GLN B 999 -2.68 -10.88 1.27
CA GLN B 999 -3.86 -10.73 0.43
C GLN B 999 -3.80 -11.62 -0.79
N SER B 1000 -2.60 -11.91 -1.30
CA SER B 1000 -2.46 -12.88 -2.38
C SER B 1000 -2.78 -14.28 -1.89
N LEU B 1001 -2.42 -14.59 -0.65
CA LEU B 1001 -2.79 -15.88 -0.07
C LEU B 1001 -4.26 -15.92 0.31
N GLN B 1002 -4.81 -14.80 0.78
CA GLN B 1002 -6.23 -14.74 1.12
C GLN B 1002 -7.11 -14.90 -0.11
N THR B 1003 -6.67 -14.33 -1.24
CA THR B 1003 -7.37 -14.54 -2.50
C THR B 1003 -7.29 -15.99 -2.94
N TYR B 1004 -6.15 -16.65 -2.71
CA TYR B 1004 -5.96 -18.03 -3.14
C TYR B 1004 -6.86 -18.99 -2.38
N VAL B 1005 -7.03 -18.79 -1.07
CA VAL B 1005 -7.90 -19.66 -0.28
C VAL B 1005 -9.35 -19.47 -0.69
N THR B 1006 -9.74 -18.24 -1.03
CA THR B 1006 -11.08 -17.97 -1.53
C THR B 1006 -11.33 -18.63 -2.88
N GLN B 1007 -10.30 -18.65 -3.75
CA GLN B 1007 -10.46 -19.26 -5.07
C GLN B 1007 -10.55 -20.78 -4.99
N GLN B 1008 -9.88 -21.40 -4.01
CA GLN B 1008 -10.01 -22.85 -3.85
C GLN B 1008 -11.36 -23.22 -3.26
N LEU B 1009 -11.94 -22.35 -2.43
CA LEU B 1009 -13.25 -22.63 -1.83
C LEU B 1009 -14.36 -22.62 -2.87
N ILE B 1010 -14.25 -21.75 -3.89
CA ILE B 1010 -15.17 -21.79 -5.01
C ILE B 1010 -15.00 -23.10 -5.79
N ARG B 1011 -13.75 -23.50 -6.02
CA ARG B 1011 -13.49 -24.68 -6.82
C ARG B 1011 -13.80 -25.97 -6.06
N ALA B 1012 -13.70 -25.94 -4.73
CA ALA B 1012 -14.07 -27.12 -3.94
C ALA B 1012 -15.57 -27.34 -3.92
N ALA B 1013 -16.36 -26.27 -4.02
CA ALA B 1013 -17.80 -26.41 -4.09
C ALA B 1013 -18.27 -26.87 -5.47
N GLU B 1014 -17.50 -26.58 -6.51
CA GLU B 1014 -17.88 -27.00 -7.86
C GLU B 1014 -17.65 -28.50 -8.04
N ILE B 1015 -16.54 -29.02 -7.52
CA ILE B 1015 -16.25 -30.44 -7.63
C ILE B 1015 -17.19 -31.25 -6.76
N ARG B 1016 -17.55 -30.73 -5.58
CA ARG B 1016 -18.50 -31.39 -4.69
C ARG B 1016 -19.89 -31.47 -5.31
N ALA B 1017 -20.24 -30.53 -6.19
CA ALA B 1017 -21.50 -30.63 -6.91
C ALA B 1017 -21.46 -31.74 -7.95
N SER B 1018 -20.26 -32.10 -8.43
CA SER B 1018 -20.09 -33.21 -9.36
C SER B 1018 -19.76 -34.52 -8.68
N ALA B 1019 -19.08 -34.48 -7.53
CA ALA B 1019 -18.81 -35.69 -6.77
C ALA B 1019 -20.09 -36.30 -6.21
N ASN B 1020 -21.00 -35.45 -5.73
CA ASN B 1020 -22.33 -35.93 -5.34
C ASN B 1020 -23.15 -36.38 -6.54
N LEU B 1021 -22.86 -35.84 -7.73
CA LEU B 1021 -23.46 -36.36 -8.95
C LEU B 1021 -22.82 -37.68 -9.36
N ALA B 1022 -21.50 -37.80 -9.16
CA ALA B 1022 -20.80 -39.05 -9.48
C ALA B 1022 -21.23 -40.18 -8.56
N ALA B 1023 -21.43 -39.89 -7.27
CA ALA B 1023 -21.97 -40.87 -6.36
C ALA B 1023 -23.43 -41.20 -6.68
N THR B 1024 -24.16 -40.23 -7.22
CA THR B 1024 -25.52 -40.50 -7.68
C THR B 1024 -25.51 -41.38 -8.93
N LYS B 1025 -24.53 -41.19 -9.81
CA LYS B 1025 -24.43 -41.99 -11.03
C LYS B 1025 -24.07 -43.43 -10.71
N MET B 1026 -23.09 -43.65 -9.84
CA MET B 1026 -22.62 -45.01 -9.57
C MET B 1026 -23.57 -45.77 -8.65
N SER B 1027 -24.49 -45.09 -7.97
CA SER B 1027 -25.50 -45.77 -7.17
C SER B 1027 -26.81 -46.00 -7.91
N GLU B 1028 -26.94 -45.48 -9.12
CA GLU B 1028 -28.13 -45.69 -9.92
C GLU B 1028 -27.83 -46.37 -11.25
N CYS B 1029 -26.82 -45.89 -12.00
CA CYS B 1029 -26.54 -46.49 -13.29
C CYS B 1029 -25.83 -47.83 -13.15
N VAL B 1030 -24.98 -47.98 -12.13
CA VAL B 1030 -24.17 -49.19 -11.98
C VAL B 1030 -24.87 -50.23 -11.13
N LEU B 1031 -25.38 -49.84 -9.95
CA LEU B 1031 -26.05 -50.76 -9.04
C LEU B 1031 -27.53 -50.93 -9.36
N GLY B 1032 -27.95 -50.64 -10.58
CA GLY B 1032 -29.34 -50.81 -10.95
C GLY B 1032 -29.57 -50.26 -12.34
N GLN B 1033 -30.84 -50.23 -12.73
CA GLN B 1033 -31.26 -49.64 -14.00
C GLN B 1033 -32.13 -48.43 -13.70
N SER B 1034 -31.76 -47.28 -14.23
CA SER B 1034 -32.45 -46.03 -13.97
C SER B 1034 -33.40 -45.70 -15.11
N LYS B 1035 -34.65 -45.42 -14.77
CA LYS B 1035 -35.68 -45.07 -15.75
C LYS B 1035 -35.70 -43.58 -16.06
N ARG B 1036 -34.71 -42.83 -15.60
CA ARG B 1036 -34.59 -41.43 -15.96
C ARG B 1036 -34.17 -41.31 -17.41
N VAL B 1037 -34.92 -40.57 -18.20
CA VAL B 1037 -34.57 -40.38 -19.62
C VAL B 1037 -33.41 -39.39 -19.72
N ASP B 1038 -32.39 -39.78 -20.49
CA ASP B 1038 -31.20 -38.97 -20.78
C ASP B 1038 -30.44 -38.58 -19.51
N PHE B 1039 -30.25 -39.56 -18.63
CA PHE B 1039 -29.41 -39.37 -17.45
C PHE B 1039 -28.21 -40.30 -17.42
N CYS B 1040 -28.42 -41.61 -17.54
CA CYS B 1040 -27.34 -42.59 -17.56
C CYS B 1040 -26.85 -42.90 -18.96
N GLY B 1041 -27.05 -41.99 -19.91
CA GLY B 1041 -26.61 -42.19 -21.28
C GLY B 1041 -27.63 -41.67 -22.26
N LYS B 1042 -27.17 -41.43 -23.48
CA LYS B 1042 -28.04 -40.93 -24.54
C LYS B 1042 -29.01 -42.01 -24.99
N GLY B 1043 -30.28 -41.69 -25.06
CA GLY B 1043 -31.29 -42.66 -25.42
C GLY B 1043 -31.66 -43.55 -24.24
N TYR B 1044 -32.25 -44.69 -24.58
CA TYR B 1044 -32.57 -45.68 -23.57
C TYR B 1044 -31.30 -46.31 -23.01
N HIS B 1045 -31.25 -46.45 -21.69
CA HIS B 1045 -30.04 -46.87 -20.99
C HIS B 1045 -30.16 -48.31 -20.52
N LEU B 1046 -29.07 -49.07 -20.68
CA LEU B 1046 -29.08 -50.50 -20.40
C LEU B 1046 -28.27 -50.85 -19.16
N MET B 1047 -26.98 -50.53 -19.13
CA MET B 1047 -26.14 -50.61 -17.94
C MET B 1047 -24.93 -49.72 -18.13
N SER B 1048 -23.94 -49.87 -17.26
CA SER B 1048 -22.75 -49.03 -17.32
C SER B 1048 -21.56 -49.79 -16.77
N PHE B 1049 -20.39 -49.15 -16.83
CA PHE B 1049 -19.13 -49.68 -16.33
C PHE B 1049 -18.32 -48.50 -15.81
N PRO B 1050 -17.81 -48.57 -14.59
CA PRO B 1050 -16.87 -47.54 -14.13
C PRO B 1050 -15.42 -47.91 -14.39
N GLN B 1051 -14.62 -46.88 -14.67
CA GLN B 1051 -13.18 -47.06 -14.83
C GLN B 1051 -12.46 -45.97 -14.05
N SER B 1052 -11.28 -46.30 -13.54
CA SER B 1052 -10.53 -45.39 -12.69
C SER B 1052 -9.60 -44.53 -13.53
N ALA B 1053 -9.64 -43.23 -13.27
CA ALA B 1053 -8.82 -42.24 -13.94
C ALA B 1053 -8.18 -41.35 -12.88
N PRO B 1054 -7.05 -40.71 -13.20
CA PRO B 1054 -6.44 -39.77 -12.23
C PRO B 1054 -7.33 -38.56 -12.01
N HIS B 1055 -7.72 -38.34 -10.75
CA HIS B 1055 -8.55 -37.23 -10.27
C HIS B 1055 -9.90 -37.20 -11.00
N GLY B 1056 -10.65 -38.28 -10.84
CA GLY B 1056 -11.98 -38.34 -11.42
C GLY B 1056 -12.40 -39.79 -11.66
N VAL B 1057 -13.35 -39.94 -12.58
CA VAL B 1057 -13.85 -41.24 -12.97
C VAL B 1057 -14.37 -41.12 -14.39
N VAL B 1058 -14.31 -42.20 -15.14
CA VAL B 1058 -14.81 -42.24 -16.51
C VAL B 1058 -15.72 -43.45 -16.66
N PHE B 1059 -16.86 -43.23 -17.32
CA PHE B 1059 -17.89 -44.25 -17.46
C PHE B 1059 -17.92 -44.78 -18.88
N LEU B 1060 -18.53 -45.97 -19.02
CA LEU B 1060 -18.81 -46.56 -20.32
C LEU B 1060 -20.30 -46.88 -20.32
N HIS B 1061 -21.12 -45.89 -20.67
CA HIS B 1061 -22.57 -46.01 -20.59
C HIS B 1061 -23.06 -46.82 -21.79
N VAL B 1062 -23.33 -48.10 -21.57
CA VAL B 1062 -23.88 -48.95 -22.61
C VAL B 1062 -25.37 -48.61 -22.73
N THR B 1063 -25.74 -47.96 -23.81
CA THR B 1063 -27.12 -47.55 -24.04
C THR B 1063 -27.75 -48.43 -25.12
N TYR B 1064 -28.98 -48.08 -25.51
CA TYR B 1064 -29.72 -48.83 -26.52
C TYR B 1064 -30.49 -47.82 -27.36
N VAL B 1065 -30.15 -47.73 -28.63
CA VAL B 1065 -30.67 -46.69 -29.52
C VAL B 1065 -31.28 -47.36 -30.75
N PRO B 1066 -32.50 -46.99 -31.15
CA PRO B 1066 -33.13 -47.63 -32.32
C PRO B 1066 -32.49 -47.27 -33.66
N ALA B 1067 -33.07 -47.78 -34.73
CA ALA B 1067 -32.46 -47.73 -36.06
C ALA B 1067 -33.58 -47.43 -37.06
N GLN B 1068 -33.32 -47.79 -38.32
CA GLN B 1068 -34.24 -47.62 -39.45
C GLN B 1068 -35.67 -48.09 -39.16
N GLU B 1069 -36.64 -47.36 -39.71
CA GLU B 1069 -38.03 -47.51 -39.34
C GLU B 1069 -38.92 -47.52 -40.58
N LYS B 1070 -40.19 -47.83 -40.35
CA LYS B 1070 -41.22 -47.78 -41.38
C LYS B 1070 -42.47 -47.16 -40.79
N ASN B 1071 -43.28 -46.55 -41.64
CA ASN B 1071 -44.50 -45.88 -41.18
C ASN B 1071 -45.74 -46.56 -41.73
N PHE B 1072 -46.79 -46.57 -40.91
CA PHE B 1072 -47.99 -47.35 -41.17
C PHE B 1072 -49.23 -46.49 -40.90
N THR B 1073 -50.39 -47.10 -41.04
CA THR B 1073 -51.68 -46.45 -40.79
C THR B 1073 -52.26 -46.96 -39.48
N THR B 1074 -52.72 -46.03 -38.65
CA THR B 1074 -53.05 -46.32 -37.26
C THR B 1074 -54.48 -45.93 -36.94
N ALA B 1075 -55.17 -46.78 -36.17
CA ALA B 1075 -56.43 -46.43 -35.56
C ALA B 1075 -56.29 -46.47 -34.05
N PRO B 1076 -56.93 -45.54 -33.31
CA PRO B 1076 -56.74 -45.50 -31.86
C PRO B 1076 -57.45 -46.61 -31.10
N ALA B 1077 -58.34 -47.36 -31.74
CA ALA B 1077 -59.10 -48.40 -31.05
C ALA B 1077 -59.58 -49.41 -32.08
N ILE B 1078 -60.45 -50.33 -31.64
CA ILE B 1078 -61.07 -51.31 -32.52
C ILE B 1078 -62.40 -51.72 -31.89
N CYS B 1079 -63.34 -52.14 -32.74
CA CYS B 1079 -64.65 -52.59 -32.27
C CYS B 1079 -65.15 -53.69 -33.19
N HIS B 1080 -65.50 -54.83 -32.61
CA HIS B 1080 -65.95 -55.98 -33.40
C HIS B 1080 -67.40 -56.35 -33.13
N ASP B 1081 -67.74 -56.72 -31.90
CA ASP B 1081 -69.11 -57.10 -31.56
C ASP B 1081 -69.90 -55.92 -30.97
N GLY B 1082 -69.89 -54.79 -31.67
CA GLY B 1082 -70.55 -53.59 -31.18
C GLY B 1082 -69.97 -53.06 -29.90
N LYS B 1083 -68.66 -53.20 -29.69
CA LYS B 1083 -68.07 -52.95 -28.40
C LYS B 1083 -66.59 -52.63 -28.60
N ALA B 1084 -66.16 -51.49 -28.05
CA ALA B 1084 -64.80 -51.03 -28.27
C ALA B 1084 -63.78 -51.87 -27.50
N HIS B 1085 -62.62 -52.10 -28.12
CA HIS B 1085 -61.53 -52.82 -27.48
C HIS B 1085 -60.27 -51.97 -27.56
N PHE B 1086 -59.60 -51.81 -26.42
CA PHE B 1086 -58.36 -51.07 -26.28
C PHE B 1086 -57.19 -52.04 -26.06
N PRO B 1087 -56.00 -51.72 -26.54
CA PRO B 1087 -54.87 -52.65 -26.41
C PRO B 1087 -54.43 -52.85 -24.96
N ARG B 1088 -54.06 -54.08 -24.64
CA ARG B 1088 -53.41 -54.35 -23.36
C ARG B 1088 -52.04 -53.70 -23.30
N GLU B 1089 -51.29 -53.77 -24.39
CA GLU B 1089 -50.03 -53.07 -24.53
C GLU B 1089 -49.80 -52.75 -26.00
N GLY B 1090 -49.00 -51.72 -26.24
CA GLY B 1090 -48.64 -51.33 -27.60
C GLY B 1090 -49.67 -50.49 -28.31
N VAL B 1091 -49.82 -50.71 -29.63
CA VAL B 1091 -50.71 -49.91 -30.46
C VAL B 1091 -51.09 -50.76 -31.67
N PHE B 1092 -52.33 -50.56 -32.16
CA PHE B 1092 -52.74 -51.24 -33.37
C PHE B 1092 -52.02 -50.67 -34.59
N VAL B 1093 -51.61 -51.55 -35.50
CA VAL B 1093 -50.86 -51.18 -36.69
C VAL B 1093 -51.43 -51.95 -37.88
N SER B 1094 -51.78 -51.23 -38.95
CA SER B 1094 -52.22 -51.83 -40.20
C SER B 1094 -51.12 -51.71 -41.24
N ASN B 1095 -50.82 -52.80 -41.93
CA ASN B 1095 -49.89 -52.76 -43.04
C ASN B 1095 -50.57 -52.49 -44.37
N GLY B 1096 -51.89 -52.42 -44.38
CA GLY B 1096 -52.64 -52.10 -45.59
C GLY B 1096 -53.86 -52.97 -45.80
N THR B 1097 -53.78 -54.24 -45.40
CA THR B 1097 -54.89 -55.17 -45.55
C THR B 1097 -55.35 -55.81 -44.25
N HIS B 1098 -54.43 -56.19 -43.37
CA HIS B 1098 -54.76 -56.85 -42.12
C HIS B 1098 -54.15 -56.09 -40.96
N TRP B 1099 -54.91 -55.95 -39.89
CA TRP B 1099 -54.44 -55.22 -38.73
C TRP B 1099 -53.52 -56.09 -37.88
N PHE B 1100 -52.69 -55.41 -37.08
CA PHE B 1100 -51.74 -56.08 -36.19
C PHE B 1100 -51.58 -55.25 -34.94
N VAL B 1101 -51.21 -55.91 -33.85
CA VAL B 1101 -50.81 -55.26 -32.61
C VAL B 1101 -49.36 -55.62 -32.32
N THR B 1102 -48.57 -54.61 -31.96
CA THR B 1102 -47.14 -54.78 -31.78
C THR B 1102 -46.66 -53.95 -30.60
N GLN B 1103 -45.41 -54.17 -30.23
CA GLN B 1103 -44.80 -53.45 -29.12
C GLN B 1103 -44.47 -52.02 -29.54
N ARG B 1104 -44.32 -51.15 -28.54
CA ARG B 1104 -44.16 -49.73 -28.82
C ARG B 1104 -42.75 -49.36 -29.26
N ASN B 1105 -41.76 -50.23 -29.06
CA ASN B 1105 -40.38 -49.87 -29.35
C ASN B 1105 -39.66 -50.90 -30.20
N PHE B 1106 -40.40 -51.85 -30.78
CA PHE B 1106 -39.82 -52.85 -31.67
C PHE B 1106 -40.95 -53.40 -32.55
N TYR B 1107 -40.65 -53.62 -33.82
CA TYR B 1107 -41.65 -54.15 -34.74
C TYR B 1107 -41.80 -55.65 -34.50
N GLU B 1108 -42.95 -56.06 -33.98
CA GLU B 1108 -43.22 -57.46 -33.67
C GLU B 1108 -44.72 -57.69 -33.75
N PRO B 1109 -45.25 -57.91 -34.95
CA PRO B 1109 -46.71 -57.99 -35.11
C PRO B 1109 -47.27 -59.34 -34.70
N GLN B 1110 -48.41 -59.31 -34.03
CA GLN B 1110 -49.16 -60.50 -33.66
C GLN B 1110 -50.61 -60.33 -34.07
N ILE B 1111 -51.33 -61.45 -34.11
CA ILE B 1111 -52.76 -61.39 -34.44
C ILE B 1111 -53.54 -60.85 -33.24
N ILE B 1112 -54.67 -60.23 -33.53
CA ILE B 1112 -55.47 -59.59 -32.48
C ILE B 1112 -56.23 -60.67 -31.72
N THR B 1113 -56.02 -60.71 -30.41
CA THR B 1113 -56.59 -61.73 -29.54
C THR B 1113 -57.04 -61.05 -28.26
N THR B 1114 -58.04 -61.62 -27.59
CA THR B 1114 -58.55 -61.09 -26.32
C THR B 1114 -57.49 -61.10 -25.22
N ASP B 1115 -56.46 -61.95 -25.33
CA ASP B 1115 -55.31 -61.84 -24.44
C ASP B 1115 -54.51 -60.57 -24.67
N ASN B 1116 -54.61 -59.96 -25.85
CA ASN B 1116 -53.86 -58.76 -26.18
C ASN B 1116 -54.67 -57.47 -26.00
N THR B 1117 -55.89 -57.55 -25.49
CA THR B 1117 -56.74 -56.36 -25.42
C THR B 1117 -57.66 -56.47 -24.21
N PHE B 1118 -58.21 -55.32 -23.82
CA PHE B 1118 -59.23 -55.27 -22.77
C PHE B 1118 -60.36 -54.34 -23.23
N VAL B 1119 -61.56 -54.63 -22.75
CA VAL B 1119 -62.78 -54.02 -23.23
C VAL B 1119 -63.25 -52.95 -22.25
N SER B 1120 -63.75 -51.83 -22.79
CA SER B 1120 -64.28 -50.74 -21.95
C SER B 1120 -65.35 -50.01 -22.75
N GLY B 1121 -66.61 -50.36 -22.50
CA GLY B 1121 -67.72 -49.64 -23.10
C GLY B 1121 -67.96 -49.95 -24.56
N ASN B 1122 -68.93 -49.25 -25.13
CA ASN B 1122 -69.30 -49.42 -26.52
C ASN B 1122 -68.35 -48.64 -27.43
N CYS B 1123 -68.57 -48.73 -28.74
CA CYS B 1123 -67.67 -48.14 -29.72
C CYS B 1123 -68.34 -47.02 -30.48
N ASP B 1124 -69.07 -46.14 -29.79
CA ASP B 1124 -69.77 -45.03 -30.41
C ASP B 1124 -69.16 -43.67 -30.10
N VAL B 1125 -68.71 -43.46 -28.86
CA VAL B 1125 -68.25 -42.13 -28.46
C VAL B 1125 -66.81 -41.88 -28.93
N VAL B 1126 -66.01 -42.93 -29.10
CA VAL B 1126 -64.62 -42.78 -29.51
C VAL B 1126 -64.56 -42.47 -31.01
N ILE B 1127 -63.74 -41.48 -31.37
CA ILE B 1127 -63.60 -41.05 -32.74
C ILE B 1127 -62.44 -41.80 -33.39
N GLY B 1128 -62.51 -41.94 -34.72
CA GLY B 1128 -61.45 -42.57 -35.47
C GLY B 1128 -61.37 -44.07 -35.37
N ILE B 1129 -62.37 -44.71 -34.76
CA ILE B 1129 -62.33 -46.15 -34.54
C ILE B 1129 -62.79 -46.86 -35.81
N VAL B 1130 -62.06 -47.91 -36.19
CA VAL B 1130 -62.38 -48.69 -37.38
C VAL B 1130 -62.82 -50.09 -36.97
N ASN B 1131 -63.21 -50.91 -37.94
CA ASN B 1131 -63.77 -52.23 -37.68
C ASN B 1131 -62.78 -53.33 -38.04
N ASN B 1132 -62.81 -54.39 -37.23
CA ASN B 1132 -62.09 -55.63 -37.50
C ASN B 1132 -62.79 -56.73 -36.69
N THR B 1133 -62.17 -57.90 -36.63
CA THR B 1133 -62.65 -59.01 -35.81
C THR B 1133 -61.62 -59.30 -34.73
N VAL B 1134 -62.05 -59.24 -33.47
CA VAL B 1134 -61.19 -59.60 -32.35
C VAL B 1134 -61.43 -61.08 -32.03
N TYR B 1135 -60.35 -61.80 -31.72
CA TYR B 1135 -60.43 -63.22 -31.43
C TYR B 1135 -60.13 -63.47 -29.97
N ASP B 1136 -60.23 -64.72 -29.57
CA ASP B 1136 -60.08 -65.16 -28.19
C ASP B 1136 -59.31 -66.48 -28.17
N PRO B 1137 -58.75 -66.85 -27.02
CA PRO B 1137 -58.19 -68.22 -26.88
C PRO B 1137 -59.23 -69.31 -26.69
N LEU B 1138 -60.51 -69.05 -26.95
CA LEU B 1138 -61.55 -70.08 -26.90
C LEU B 1138 -61.78 -70.71 -28.26
N GLN B 1139 -61.66 -69.94 -29.35
CA GLN B 1139 -61.79 -70.50 -30.70
C GLN B 1139 -60.74 -71.54 -31.13
N PRO B 1140 -59.52 -71.64 -30.54
CA PRO B 1140 -58.73 -72.86 -30.81
C PRO B 1140 -59.39 -74.16 -30.36
N GLU B 1141 -60.14 -74.15 -29.27
CA GLU B 1141 -60.85 -75.35 -28.83
C GLU B 1141 -62.31 -75.36 -29.24
N LEU B 1142 -62.79 -74.32 -29.93
CA LEU B 1142 -64.15 -74.35 -30.44
C LEU B 1142 -64.26 -75.28 -31.64
N ASP B 1143 -63.19 -75.43 -32.41
CA ASP B 1143 -63.17 -76.33 -33.55
C ASP B 1143 -62.36 -77.60 -33.33
N SER B 1144 -61.56 -77.65 -32.25
CA SER B 1144 -60.78 -78.84 -31.92
C SER B 1144 -61.30 -79.62 -30.74
N PHE B 1145 -61.95 -78.96 -29.78
CA PHE B 1145 -62.52 -79.64 -28.62
C PHE B 1145 -64.04 -79.57 -28.60
N LYS B 1146 -64.62 -78.40 -28.87
CA LYS B 1146 -66.08 -78.29 -28.91
C LYS B 1146 -66.65 -78.99 -30.14
N GLU B 1147 -65.97 -78.88 -31.28
CA GLU B 1147 -66.39 -79.62 -32.46
C GLU B 1147 -66.07 -81.11 -32.35
N GLU B 1148 -65.12 -81.48 -31.48
CA GLU B 1148 -64.90 -82.88 -31.17
C GLU B 1148 -66.07 -83.49 -30.44
N LEU B 1149 -66.83 -82.67 -29.70
CA LEU B 1149 -68.07 -83.14 -29.10
C LEU B 1149 -69.17 -83.27 -30.15
N ASP B 1150 -69.24 -82.32 -31.07
CA ASP B 1150 -70.36 -82.25 -32.01
C ASP B 1150 -70.32 -83.33 -33.08
N LYS B 1151 -69.15 -83.91 -33.35
CA LYS B 1151 -69.06 -84.98 -34.33
C LYS B 1151 -69.50 -86.33 -33.78
N TYR B 1152 -69.73 -86.43 -32.47
CA TYR B 1152 -70.14 -87.67 -31.84
C TYR B 1152 -71.65 -87.87 -31.81
N PHE B 1153 -72.43 -86.88 -32.22
CA PHE B 1153 -73.88 -86.96 -32.19
C PHE B 1153 -74.48 -87.41 -33.52
N LYS B 1154 -73.66 -87.65 -34.55
CA LYS B 1154 -74.17 -87.99 -35.87
C LYS B 1154 -73.77 -89.37 -36.36
N ASN B 1155 -72.73 -89.98 -35.80
CA ASN B 1155 -72.27 -91.27 -36.29
C ASN B 1155 -73.16 -92.42 -35.83
N HIS B 1156 -73.73 -92.35 -34.64
CA HIS B 1156 -74.47 -93.46 -34.07
C HIS B 1156 -75.88 -93.58 -34.64
N THR B 1157 -76.41 -92.54 -35.27
CA THR B 1157 -77.76 -92.61 -35.83
C THR B 1157 -77.80 -93.27 -37.21
N SER B 1158 -76.65 -93.54 -37.82
CA SER B 1158 -76.61 -94.17 -39.13
C SER B 1158 -76.81 -95.70 -39.11
N PRO B 1159 -76.21 -96.49 -38.17
CA PRO B 1159 -76.58 -97.90 -38.33
C PRO B 1159 -77.83 -98.27 -37.54
N GLN C 14 37.59 -4.44 58.42
CA GLN C 14 38.44 -5.39 57.72
C GLN C 14 37.66 -6.67 57.39
N CYS C 15 38.36 -7.63 56.79
CA CYS C 15 37.75 -8.91 56.44
C CYS C 15 38.72 -10.04 56.78
N VAL C 16 38.14 -11.19 57.14
CA VAL C 16 38.91 -12.37 57.52
C VAL C 16 38.69 -13.44 56.47
N ASN C 17 39.77 -14.06 56.01
CA ASN C 17 39.67 -15.17 55.08
C ASN C 17 39.05 -16.39 55.76
N LEU C 18 38.12 -17.05 55.07
CA LEU C 18 37.39 -18.16 55.67
C LEU C 18 38.25 -19.41 55.75
N THR C 19 39.10 -19.64 54.75
CA THR C 19 39.95 -20.84 54.56
C THR C 19 39.05 -22.07 54.55
N THR C 20 39.40 -23.15 55.25
CA THR C 20 38.71 -24.46 55.34
C THR C 20 38.12 -24.92 54.00
N ARG C 21 39.01 -25.03 53.01
CA ARG C 21 38.63 -25.41 51.65
C ARG C 21 38.20 -26.87 51.62
N THR C 22 36.89 -27.10 51.43
CA THR C 22 36.31 -28.43 51.34
C THR C 22 35.64 -28.55 49.97
N GLN C 23 36.35 -29.16 49.02
CA GLN C 23 35.89 -29.26 47.63
C GLN C 23 35.13 -30.56 47.45
N LEU C 24 33.80 -30.45 47.35
CA LEU C 24 32.92 -31.57 47.07
C LEU C 24 32.10 -31.29 45.82
N PRO C 25 31.86 -32.29 44.97
CA PRO C 25 31.16 -32.02 43.71
C PRO C 25 29.67 -31.80 43.94
N PRO C 26 29.04 -30.93 43.17
CA PRO C 26 27.60 -30.70 43.30
C PRO C 26 26.81 -31.82 42.62
N ALA C 27 25.52 -31.86 42.94
CA ALA C 27 24.62 -32.85 42.37
C ALA C 27 23.78 -32.22 41.26
N TYR C 28 23.05 -33.06 40.54
CA TYR C 28 22.17 -32.60 39.47
C TYR C 28 20.77 -33.14 39.71
N THR C 29 19.78 -32.27 39.62
CA THR C 29 18.39 -32.63 39.90
C THR C 29 17.50 -32.05 38.81
N ASN C 30 16.48 -32.80 38.42
CA ASN C 30 15.49 -32.29 37.46
C ASN C 30 14.49 -31.36 38.13
N SER C 31 14.51 -30.09 37.73
CA SER C 31 13.58 -29.10 38.26
C SER C 31 12.22 -29.28 37.60
N PHE C 32 11.20 -29.56 38.39
CA PHE C 32 9.93 -30.03 37.83
C PHE C 32 9.05 -28.89 37.31
N THR C 33 8.61 -28.01 38.19
CA THR C 33 7.60 -26.99 37.87
C THR C 33 7.99 -25.63 38.44
N ARG C 34 9.22 -25.20 38.20
CA ARG C 34 9.68 -23.90 38.68
C ARG C 34 9.95 -22.97 37.50
N GLY C 35 10.27 -21.73 37.83
CA GLY C 35 10.60 -20.72 36.83
C GLY C 35 9.46 -20.26 35.95
N VAL C 36 8.26 -20.10 36.52
CA VAL C 36 7.12 -19.53 35.82
C VAL C 36 6.56 -18.41 36.69
N TYR C 37 6.49 -17.20 36.14
CA TYR C 37 6.08 -16.02 36.89
C TYR C 37 4.98 -15.28 36.12
N TYR C 38 4.52 -14.18 36.71
CA TYR C 38 3.52 -13.33 36.05
C TYR C 38 4.19 -12.50 34.96
N PRO C 39 3.78 -12.64 33.70
CA PRO C 39 4.47 -11.92 32.62
C PRO C 39 4.06 -10.46 32.48
N ASP C 40 2.80 -10.16 32.82
CA ASP C 40 2.25 -8.83 32.62
C ASP C 40 1.47 -8.36 33.85
N LYS C 41 1.42 -7.03 34.03
CA LYS C 41 0.82 -6.42 35.21
C LYS C 41 -0.64 -6.05 34.98
N VAL C 42 -1.45 -7.00 34.52
CA VAL C 42 -2.88 -6.80 34.32
C VAL C 42 -3.62 -8.00 34.90
N PHE C 43 -4.92 -7.82 35.09
CA PHE C 43 -5.77 -8.83 35.71
C PHE C 43 -6.65 -9.48 34.65
N ARG C 44 -6.68 -10.81 34.64
CA ARG C 44 -7.51 -11.55 33.71
C ARG C 44 -8.41 -12.53 34.45
N SER C 45 -9.18 -13.34 33.71
CA SER C 45 -10.06 -14.32 34.32
C SER C 45 -10.33 -15.43 33.32
N SER C 46 -9.77 -16.62 33.60
CA SER C 46 -10.02 -17.86 32.84
C SER C 46 -9.64 -17.73 31.37
N VAL C 47 -8.51 -17.09 31.10
CA VAL C 47 -8.01 -16.94 29.74
C VAL C 47 -6.79 -17.85 29.57
N LEU C 48 -6.36 -17.99 28.32
CA LEU C 48 -5.20 -18.81 27.96
C LEU C 48 -4.25 -17.93 27.16
N HIS C 49 -3.07 -17.65 27.71
CA HIS C 49 -2.17 -16.66 27.13
C HIS C 49 -0.86 -17.30 26.72
N SER C 50 -0.44 -17.03 25.49
CA SER C 50 0.83 -17.53 24.95
C SER C 50 1.90 -16.46 25.10
N THR C 51 3.07 -16.86 25.59
CA THR C 51 4.14 -15.92 25.92
C THR C 51 5.42 -16.30 25.19
N GLN C 52 6.13 -15.28 24.72
CA GLN C 52 7.42 -15.38 24.05
C GLN C 52 8.43 -14.71 24.98
N ASP C 53 8.95 -15.46 25.96
CA ASP C 53 9.61 -14.80 27.08
C ASP C 53 10.83 -15.59 27.54
N LEU C 54 11.59 -14.98 28.44
CA LEU C 54 12.77 -15.57 29.04
C LEU C 54 12.33 -16.46 30.20
N PHE C 55 12.43 -17.79 30.03
CA PHE C 55 11.87 -18.71 31.01
C PHE C 55 12.86 -19.82 31.35
N LEU C 56 12.53 -20.54 32.43
CA LEU C 56 13.27 -21.73 32.83
C LEU C 56 12.62 -22.95 32.20
N PRO C 57 13.35 -23.75 31.43
CA PRO C 57 12.75 -24.94 30.80
C PRO C 57 12.37 -26.01 31.83
N PHE C 58 11.36 -26.78 31.48
CA PHE C 58 10.92 -27.88 32.34
C PHE C 58 11.92 -29.02 32.31
N PHE C 59 12.06 -29.69 33.46
CA PHE C 59 12.95 -30.85 33.66
C PHE C 59 14.40 -30.52 33.32
N SER C 60 14.85 -29.34 33.77
CA SER C 60 16.21 -28.89 33.56
C SER C 60 17.10 -29.33 34.72
N ASN C 61 18.38 -29.52 34.42
CA ASN C 61 19.35 -29.98 35.41
C ASN C 61 19.79 -28.79 36.25
N VAL C 62 19.23 -28.66 37.45
CA VAL C 62 19.66 -27.65 38.40
C VAL C 62 20.75 -28.26 39.28
N THR C 63 21.80 -27.49 39.54
CA THR C 63 22.98 -27.96 40.25
C THR C 63 22.76 -27.75 41.75
N TRP C 64 22.52 -28.85 42.46
CA TRP C 64 22.37 -28.80 43.91
C TRP C 64 23.72 -28.62 44.57
N PHE C 65 23.85 -27.53 45.33
CA PHE C 65 25.01 -27.28 46.17
C PHE C 65 24.66 -27.59 47.62
N HIS C 66 25.65 -27.98 48.40
CA HIS C 66 25.48 -28.20 49.83
C HIS C 66 26.61 -27.51 50.57
N VAL C 67 26.25 -26.67 51.55
CA VAL C 67 27.21 -25.98 52.41
C VAL C 67 26.88 -26.35 53.85
N ILE C 68 27.82 -27.02 54.53
CA ILE C 68 27.64 -27.34 55.93
C ILE C 68 28.43 -26.36 56.77
N LYS C 75 30.87 -27.67 58.77
CA LYS C 75 31.73 -28.81 58.46
C LYS C 75 32.17 -28.80 57.00
N ARG C 76 31.49 -28.00 56.19
CA ARG C 76 31.81 -27.88 54.77
C ARG C 76 31.37 -26.51 54.30
N PHE C 77 32.32 -25.60 54.13
CA PHE C 77 32.05 -24.24 53.69
C PHE C 77 32.43 -24.09 52.23
N ASP C 78 31.51 -23.59 51.42
CA ASP C 78 31.74 -23.40 49.99
C ASP C 78 31.04 -22.12 49.55
N ASN C 79 31.83 -21.16 49.06
CA ASN C 79 31.32 -19.89 48.56
C ASN C 79 31.88 -19.66 47.16
N PRO C 80 31.24 -20.25 46.14
CA PRO C 80 31.73 -20.07 44.76
C PRO C 80 31.30 -18.75 44.17
N VAL C 81 31.61 -18.54 42.89
CA VAL C 81 31.22 -17.34 42.16
C VAL C 81 30.30 -17.74 41.02
N LEU C 82 29.26 -16.93 40.79
CA LEU C 82 28.32 -17.28 39.73
C LEU C 82 28.43 -16.29 38.58
N PRO C 83 28.41 -16.78 37.34
CA PRO C 83 28.30 -15.88 36.19
C PRO C 83 26.84 -15.52 35.91
N PHE C 84 26.58 -14.75 34.87
CA PHE C 84 25.22 -14.42 34.47
C PHE C 84 25.07 -14.70 32.98
N ASN C 85 24.08 -15.50 32.61
CA ASN C 85 23.77 -15.82 31.22
C ASN C 85 22.26 -15.73 31.02
N ASP C 86 21.78 -14.53 30.72
CA ASP C 86 20.38 -14.24 30.37
C ASP C 86 19.41 -14.67 31.47
N GLY C 87 19.65 -14.16 32.68
CA GLY C 87 18.77 -14.42 33.79
C GLY C 87 19.01 -15.76 34.47
N VAL C 88 18.87 -15.81 35.80
CA VAL C 88 19.07 -17.03 36.56
C VAL C 88 17.90 -17.25 37.50
N TYR C 89 17.77 -18.48 37.96
CA TYR C 89 16.78 -18.86 38.97
C TYR C 89 17.54 -19.32 40.21
N PHE C 90 17.25 -18.70 41.35
CA PHE C 90 17.96 -18.97 42.60
C PHE C 90 16.96 -19.41 43.65
N ALA C 91 17.09 -20.65 44.11
CA ALA C 91 16.24 -21.18 45.14
C ALA C 91 17.06 -21.46 46.40
N SER C 92 16.39 -21.43 47.55
CA SER C 92 17.06 -21.68 48.82
C SER C 92 16.08 -22.37 49.76
N ILE C 93 16.56 -23.39 50.46
CA ILE C 93 15.77 -24.12 51.43
C ILE C 93 16.29 -23.72 52.80
N GLU C 94 15.45 -23.03 53.57
CA GLU C 94 15.88 -22.32 54.77
C GLU C 94 15.01 -22.69 55.96
N LYS C 95 15.65 -22.91 57.10
CA LYS C 95 14.99 -23.07 58.40
C LYS C 95 15.58 -22.17 59.47
N SER C 96 16.89 -21.92 59.45
CA SER C 96 17.58 -21.26 60.55
C SER C 96 17.98 -19.83 60.23
N ASN C 97 17.34 -19.21 59.23
CA ASN C 97 17.58 -17.82 58.78
C ASN C 97 19.04 -17.62 58.37
N ILE C 98 19.47 -18.42 57.39
CA ILE C 98 20.84 -18.36 56.91
C ILE C 98 21.11 -17.06 56.15
N ILE C 99 20.14 -16.58 55.38
CA ILE C 99 20.34 -15.38 54.57
C ILE C 99 20.15 -14.15 55.44
N ARG C 100 21.14 -13.27 55.44
CA ARG C 100 21.04 -12.00 56.16
C ARG C 100 20.48 -10.89 55.28
N GLY C 101 21.00 -10.77 54.06
CA GLY C 101 20.49 -9.75 53.14
C GLY C 101 21.27 -9.78 51.84
N TRP C 102 20.80 -8.96 50.91
CA TRP C 102 21.44 -8.78 49.60
C TRP C 102 22.16 -7.44 49.62
N ILE C 103 23.49 -7.47 49.67
CA ILE C 103 24.32 -6.28 49.58
C ILE C 103 25.18 -6.46 48.34
N PHE C 104 24.92 -5.67 47.30
CA PHE C 104 25.61 -5.93 46.04
C PHE C 104 25.81 -4.67 45.22
N GLY C 105 26.95 -4.61 44.55
CA GLY C 105 27.28 -3.56 43.61
C GLY C 105 27.84 -4.20 42.35
N THR C 106 28.77 -3.49 41.70
CA THR C 106 29.43 -4.01 40.51
C THR C 106 30.92 -3.69 40.46
N THR C 107 31.46 -3.02 41.47
CA THR C 107 32.86 -2.60 41.41
C THR C 107 33.67 -3.12 42.58
N LEU C 108 33.00 -3.44 43.70
CA LEU C 108 33.61 -3.82 44.99
C LEU C 108 34.61 -2.77 45.48
N ASP C 109 34.36 -1.49 45.15
CA ASP C 109 35.29 -0.43 45.49
C ASP C 109 34.61 0.86 45.95
N SER C 110 33.29 0.88 46.07
CA SER C 110 32.48 2.01 46.57
C SER C 110 32.68 3.27 45.72
N LYS C 111 32.42 3.12 44.42
CA LYS C 111 32.43 4.28 43.53
C LYS C 111 31.18 4.29 42.65
N THR C 112 30.60 3.12 42.40
CA THR C 112 29.41 2.99 41.59
C THR C 112 28.20 2.71 42.47
N GLN C 113 27.02 2.71 41.83
CA GLN C 113 25.77 2.57 42.55
C GLN C 113 25.57 1.14 43.04
N SER C 114 25.23 0.99 44.31
CA SER C 114 25.11 -0.31 44.95
C SER C 114 23.87 -0.34 45.82
N LEU C 115 23.35 -1.56 46.05
CA LEU C 115 22.09 -1.78 46.72
C LEU C 115 22.29 -2.50 48.04
N LEU C 116 21.57 -2.03 49.06
CA LEU C 116 21.50 -2.60 50.40
C LEU C 116 20.10 -3.12 50.65
N ILE C 117 19.99 -4.40 50.99
CA ILE C 117 18.77 -5.01 51.51
C ILE C 117 19.18 -5.81 52.74
N VAL C 118 18.82 -5.33 53.94
CA VAL C 118 19.12 -6.03 55.19
C VAL C 118 17.82 -6.37 55.89
N ASN C 119 17.71 -7.62 56.35
CA ASN C 119 16.58 -8.11 57.14
C ASN C 119 17.07 -8.58 58.50
N ASN C 120 17.86 -7.75 59.18
CA ASN C 120 18.59 -8.18 60.36
C ASN C 120 17.67 -8.41 61.56
N ALA C 121 16.98 -7.37 62.03
CA ALA C 121 16.27 -7.45 63.29
C ALA C 121 14.76 -7.35 63.15
N THR C 122 14.23 -6.25 62.58
CA THR C 122 12.80 -5.99 62.61
C THR C 122 12.22 -5.46 61.31
N ASN C 123 13.01 -5.34 60.25
CA ASN C 123 12.52 -4.74 59.01
C ASN C 123 13.38 -5.19 57.85
N VAL C 124 12.81 -5.11 56.65
CA VAL C 124 13.58 -5.18 55.42
C VAL C 124 13.92 -3.73 55.06
N VAL C 125 15.17 -3.35 55.23
CA VAL C 125 15.62 -1.99 54.99
C VAL C 125 16.47 -1.97 53.73
N ILE C 126 16.18 -1.03 52.83
CA ILE C 126 16.88 -0.94 51.55
C ILE C 126 17.45 0.46 51.40
N LYS C 127 18.69 0.50 50.90
CA LYS C 127 19.45 1.71 50.66
C LYS C 127 20.07 1.67 49.27
N VAL C 128 20.22 2.85 48.67
CA VAL C 128 20.99 3.02 47.44
C VAL C 128 22.21 3.86 47.79
N CYS C 129 23.39 3.24 47.75
CA CYS C 129 24.59 3.89 48.25
C CYS C 129 25.82 3.19 47.67
N GLU C 130 27.00 3.61 48.13
CA GLU C 130 28.28 3.08 47.68
C GLU C 130 28.86 2.17 48.75
N PHE C 131 29.28 0.97 48.36
CA PHE C 131 29.79 -0.02 49.31
C PHE C 131 31.01 -0.71 48.75
N GLN C 132 31.91 -1.09 49.66
CA GLN C 132 33.11 -1.84 49.31
C GLN C 132 32.98 -3.27 49.79
N PHE C 133 33.39 -4.21 48.93
CA PHE C 133 33.30 -5.64 49.22
C PHE C 133 34.68 -6.26 49.11
N CYS C 134 34.95 -7.20 50.02
CA CYS C 134 36.24 -7.84 50.14
C CYS C 134 36.33 -9.02 49.17
N ASN C 135 37.39 -9.83 49.33
CA ASN C 135 37.49 -11.09 48.59
C ASN C 135 36.43 -12.08 49.05
N ASP C 136 36.25 -12.20 50.36
CA ASP C 136 35.24 -13.12 50.92
C ASP C 136 34.79 -12.60 52.27
N PRO C 137 33.80 -11.72 52.30
CA PRO C 137 33.22 -11.30 53.58
C PRO C 137 32.16 -12.30 54.05
N PHE C 138 31.78 -12.17 55.32
CA PHE C 138 30.83 -13.10 55.92
C PHE C 138 30.11 -12.43 57.08
N LEU C 139 28.92 -12.95 57.37
CA LEU C 139 28.09 -12.53 58.50
C LEU C 139 27.73 -13.72 59.36
N ASP C 140 28.68 -14.65 59.58
CA ASP C 140 28.35 -15.95 60.12
C ASP C 140 28.87 -16.19 61.53
N HIS C 141 30.18 -16.12 61.75
CA HIS C 141 30.78 -16.76 62.93
C HIS C 141 31.64 -15.80 63.74
N LYS C 142 31.31 -15.72 65.05
CA LYS C 142 32.13 -15.07 66.06
C LYS C 142 31.90 -15.87 67.34
N ASN C 143 32.92 -16.67 67.72
CA ASN C 143 32.88 -17.62 68.85
C ASN C 143 31.76 -18.66 68.69
N ASN C 144 31.39 -18.96 67.44
CA ASN C 144 30.51 -20.07 66.99
C ASN C 144 29.13 -20.08 67.67
N LYS C 145 28.71 -19.01 68.33
CA LYS C 145 27.39 -18.99 68.97
C LYS C 145 26.69 -17.64 68.83
N SER C 146 27.13 -16.79 67.90
CA SER C 146 26.61 -15.43 67.78
C SER C 146 25.41 -15.43 66.83
N TRP C 147 24.20 -15.41 67.38
CA TRP C 147 23.00 -15.14 66.60
C TRP C 147 22.67 -13.64 66.64
N MET C 148 23.62 -12.86 66.16
CA MET C 148 23.54 -11.40 66.25
C MET C 148 24.28 -10.79 65.06
N GLU C 149 24.56 -9.49 65.14
CA GLU C 149 25.22 -8.74 64.08
C GLU C 149 26.73 -9.02 64.05
N SER C 150 27.07 -10.27 63.76
CA SER C 150 28.44 -10.72 63.75
C SER C 150 29.16 -10.25 62.48
N GLU C 151 30.31 -9.59 62.66
CA GLU C 151 31.10 -8.96 61.60
C GLU C 151 30.25 -8.02 60.72
N PHE C 152 29.83 -6.92 61.34
CA PHE C 152 29.12 -5.87 60.62
C PHE C 152 30.02 -5.06 59.70
N ARG C 153 31.33 -5.22 59.79
CA ARG C 153 32.28 -4.48 58.95
C ARG C 153 32.62 -5.21 57.65
N VAL C 154 31.58 -5.68 56.96
CA VAL C 154 31.78 -6.25 55.63
C VAL C 154 31.76 -5.17 54.56
N TYR C 155 31.21 -3.99 54.85
CA TYR C 155 31.34 -2.81 54.00
C TYR C 155 31.92 -1.69 54.84
N SER C 156 32.94 -1.03 54.31
CA SER C 156 33.72 -0.07 55.08
C SER C 156 33.59 1.36 54.56
N SER C 157 33.73 1.57 53.25
CA SER C 157 33.76 2.90 52.68
C SER C 157 32.42 3.23 52.01
N ALA C 158 31.89 4.42 52.32
CA ALA C 158 30.68 4.92 51.71
C ALA C 158 30.84 6.41 51.47
N ASN C 159 30.15 6.91 50.43
CA ASN C 159 30.27 8.31 50.03
C ASN C 159 28.99 9.09 50.26
N ASN C 160 27.87 8.66 49.65
CA ASN C 160 26.61 9.40 49.76
C ASN C 160 25.48 8.45 49.38
N CYS C 161 24.51 8.29 50.29
CA CYS C 161 23.36 7.43 50.05
C CYS C 161 22.15 8.28 49.69
N THR C 162 21.37 7.81 48.71
CA THR C 162 20.30 8.60 48.12
C THR C 162 18.92 8.09 48.47
N PHE C 163 18.61 6.83 48.17
CA PHE C 163 17.26 6.29 48.31
C PHE C 163 17.18 5.38 49.51
N GLU C 164 16.16 5.57 50.33
CA GLU C 164 15.97 4.88 51.60
C GLU C 164 14.54 4.37 51.68
N TYR C 165 14.36 3.11 52.06
CA TYR C 165 12.99 2.61 52.26
C TYR C 165 12.97 1.46 53.26
N VAL C 166 12.01 1.50 54.18
CA VAL C 166 11.86 0.51 55.25
C VAL C 166 10.53 -0.21 55.05
N SER C 167 10.57 -1.54 55.04
CA SER C 167 9.37 -2.34 54.83
C SER C 167 9.29 -3.45 55.89
N GLN C 168 8.14 -4.12 55.91
CA GLN C 168 7.87 -5.20 56.85
C GLN C 168 8.77 -6.39 56.53
N PRO C 169 9.32 -7.06 57.56
CA PRO C 169 10.31 -8.12 57.32
C PRO C 169 9.73 -9.34 56.62
N PHE C 170 10.61 -10.08 55.96
CA PHE C 170 10.23 -11.27 55.21
C PHE C 170 9.71 -12.35 56.16
N LEU C 171 8.76 -13.15 55.66
CA LEU C 171 8.05 -14.11 56.50
C LEU C 171 8.89 -15.38 56.63
N MET C 172 9.46 -15.56 57.82
CA MET C 172 10.16 -16.79 58.19
C MET C 172 9.49 -17.38 59.43
N ASP C 173 10.05 -18.47 59.93
CA ASP C 173 9.66 -19.05 61.20
C ASP C 173 10.50 -18.43 62.31
N LEU C 174 9.98 -18.50 63.54
CA LEU C 174 10.69 -17.95 64.69
C LEU C 174 11.89 -18.83 65.03
N GLU C 175 13.06 -18.22 65.08
CA GLU C 175 14.38 -18.85 65.30
C GLU C 175 14.60 -19.90 64.22
N GLY C 176 15.26 -21.00 64.56
CA GLY C 176 15.50 -22.05 63.60
C GLY C 176 16.34 -23.15 64.22
N LYS C 177 16.45 -24.24 63.48
CA LYS C 177 17.19 -25.42 63.92
C LYS C 177 17.79 -26.11 62.71
N GLN C 178 18.64 -27.10 62.96
CA GLN C 178 19.23 -27.92 61.92
C GLN C 178 18.33 -29.12 61.67
N GLY C 179 17.83 -29.24 60.46
CA GLY C 179 16.86 -30.26 60.14
C GLY C 179 15.44 -29.72 60.14
N ASN C 180 14.56 -30.44 59.44
CA ASN C 180 13.15 -30.07 59.20
C ASN C 180 13.05 -28.68 58.57
N PHE C 181 13.68 -28.55 57.40
CA PHE C 181 13.67 -27.30 56.67
C PHE C 181 12.30 -27.03 56.09
N LYS C 182 11.79 -25.82 56.29
CA LYS C 182 10.41 -25.50 55.94
C LYS C 182 10.30 -24.42 54.87
N ASN C 183 11.06 -23.34 55.00
CA ASN C 183 10.90 -22.21 54.08
C ASN C 183 11.57 -22.50 52.74
N LEU C 184 10.88 -22.15 51.66
CA LEU C 184 11.43 -22.22 50.30
C LEU C 184 11.42 -20.80 49.74
N ARG C 185 12.60 -20.19 49.65
CA ARG C 185 12.74 -18.90 48.98
C ARG C 185 13.09 -19.17 47.53
N GLU C 186 12.43 -18.46 46.61
CA GLU C 186 12.80 -18.59 45.21
C GLU C 186 12.73 -17.23 44.53
N PHE C 187 13.78 -16.90 43.79
CA PHE C 187 13.88 -15.66 43.06
C PHE C 187 14.25 -15.95 41.60
N VAL C 188 13.76 -15.10 40.72
CA VAL C 188 14.17 -15.06 39.32
C VAL C 188 14.82 -13.71 39.09
N PHE C 189 16.08 -13.73 38.66
CA PHE C 189 16.84 -12.52 38.38
C PHE C 189 16.94 -12.38 36.86
N LYS C 190 16.47 -11.25 36.35
CA LYS C 190 16.47 -11.03 34.90
C LYS C 190 16.99 -9.63 34.59
N ASN C 191 17.57 -9.48 33.40
CA ASN C 191 18.07 -8.20 32.92
C ASN C 191 17.61 -8.04 31.49
N ILE C 192 16.95 -6.93 31.19
CA ILE C 192 16.45 -6.67 29.84
C ILE C 192 16.35 -5.16 29.63
N ASP C 193 16.91 -4.69 28.50
CA ASP C 193 16.87 -3.29 28.05
C ASP C 193 17.48 -2.34 29.07
N GLY C 194 18.53 -2.77 29.76
CA GLY C 194 19.14 -1.97 30.80
C GLY C 194 18.37 -1.93 32.10
N TYR C 195 17.34 -2.74 32.26
CA TYR C 195 16.52 -2.77 33.46
C TYR C 195 16.70 -4.11 34.15
N PHE C 196 17.03 -4.10 35.43
CA PHE C 196 17.13 -5.32 36.22
C PHE C 196 15.78 -5.59 36.87
N LYS C 197 15.52 -6.86 37.16
CA LYS C 197 14.26 -7.20 37.81
C LYS C 197 14.41 -8.48 38.65
N ILE C 198 13.86 -8.42 39.85
CA ILE C 198 13.85 -9.53 40.80
C ILE C 198 12.41 -9.93 41.03
N TYR C 199 12.10 -11.19 40.76
CA TYR C 199 10.78 -11.75 41.02
C TYR C 199 10.91 -12.74 42.18
N SER C 200 10.00 -12.68 43.15
CA SER C 200 10.16 -13.40 44.41
C SER C 200 8.93 -14.23 44.74
N LYS C 201 9.17 -15.34 45.45
CA LYS C 201 8.11 -16.17 45.98
C LYS C 201 8.64 -16.90 47.20
N HIS C 202 7.78 -17.12 48.19
CA HIS C 202 8.18 -17.65 49.50
C HIS C 202 7.17 -18.68 49.97
N THR C 203 7.54 -19.96 49.89
CA THR C 203 6.68 -21.04 50.37
C THR C 203 6.95 -21.30 51.85
N PRO C 204 5.93 -21.20 52.72
CA PRO C 204 6.18 -21.26 54.18
C PRO C 204 6.64 -22.59 54.75
N ILE C 205 5.90 -23.68 54.53
CA ILE C 205 6.06 -24.90 55.31
C ILE C 205 6.37 -26.07 54.39
N ILE C 206 7.47 -26.77 54.69
CA ILE C 206 7.84 -28.02 54.04
C ILE C 206 8.13 -29.05 55.12
N VAL C 207 7.40 -30.16 55.09
CA VAL C 207 7.63 -31.28 56.02
C VAL C 207 7.75 -32.59 55.20
N ARG C 208 8.99 -32.97 54.90
CA ARG C 208 9.25 -34.16 54.09
C ARG C 208 10.61 -34.77 54.36
N GLU C 209 11.02 -35.69 53.50
CA GLU C 209 12.35 -36.29 53.51
C GLU C 209 13.38 -35.30 53.00
N PRO C 210 14.67 -35.52 53.31
CA PRO C 210 15.72 -34.72 52.67
C PRO C 210 15.77 -34.95 51.16
N GLU C 211 16.28 -33.93 50.46
CA GLU C 211 16.20 -33.75 49.00
C GLU C 211 14.71 -33.75 48.67
N ASP C 212 14.28 -34.47 47.61
CA ASP C 212 12.88 -34.57 47.18
C ASP C 212 12.26 -33.20 46.90
N LEU C 213 12.80 -32.52 45.89
CA LEU C 213 12.26 -31.22 45.50
C LEU C 213 10.87 -31.41 44.90
N PRO C 214 9.87 -30.63 45.33
CA PRO C 214 8.48 -30.93 44.99
C PRO C 214 8.10 -30.66 43.54
N GLN C 215 6.94 -31.18 43.14
CA GLN C 215 6.37 -30.92 41.84
C GLN C 215 5.27 -29.86 41.89
N GLY C 216 5.19 -29.12 43.00
CA GLY C 216 4.17 -28.10 43.13
C GLY C 216 4.43 -26.91 42.23
N PHE C 217 3.33 -26.24 41.86
CA PHE C 217 3.37 -25.14 40.90
C PHE C 217 2.94 -23.85 41.59
N SER C 218 3.72 -22.79 41.40
CA SER C 218 3.38 -21.49 41.94
C SER C 218 4.05 -20.42 41.08
N ALA C 219 3.42 -19.25 41.02
CA ALA C 219 3.94 -18.14 40.25
C ALA C 219 4.78 -17.24 41.15
N LEU C 220 5.37 -16.20 40.55
CA LEU C 220 6.20 -15.24 41.27
C LEU C 220 5.69 -13.84 41.00
N GLU C 221 5.45 -13.09 42.07
CA GLU C 221 5.03 -11.71 41.93
C GLU C 221 6.22 -10.84 41.50
N PRO C 222 5.98 -9.75 40.77
CA PRO C 222 7.06 -8.81 40.48
C PRO C 222 7.47 -8.03 41.72
N LEU C 223 8.62 -8.37 42.28
CA LEU C 223 9.06 -7.75 43.52
C LEU C 223 9.76 -6.41 43.26
N VAL C 224 10.88 -6.44 42.53
CA VAL C 224 11.70 -5.26 42.32
C VAL C 224 11.91 -5.05 40.83
N ASP C 225 11.58 -3.85 40.35
CA ASP C 225 11.99 -3.38 39.03
C ASP C 225 13.01 -2.27 39.24
N LEU C 226 14.24 -2.50 38.79
CA LEU C 226 15.38 -1.68 39.21
C LEU C 226 16.05 -1.05 37.98
N PRO C 227 15.89 0.26 37.77
CA PRO C 227 16.45 0.93 36.59
C PRO C 227 17.81 1.58 36.82
N ILE C 228 18.84 0.75 37.04
CA ILE C 228 20.19 1.30 37.18
C ILE C 228 20.80 1.58 35.81
N GLY C 229 20.76 0.60 34.91
CA GLY C 229 21.31 0.78 33.58
C GLY C 229 22.76 0.43 33.44
N ILE C 230 23.31 -0.45 34.28
CA ILE C 230 24.73 -0.78 34.23
C ILE C 230 24.93 -2.26 33.95
N ASN C 231 26.18 -2.65 33.74
CA ASN C 231 26.56 -4.05 33.62
C ASN C 231 26.71 -4.65 35.01
N ILE C 232 25.92 -5.68 35.31
CA ILE C 232 25.85 -6.26 36.64
C ILE C 232 26.38 -7.70 36.58
N THR C 233 27.33 -8.01 37.47
CA THR C 233 28.01 -9.31 37.40
C THR C 233 28.16 -10.02 38.74
N ARG C 234 28.20 -9.30 39.85
CA ARG C 234 28.69 -9.85 41.12
C ARG C 234 27.68 -9.67 42.25
N PHE C 235 26.43 -10.04 42.00
CA PHE C 235 25.41 -10.01 43.04
C PHE C 235 25.39 -11.35 43.77
N GLN C 236 25.53 -11.30 45.09
CA GLN C 236 25.66 -12.50 45.91
C GLN C 236 25.36 -12.16 47.36
N THR C 237 24.50 -12.94 48.00
CA THR C 237 24.19 -12.78 49.41
C THR C 237 25.15 -13.64 50.23
N LEU C 238 24.98 -13.63 51.56
CA LEU C 238 25.83 -14.39 52.45
C LEU C 238 24.96 -15.26 53.35
N LEU C 239 25.40 -16.49 53.58
CA LEU C 239 24.64 -17.51 54.27
C LEU C 239 25.17 -17.69 55.69
N ALA C 240 24.55 -18.63 56.41
CA ALA C 240 24.97 -18.94 57.77
C ALA C 240 24.84 -20.43 58.05
N SER C 251 37.70 -16.32 69.49
CA SER C 251 37.49 -17.29 68.41
C SER C 251 36.79 -16.63 67.23
N SER C 252 37.59 -16.17 66.27
CA SER C 252 37.07 -15.51 65.08
C SER C 252 36.91 -16.46 63.90
N SER C 253 37.06 -17.77 64.12
CA SER C 253 36.91 -18.76 63.05
C SER C 253 36.12 -19.95 63.57
N GLY C 254 35.28 -20.52 62.70
CA GLY C 254 34.52 -21.71 63.04
C GLY C 254 33.09 -21.42 63.43
N TRP C 255 32.14 -22.13 62.81
CA TRP C 255 30.72 -21.95 63.08
C TRP C 255 30.06 -23.31 63.29
N THR C 256 29.14 -23.37 64.24
CA THR C 256 28.32 -24.56 64.45
C THR C 256 27.26 -24.57 63.35
N ALA C 257 27.62 -25.17 62.22
CA ALA C 257 26.82 -25.10 61.01
C ALA C 257 26.13 -26.43 60.73
N GLY C 258 24.83 -26.36 60.47
CA GLY C 258 24.07 -27.49 60.00
C GLY C 258 24.03 -27.52 58.48
N ALA C 259 22.99 -28.19 57.97
CA ALA C 259 22.81 -28.27 56.53
C ALA C 259 22.31 -26.95 55.97
N ALA C 260 22.59 -26.74 54.68
CA ALA C 260 22.09 -25.58 53.95
C ALA C 260 22.06 -25.94 52.47
N ALA C 261 20.93 -25.69 51.82
CA ALA C 261 20.73 -26.07 50.43
C ALA C 261 20.30 -24.86 49.62
N TYR C 262 21.04 -24.57 48.55
CA TYR C 262 20.65 -23.55 47.58
C TYR C 262 20.87 -24.09 46.18
N TYR C 263 19.91 -23.78 45.30
CA TYR C 263 19.86 -24.31 43.95
C TYR C 263 20.03 -23.15 42.97
N VAL C 264 20.86 -23.37 41.95
CA VAL C 264 21.12 -22.36 40.91
C VAL C 264 20.80 -22.99 39.56
N GLY C 265 19.85 -22.39 38.84
CA GLY C 265 19.49 -22.88 37.53
C GLY C 265 19.54 -21.77 36.50
N TYR C 266 19.72 -22.17 35.24
CA TYR C 266 19.83 -21.23 34.15
C TYR C 266 18.49 -21.07 33.44
N LEU C 267 18.46 -20.18 32.45
CA LEU C 267 17.21 -19.65 31.94
C LEU C 267 17.45 -19.13 30.52
N GLN C 268 16.57 -19.48 29.60
CA GLN C 268 16.78 -19.22 28.18
C GLN C 268 15.50 -18.66 27.58
N PRO C 269 15.58 -17.97 26.43
CA PRO C 269 14.35 -17.54 25.77
C PRO C 269 13.57 -18.72 25.20
N ARG C 270 12.29 -18.80 25.57
CA ARG C 270 11.42 -19.91 25.19
C ARG C 270 10.02 -19.37 24.93
N THR C 271 9.13 -20.30 24.58
CA THR C 271 7.71 -20.05 24.34
C THR C 271 6.89 -20.89 25.30
N PHE C 272 5.98 -20.24 26.03
CA PHE C 272 5.18 -20.91 27.04
C PHE C 272 3.71 -20.62 26.82
N LEU C 273 2.85 -21.43 27.48
CA LEU C 273 1.43 -21.15 27.53
C LEU C 273 0.99 -21.17 28.99
N LEU C 274 0.16 -20.19 29.38
CA LEU C 274 -0.23 -20.00 30.77
C LEU C 274 -1.75 -19.98 30.84
N LYS C 275 -2.29 -20.48 31.96
CA LYS C 275 -3.73 -20.48 32.19
C LYS C 275 -4.02 -19.76 33.49
N TYR C 276 -4.76 -18.66 33.40
CA TYR C 276 -5.30 -18.00 34.58
C TYR C 276 -6.58 -18.71 35.03
N ASN C 277 -6.86 -18.65 36.31
CA ASN C 277 -8.05 -19.27 36.86
C ASN C 277 -9.19 -18.25 36.91
N GLU C 278 -10.29 -18.63 37.56
CA GLU C 278 -11.42 -17.72 37.70
C GLU C 278 -11.20 -16.66 38.77
N ASN C 279 -10.13 -16.78 39.56
CA ASN C 279 -9.85 -15.81 40.62
C ASN C 279 -8.75 -14.83 40.21
N GLY C 280 -7.75 -15.30 39.46
CA GLY C 280 -6.66 -14.44 39.04
C GLY C 280 -5.28 -14.99 39.34
N THR C 281 -5.20 -16.28 39.64
CA THR C 281 -3.95 -16.95 39.96
C THR C 281 -3.62 -17.98 38.89
N ILE C 282 -2.34 -18.10 38.57
CA ILE C 282 -1.88 -19.05 37.57
C ILE C 282 -1.93 -20.44 38.18
N THR C 283 -2.96 -21.21 37.83
CA THR C 283 -3.08 -22.57 38.32
C THR C 283 -2.24 -23.56 37.52
N ASP C 284 -2.04 -23.30 36.23
CA ASP C 284 -1.29 -24.25 35.40
C ASP C 284 -0.63 -23.52 34.24
N ALA C 285 0.43 -24.13 33.74
CA ALA C 285 1.14 -23.68 32.56
C ALA C 285 1.72 -24.89 31.86
N VAL C 286 2.00 -24.74 30.57
CA VAL C 286 2.55 -25.83 29.77
C VAL C 286 3.66 -25.28 28.88
N ASP C 287 4.70 -26.09 28.70
CA ASP C 287 5.75 -25.77 27.77
C ASP C 287 5.26 -26.01 26.34
N CYS C 288 5.98 -25.43 25.40
CA CYS C 288 5.63 -25.53 23.99
C CYS C 288 6.67 -26.26 23.16
N ALA C 289 7.96 -25.90 23.30
CA ALA C 289 9.03 -26.48 22.50
C ALA C 289 9.82 -27.54 23.26
N LEU C 290 9.14 -28.31 24.12
CA LEU C 290 9.79 -29.36 24.89
C LEU C 290 9.30 -30.75 24.55
N ASP C 291 7.99 -30.94 24.44
CA ASP C 291 7.42 -32.24 24.11
C ASP C 291 6.49 -32.11 22.91
N PRO C 292 6.46 -33.12 22.03
CA PRO C 292 5.54 -33.07 20.88
C PRO C 292 4.06 -33.03 21.26
N LEU C 293 3.67 -33.74 22.33
CA LEU C 293 2.32 -33.58 22.85
C LEU C 293 2.12 -32.17 23.41
N SER C 294 3.15 -31.64 24.09
CA SER C 294 3.10 -30.26 24.52
C SER C 294 3.17 -29.30 23.33
N GLU C 295 3.82 -29.72 22.23
CA GLU C 295 3.86 -28.90 21.02
C GLU C 295 2.47 -28.76 20.39
N THR C 296 1.73 -29.87 20.27
CA THR C 296 0.39 -29.75 19.71
C THR C 296 -0.62 -29.17 20.72
N LYS C 297 -0.36 -29.29 22.02
CA LYS C 297 -1.15 -28.57 23.01
C LYS C 297 -0.93 -27.07 22.89
N CYS C 298 0.31 -26.67 22.64
CA CYS C 298 0.64 -25.27 22.37
C CYS C 298 0.00 -24.77 21.08
N THR C 299 -0.05 -25.63 20.06
CA THR C 299 -0.66 -25.26 18.79
C THR C 299 -2.17 -25.08 18.92
N LEU C 300 -2.83 -26.01 19.62
CA LEU C 300 -4.29 -25.95 19.76
C LEU C 300 -4.76 -24.93 20.80
N LYS C 301 -3.84 -24.31 21.54
CA LYS C 301 -4.13 -23.33 22.60
C LYS C 301 -5.05 -23.91 23.68
N SER C 302 -4.83 -25.18 24.02
CA SER C 302 -5.65 -25.85 25.02
C SER C 302 -4.81 -26.89 25.74
N PHE C 303 -5.27 -27.29 26.92
CA PHE C 303 -4.59 -28.29 27.72
C PHE C 303 -4.95 -29.71 27.35
N THR C 304 -5.98 -29.91 26.52
CA THR C 304 -6.37 -31.23 26.07
C THR C 304 -6.47 -31.24 24.55
N VAL C 305 -5.97 -32.31 23.94
CA VAL C 305 -6.09 -32.51 22.50
C VAL C 305 -6.93 -33.77 22.27
N GLU C 306 -7.42 -33.90 21.04
CA GLU C 306 -8.29 -35.01 20.68
C GLU C 306 -7.52 -36.02 19.84
N LYS C 307 -8.11 -37.21 19.71
CA LYS C 307 -7.49 -38.33 19.00
C LYS C 307 -7.53 -38.05 17.50
N GLY C 308 -6.40 -37.64 16.96
CA GLY C 308 -6.31 -37.36 15.54
C GLY C 308 -4.96 -36.78 15.18
N ILE C 309 -4.74 -36.65 13.87
CA ILE C 309 -3.52 -36.06 13.35
C ILE C 309 -3.64 -34.54 13.32
N TYR C 310 -2.59 -33.86 13.74
CA TYR C 310 -2.54 -32.40 13.74
C TYR C 310 -1.30 -31.96 12.96
N GLN C 311 -1.04 -30.65 12.99
CA GLN C 311 0.11 -30.09 12.29
C GLN C 311 0.71 -28.98 13.11
N THR C 312 2.04 -28.96 13.17
CA THR C 312 2.83 -28.02 13.93
C THR C 312 3.69 -27.19 12.96
N SER C 313 4.64 -26.45 13.52
CA SER C 313 5.58 -25.68 12.70
C SER C 313 6.45 -26.62 11.85
N ASN C 314 6.76 -26.16 10.65
CA ASN C 314 7.43 -26.98 9.65
C ASN C 314 8.93 -27.06 9.95
N PHE C 315 9.67 -27.77 9.10
CA PHE C 315 11.11 -27.91 9.27
C PHE C 315 11.82 -26.58 9.00
N ARG C 316 12.78 -26.27 9.87
CA ARG C 316 13.66 -25.13 9.72
C ARG C 316 14.88 -25.35 10.61
N VAL C 317 16.05 -25.14 10.03
CA VAL C 317 17.32 -25.27 10.75
C VAL C 317 17.61 -23.93 11.40
N GLN C 318 17.85 -23.95 12.71
CA GLN C 318 18.00 -22.71 13.47
C GLN C 318 19.33 -22.04 13.12
N PRO C 319 19.39 -20.71 13.19
CA PRO C 319 20.63 -20.00 12.84
C PRO C 319 21.75 -20.26 13.83
N THR C 320 22.95 -20.48 13.31
CA THR C 320 24.13 -20.77 14.11
C THR C 320 25.19 -19.70 13.98
N GLU C 321 25.50 -19.27 12.76
CA GLU C 321 26.56 -18.30 12.54
C GLU C 321 26.31 -17.48 11.27
N SER C 322 27.28 -16.68 10.88
CA SER C 322 27.20 -15.87 9.66
C SER C 322 28.56 -15.88 8.98
N ILE C 323 28.56 -16.02 7.66
CA ILE C 323 29.78 -16.00 6.88
C ILE C 323 29.71 -14.85 5.88
N VAL C 324 30.85 -14.22 5.63
CA VAL C 324 30.99 -13.18 4.61
C VAL C 324 32.20 -13.51 3.75
N ARG C 325 32.04 -13.33 2.44
CA ARG C 325 33.14 -13.50 1.50
C ARG C 325 32.84 -12.69 0.24
N PHE C 326 33.88 -12.48 -0.55
CA PHE C 326 33.84 -11.50 -1.62
C PHE C 326 34.92 -11.90 -2.62
N PRO C 327 34.84 -11.41 -3.87
CA PRO C 327 35.90 -11.73 -4.85
C PRO C 327 37.25 -11.16 -4.41
N ASN C 328 38.26 -12.03 -4.44
CA ASN C 328 39.48 -11.85 -3.67
C ASN C 328 40.31 -10.68 -4.20
N ILE C 329 41.34 -10.33 -3.43
CA ILE C 329 42.08 -9.09 -3.64
C ILE C 329 42.96 -9.21 -4.88
N THR C 330 42.75 -8.32 -5.84
CA THR C 330 43.59 -8.16 -7.01
C THR C 330 43.90 -6.68 -7.17
N ASN C 331 44.73 -6.37 -8.18
CA ASN C 331 45.11 -5.07 -8.74
C ASN C 331 45.17 -3.91 -7.73
N LEU C 332 46.03 -4.07 -6.72
CA LEU C 332 46.08 -3.17 -5.57
C LEU C 332 46.51 -1.76 -5.97
N CYS C 333 46.12 -0.79 -5.15
CA CYS C 333 46.42 0.60 -5.44
C CYS C 333 47.91 0.87 -5.25
N PRO C 334 48.53 1.69 -6.10
CA PRO C 334 49.98 1.91 -6.00
C PRO C 334 50.37 2.78 -4.82
N PHE C 335 50.37 2.20 -3.62
CA PHE C 335 50.80 2.92 -2.43
C PHE C 335 52.26 2.70 -2.09
N ASP C 336 52.85 1.60 -2.57
CA ASP C 336 54.27 1.32 -2.36
C ASP C 336 55.14 2.40 -2.98
N GLU C 337 54.73 2.89 -4.15
CA GLU C 337 55.43 4.01 -4.78
C GLU C 337 55.29 5.28 -3.95
N VAL C 338 54.12 5.53 -3.35
CA VAL C 338 53.91 6.82 -2.68
C VAL C 338 54.37 6.84 -1.24
N PHE C 339 54.77 5.70 -0.65
CA PHE C 339 55.54 5.85 0.59
C PHE C 339 57.02 5.53 0.41
N ASN C 340 57.39 4.75 -0.61
CA ASN C 340 58.79 4.43 -0.88
C ASN C 340 59.32 5.17 -2.09
N ALA C 341 58.91 6.44 -2.26
CA ALA C 341 59.37 7.24 -3.39
C ALA C 341 60.82 7.67 -3.17
N THR C 342 61.64 7.55 -4.21
CA THR C 342 63.00 8.05 -4.14
C THR C 342 63.06 9.57 -4.19
N ARG C 343 62.05 10.22 -4.77
CA ARG C 343 61.89 11.66 -4.70
C ARG C 343 60.46 11.97 -4.30
N PHE C 344 60.30 12.88 -3.35
CA PHE C 344 59.04 13.06 -2.64
C PHE C 344 58.65 14.53 -2.76
N ALA C 345 57.36 14.80 -2.99
CA ALA C 345 56.90 16.16 -3.26
C ALA C 345 56.97 17.02 -2.00
N SER C 346 57.22 18.31 -2.21
CA SER C 346 57.40 19.27 -1.14
C SER C 346 56.09 20.00 -0.85
N VAL C 347 56.17 21.05 -0.02
CA VAL C 347 54.98 21.83 0.33
C VAL C 347 54.70 22.91 -0.70
N TYR C 348 55.71 23.39 -1.42
CA TYR C 348 55.50 24.44 -2.41
C TYR C 348 55.10 23.86 -3.77
N ALA C 349 55.77 22.80 -4.20
CA ALA C 349 55.39 22.09 -5.42
C ALA C 349 54.63 20.81 -5.07
N TRP C 350 53.47 20.98 -4.43
CA TRP C 350 52.68 19.83 -4.00
C TRP C 350 51.87 19.31 -5.17
N ASN C 351 52.01 18.01 -5.44
CA ASN C 351 51.37 17.40 -6.60
C ASN C 351 50.14 16.61 -6.17
N ARG C 352 49.00 16.91 -6.80
CA ARG C 352 47.77 16.19 -6.52
C ARG C 352 47.80 14.81 -7.15
N LYS C 353 48.28 13.82 -6.41
CA LYS C 353 48.35 12.46 -6.93
C LYS C 353 46.95 11.86 -7.02
N ARG C 354 46.65 11.29 -8.17
CA ARG C 354 45.34 10.77 -8.51
C ARG C 354 45.41 9.25 -8.55
N ILE C 355 44.71 8.59 -7.63
CA ILE C 355 44.68 7.14 -7.53
C ILE C 355 43.28 6.66 -7.81
N SER C 356 43.12 5.83 -8.84
CA SER C 356 41.79 5.41 -9.27
C SER C 356 41.82 3.96 -9.73
N ASN C 357 40.63 3.34 -9.72
CA ASN C 357 40.36 2.04 -10.33
C ASN C 357 41.19 0.91 -9.71
N CYS C 358 41.22 0.88 -8.38
CA CYS C 358 41.93 -0.15 -7.65
C CYS C 358 41.26 -0.32 -6.28
N VAL C 359 41.93 -1.06 -5.40
CA VAL C 359 41.47 -1.28 -4.03
C VAL C 359 42.55 -0.77 -3.08
N ALA C 360 42.13 -0.04 -2.05
CA ALA C 360 43.04 0.77 -1.24
C ALA C 360 43.07 0.25 0.20
N ASP C 361 44.03 -0.63 0.48
CA ASP C 361 44.23 -1.17 1.82
C ASP C 361 45.41 -0.46 2.46
N TYR C 362 45.16 0.28 3.54
CA TYR C 362 46.21 1.01 4.25
C TYR C 362 46.77 0.21 5.41
N SER C 363 47.20 -1.02 5.13
CA SER C 363 47.73 -1.91 6.15
C SER C 363 49.20 -2.26 5.97
N VAL C 364 49.77 -2.05 4.79
CA VAL C 364 51.16 -2.43 4.55
C VAL C 364 52.17 -1.43 5.10
N LEU C 365 51.72 -0.27 5.58
CA LEU C 365 52.61 0.75 6.10
C LEU C 365 52.94 0.59 7.58
N TYR C 366 52.25 -0.32 8.28
CA TYR C 366 52.39 -0.41 9.73
C TYR C 366 53.71 -1.03 10.18
N ASN C 367 54.37 -1.80 9.32
CA ASN C 367 55.60 -2.50 9.69
C ASN C 367 56.85 -1.68 9.43
N LEU C 368 56.72 -0.41 9.07
CA LEU C 368 57.88 0.39 8.70
C LEU C 368 58.64 0.86 9.93
N ALA C 369 58.01 1.70 10.75
CA ALA C 369 58.63 2.31 11.91
C ALA C 369 57.53 2.87 12.81
N PRO C 370 57.82 3.13 14.08
CA PRO C 370 56.92 3.98 14.88
C PRO C 370 56.87 5.39 14.33
N PHE C 371 55.69 5.78 13.86
CA PHE C 371 55.53 7.07 13.19
C PHE C 371 55.55 8.22 14.19
N PHE C 372 55.71 9.43 13.66
CA PHE C 372 55.57 10.63 14.50
C PHE C 372 54.14 10.80 14.98
N THR C 373 53.17 10.53 14.10
CA THR C 373 51.76 10.60 14.48
C THR C 373 50.99 9.54 13.71
N PHE C 374 49.82 9.19 14.24
CA PHE C 374 48.93 8.23 13.60
C PHE C 374 47.48 8.70 13.56
N LYS C 375 47.07 9.62 14.43
CA LYS C 375 45.68 10.01 14.54
C LYS C 375 45.27 10.86 13.33
N CYS C 376 44.36 10.32 12.52
CA CYS C 376 43.78 11.09 11.43
C CYS C 376 42.91 12.21 11.99
N TYR C 377 42.86 13.32 11.25
CA TYR C 377 42.30 14.55 11.77
C TYR C 377 40.82 14.73 11.44
N GLY C 378 40.40 14.32 10.24
CA GLY C 378 38.98 14.43 9.89
C GLY C 378 38.13 13.37 10.56
N VAL C 379 38.59 12.12 10.56
CA VAL C 379 37.86 11.01 11.13
C VAL C 379 38.80 10.22 12.04
N SER C 380 38.24 9.23 12.73
CA SER C 380 39.00 8.39 13.63
C SER C 380 39.81 7.36 12.84
N PRO C 381 40.98 6.95 13.36
CA PRO C 381 41.78 5.93 12.65
C PRO C 381 41.27 4.51 12.79
N THR C 382 40.20 4.27 13.54
CA THR C 382 39.66 2.94 13.72
C THR C 382 38.60 2.56 12.68
N LYS C 383 38.31 3.46 11.73
CA LYS C 383 37.32 3.19 10.70
C LYS C 383 37.85 3.55 9.32
N LEU C 384 39.15 3.35 9.10
CA LEU C 384 39.76 3.69 7.82
C LEU C 384 39.40 2.69 6.72
N ASN C 385 38.98 1.48 7.07
CA ASN C 385 38.77 0.41 6.11
C ASN C 385 37.32 0.27 5.66
N ASP C 386 36.37 0.31 6.60
CA ASP C 386 34.97 0.08 6.27
C ASP C 386 34.33 1.24 5.53
N LEU C 387 34.79 2.46 5.74
CA LEU C 387 34.23 3.63 5.07
C LEU C 387 34.69 3.65 3.62
N CYS C 388 33.75 3.50 2.68
CA CYS C 388 34.07 3.51 1.27
C CYS C 388 33.77 4.88 0.67
N PHE C 389 34.76 5.44 -0.01
CA PHE C 389 34.68 6.75 -0.62
C PHE C 389 34.70 6.61 -2.13
N THR C 390 34.30 7.68 -2.82
CA THR C 390 34.24 7.65 -4.28
C THR C 390 35.63 7.70 -4.90
N ASN C 391 36.48 8.59 -4.40
CA ASN C 391 37.80 8.81 -4.99
C ASN C 391 38.72 9.41 -3.92
N VAL C 392 40.01 9.29 -4.16
CA VAL C 392 41.04 9.72 -3.22
C VAL C 392 41.99 10.69 -3.92
N TYR C 393 42.41 11.73 -3.18
CA TYR C 393 43.44 12.64 -3.64
C TYR C 393 44.59 12.59 -2.66
N ALA C 394 45.80 12.31 -3.14
CA ALA C 394 46.97 12.25 -2.28
C ALA C 394 47.79 13.51 -2.46
N ASP C 395 48.35 14.01 -1.35
CA ASP C 395 49.24 15.17 -1.43
C ASP C 395 50.44 14.92 -0.53
N SER C 396 51.63 15.09 -1.11
CA SER C 396 52.88 14.74 -0.45
C SER C 396 53.63 16.00 0.00
N PHE C 397 54.20 15.96 1.20
CA PHE C 397 54.85 17.14 1.77
C PHE C 397 56.10 16.76 2.54
N VAL C 398 57.20 17.46 2.23
CA VAL C 398 58.39 17.52 3.07
C VAL C 398 58.30 18.81 3.88
N ILE C 399 58.33 18.69 5.20
CA ILE C 399 58.20 19.84 6.10
C ILE C 399 59.51 20.01 6.84
N ARG C 400 60.08 21.21 6.75
CA ARG C 400 61.25 21.55 7.57
C ARG C 400 60.84 21.64 9.04
N GLY C 401 61.62 21.02 9.91
CA GLY C 401 61.32 21.08 11.33
C GLY C 401 60.21 20.13 11.74
N ASP C 402 59.55 20.50 12.84
CA ASP C 402 58.51 19.67 13.45
C ASP C 402 57.20 20.44 13.64
N GLU C 403 56.89 21.39 12.76
CA GLU C 403 55.70 22.20 12.88
C GLU C 403 54.57 21.74 11.97
N VAL C 404 54.43 20.41 11.78
CA VAL C 404 53.29 19.88 11.04
C VAL C 404 51.98 19.94 11.81
N ARG C 405 52.04 20.26 13.11
CA ARG C 405 50.85 20.49 13.91
C ARG C 405 50.07 21.71 13.42
N GLN C 406 50.79 22.77 13.02
CA GLN C 406 50.15 24.01 12.60
C GLN C 406 49.49 23.91 11.22
N ILE C 407 49.81 22.89 10.43
CA ILE C 407 49.09 22.63 9.18
C ILE C 407 47.98 21.64 9.54
N ALA C 408 46.82 22.18 9.90
CA ALA C 408 45.72 21.39 10.41
C ALA C 408 44.40 21.99 9.94
N PRO C 409 43.33 21.19 9.87
CA PRO C 409 42.01 21.77 9.60
C PRO C 409 41.48 22.55 10.79
N GLY C 410 41.95 23.78 10.95
CA GLY C 410 41.58 24.61 12.08
C GLY C 410 42.74 25.44 12.58
N GLN C 411 43.94 25.16 12.08
CA GLN C 411 45.14 25.88 12.47
C GLN C 411 45.88 26.37 11.22
N THR C 412 46.61 27.47 11.38
CA THR C 412 47.38 28.07 10.31
C THR C 412 48.83 28.23 10.75
N GLY C 413 49.63 28.89 9.91
CA GLY C 413 51.04 29.08 10.20
C GLY C 413 51.73 29.75 9.04
N ASN C 414 53.07 29.81 9.15
CA ASN C 414 53.88 30.40 8.09
C ASN C 414 53.84 29.54 6.83
N ILE C 415 53.89 28.23 6.98
CA ILE C 415 53.80 27.31 5.86
C ILE C 415 52.40 26.72 5.72
N ALA C 416 51.40 27.38 6.33
CA ALA C 416 50.01 26.99 6.18
C ALA C 416 49.12 28.12 5.72
N ASP C 417 49.68 29.29 5.41
CA ASP C 417 48.89 30.42 4.90
C ASP C 417 49.55 30.98 3.65
N TYR C 418 50.86 30.77 3.53
CA TYR C 418 51.64 31.19 2.36
C TYR C 418 52.22 30.00 1.61
N ASN C 419 51.59 28.84 1.75
CA ASN C 419 51.99 27.57 1.17
C ASN C 419 50.70 26.79 0.92
N TYR C 420 50.81 25.47 0.85
CA TYR C 420 49.62 24.63 0.98
C TYR C 420 48.86 24.96 2.25
N LYS C 421 47.56 25.18 2.11
CA LYS C 421 46.71 25.60 3.21
C LYS C 421 45.62 24.54 3.40
N LEU C 422 45.62 23.91 4.55
CA LEU C 422 44.60 22.90 4.84
C LEU C 422 43.27 23.58 5.15
N PRO C 423 42.20 23.24 4.44
CA PRO C 423 40.90 23.83 4.75
C PRO C 423 40.36 23.31 6.07
N ASP C 424 39.54 24.14 6.72
CA ASP C 424 38.95 23.77 8.01
C ASP C 424 37.83 22.74 7.87
N ASP C 425 37.31 22.54 6.66
CA ASP C 425 36.29 21.54 6.37
C ASP C 425 36.87 20.41 5.54
N PHE C 426 38.08 19.98 5.88
CA PHE C 426 38.84 19.02 5.08
C PHE C 426 38.23 17.62 5.21
N THR C 427 37.80 17.07 4.07
CA THR C 427 37.20 15.73 4.02
C THR C 427 38.32 14.74 3.70
N GLY C 428 38.96 14.24 4.75
CA GLY C 428 40.11 13.38 4.63
C GLY C 428 40.89 13.39 5.92
N CYS C 429 42.13 12.89 5.86
CA CYS C 429 42.96 12.89 7.05
C CYS C 429 44.44 12.87 6.67
N VAL C 430 45.27 12.87 7.71
CA VAL C 430 46.71 13.06 7.56
C VAL C 430 47.43 11.78 7.95
N ILE C 431 48.68 11.65 7.49
CA ILE C 431 49.60 10.66 8.03
C ILE C 431 51.03 11.20 7.90
N ALA C 432 51.75 11.22 9.02
CA ALA C 432 53.10 11.76 9.06
C ALA C 432 54.04 10.75 9.70
N TRP C 433 55.25 10.63 9.15
CA TRP C 433 56.20 9.66 9.68
C TRP C 433 57.61 10.16 9.46
N ASN C 434 58.51 9.77 10.38
CA ASN C 434 59.88 10.27 10.43
C ASN C 434 60.70 9.63 9.31
N SER C 435 60.85 10.35 8.20
CA SER C 435 61.63 9.87 7.07
C SER C 435 63.03 10.49 7.07
N ASN C 436 63.82 10.08 8.06
CA ASN C 436 65.21 10.53 8.13
C ASN C 436 66.12 9.76 7.18
N LYS C 437 65.66 8.64 6.61
CA LYS C 437 66.52 7.81 5.78
C LYS C 437 66.61 8.28 4.34
N LEU C 438 65.73 9.17 3.90
CA LEU C 438 65.73 9.61 2.51
C LEU C 438 65.92 11.11 2.35
N ASP C 439 65.15 11.92 3.07
CA ASP C 439 65.11 13.37 2.83
C ASP C 439 66.02 14.12 3.79
N SER C 440 67.31 13.77 3.77
CA SER C 440 68.30 14.43 4.59
C SER C 440 69.65 14.42 3.87
N LYS C 441 70.48 15.42 4.20
CA LYS C 441 71.83 15.52 3.67
C LYS C 441 72.78 15.87 4.81
N VAL C 442 74.06 15.57 4.60
CA VAL C 442 75.06 15.86 5.63
C VAL C 442 75.36 17.36 5.69
N SER C 443 75.24 18.06 4.55
CA SER C 443 75.49 19.50 4.54
C SER C 443 74.19 20.28 4.47
N GLY C 444 73.24 19.82 3.67
CA GLY C 444 71.96 20.48 3.55
C GLY C 444 71.21 20.01 2.33
N ASN C 445 69.89 19.87 2.51
CA ASN C 445 68.99 19.49 1.42
C ASN C 445 68.63 20.73 0.61
N TYR C 446 69.61 21.18 -0.19
CA TYR C 446 69.50 22.46 -0.88
C TYR C 446 68.61 22.40 -2.11
N ASN C 447 68.12 21.21 -2.50
CA ASN C 447 67.19 21.12 -3.61
C ASN C 447 65.82 21.69 -3.25
N TYR C 448 65.45 21.64 -1.97
CA TYR C 448 64.14 22.11 -1.54
C TYR C 448 64.17 23.61 -1.27
N LEU C 449 63.02 24.14 -0.85
CA LEU C 449 62.85 25.55 -0.62
C LEU C 449 61.65 25.74 0.31
N TYR C 450 61.57 26.92 0.92
CA TYR C 450 60.38 27.30 1.67
C TYR C 450 60.01 28.73 1.32
N ARG C 451 58.71 28.99 1.28
CA ARG C 451 58.18 30.34 1.12
C ARG C 451 57.67 30.79 2.48
N LEU C 452 58.40 31.70 3.11
CA LEU C 452 58.04 32.16 4.45
C LEU C 452 56.76 32.99 4.42
N PHE C 453 56.56 33.76 3.36
CA PHE C 453 55.43 34.68 3.26
C PHE C 453 55.18 35.00 1.79
N ARG C 454 53.95 35.37 1.48
CA ARG C 454 53.54 35.70 0.12
C ARG C 454 52.99 37.12 0.03
N LYS C 455 52.44 37.47 -1.14
CA LYS C 455 51.83 38.78 -1.32
C LYS C 455 50.59 38.95 -0.45
N SER C 456 49.76 37.91 -0.35
CA SER C 456 48.53 37.98 0.43
C SER C 456 48.14 36.57 0.86
N ASN C 457 47.15 36.48 1.73
CA ASN C 457 46.62 35.19 2.16
C ASN C 457 45.88 34.53 1.01
N LEU C 458 46.09 33.22 0.86
CA LEU C 458 45.62 32.46 -0.29
C LEU C 458 44.47 31.54 0.10
N LYS C 459 43.56 31.35 -0.85
CA LYS C 459 42.47 30.40 -0.70
C LYS C 459 43.04 28.98 -0.67
N PRO C 460 42.49 28.09 0.17
CA PRO C 460 42.98 26.70 0.21
C PRO C 460 42.72 25.96 -1.10
N PHE C 461 43.48 24.86 -1.27
CA PHE C 461 43.53 24.04 -2.48
C PHE C 461 43.90 24.87 -3.71
N GLU C 462 44.87 25.77 -3.55
CA GLU C 462 45.42 26.56 -4.64
C GLU C 462 46.88 26.16 -4.82
N ARG C 463 47.23 25.74 -6.04
CA ARG C 463 48.59 25.30 -6.35
C ARG C 463 49.46 26.54 -6.55
N ASP C 464 49.98 27.06 -5.45
CA ASP C 464 50.82 28.26 -5.47
C ASP C 464 52.27 27.85 -5.68
N ILE C 465 52.80 28.16 -6.86
CA ILE C 465 54.20 27.86 -7.17
C ILE C 465 54.97 29.06 -7.68
N SER C 466 54.31 30.15 -8.06
CA SER C 466 55.01 31.32 -8.59
C SER C 466 55.62 32.14 -7.46
N THR C 467 56.90 32.48 -7.60
CA THR C 467 57.62 33.28 -6.63
C THR C 467 58.16 34.54 -7.29
N GLU C 468 58.40 35.56 -6.47
CA GLU C 468 58.89 36.83 -6.96
C GLU C 468 59.65 37.55 -5.86
N ILE C 469 60.46 38.53 -6.26
CA ILE C 469 61.17 39.37 -5.30
C ILE C 469 60.18 40.30 -4.61
N TYR C 470 60.35 40.48 -3.31
CA TYR C 470 59.39 41.20 -2.49
C TYR C 470 60.04 42.45 -1.90
N GLN C 471 59.32 43.56 -1.95
CA GLN C 471 59.80 44.87 -1.51
C GLN C 471 59.58 45.03 0.00
N ALA C 472 59.73 46.26 0.51
CA ALA C 472 59.49 46.55 1.92
C ALA C 472 58.45 47.67 2.00
N GLY C 473 57.18 47.27 2.00
CA GLY C 473 56.08 48.21 2.17
C GLY C 473 55.72 48.96 0.90
N ASN C 474 56.51 49.99 0.57
CA ASN C 474 56.21 50.83 -0.59
C ASN C 474 57.45 51.15 -1.42
N LYS C 475 58.56 50.47 -1.19
CA LYS C 475 59.77 50.71 -1.97
C LYS C 475 59.60 50.14 -3.38
N PRO C 476 59.95 50.89 -4.43
CA PRO C 476 59.94 50.32 -5.78
C PRO C 476 61.05 49.29 -5.94
N CYS C 477 60.67 48.09 -6.39
CA CYS C 477 61.60 46.98 -6.51
C CYS C 477 61.41 46.33 -7.87
N ASN C 478 62.39 46.49 -8.75
CA ASN C 478 62.36 45.89 -10.09
C ASN C 478 63.74 45.33 -10.38
N GLY C 479 63.96 44.06 -10.01
CA GLY C 479 65.21 43.38 -10.28
C GLY C 479 66.36 43.77 -9.38
N VAL C 480 66.14 44.58 -8.35
CA VAL C 480 67.21 45.04 -7.48
C VAL C 480 67.14 44.27 -6.17
N ALA C 481 68.26 44.29 -5.43
CA ALA C 481 68.37 43.61 -4.16
C ALA C 481 69.23 44.44 -3.22
N GLY C 482 69.07 44.19 -1.92
CA GLY C 482 69.82 44.91 -0.91
C GLY C 482 68.93 45.56 0.13
N PHE C 483 68.97 46.89 0.20
CA PHE C 483 68.11 47.61 1.13
C PHE C 483 66.68 47.64 0.60
N ASN C 484 65.74 47.21 1.46
CA ASN C 484 64.30 47.15 1.21
C ASN C 484 63.91 46.25 0.04
N CYS C 485 64.83 45.37 -0.39
CA CYS C 485 64.57 44.37 -1.43
C CYS C 485 65.36 43.12 -1.04
N TYR C 486 64.70 42.21 -0.33
CA TYR C 486 65.34 41.03 0.20
C TYR C 486 64.65 39.78 -0.36
N PHE C 487 65.46 38.76 -0.63
CA PHE C 487 64.97 37.56 -1.29
C PHE C 487 64.25 36.68 -0.28
N PRO C 488 62.96 36.41 -0.45
CA PRO C 488 62.18 35.76 0.60
C PRO C 488 62.23 34.23 0.60
N LEU C 489 63.16 33.62 -0.13
CA LEU C 489 63.27 32.16 -0.21
C LEU C 489 64.65 31.73 0.24
N ARG C 490 64.73 30.52 0.81
CA ARG C 490 66.00 29.97 1.26
C ARG C 490 65.88 28.45 1.23
N SER C 491 66.99 27.79 0.90
CA SER C 491 66.97 26.33 0.76
C SER C 491 66.94 25.65 2.12
N TYR C 492 66.46 24.41 2.14
CA TYR C 492 66.48 23.61 3.35
C TYR C 492 67.91 23.25 3.73
N SER C 493 68.22 23.33 5.01
CA SER C 493 69.55 23.01 5.52
C SER C 493 69.44 21.89 6.55
N PHE C 494 69.90 20.70 6.18
CA PHE C 494 69.92 19.55 7.06
C PHE C 494 71.35 19.36 7.57
N ARG C 495 71.50 19.34 8.89
CA ARG C 495 72.79 19.15 9.52
C ARG C 495 72.69 18.06 10.58
N PRO C 496 73.77 17.30 10.80
CA PRO C 496 73.77 16.32 11.90
C PRO C 496 73.69 16.96 13.27
N THR C 497 74.15 18.20 13.42
CA THR C 497 74.08 18.87 14.71
C THR C 497 72.66 19.31 15.06
N TYR C 498 71.77 19.36 14.07
CA TYR C 498 70.39 19.76 14.32
C TYR C 498 69.63 18.65 15.05
N GLY C 499 69.47 17.50 14.40
CA GLY C 499 68.84 16.36 15.05
C GLY C 499 67.35 16.54 15.24
N VAL C 500 66.90 16.38 16.48
CA VAL C 500 65.48 16.52 16.80
C VAL C 500 65.07 17.99 16.75
N GLY C 501 63.95 18.25 16.08
CA GLY C 501 63.52 19.60 15.80
C GLY C 501 63.79 20.05 14.37
N HIS C 502 64.51 19.25 13.59
CA HIS C 502 64.75 19.53 12.18
C HIS C 502 64.61 18.31 11.30
N GLN C 503 64.14 17.19 11.84
CA GLN C 503 63.93 15.98 11.06
C GLN C 503 62.76 16.19 10.10
N PRO C 504 62.70 15.47 8.97
CA PRO C 504 61.65 15.77 7.97
C PRO C 504 60.23 15.47 8.42
N TYR C 505 59.95 14.25 8.89
CA TYR C 505 58.59 13.77 9.15
C TYR C 505 57.69 13.97 7.93
N ARG C 506 58.00 13.25 6.85
CA ARG C 506 57.23 13.22 5.61
C ARG C 506 55.74 13.01 5.86
N VAL C 507 54.90 13.89 5.33
CA VAL C 507 53.47 13.86 5.63
C VAL C 507 52.66 13.83 4.33
N VAL C 508 51.71 12.90 4.28
CA VAL C 508 50.80 12.75 3.15
C VAL C 508 49.39 13.00 3.66
N VAL C 509 48.67 13.89 3.01
CA VAL C 509 47.27 14.07 3.34
C VAL C 509 46.43 13.40 2.25
N LEU C 510 45.26 12.92 2.65
CA LEU C 510 44.36 12.20 1.76
C LEU C 510 42.99 12.87 1.84
N SER C 511 42.50 13.30 0.68
CA SER C 511 41.21 13.98 0.55
C SER C 511 40.21 13.03 -0.08
N PHE C 512 39.03 12.94 0.52
CA PHE C 512 37.97 12.04 0.08
C PHE C 512 36.74 12.84 -0.33
N GLU C 513 35.78 12.13 -0.93
CA GLU C 513 34.50 12.70 -1.32
C GLU C 513 33.39 11.76 -0.85
N LEU C 514 32.36 12.32 -0.22
CA LEU C 514 31.32 11.53 0.47
C LEU C 514 30.13 11.33 -0.44
N LEU C 515 30.21 10.29 -1.28
CA LEU C 515 29.08 9.70 -2.00
C LEU C 515 28.41 10.68 -2.98
N HIS C 516 29.20 11.21 -3.90
CA HIS C 516 28.69 12.04 -4.97
C HIS C 516 29.23 11.69 -6.35
N ALA C 517 30.38 11.05 -6.45
CA ALA C 517 31.01 10.62 -7.68
C ALA C 517 30.84 9.11 -7.86
N PRO C 518 31.21 8.57 -9.02
CA PRO C 518 31.40 7.12 -9.12
C PRO C 518 32.46 6.61 -8.15
N ALA C 519 32.19 5.45 -7.56
CA ALA C 519 33.03 4.88 -6.51
C ALA C 519 33.94 3.82 -7.12
N THR C 520 35.25 4.08 -7.09
CA THR C 520 36.24 3.15 -7.63
C THR C 520 37.19 2.60 -6.58
N VAL C 521 37.67 3.43 -5.65
CA VAL C 521 38.73 3.05 -4.73
C VAL C 521 38.23 3.17 -3.29
N CYS C 522 38.38 2.08 -2.53
CA CYS C 522 38.29 2.06 -1.07
C CYS C 522 38.95 0.78 -0.58
N GLY C 523 38.74 0.45 0.69
CA GLY C 523 39.33 -0.72 1.30
C GLY C 523 38.47 -1.95 1.20
N PRO C 524 39.09 -3.13 1.23
CA PRO C 524 38.33 -4.38 1.17
C PRO C 524 37.91 -4.87 2.54
N LYS C 525 37.28 -6.05 2.59
CA LYS C 525 36.87 -6.69 3.83
C LYS C 525 37.58 -8.03 3.97
N LYS C 526 37.17 -8.80 4.96
CA LYS C 526 37.74 -10.12 5.18
C LYS C 526 36.85 -11.20 4.58
N SER C 527 37.43 -12.38 4.40
CA SER C 527 36.73 -13.54 3.84
C SER C 527 36.63 -14.63 4.88
N THR C 528 35.41 -15.10 5.13
CA THR C 528 35.16 -16.23 6.00
C THR C 528 34.94 -17.46 5.13
N ASN C 529 35.60 -18.56 5.48
CA ASN C 529 35.57 -19.77 4.67
C ASN C 529 34.19 -20.40 4.67
N LEU C 530 33.85 -21.05 3.56
CA LEU C 530 32.56 -21.71 3.41
C LEU C 530 32.47 -22.92 4.32
N VAL C 531 31.30 -23.11 4.93
CA VAL C 531 31.01 -24.27 5.76
C VAL C 531 29.82 -24.99 5.14
N LYS C 532 30.03 -26.20 4.66
CA LYS C 532 29.02 -26.92 3.92
C LYS C 532 28.03 -27.59 4.88
N ASN C 533 26.75 -27.64 4.44
CA ASN C 533 25.64 -28.29 5.14
C ASN C 533 25.43 -27.73 6.55
N LYS C 534 25.59 -26.42 6.68
CA LYS C 534 25.38 -25.72 7.94
C LYS C 534 24.56 -24.47 7.67
N CYS C 535 23.66 -24.14 8.61
CA CYS C 535 22.78 -22.99 8.44
C CYS C 535 23.55 -21.70 8.62
N VAL C 536 24.14 -21.19 7.53
CA VAL C 536 24.95 -19.99 7.58
C VAL C 536 24.16 -18.82 7.01
N ASN C 537 24.42 -17.64 7.56
CA ASN C 537 23.88 -16.39 7.05
C ASN C 537 24.90 -15.88 6.04
N PHE C 538 24.72 -16.29 4.80
CA PHE C 538 25.73 -16.05 3.77
C PHE C 538 25.68 -14.61 3.28
N ASN C 539 26.81 -14.16 2.75
CA ASN C 539 26.93 -12.82 2.16
C ASN C 539 28.00 -12.90 1.08
N PHE C 540 27.57 -13.08 -0.16
CA PHE C 540 28.47 -13.17 -1.31
C PHE C 540 28.41 -11.83 -2.05
N ASN C 541 29.22 -10.88 -1.57
CA ASN C 541 29.35 -9.53 -2.14
C ASN C 541 28.00 -8.81 -2.20
N GLY C 542 27.18 -8.98 -1.17
CA GLY C 542 25.87 -8.37 -1.12
C GLY C 542 24.70 -9.31 -1.23
N LEU C 543 24.94 -10.63 -1.28
CA LEU C 543 23.86 -11.61 -1.39
C LEU C 543 23.39 -11.97 0.01
N LYS C 544 22.51 -11.13 0.55
CA LYS C 544 22.01 -11.30 1.91
C LYS C 544 20.97 -12.41 1.96
N GLY C 545 21.09 -13.29 2.94
CA GLY C 545 20.18 -14.41 3.11
C GLY C 545 20.81 -15.49 3.95
N THR C 546 19.96 -16.40 4.41
CA THR C 546 20.37 -17.49 5.29
C THR C 546 19.95 -18.82 4.67
N GLY C 547 20.88 -19.77 4.61
CA GLY C 547 20.60 -21.08 4.06
C GLY C 547 21.85 -21.92 4.06
N VAL C 548 21.66 -23.21 3.74
CA VAL C 548 22.80 -24.12 3.75
C VAL C 548 23.39 -24.19 2.35
N LEU C 549 24.66 -24.58 2.27
CA LEU C 549 25.43 -24.48 1.03
C LEU C 549 25.85 -25.87 0.59
N THR C 550 25.54 -26.21 -0.66
CA THR C 550 25.94 -27.48 -1.26
C THR C 550 26.65 -27.19 -2.58
N GLU C 551 27.28 -28.22 -3.14
CA GLU C 551 27.93 -28.12 -4.43
C GLU C 551 26.96 -28.53 -5.53
N SER C 552 26.85 -27.70 -6.56
CA SER C 552 25.94 -27.92 -7.67
C SER C 552 26.69 -28.52 -8.85
N ASN C 553 26.07 -29.53 -9.47
CA ASN C 553 26.72 -30.21 -10.58
C ASN C 553 26.73 -29.37 -11.86
N LYS C 554 25.76 -28.47 -12.00
CA LYS C 554 25.69 -27.62 -13.18
C LYS C 554 26.75 -26.53 -13.13
N LYS C 555 27.15 -26.06 -14.32
CA LYS C 555 28.20 -25.08 -14.46
C LYS C 555 27.66 -23.84 -15.18
N PHE C 556 28.17 -22.68 -14.80
CA PHE C 556 27.77 -21.43 -15.42
C PHE C 556 28.70 -21.09 -16.59
N LEU C 557 28.25 -20.17 -17.42
CA LEU C 557 29.07 -19.59 -18.46
C LEU C 557 29.91 -18.45 -17.86
N PRO C 558 31.03 -18.07 -18.50
CA PRO C 558 31.87 -16.99 -17.93
C PRO C 558 31.20 -15.63 -17.81
N PHE C 559 30.12 -15.36 -18.55
CA PHE C 559 29.40 -14.11 -18.37
C PHE C 559 28.34 -14.18 -17.29
N GLN C 560 28.17 -15.34 -16.65
CA GLN C 560 27.11 -15.55 -15.66
C GLN C 560 27.68 -15.50 -14.26
N GLN C 561 26.91 -14.90 -13.33
CA GLN C 561 27.37 -14.80 -11.95
C GLN C 561 26.30 -15.23 -10.96
N PHE C 562 25.03 -15.03 -11.29
CA PHE C 562 23.92 -15.34 -10.39
C PHE C 562 23.05 -16.45 -10.97
N GLY C 563 21.96 -16.74 -10.25
CA GLY C 563 21.00 -17.75 -10.66
C GLY C 563 19.65 -17.52 -10.04
N ARG C 564 18.59 -17.57 -10.85
CA ARG C 564 17.24 -17.27 -10.40
C ARG C 564 16.37 -18.53 -10.46
N ASP C 565 15.09 -18.34 -10.17
CA ASP C 565 14.12 -19.42 -10.17
C ASP C 565 12.76 -18.85 -10.57
N ILE C 566 11.69 -19.60 -10.27
CA ILE C 566 10.34 -19.10 -10.53
C ILE C 566 10.03 -17.94 -9.59
N ALA C 567 10.53 -18.00 -8.35
CA ALA C 567 10.28 -16.96 -7.36
C ALA C 567 11.13 -15.70 -7.59
N ASP C 568 12.06 -15.74 -8.56
CA ASP C 568 12.98 -14.63 -8.89
C ASP C 568 13.83 -14.25 -7.67
N THR C 569 14.61 -15.21 -7.20
CA THR C 569 15.50 -15.02 -6.07
C THR C 569 16.72 -15.90 -6.26
N THR C 570 17.75 -15.64 -5.45
CA THR C 570 19.02 -16.34 -5.58
C THR C 570 18.89 -17.75 -5.01
N ASP C 571 19.25 -18.76 -5.80
CA ASP C 571 19.21 -20.15 -5.38
C ASP C 571 20.49 -20.92 -5.67
N ALA C 572 21.27 -20.52 -6.67
CA ALA C 572 22.54 -21.16 -6.97
C ALA C 572 23.41 -20.14 -7.69
N VAL C 573 24.57 -19.82 -7.13
CA VAL C 573 25.42 -18.77 -7.67
C VAL C 573 26.85 -19.28 -7.81
N ARG C 574 27.59 -18.62 -8.69
CA ARG C 574 29.03 -18.84 -8.76
C ARG C 574 29.69 -18.28 -7.50
N ASP C 575 30.66 -19.01 -6.97
CA ASP C 575 31.36 -18.57 -5.76
C ASP C 575 32.23 -17.35 -6.06
N PRO C 576 32.32 -16.38 -5.14
CA PRO C 576 33.03 -15.12 -5.42
C PRO C 576 34.53 -15.24 -5.65
N GLN C 577 35.26 -15.79 -4.69
CA GLN C 577 36.72 -15.82 -4.75
C GLN C 577 37.28 -17.15 -5.22
N THR C 578 36.43 -18.06 -5.68
CA THR C 578 36.87 -19.33 -6.24
C THR C 578 35.90 -19.77 -7.33
N LEU C 579 36.42 -20.46 -8.35
CA LEU C 579 35.67 -20.72 -9.57
C LEU C 579 35.02 -22.09 -9.51
N GLU C 580 33.90 -22.16 -8.78
CA GLU C 580 32.97 -23.26 -8.87
C GLU C 580 31.59 -22.75 -8.48
N ILE C 581 30.57 -23.52 -8.83
CA ILE C 581 29.18 -23.10 -8.68
C ILE C 581 28.62 -23.75 -7.43
N LEU C 582 28.08 -22.93 -6.52
CA LEU C 582 27.55 -23.39 -5.25
C LEU C 582 26.04 -23.17 -5.23
N ASP C 583 25.31 -24.23 -4.87
CA ASP C 583 23.86 -24.15 -4.72
C ASP C 583 23.52 -23.76 -3.30
N ILE C 584 22.64 -22.76 -3.17
CA ILE C 584 22.06 -22.41 -1.87
C ILE C 584 20.86 -23.32 -1.67
N THR C 585 21.05 -24.41 -0.95
CA THR C 585 19.93 -25.22 -0.56
C THR C 585 19.21 -24.53 0.59
N PRO C 586 17.89 -24.32 0.50
CA PRO C 586 17.16 -23.69 1.60
C PRO C 586 16.98 -24.66 2.76
N CYS C 587 16.34 -24.16 3.80
CA CYS C 587 15.93 -25.02 4.91
C CYS C 587 14.89 -26.02 4.41
N SER C 588 14.95 -27.23 4.95
CA SER C 588 14.14 -28.33 4.46
C SER C 588 12.67 -28.14 4.85
N PHE C 589 11.81 -28.98 4.27
CA PHE C 589 10.38 -28.95 4.57
C PHE C 589 9.85 -30.37 4.47
N GLY C 590 8.55 -30.52 4.68
CA GLY C 590 7.93 -31.83 4.65
C GLY C 590 6.81 -31.97 5.66
N GLY C 591 6.68 -31.00 6.56
CA GLY C 591 5.58 -31.02 7.51
C GLY C 591 5.82 -31.89 8.72
N VAL C 592 5.48 -31.38 9.89
CA VAL C 592 5.61 -32.11 11.15
C VAL C 592 4.21 -32.41 11.65
N SER C 593 3.92 -33.68 11.90
CA SER C 593 2.63 -34.10 12.42
C SER C 593 2.84 -35.03 13.60
N VAL C 594 1.89 -35.01 14.53
CA VAL C 594 1.89 -35.91 15.67
C VAL C 594 0.67 -36.81 15.60
N ILE C 595 0.88 -38.10 15.76
CA ILE C 595 -0.20 -39.09 15.77
C ILE C 595 -0.45 -39.42 17.24
N THR C 596 -1.32 -38.65 17.87
CA THR C 596 -1.54 -38.82 19.29
C THR C 596 -2.93 -39.39 19.57
N PRO C 597 -3.08 -40.16 20.64
CA PRO C 597 -4.43 -40.45 21.15
C PRO C 597 -4.94 -39.29 21.99
N GLY C 598 -6.12 -39.46 22.60
CA GLY C 598 -6.66 -38.41 23.43
C GLY C 598 -5.85 -38.19 24.70
N THR C 599 -5.96 -36.96 25.22
CA THR C 599 -5.21 -36.58 26.41
C THR C 599 -5.72 -37.32 27.65
N ASN C 600 -6.99 -37.68 27.67
CA ASN C 600 -7.53 -38.47 28.77
C ASN C 600 -7.06 -39.93 28.70
N THR C 601 -6.59 -40.38 27.53
CA THR C 601 -6.22 -41.78 27.37
C THR C 601 -4.76 -42.03 27.68
N SER C 602 -3.85 -41.37 26.95
CA SER C 602 -2.43 -41.65 27.08
C SER C 602 -1.65 -40.34 26.92
N ASN C 603 -0.32 -40.45 26.91
CA ASN C 603 0.54 -39.29 26.76
C ASN C 603 1.72 -39.56 25.83
N GLN C 604 1.64 -40.57 24.97
CA GLN C 604 2.70 -40.94 24.06
C GLN C 604 2.26 -40.70 22.62
N VAL C 605 3.14 -40.10 21.82
CA VAL C 605 2.81 -39.69 20.46
C VAL C 605 3.67 -40.50 19.49
N ALA C 606 3.44 -40.25 18.20
CA ALA C 606 4.22 -40.89 17.13
C ALA C 606 4.41 -39.85 16.02
N VAL C 607 5.56 -39.18 16.04
CA VAL C 607 5.80 -38.08 15.12
C VAL C 607 6.05 -38.60 13.70
N LEU C 608 5.46 -37.94 12.73
CA LEU C 608 5.55 -38.28 11.32
C LEU C 608 6.47 -37.30 10.60
N TYR C 609 7.17 -37.80 9.58
CA TYR C 609 8.02 -36.98 8.72
C TYR C 609 7.66 -37.29 7.28
N GLN C 610 6.83 -36.44 6.68
CA GLN C 610 6.26 -36.71 5.37
C GLN C 610 7.21 -36.28 4.26
N GLY C 611 7.44 -37.19 3.31
CA GLY C 611 8.14 -36.86 2.08
C GLY C 611 9.61 -36.53 2.19
N VAL C 612 10.35 -37.25 3.04
CA VAL C 612 11.78 -37.06 3.16
C VAL C 612 12.41 -38.40 3.52
N ASN C 613 13.63 -38.63 3.03
CA ASN C 613 14.40 -39.79 3.44
C ASN C 613 14.93 -39.56 4.85
N CYS C 614 14.65 -40.50 5.76
CA CYS C 614 15.11 -40.37 7.13
C CYS C 614 16.43 -41.09 7.39
N THR C 615 17.28 -41.16 6.37
CA THR C 615 18.72 -41.14 6.59
C THR C 615 19.22 -39.73 6.81
N GLU C 616 18.39 -38.73 6.51
CA GLU C 616 18.70 -37.32 6.76
C GLU C 616 18.01 -36.76 7.99
N VAL C 617 17.02 -37.47 8.54
CA VAL C 617 16.43 -37.06 9.82
C VAL C 617 17.42 -37.14 10.97
N PRO C 618 18.26 -38.20 11.12
CA PRO C 618 19.40 -38.07 12.06
C PRO C 618 20.40 -36.99 11.67
N VAL C 619 20.54 -36.68 10.38
CA VAL C 619 21.34 -35.53 9.98
C VAL C 619 20.63 -34.24 10.38
N ALA C 620 19.29 -34.24 10.36
CA ALA C 620 18.52 -33.05 10.71
C ALA C 620 18.56 -32.71 12.20
N ILE C 621 19.01 -33.61 13.06
CA ILE C 621 19.15 -33.34 14.49
C ILE C 621 20.63 -33.33 14.86
N HIS C 622 21.05 -32.24 15.50
CA HIS C 622 22.37 -32.13 16.12
C HIS C 622 22.18 -31.39 17.44
N ALA C 623 23.26 -30.89 18.01
CA ALA C 623 23.17 -30.07 19.21
C ALA C 623 22.55 -28.73 18.87
N ASP C 624 21.23 -28.63 19.08
CA ASP C 624 20.40 -27.46 18.78
C ASP C 624 20.52 -27.08 17.30
N GLN C 625 20.02 -28.00 16.46
CA GLN C 625 19.97 -27.78 15.01
C GLN C 625 18.66 -27.17 14.55
N LEU C 626 17.53 -27.60 15.11
CA LEU C 626 16.22 -27.10 14.72
C LEU C 626 15.67 -26.20 15.82
N THR C 627 15.14 -25.04 15.42
CA THR C 627 14.50 -24.13 16.36
C THR C 627 13.25 -24.69 17.06
N PRO C 628 12.55 -25.76 16.55
CA PRO C 628 11.78 -26.57 17.51
C PRO C 628 12.72 -27.38 18.39
N THR C 629 12.80 -27.02 19.66
CA THR C 629 13.81 -27.58 20.56
C THR C 629 13.34 -28.86 21.27
N TRP C 630 12.34 -29.55 20.73
CA TRP C 630 11.94 -30.86 21.26
C TRP C 630 12.70 -32.00 20.57
N ARG C 631 14.03 -31.92 20.63
CA ARG C 631 14.89 -32.89 19.96
C ARG C 631 14.97 -34.22 20.72
N VAL C 632 14.42 -34.30 21.93
CA VAL C 632 14.57 -35.50 22.74
C VAL C 632 13.74 -36.67 22.21
N TYR C 633 12.71 -36.41 21.41
CA TYR C 633 11.88 -37.52 20.93
C TYR C 633 12.50 -38.24 19.75
N SER C 634 13.49 -37.63 19.07
CA SER C 634 14.21 -38.34 18.01
C SER C 634 15.06 -39.47 18.58
N THR C 635 15.42 -39.39 19.86
CA THR C 635 15.94 -40.53 20.60
C THR C 635 14.78 -41.30 21.26
N GLY C 636 13.87 -41.77 20.40
CA GLY C 636 12.68 -42.45 20.85
C GLY C 636 12.65 -43.92 20.50
N SER C 637 11.91 -44.27 19.45
CA SER C 637 11.74 -45.65 19.02
C SER C 637 12.37 -45.84 17.63
N ASN C 638 12.15 -47.02 17.06
CA ASN C 638 12.74 -47.37 15.78
C ASN C 638 11.82 -46.96 14.63
N VAL C 639 12.46 -46.57 13.52
CA VAL C 639 11.75 -45.98 12.38
C VAL C 639 11.10 -47.07 11.53
N PHE C 640 10.22 -46.66 10.61
CA PHE C 640 9.67 -47.57 9.61
C PHE C 640 9.34 -46.73 8.37
N GLN C 641 9.99 -47.06 7.26
CA GLN C 641 9.82 -46.29 6.03
C GLN C 641 8.50 -46.64 5.36
N THR C 642 7.72 -45.61 5.03
CA THR C 642 6.46 -45.77 4.33
C THR C 642 6.64 -45.37 2.86
N ARG C 643 5.53 -45.29 2.13
CA ARG C 643 5.55 -44.75 0.78
C ARG C 643 5.70 -43.24 0.76
N ALA C 644 5.34 -42.55 1.85
CA ALA C 644 5.31 -41.10 1.91
C ALA C 644 6.07 -40.59 3.14
N GLY C 645 7.26 -41.12 3.35
CA GLY C 645 8.11 -40.67 4.45
C GLY C 645 7.90 -41.47 5.72
N CYS C 646 8.97 -41.67 6.49
CA CYS C 646 8.89 -42.58 7.63
C CYS C 646 8.35 -41.88 8.85
N LEU C 647 7.77 -42.66 9.76
CA LEU C 647 7.26 -42.17 11.03
C LEU C 647 7.99 -42.89 12.17
N ILE C 648 8.32 -42.13 13.21
CA ILE C 648 8.98 -42.67 14.37
C ILE C 648 7.97 -42.85 15.49
N GLY C 649 8.36 -43.60 16.53
CA GLY C 649 7.48 -43.85 17.65
C GLY C 649 6.47 -44.95 17.44
N ALA C 650 6.44 -45.57 16.26
CA ALA C 650 5.52 -46.67 15.97
C ALA C 650 6.26 -47.76 15.22
N GLU C 651 5.85 -48.99 15.45
CA GLU C 651 6.42 -50.16 14.78
C GLU C 651 5.35 -50.80 13.91
N TYR C 652 5.69 -51.07 12.65
CA TYR C 652 4.72 -51.53 11.67
C TYR C 652 4.36 -52.98 11.92
N VAL C 653 3.09 -53.23 12.19
CA VAL C 653 2.56 -54.60 12.21
C VAL C 653 2.07 -54.94 10.81
N ASN C 654 1.92 -56.24 10.55
CA ASN C 654 1.63 -56.72 9.20
C ASN C 654 0.36 -57.58 9.16
N ASN C 655 -0.68 -57.11 9.83
CA ASN C 655 -2.01 -57.69 9.71
C ASN C 655 -2.99 -56.62 9.24
N SER C 656 -4.27 -56.96 9.19
CA SER C 656 -5.29 -56.09 8.61
C SER C 656 -6.27 -55.65 9.69
N TYR C 657 -6.36 -54.35 9.91
CA TYR C 657 -7.34 -53.72 10.79
C TYR C 657 -8.13 -52.69 10.00
N GLU C 658 -8.99 -51.96 10.71
CA GLU C 658 -9.68 -50.81 10.14
C GLU C 658 -8.88 -49.54 10.40
N CYS C 659 -9.19 -48.49 9.65
CA CYS C 659 -8.51 -47.22 9.77
C CYS C 659 -9.16 -46.39 10.87
N ASP C 660 -8.35 -45.92 11.82
CA ASP C 660 -8.82 -45.07 12.90
C ASP C 660 -8.32 -43.64 12.73
N ILE C 661 -7.02 -43.44 12.64
CA ILE C 661 -6.40 -42.15 12.34
C ILE C 661 -5.71 -42.27 10.99
N PRO C 662 -6.15 -41.55 9.96
CA PRO C 662 -5.51 -41.66 8.64
C PRO C 662 -4.11 -41.06 8.64
N ILE C 663 -3.16 -41.83 8.14
CA ILE C 663 -1.76 -41.42 8.03
C ILE C 663 -1.54 -40.82 6.65
N GLY C 664 -1.79 -41.62 5.62
CA GLY C 664 -1.60 -41.19 4.26
C GLY C 664 -0.89 -42.21 3.39
N ALA C 665 -1.50 -42.52 2.24
CA ALA C 665 -0.95 -43.39 1.19
C ALA C 665 -0.66 -44.80 1.71
N GLY C 666 -1.72 -45.46 2.18
CA GLY C 666 -1.65 -46.87 2.52
C GLY C 666 -1.44 -47.19 3.98
N ILE C 667 -1.36 -46.19 4.84
CA ILE C 667 -1.08 -46.39 6.27
C ILE C 667 -2.23 -45.76 7.07
N CYS C 668 -2.65 -46.45 8.12
CA CYS C 668 -3.47 -45.86 9.19
C CYS C 668 -2.99 -46.39 10.53
N ALA C 669 -2.81 -45.48 11.48
CA ALA C 669 -2.33 -45.83 12.81
C ALA C 669 -3.49 -46.15 13.74
N SER C 670 -3.15 -46.55 14.96
CA SER C 670 -4.12 -46.89 16.00
C SER C 670 -3.43 -46.75 17.35
N TYR C 671 -4.07 -47.29 18.39
CA TYR C 671 -3.48 -47.35 19.72
C TYR C 671 -3.82 -48.73 20.29
N GLN C 672 -2.82 -49.62 20.35
CA GLN C 672 -3.11 -51.02 20.59
C GLN C 672 -2.11 -51.66 21.55
N THR C 673 -2.13 -52.99 21.62
CA THR C 673 -1.22 -53.74 22.48
C THR C 673 0.08 -54.06 21.74
N SER C 686 2.41 -51.95 28.08
CA SER C 686 1.66 -52.99 27.37
C SER C 686 0.89 -52.42 26.19
N GLN C 687 0.77 -51.09 26.14
CA GLN C 687 0.06 -50.41 25.08
C GLN C 687 1.00 -49.43 24.37
N SER C 688 0.91 -49.39 23.05
CA SER C 688 1.75 -48.51 22.25
C SER C 688 0.99 -48.13 20.99
N ILE C 689 1.70 -47.58 20.01
CA ILE C 689 1.13 -47.07 18.77
C ILE C 689 1.64 -47.91 17.62
N ILE C 690 0.73 -48.39 16.78
CA ILE C 690 1.08 -49.28 15.68
C ILE C 690 0.76 -48.62 14.34
N ALA C 691 1.10 -49.29 13.25
CA ALA C 691 0.77 -48.86 11.90
C ALA C 691 0.66 -50.10 11.02
N TYR C 692 -0.23 -50.05 10.04
CA TYR C 692 -0.56 -51.26 9.28
C TYR C 692 -1.09 -50.85 7.91
N THR C 693 -1.58 -51.84 7.17
CA THR C 693 -2.26 -51.66 5.89
C THR C 693 -3.75 -51.84 6.12
N MET C 694 -4.56 -50.99 5.48
CA MET C 694 -6.00 -50.99 5.78
C MET C 694 -6.67 -52.20 5.14
N SER C 695 -7.48 -52.89 5.92
CA SER C 695 -8.38 -53.87 5.35
C SER C 695 -9.52 -53.17 4.62
N LEU C 696 -9.88 -53.70 3.45
CA LEU C 696 -11.01 -53.20 2.70
C LEU C 696 -12.24 -54.07 2.88
N GLY C 697 -12.40 -54.63 4.07
CA GLY C 697 -13.40 -55.66 4.32
C GLY C 697 -12.86 -57.04 3.97
N ALA C 698 -13.59 -58.05 4.43
CA ALA C 698 -13.23 -59.42 4.12
C ALA C 698 -13.55 -59.71 2.66
N GLU C 699 -12.61 -60.32 1.95
CA GLU C 699 -12.83 -60.68 0.56
C GLU C 699 -13.84 -61.83 0.47
N ASN C 700 -14.66 -61.79 -0.58
CA ASN C 700 -15.74 -62.76 -0.76
C ASN C 700 -15.82 -63.10 -2.25
N SER C 701 -15.19 -64.21 -2.63
CA SER C 701 -15.28 -64.68 -4.00
C SER C 701 -16.65 -65.29 -4.25
N VAL C 702 -17.28 -64.87 -5.34
CA VAL C 702 -18.60 -65.37 -5.73
C VAL C 702 -18.42 -66.47 -6.78
N ALA C 703 -19.15 -67.57 -6.61
CA ALA C 703 -19.03 -68.72 -7.50
C ALA C 703 -19.97 -68.52 -8.67
N TYR C 704 -19.43 -67.95 -9.75
CA TYR C 704 -20.22 -67.75 -10.96
C TYR C 704 -20.24 -69.02 -11.79
N SER C 705 -21.42 -69.37 -12.30
CA SER C 705 -21.57 -70.43 -13.28
C SER C 705 -22.65 -70.01 -14.26
N ASN C 706 -22.67 -70.67 -15.42
CA ASN C 706 -23.63 -70.34 -16.47
C ASN C 706 -24.95 -71.06 -16.32
N ASN C 707 -25.14 -71.79 -15.21
CA ASN C 707 -26.43 -72.40 -14.93
C ASN C 707 -26.81 -72.31 -13.45
N SER C 708 -26.17 -71.44 -12.68
CA SER C 708 -26.36 -71.37 -11.24
C SER C 708 -26.99 -70.04 -10.85
N ILE C 709 -28.04 -70.09 -10.03
CA ILE C 709 -28.71 -68.89 -9.52
C ILE C 709 -28.84 -69.02 -8.01
N ALA C 710 -29.04 -67.88 -7.35
CA ALA C 710 -29.21 -67.84 -5.90
C ALA C 710 -30.42 -66.96 -5.58
N ILE C 711 -31.28 -67.45 -4.70
CA ILE C 711 -32.55 -66.76 -4.39
C ILE C 711 -32.77 -66.75 -2.88
N PRO C 712 -33.12 -65.61 -2.28
CA PRO C 712 -33.34 -65.56 -0.83
C PRO C 712 -34.71 -66.10 -0.46
N THR C 713 -34.82 -66.47 0.81
CA THR C 713 -36.06 -67.04 1.35
C THR C 713 -36.64 -66.26 2.52
N ASN C 714 -35.95 -65.25 3.03
CA ASN C 714 -36.41 -64.48 4.17
C ASN C 714 -36.03 -63.02 3.96
N PHE C 715 -36.53 -62.16 4.85
CA PHE C 715 -36.26 -60.74 4.77
C PHE C 715 -36.11 -60.15 6.16
N THR C 716 -35.44 -59.00 6.24
CA THR C 716 -35.34 -58.23 7.46
C THR C 716 -35.55 -56.76 7.15
N ILE C 717 -36.11 -56.04 8.11
CA ILE C 717 -36.41 -54.61 7.97
C ILE C 717 -35.52 -53.85 8.93
N SER C 718 -34.73 -52.92 8.39
CA SER C 718 -33.80 -52.13 9.17
C SER C 718 -34.12 -50.66 9.00
N VAL C 719 -34.34 -49.97 10.12
CA VAL C 719 -34.62 -48.54 10.12
C VAL C 719 -33.31 -47.78 10.21
N THR C 720 -33.04 -46.92 9.23
CA THR C 720 -31.77 -46.22 9.14
C THR C 720 -31.97 -44.72 9.31
N THR C 721 -31.16 -44.11 10.15
CA THR C 721 -31.23 -42.67 10.38
C THR C 721 -30.36 -41.92 9.36
N GLU C 722 -30.81 -40.71 9.02
CA GLU C 722 -30.04 -39.85 8.12
C GLU C 722 -30.30 -38.41 8.50
N ILE C 723 -29.24 -37.67 8.84
CA ILE C 723 -29.36 -36.36 9.45
C ILE C 723 -28.87 -35.31 8.48
N LEU C 724 -29.69 -34.27 8.25
CA LEU C 724 -29.36 -33.22 7.30
C LEU C 724 -29.59 -31.84 7.91
N PRO C 725 -28.62 -30.93 7.79
CA PRO C 725 -28.87 -29.54 8.21
C PRO C 725 -29.79 -28.83 7.23
N VAL C 726 -30.49 -27.81 7.73
CA VAL C 726 -31.44 -27.07 6.90
C VAL C 726 -31.16 -25.58 6.95
N SER C 727 -31.06 -25.01 8.14
CA SER C 727 -30.95 -23.56 8.28
C SER C 727 -30.06 -23.23 9.47
N MET C 728 -28.93 -22.58 9.20
CA MET C 728 -28.02 -22.16 10.26
C MET C 728 -28.57 -20.95 11.00
N THR C 729 -27.86 -20.56 12.05
CA THR C 729 -28.31 -19.48 12.93
C THR C 729 -28.25 -18.13 12.22
N LYS C 730 -29.34 -17.38 12.30
CA LYS C 730 -29.39 -16.04 11.72
C LYS C 730 -28.51 -15.09 12.52
N THR C 731 -27.71 -14.30 11.82
CA THR C 731 -26.78 -13.38 12.45
C THR C 731 -27.01 -11.96 11.97
N SER C 732 -26.64 -11.00 12.81
CA SER C 732 -26.76 -9.59 12.44
C SER C 732 -25.60 -8.82 13.05
N VAL C 733 -24.88 -8.08 12.20
CA VAL C 733 -23.73 -7.28 12.59
C VAL C 733 -24.02 -5.83 12.25
N ASP C 734 -23.73 -4.93 13.17
CA ASP C 734 -23.79 -3.50 12.93
C ASP C 734 -22.37 -2.94 12.90
N CYS C 735 -22.08 -2.16 11.86
CA CYS C 735 -20.71 -1.71 11.64
C CYS C 735 -20.29 -0.63 12.62
N THR C 736 -21.25 0.13 13.15
CA THR C 736 -20.93 1.29 13.98
C THR C 736 -20.36 0.87 15.33
N MET C 737 -21.01 -0.08 16.01
CA MET C 737 -20.54 -0.51 17.31
C MET C 737 -19.31 -1.41 17.21
N TYR C 738 -19.09 -2.04 16.06
CA TYR C 738 -17.93 -2.92 15.91
C TYR C 738 -16.65 -2.11 15.70
N ILE C 739 -16.59 -1.33 14.63
CA ILE C 739 -15.35 -0.66 14.25
C ILE C 739 -15.09 0.54 15.14
N CYS C 740 -15.98 1.53 15.11
CA CYS C 740 -15.85 2.72 15.93
C CYS C 740 -16.74 2.60 17.17
N GLY C 741 -16.28 1.75 18.09
CA GLY C 741 -17.08 1.42 19.26
C GLY C 741 -17.18 2.60 20.22
N ASP C 742 -18.42 3.00 20.54
CA ASP C 742 -18.85 4.14 21.37
C ASP C 742 -18.03 5.41 21.16
N SER C 743 -17.71 5.74 19.91
CA SER C 743 -16.94 6.93 19.57
C SER C 743 -17.75 7.77 18.60
N THR C 744 -18.09 8.99 19.02
CA THR C 744 -18.88 9.88 18.18
C THR C 744 -18.03 10.44 17.03
N GLU C 745 -16.78 10.76 17.31
CA GLU C 745 -15.81 11.26 16.33
C GLU C 745 -15.42 10.23 15.27
N CYS C 746 -15.68 8.94 15.49
CA CYS C 746 -15.39 7.93 14.50
C CYS C 746 -16.61 7.54 13.68
N SER C 747 -17.82 7.80 14.17
CA SER C 747 -19.03 7.45 13.44
C SER C 747 -19.21 8.30 12.19
N ASN C 748 -18.71 9.53 12.20
CA ASN C 748 -18.77 10.39 11.03
C ASN C 748 -17.51 10.32 10.17
N LEU C 749 -16.57 9.43 10.50
CA LEU C 749 -15.37 9.24 9.70
C LEU C 749 -15.43 8.01 8.81
N LEU C 750 -16.22 7.01 9.18
CA LEU C 750 -16.35 5.81 8.37
C LEU C 750 -17.11 6.09 7.08
N LEU C 751 -17.97 7.11 7.09
CA LEU C 751 -18.75 7.46 5.90
C LEU C 751 -17.90 7.98 4.75
N GLN C 752 -16.67 8.40 5.02
CA GLN C 752 -15.73 8.75 3.97
C GLN C 752 -15.23 7.54 3.20
N TYR C 753 -15.42 6.33 3.73
CA TYR C 753 -14.90 5.12 3.10
C TYR C 753 -15.87 4.50 2.10
N GLY C 754 -17.00 5.13 1.85
CA GLY C 754 -17.94 4.65 0.85
C GLY C 754 -19.00 3.74 1.47
N SER C 755 -19.92 3.31 0.59
CA SER C 755 -21.07 2.51 1.00
C SER C 755 -20.67 1.03 1.07
N PHE C 756 -20.05 0.67 2.17
CA PHE C 756 -19.71 -0.72 2.45
C PHE C 756 -20.70 -1.37 3.42
N CYS C 757 -21.06 -0.64 4.48
CA CYS C 757 -21.91 -1.21 5.53
C CYS C 757 -23.32 -1.46 5.03
N THR C 758 -23.79 -0.68 4.05
CA THR C 758 -25.06 -0.96 3.40
C THR C 758 -25.02 -2.28 2.66
N GLN C 759 -23.89 -2.57 2.00
CA GLN C 759 -23.72 -3.86 1.32
C GLN C 759 -23.67 -5.01 2.32
N LEU C 760 -22.97 -4.81 3.46
CA LEU C 760 -22.95 -5.82 4.52
C LEU C 760 -24.35 -6.08 5.07
N LYS C 761 -25.12 -5.02 5.33
CA LYS C 761 -26.46 -5.18 5.88
C LYS C 761 -27.40 -5.83 4.87
N ARG C 762 -27.27 -5.49 3.58
CA ARG C 762 -28.10 -6.10 2.55
C ARG C 762 -27.80 -7.59 2.40
N ALA C 763 -26.51 -7.96 2.40
CA ALA C 763 -26.13 -9.36 2.29
C ALA C 763 -26.57 -10.16 3.51
N LEU C 764 -26.41 -9.59 4.71
CA LEU C 764 -26.79 -10.31 5.92
C LEU C 764 -28.31 -10.43 6.05
N THR C 765 -29.07 -9.42 5.62
CA THR C 765 -30.52 -9.57 5.63
C THR C 765 -30.99 -10.54 4.55
N GLY C 766 -30.28 -10.64 3.42
CA GLY C 766 -30.59 -11.66 2.43
C GLY C 766 -30.36 -13.06 2.95
N ILE C 767 -29.26 -13.27 3.67
CA ILE C 767 -29.01 -14.56 4.31
C ILE C 767 -30.07 -14.85 5.37
N ALA C 768 -30.42 -13.83 6.17
CA ALA C 768 -31.39 -14.00 7.25
C ALA C 768 -32.78 -14.34 6.75
N VAL C 769 -33.20 -13.73 5.64
CA VAL C 769 -34.50 -14.10 5.08
C VAL C 769 -34.40 -15.42 4.33
N GLU C 770 -33.20 -15.80 3.85
CA GLU C 770 -33.08 -17.08 3.15
C GLU C 770 -33.11 -18.26 4.12
N GLN C 771 -32.71 -18.07 5.38
CA GLN C 771 -32.91 -19.14 6.37
C GLN C 771 -34.39 -19.44 6.59
N ASP C 772 -35.22 -18.39 6.72
CA ASP C 772 -36.66 -18.60 6.87
C ASP C 772 -37.27 -19.14 5.59
N LYS C 773 -36.74 -18.74 4.43
CA LYS C 773 -37.18 -19.32 3.17
C LYS C 773 -36.85 -20.81 3.09
N ASN C 774 -35.68 -21.20 3.60
CA ASN C 774 -35.32 -22.62 3.66
C ASN C 774 -36.24 -23.40 4.59
N THR C 775 -36.56 -22.82 5.75
CA THR C 775 -37.43 -23.50 6.70
C THR C 775 -38.85 -23.66 6.15
N GLN C 776 -39.36 -22.64 5.46
CA GLN C 776 -40.65 -22.80 4.79
C GLN C 776 -40.57 -23.69 3.55
N GLU C 777 -39.38 -23.84 2.96
CA GLU C 777 -39.24 -24.70 1.79
C GLU C 777 -39.22 -26.17 2.17
N VAL C 778 -38.64 -26.51 3.32
CA VAL C 778 -38.52 -27.92 3.71
C VAL C 778 -39.79 -28.42 4.37
N PHE C 779 -40.26 -27.77 5.43
CA PHE C 779 -41.32 -28.32 6.27
C PHE C 779 -42.72 -28.05 5.76
N ALA C 780 -42.94 -26.96 5.04
CA ALA C 780 -44.28 -26.43 4.79
C ALA C 780 -44.83 -26.85 3.43
N GLN C 781 -44.59 -28.10 3.02
CA GLN C 781 -45.13 -28.60 1.76
C GLN C 781 -46.65 -28.70 1.76
N VAL C 782 -47.28 -28.84 2.92
CA VAL C 782 -48.73 -28.90 3.01
C VAL C 782 -49.23 -27.66 3.76
N LYS C 783 -50.51 -27.37 3.56
CA LYS C 783 -51.15 -26.23 4.21
C LYS C 783 -52.27 -26.62 5.17
N GLN C 784 -52.69 -27.88 5.18
CA GLN C 784 -53.68 -28.37 6.12
C GLN C 784 -52.96 -29.08 7.26
N ILE C 785 -53.23 -28.64 8.49
CA ILE C 785 -52.60 -29.25 9.67
C ILE C 785 -53.49 -30.41 10.09
N TYR C 786 -53.12 -31.61 9.67
CA TYR C 786 -53.84 -32.80 10.07
C TYR C 786 -53.49 -33.16 11.51
N LYS C 787 -54.46 -33.69 12.23
CA LYS C 787 -54.25 -34.12 13.61
C LYS C 787 -54.48 -35.62 13.72
N THR C 788 -53.85 -36.21 14.73
CA THR C 788 -53.87 -37.65 14.91
C THR C 788 -55.25 -38.14 15.35
N PRO C 789 -55.65 -39.35 14.94
CA PRO C 789 -56.89 -39.94 15.45
C PRO C 789 -56.75 -40.29 16.93
N PRO C 790 -57.87 -40.37 17.66
CA PRO C 790 -57.78 -40.75 19.08
C PRO C 790 -57.41 -42.21 19.31
N ILE C 791 -57.53 -43.07 18.31
CA ILE C 791 -57.14 -44.46 18.41
C ILE C 791 -55.78 -44.62 17.75
N LYS C 792 -54.79 -45.06 18.52
CA LYS C 792 -53.42 -45.19 18.05
C LYS C 792 -53.08 -46.62 17.66
N TYR C 793 -54.05 -47.39 17.20
CA TYR C 793 -53.86 -48.78 16.79
C TYR C 793 -53.92 -48.85 15.27
N PHE C 794 -52.82 -49.26 14.65
CA PHE C 794 -52.71 -49.31 13.18
C PHE C 794 -52.20 -50.70 12.79
N GLY C 795 -53.12 -51.66 12.69
CA GLY C 795 -52.81 -52.99 12.22
C GLY C 795 -51.84 -53.81 13.06
N GLY C 796 -51.61 -53.39 14.30
CA GLY C 796 -50.63 -54.02 15.16
C GLY C 796 -49.30 -53.31 15.22
N PHE C 797 -49.07 -52.33 14.35
CA PHE C 797 -47.81 -51.59 14.36
C PHE C 797 -47.85 -50.51 15.45
N ASN C 798 -46.80 -50.45 16.26
CA ASN C 798 -46.76 -49.53 17.39
C ASN C 798 -46.10 -48.22 16.95
N PHE C 799 -46.87 -47.12 17.01
CA PHE C 799 -46.41 -45.82 16.58
C PHE C 799 -46.30 -44.82 17.74
N SER C 800 -46.16 -45.33 18.97
CA SER C 800 -46.22 -44.45 20.14
C SER C 800 -44.96 -43.62 20.30
N GLN C 801 -43.82 -44.12 19.83
CA GLN C 801 -42.57 -43.40 20.05
C GLN C 801 -42.40 -42.21 19.11
N ILE C 802 -42.89 -42.32 17.87
CA ILE C 802 -42.64 -41.27 16.89
C ILE C 802 -43.68 -40.16 16.90
N LEU C 803 -44.94 -40.48 17.25
CA LEU C 803 -46.00 -39.49 17.30
C LEU C 803 -45.93 -38.73 18.62
N PRO C 804 -46.32 -37.45 18.64
CA PRO C 804 -46.18 -36.64 19.86
C PRO C 804 -47.02 -37.12 21.04
N ASP C 805 -46.49 -36.94 22.24
CA ASP C 805 -47.09 -37.41 23.48
C ASP C 805 -47.64 -36.24 24.28
N PRO C 806 -48.90 -36.28 24.71
CA PRO C 806 -49.51 -35.10 25.32
C PRO C 806 -49.15 -34.86 26.78
N SER C 807 -48.36 -35.73 27.41
CA SER C 807 -48.03 -35.54 28.82
C SER C 807 -47.06 -34.39 29.02
N LYS C 808 -46.13 -34.20 28.10
CA LYS C 808 -45.22 -33.06 28.16
C LYS C 808 -45.99 -31.78 27.83
N PRO C 809 -45.57 -30.64 28.40
CA PRO C 809 -46.14 -29.35 27.96
C PRO C 809 -45.93 -29.05 26.48
N SER C 810 -44.80 -29.46 25.92
CA SER C 810 -44.56 -29.35 24.49
C SER C 810 -45.03 -30.62 23.79
N LYS C 811 -45.48 -30.47 22.55
CA LYS C 811 -46.01 -31.59 21.77
C LYS C 811 -44.89 -32.28 20.99
N ARG C 812 -43.92 -32.81 21.74
CA ARG C 812 -42.73 -33.43 21.17
C ARG C 812 -42.69 -34.91 21.53
N SER C 813 -42.24 -35.71 20.56
CA SER C 813 -42.14 -37.15 20.74
C SER C 813 -40.98 -37.50 21.68
N PRO C 814 -41.01 -38.70 22.28
CA PRO C 814 -39.84 -39.16 23.05
C PRO C 814 -38.56 -39.27 22.24
N ILE C 815 -38.64 -39.59 20.95
CA ILE C 815 -37.47 -39.54 20.08
C ILE C 815 -36.94 -38.12 19.99
N GLU C 816 -37.85 -37.14 19.84
CA GLU C 816 -37.45 -35.74 19.88
C GLU C 816 -36.97 -35.33 21.27
N ASP C 817 -37.49 -35.97 22.32
CA ASP C 817 -37.01 -35.70 23.67
C ASP C 817 -35.56 -36.13 23.85
N LEU C 818 -35.19 -37.28 23.29
CA LEU C 818 -33.79 -37.68 23.31
C LEU C 818 -32.93 -36.87 22.35
N LEU C 819 -33.52 -36.36 21.26
CA LEU C 819 -32.76 -35.55 20.30
C LEU C 819 -32.46 -34.15 20.80
N PHE C 820 -33.37 -33.52 21.55
CA PHE C 820 -33.17 -32.13 21.93
C PHE C 820 -32.21 -31.93 23.08
N ASN C 821 -31.72 -32.99 23.71
CA ASN C 821 -30.75 -32.85 24.80
C ASN C 821 -29.32 -33.09 24.36
N LYS C 822 -29.10 -33.83 23.28
CA LYS C 822 -27.75 -34.11 22.79
C LYS C 822 -27.18 -32.96 21.96
N VAL C 823 -27.99 -31.98 21.58
CA VAL C 823 -27.55 -30.86 20.77
C VAL C 823 -27.71 -29.59 21.60
N THR C 824 -26.62 -28.84 21.75
CA THR C 824 -26.63 -27.62 22.53
C THR C 824 -26.66 -26.42 21.59
N LEU C 825 -27.65 -25.55 21.79
CA LEU C 825 -27.82 -24.38 20.93
C LEU C 825 -26.87 -23.25 21.34
N LEU C 846 -22.12 -14.90 30.46
CA LEU C 846 -20.66 -14.91 30.55
C LEU C 846 -20.04 -15.26 29.20
N ILE C 847 -20.50 -16.35 28.60
CA ILE C 847 -19.97 -16.76 27.31
C ILE C 847 -20.54 -15.91 26.18
N CYS C 848 -21.74 -15.38 26.35
CA CYS C 848 -22.36 -14.52 25.34
C CYS C 848 -22.07 -13.04 25.60
N ALA C 849 -20.78 -12.72 25.69
CA ALA C 849 -20.32 -11.34 25.88
C ALA C 849 -20.09 -10.62 24.57
N GLN C 850 -20.43 -11.24 23.44
CA GLN C 850 -20.27 -10.62 22.13
C GLN C 850 -21.33 -9.58 21.84
N LYS C 851 -22.39 -9.51 22.65
CA LYS C 851 -23.45 -8.51 22.45
C LYS C 851 -22.95 -7.10 22.71
N PHE C 852 -21.88 -6.93 23.48
CA PHE C 852 -21.26 -5.62 23.63
C PHE C 852 -20.48 -5.19 22.39
N LYS C 853 -20.25 -6.08 21.44
CA LYS C 853 -19.68 -5.73 20.14
C LYS C 853 -20.73 -5.76 19.03
N GLY C 854 -22.00 -5.96 19.37
CA GLY C 854 -23.07 -5.88 18.38
C GLY C 854 -23.24 -7.09 17.51
N LEU C 855 -22.63 -8.23 17.87
CA LEU C 855 -22.73 -9.44 17.06
C LEU C 855 -23.95 -10.24 17.49
N THR C 856 -25.12 -9.75 17.10
CA THR C 856 -26.32 -10.31 17.69
C THR C 856 -26.87 -11.45 16.84
N VAL C 857 -27.70 -12.27 17.46
CA VAL C 857 -28.32 -13.44 16.83
C VAL C 857 -29.82 -13.22 16.80
N LEU C 858 -30.36 -13.05 15.60
CA LEU C 858 -31.79 -12.83 15.48
C LEU C 858 -32.55 -14.15 15.64
N PRO C 859 -33.71 -14.11 16.29
CA PRO C 859 -34.52 -15.33 16.44
C PRO C 859 -35.15 -15.73 15.13
N PRO C 860 -35.39 -17.02 14.90
CA PRO C 860 -36.07 -17.44 13.68
C PRO C 860 -37.54 -17.06 13.69
N LEU C 861 -38.10 -16.96 12.49
CA LEU C 861 -39.52 -16.63 12.35
C LEU C 861 -40.40 -17.76 12.87
N LEU C 862 -40.07 -19.00 12.51
CA LEU C 862 -40.81 -20.16 13.00
C LEU C 862 -40.27 -20.56 14.36
N THR C 863 -41.09 -20.40 15.39
CA THR C 863 -40.77 -20.81 16.74
C THR C 863 -40.81 -22.34 16.79
N ASP C 864 -40.08 -22.93 17.76
CA ASP C 864 -39.86 -24.37 17.83
C ASP C 864 -41.11 -25.17 18.20
N GLU C 865 -42.28 -24.56 18.31
CA GLU C 865 -43.53 -25.28 18.54
C GLU C 865 -44.31 -25.52 17.25
N MET C 866 -44.40 -24.52 16.37
CA MET C 866 -45.13 -24.71 15.12
C MET C 866 -44.36 -25.59 14.14
N ILE C 867 -43.04 -25.68 14.26
CA ILE C 867 -42.26 -26.65 13.49
C ILE C 867 -42.65 -28.07 13.89
N ALA C 868 -42.78 -28.30 15.20
CA ALA C 868 -43.26 -29.59 15.69
C ALA C 868 -44.71 -29.84 15.32
N GLN C 869 -45.51 -28.77 15.20
CA GLN C 869 -46.89 -28.91 14.74
C GLN C 869 -46.94 -29.35 13.27
N TYR C 870 -46.09 -28.77 12.42
CA TYR C 870 -45.94 -29.23 11.05
C TYR C 870 -45.48 -30.68 10.99
N THR C 871 -44.53 -31.06 11.84
CA THR C 871 -44.03 -32.43 11.87
C THR C 871 -45.13 -33.41 12.29
N SER C 872 -45.94 -33.03 13.28
CA SER C 872 -47.08 -33.85 13.69
C SER C 872 -48.12 -33.94 12.59
N ALA C 873 -48.30 -32.87 11.81
CA ALA C 873 -49.20 -32.91 10.66
C ALA C 873 -48.71 -33.88 9.58
N LEU C 874 -47.39 -33.87 9.30
CA LEU C 874 -46.84 -34.81 8.32
C LEU C 874 -46.95 -36.26 8.79
N LEU C 875 -46.64 -36.55 10.05
CA LEU C 875 -46.82 -37.91 10.54
C LEU C 875 -48.27 -38.31 10.73
N ALA C 876 -49.20 -37.35 10.85
CA ALA C 876 -50.60 -37.72 10.80
C ALA C 876 -51.02 -38.06 9.38
N GLY C 877 -50.61 -37.24 8.41
CA GLY C 877 -51.02 -37.47 7.03
C GLY C 877 -50.41 -38.72 6.41
N THR C 878 -49.15 -39.00 6.72
CA THR C 878 -48.49 -40.14 6.09
C THR C 878 -48.91 -41.48 6.68
N ILE C 879 -49.65 -41.49 7.78
CA ILE C 879 -50.19 -42.74 8.34
C ILE C 879 -51.70 -42.81 8.28
N THR C 880 -52.40 -41.69 8.02
CA THR C 880 -53.84 -41.75 7.86
C THR C 880 -54.32 -41.64 6.42
N SER C 881 -53.49 -41.12 5.52
CA SER C 881 -53.88 -40.94 4.13
C SER C 881 -52.99 -41.65 3.12
N GLY C 882 -51.74 -41.91 3.45
CA GLY C 882 -50.81 -42.55 2.52
C GLY C 882 -49.98 -41.53 1.77
N TRP C 883 -50.04 -41.57 0.44
CA TRP C 883 -49.30 -40.64 -0.39
C TRP C 883 -50.20 -39.65 -1.12
N THR C 884 -51.51 -39.75 -0.95
CA THR C 884 -52.44 -38.95 -1.75
C THR C 884 -52.63 -37.54 -1.24
N PHE C 885 -52.06 -37.18 -0.09
CA PHE C 885 -52.18 -35.82 0.40
C PHE C 885 -51.09 -34.89 -0.14
N GLY C 886 -50.17 -35.42 -0.93
CA GLY C 886 -49.20 -34.62 -1.64
C GLY C 886 -49.57 -34.34 -3.08
N ALA C 887 -50.73 -34.83 -3.54
CA ALA C 887 -51.18 -34.64 -4.91
C ALA C 887 -52.66 -34.25 -4.92
N GLY C 888 -53.05 -33.36 -4.02
CA GLY C 888 -54.42 -32.93 -3.94
C GLY C 888 -55.03 -33.19 -2.58
N PRO C 889 -56.32 -33.51 -2.55
CA PRO C 889 -56.98 -33.79 -1.27
C PRO C 889 -56.56 -35.12 -0.68
N ALA C 890 -56.64 -35.21 0.64
CA ALA C 890 -56.27 -36.44 1.35
C ALA C 890 -57.42 -37.44 1.33
N LEU C 891 -57.07 -38.70 1.12
CA LEU C 891 -58.04 -39.80 1.10
C LEU C 891 -57.62 -40.80 2.16
N GLN C 892 -58.55 -41.14 3.05
CA GLN C 892 -58.21 -42.06 4.13
C GLN C 892 -58.09 -43.49 3.62
N ILE C 893 -57.02 -44.17 4.04
CA ILE C 893 -56.80 -45.58 3.70
C ILE C 893 -56.29 -46.30 4.94
N PRO C 894 -56.66 -47.58 5.09
CA PRO C 894 -56.09 -48.37 6.19
C PRO C 894 -54.61 -48.63 5.99
N PHE C 895 -53.91 -48.74 7.11
CA PHE C 895 -52.44 -48.85 7.08
C PHE C 895 -51.89 -50.21 6.62
N PRO C 896 -52.49 -51.37 6.95
CA PRO C 896 -52.08 -52.60 6.24
C PRO C 896 -52.34 -52.54 4.75
N MET C 897 -53.41 -51.87 4.32
CA MET C 897 -53.65 -51.68 2.90
C MET C 897 -52.58 -50.80 2.25
N GLN C 898 -52.04 -49.84 3.01
CA GLN C 898 -50.96 -49.02 2.46
C GLN C 898 -49.65 -49.81 2.39
N MET C 899 -49.32 -50.56 3.44
CA MET C 899 -48.08 -51.34 3.41
C MET C 899 -48.16 -52.54 2.48
N ALA C 900 -49.35 -52.96 2.08
CA ALA C 900 -49.47 -53.95 1.02
C ALA C 900 -49.21 -53.35 -0.36
N TYR C 901 -49.21 -52.02 -0.48
CA TYR C 901 -48.86 -51.36 -1.73
C TYR C 901 -47.49 -50.70 -1.70
N ARG C 902 -46.86 -50.57 -0.52
CA ARG C 902 -45.45 -50.22 -0.52
C ARG C 902 -44.60 -51.41 -0.96
N PHE C 903 -45.09 -52.64 -0.76
CA PHE C 903 -44.41 -53.81 -1.30
C PHE C 903 -44.57 -53.93 -2.81
N ASN C 904 -45.70 -53.44 -3.35
CA ASN C 904 -46.00 -53.65 -4.76
C ASN C 904 -45.12 -52.81 -5.68
N GLY C 905 -44.53 -51.73 -5.17
CA GLY C 905 -43.61 -50.93 -5.95
C GLY C 905 -42.16 -51.36 -5.85
N ILE C 906 -41.88 -52.47 -5.16
CA ILE C 906 -40.52 -52.97 -5.02
C ILE C 906 -40.25 -54.12 -5.98
N GLY C 907 -41.15 -55.09 -6.05
CA GLY C 907 -40.96 -56.24 -6.91
C GLY C 907 -41.50 -57.51 -6.30
N VAL C 908 -41.91 -57.44 -5.04
CA VAL C 908 -42.49 -58.58 -4.34
C VAL C 908 -44.01 -58.42 -4.30
N THR C 909 -44.72 -59.50 -4.62
CA THR C 909 -46.17 -59.48 -4.73
C THR C 909 -46.78 -59.29 -3.33
N GLN C 910 -47.92 -58.60 -3.28
CA GLN C 910 -48.57 -58.16 -2.04
C GLN C 910 -49.13 -59.27 -1.16
N ASN C 911 -48.96 -60.54 -1.54
CA ASN C 911 -49.38 -61.66 -0.72
C ASN C 911 -48.31 -62.09 0.28
N VAL C 912 -47.40 -61.18 0.64
CA VAL C 912 -46.36 -61.48 1.62
C VAL C 912 -46.52 -60.65 2.88
N LEU C 913 -47.31 -59.56 2.84
CA LEU C 913 -47.49 -58.72 4.02
C LEU C 913 -48.39 -59.40 5.04
N TYR C 914 -49.62 -59.73 4.64
CA TYR C 914 -50.62 -60.22 5.58
C TYR C 914 -50.27 -61.61 6.10
N GLU C 915 -49.71 -62.46 5.23
CA GLU C 915 -49.32 -63.81 5.58
C GLU C 915 -48.27 -63.85 6.70
N ASN C 916 -47.46 -62.80 6.80
CA ASN C 916 -46.51 -62.64 7.88
C ASN C 916 -46.79 -61.40 8.73
N GLN C 917 -48.09 -61.03 8.84
CA GLN C 917 -48.46 -59.75 9.46
C GLN C 917 -48.05 -59.69 10.93
N LYS C 918 -48.44 -60.70 11.71
CA LYS C 918 -47.97 -60.80 13.09
C LYS C 918 -46.46 -61.03 13.14
N LEU C 919 -45.88 -61.61 12.09
CA LEU C 919 -44.44 -61.71 12.00
C LEU C 919 -43.81 -60.35 11.70
N ILE C 920 -44.50 -59.49 10.95
CA ILE C 920 -43.89 -58.23 10.52
C ILE C 920 -44.17 -57.08 11.49
N ALA C 921 -45.09 -57.28 12.44
CA ALA C 921 -45.43 -56.19 13.36
C ALA C 921 -44.32 -55.95 14.37
N ASN C 922 -44.04 -56.96 15.21
CA ASN C 922 -43.01 -56.83 16.24
C ASN C 922 -41.62 -56.68 15.63
N GLN C 923 -41.40 -57.28 14.45
CA GLN C 923 -40.16 -57.06 13.71
C GLN C 923 -40.00 -55.60 13.32
N PHE C 924 -41.10 -54.89 13.07
CA PHE C 924 -41.01 -53.44 12.93
C PHE C 924 -40.80 -52.79 14.29
N ASN C 925 -41.50 -53.30 15.33
CA ASN C 925 -41.46 -52.65 16.64
C ASN C 925 -40.10 -52.80 17.30
N SER C 926 -39.50 -53.99 17.21
CA SER C 926 -38.11 -54.15 17.62
C SER C 926 -37.18 -53.28 16.78
N ALA C 927 -37.55 -53.07 15.50
CA ALA C 927 -36.81 -52.14 14.65
C ALA C 927 -36.87 -50.72 15.20
N ILE C 928 -38.02 -50.32 15.76
CA ILE C 928 -38.05 -49.00 16.40
C ILE C 928 -37.64 -49.12 17.86
N GLY C 929 -37.49 -50.34 18.37
CA GLY C 929 -37.00 -50.51 19.74
C GLY C 929 -35.54 -50.15 19.91
N LYS C 930 -34.72 -50.42 18.91
CA LYS C 930 -33.27 -50.28 19.03
C LYS C 930 -32.75 -48.89 18.67
N ILE C 931 -33.61 -47.99 18.19
CA ILE C 931 -33.15 -46.69 17.73
C ILE C 931 -32.69 -45.82 18.90
N GLN C 932 -33.44 -45.87 20.02
CA GLN C 932 -33.14 -45.02 21.16
C GLN C 932 -31.81 -45.40 21.81
N ASP C 933 -31.52 -46.69 21.92
CA ASP C 933 -30.21 -47.11 22.40
C ASP C 933 -29.12 -46.89 21.36
N SER C 934 -29.48 -46.81 20.08
CA SER C 934 -28.49 -46.54 19.04
C SER C 934 -28.03 -45.09 19.07
N LEU C 935 -28.95 -44.15 19.31
CA LEU C 935 -28.55 -42.75 19.29
C LEU C 935 -28.17 -42.22 20.66
N SER C 936 -28.83 -42.69 21.73
CA SER C 936 -28.61 -42.15 23.07
C SER C 936 -27.28 -42.57 23.68
N SER C 937 -26.76 -43.75 23.31
CA SER C 937 -25.52 -44.23 23.93
C SER C 937 -24.30 -43.51 23.38
N THR C 938 -24.04 -43.67 22.08
CA THR C 938 -22.89 -43.00 21.49
C THR C 938 -23.19 -41.53 21.25
N PRO C 939 -22.20 -40.66 21.41
CA PRO C 939 -22.39 -39.23 21.09
C PRO C 939 -22.02 -38.83 19.67
N SER C 940 -21.61 -39.77 18.82
CA SER C 940 -21.25 -39.48 17.44
C SER C 940 -22.43 -39.61 16.48
N ALA C 941 -23.63 -39.90 16.99
CA ALA C 941 -24.79 -40.05 16.12
C ALA C 941 -25.26 -38.70 15.57
N LEU C 942 -25.19 -37.65 16.38
CA LEU C 942 -25.71 -36.34 16.02
C LEU C 942 -24.59 -35.31 15.87
N GLY C 943 -23.46 -35.72 15.32
CA GLY C 943 -22.38 -34.78 15.05
C GLY C 943 -22.63 -33.87 13.86
N LYS C 944 -23.51 -34.30 12.94
CA LYS C 944 -23.75 -33.55 11.71
C LYS C 944 -24.51 -32.25 11.95
N LEU C 945 -25.13 -32.08 13.12
CA LEU C 945 -25.66 -30.79 13.54
C LEU C 945 -24.79 -30.10 14.57
N GLN C 946 -24.00 -30.86 15.32
CA GLN C 946 -23.08 -30.27 16.28
C GLN C 946 -21.99 -29.46 15.58
N ASP C 947 -21.46 -29.97 14.46
CA ASP C 947 -20.49 -29.18 13.71
C ASP C 947 -21.13 -27.99 13.00
N VAL C 948 -22.43 -28.08 12.69
CA VAL C 948 -23.13 -26.94 12.09
C VAL C 948 -23.30 -25.82 13.12
N VAL C 949 -23.73 -26.17 14.33
CA VAL C 949 -23.86 -25.16 15.37
C VAL C 949 -22.54 -24.76 15.99
N ASN C 950 -21.46 -25.47 15.71
CA ASN C 950 -20.13 -25.02 16.11
C ASN C 950 -19.41 -24.21 15.03
N HIS C 951 -19.78 -24.38 13.76
CA HIS C 951 -19.16 -23.58 12.70
C HIS C 951 -19.52 -22.11 12.83
N ASN C 952 -20.73 -21.82 13.33
CA ASN C 952 -21.13 -20.47 13.67
C ASN C 952 -20.94 -20.16 15.14
N ALA C 953 -19.99 -20.83 15.80
CA ALA C 953 -19.67 -20.56 17.19
C ALA C 953 -18.28 -19.99 17.37
N GLN C 954 -17.24 -20.70 16.91
CA GLN C 954 -15.90 -20.13 16.99
C GLN C 954 -15.59 -19.17 15.85
N ALA C 955 -16.44 -19.09 14.82
CA ALA C 955 -16.31 -18.01 13.85
C ALA C 955 -16.59 -16.67 14.52
N LEU C 956 -17.63 -16.62 15.34
CA LEU C 956 -17.93 -15.42 16.13
C LEU C 956 -16.83 -15.16 17.15
N ASN C 957 -16.26 -16.22 17.74
CA ASN C 957 -15.21 -16.06 18.74
C ASN C 957 -13.93 -15.50 18.12
N THR C 958 -13.55 -15.99 16.93
CA THR C 958 -12.41 -15.41 16.23
C THR C 958 -12.70 -14.00 15.75
N LEU C 959 -13.96 -13.70 15.39
CA LEU C 959 -14.30 -12.32 15.01
C LEU C 959 -14.19 -11.37 16.19
N VAL C 960 -14.50 -11.85 17.40
CA VAL C 960 -14.27 -11.05 18.60
C VAL C 960 -12.77 -10.93 18.89
N LYS C 961 -12.03 -12.03 18.71
CA LYS C 961 -10.61 -12.06 19.05
C LYS C 961 -9.76 -11.22 18.09
N GLN C 962 -10.24 -10.99 16.87
CA GLN C 962 -9.49 -10.20 15.90
C GLN C 962 -9.47 -8.71 16.23
N LEU C 963 -10.27 -8.25 17.19
CA LEU C 963 -10.15 -6.86 17.64
C LEU C 963 -8.86 -6.64 18.41
N SER C 964 -8.28 -7.69 19.00
CA SER C 964 -7.07 -7.56 19.78
C SER C 964 -5.83 -7.32 18.92
N SER C 965 -5.91 -7.59 17.62
CA SER C 965 -4.77 -7.40 16.74
C SER C 965 -4.50 -5.92 16.52
N LYS C 966 -3.22 -5.57 16.47
CA LYS C 966 -2.83 -4.18 16.31
C LYS C 966 -3.05 -3.68 14.89
N PHE C 967 -2.92 -4.59 13.90
CA PHE C 967 -2.97 -4.29 12.46
C PHE C 967 -1.96 -3.20 12.07
N GLY C 968 -0.79 -3.27 12.69
CA GLY C 968 0.24 -2.26 12.47
C GLY C 968 -0.10 -0.88 12.99
N ALA C 969 -0.69 -0.80 14.17
CA ALA C 969 -1.03 0.47 14.80
C ALA C 969 -0.47 0.51 16.21
N ILE C 970 -0.77 1.59 16.93
CA ILE C 970 -0.22 1.77 18.27
C ILE C 970 -0.93 0.85 19.26
N SER C 971 -2.27 0.87 19.27
CA SER C 971 -3.03 0.12 20.26
C SER C 971 -4.29 -0.45 19.60
N SER C 972 -4.87 -1.43 20.27
CA SER C 972 -6.06 -2.13 19.76
C SER C 972 -7.36 -1.45 20.18
N VAL C 973 -7.30 -0.35 20.92
CA VAL C 973 -8.49 0.39 21.33
C VAL C 973 -8.39 1.80 20.78
N LEU C 974 -9.56 2.42 20.60
CA LEU C 974 -9.67 3.64 19.80
C LEU C 974 -9.74 4.92 20.64
N ASN C 975 -10.15 4.83 21.90
CA ASN C 975 -10.35 6.03 22.70
C ASN C 975 -9.04 6.64 23.16
N ASP C 976 -8.05 5.80 23.51
CA ASP C 976 -6.83 6.29 24.15
C ASP C 976 -5.90 6.98 23.16
N ILE C 977 -5.87 6.51 21.90
CA ILE C 977 -5.00 7.15 20.91
C ILE C 977 -5.50 8.54 20.55
N PHE C 978 -6.82 8.74 20.57
CA PHE C 978 -7.39 10.07 20.37
C PHE C 978 -7.30 10.95 21.59
N SER C 979 -6.91 10.40 22.73
CA SER C 979 -6.54 11.17 23.90
C SER C 979 -5.05 11.49 23.95
N ARG C 980 -4.26 10.99 22.99
CA ARG C 980 -2.82 11.14 23.06
C ARG C 980 -2.12 11.51 21.76
N LEU C 981 -2.79 11.52 20.60
CA LEU C 981 -2.11 11.76 19.34
C LEU C 981 -2.48 13.11 18.75
N ASP C 982 -1.59 13.62 17.91
CA ASP C 982 -1.85 14.86 17.18
C ASP C 982 -2.87 14.62 16.06
N PRO C 983 -3.71 15.61 15.78
CA PRO C 983 -4.69 15.50 14.69
C PRO C 983 -4.10 15.40 13.28
N PRO C 984 -2.84 15.77 13.00
CA PRO C 984 -2.29 15.35 11.70
C PRO C 984 -2.05 13.85 11.56
N GLU C 985 -1.60 13.17 12.60
CA GLU C 985 -1.21 11.77 12.49
C GLU C 985 -2.36 10.81 12.82
N ALA C 986 -3.40 11.34 13.49
CA ALA C 986 -4.42 10.49 14.11
C ALA C 986 -5.29 9.80 13.06
N GLU C 987 -5.69 10.52 12.00
CA GLU C 987 -6.52 9.89 10.99
C GLU C 987 -5.71 8.93 10.13
N VAL C 988 -4.40 9.15 10.00
CA VAL C 988 -3.54 8.17 9.33
C VAL C 988 -3.48 6.88 10.15
N GLN C 989 -3.34 7.02 11.47
CA GLN C 989 -3.28 5.84 12.34
C GLN C 989 -4.59 5.07 12.36
N ILE C 990 -5.72 5.77 12.48
CA ILE C 990 -6.99 5.05 12.49
C ILE C 990 -7.38 4.62 11.08
N ASP C 991 -6.80 5.24 10.04
CA ASP C 991 -6.94 4.76 8.68
C ASP C 991 -6.28 3.41 8.53
N ARG C 992 -5.08 3.26 9.10
CA ARG C 992 -4.42 1.96 9.09
C ARG C 992 -5.04 0.97 10.07
N LEU C 993 -5.86 1.44 11.01
CA LEU C 993 -6.52 0.55 11.97
C LEU C 993 -7.90 0.06 11.52
N ILE C 994 -8.69 0.90 10.85
CA ILE C 994 -10.07 0.54 10.49
C ILE C 994 -10.10 -0.53 9.42
N THR C 995 -9.24 -0.41 8.40
CA THR C 995 -9.30 -1.29 7.23
C THR C 995 -8.98 -2.74 7.54
N GLY C 996 -8.24 -3.00 8.63
CA GLY C 996 -8.02 -4.37 9.06
C GLY C 996 -9.30 -5.03 9.53
N ARG C 997 -10.07 -4.34 10.39
CA ARG C 997 -11.36 -4.88 10.82
C ARG C 997 -12.37 -4.88 9.69
N LEU C 998 -12.24 -3.93 8.75
CA LEU C 998 -13.13 -3.89 7.59
C LEU C 998 -12.92 -5.11 6.70
N GLN C 999 -11.67 -5.45 6.40
CA GLN C 999 -11.39 -6.67 5.65
C GLN C 999 -11.65 -7.91 6.47
N SER C 1000 -11.60 -7.83 7.81
CA SER C 1000 -11.97 -8.96 8.64
C SER C 1000 -13.46 -9.27 8.53
N LEU C 1001 -14.30 -8.23 8.59
CA LEU C 1001 -15.74 -8.40 8.41
C LEU C 1001 -16.07 -8.82 6.98
N GLN C 1002 -15.30 -8.33 6.01
CA GLN C 1002 -15.48 -8.74 4.62
C GLN C 1002 -15.16 -10.22 4.43
N THR C 1003 -14.08 -10.70 5.06
CA THR C 1003 -13.79 -12.13 5.00
C THR C 1003 -14.81 -12.96 5.77
N TYR C 1004 -15.36 -12.41 6.86
CA TYR C 1004 -16.41 -13.10 7.61
C TYR C 1004 -17.65 -13.32 6.75
N VAL C 1005 -18.10 -12.27 6.06
CA VAL C 1005 -19.28 -12.44 5.21
C VAL C 1005 -18.91 -13.24 3.95
N THR C 1006 -17.64 -13.25 3.56
CA THR C 1006 -17.22 -14.09 2.44
C THR C 1006 -17.31 -15.58 2.77
N GLN C 1007 -16.87 -15.99 3.95
CA GLN C 1007 -17.13 -17.37 4.37
C GLN C 1007 -18.60 -17.63 4.66
N GLN C 1008 -19.34 -16.60 5.09
CA GLN C 1008 -20.76 -16.78 5.39
C GLN C 1008 -21.57 -17.08 4.14
N LEU C 1009 -21.21 -16.45 3.01
CA LEU C 1009 -21.89 -16.75 1.75
C LEU C 1009 -21.63 -18.17 1.27
N ILE C 1010 -20.39 -18.66 1.41
CA ILE C 1010 -20.09 -20.03 1.01
C ILE C 1010 -20.79 -21.04 1.91
N ARG C 1011 -20.82 -20.77 3.22
CA ARG C 1011 -21.54 -21.64 4.15
C ARG C 1011 -23.04 -21.63 3.87
N ALA C 1012 -23.60 -20.46 3.54
CA ALA C 1012 -25.02 -20.37 3.20
C ALA C 1012 -25.32 -21.11 1.91
N ALA C 1013 -24.41 -21.06 0.93
CA ALA C 1013 -24.58 -21.83 -0.29
C ALA C 1013 -24.53 -23.33 -0.04
N GLU C 1014 -23.64 -23.76 0.87
CA GLU C 1014 -23.55 -25.18 1.20
C GLU C 1014 -24.81 -25.69 1.90
N ILE C 1015 -25.29 -24.93 2.88
CA ILE C 1015 -26.52 -25.35 3.58
C ILE C 1015 -27.74 -25.19 2.69
N ARG C 1016 -27.70 -24.29 1.70
CA ARG C 1016 -28.79 -24.20 0.72
C ARG C 1016 -28.81 -25.42 -0.20
N ALA C 1017 -27.63 -25.88 -0.63
CA ALA C 1017 -27.54 -27.09 -1.43
C ALA C 1017 -27.95 -28.32 -0.63
N SER C 1018 -27.70 -28.32 0.68
CA SER C 1018 -28.20 -29.40 1.51
C SER C 1018 -29.70 -29.29 1.74
N ALA C 1019 -30.24 -28.07 1.82
CA ALA C 1019 -31.65 -27.86 2.08
C ALA C 1019 -32.52 -28.21 0.88
N ASN C 1020 -32.03 -27.97 -0.34
CA ASN C 1020 -32.76 -28.41 -1.52
C ASN C 1020 -32.83 -29.94 -1.59
N LEU C 1021 -31.74 -30.61 -1.23
CA LEU C 1021 -31.76 -32.07 -1.15
C LEU C 1021 -32.69 -32.57 -0.06
N ALA C 1022 -32.73 -31.87 1.08
CA ALA C 1022 -33.65 -32.23 2.16
C ALA C 1022 -35.11 -32.02 1.74
N ALA C 1023 -35.39 -30.95 0.99
CA ALA C 1023 -36.74 -30.72 0.48
C ALA C 1023 -37.14 -31.77 -0.54
N THR C 1024 -36.18 -32.19 -1.39
CA THR C 1024 -36.46 -33.26 -2.34
C THR C 1024 -36.73 -34.58 -1.63
N LYS C 1025 -35.99 -34.85 -0.56
CA LYS C 1025 -36.21 -36.08 0.21
C LYS C 1025 -37.54 -36.04 0.96
N MET C 1026 -37.94 -34.87 1.46
CA MET C 1026 -39.23 -34.77 2.14
C MET C 1026 -40.38 -34.82 1.15
N SER C 1027 -40.18 -34.32 -0.06
CA SER C 1027 -41.23 -34.35 -1.07
C SER C 1027 -41.26 -35.62 -1.89
N GLU C 1028 -40.26 -36.48 -1.75
CA GLU C 1028 -40.25 -37.63 -2.65
C GLU C 1028 -40.10 -38.96 -1.93
N CYS C 1029 -39.41 -38.99 -0.79
CA CYS C 1029 -39.35 -40.22 0.00
C CYS C 1029 -40.52 -40.34 0.98
N VAL C 1030 -41.07 -39.21 1.42
CA VAL C 1030 -42.16 -39.22 2.40
C VAL C 1030 -43.52 -39.26 1.72
N LEU C 1031 -43.74 -38.37 0.74
CA LEU C 1031 -45.02 -38.28 0.05
C LEU C 1031 -45.16 -39.28 -1.09
N GLY C 1032 -44.26 -40.25 -1.18
CA GLY C 1032 -44.34 -41.29 -2.18
C GLY C 1032 -43.21 -42.27 -1.97
N GLN C 1033 -43.26 -43.38 -2.69
CA GLN C 1033 -42.25 -44.42 -2.59
C GLN C 1033 -41.23 -44.22 -3.71
N SER C 1034 -39.97 -44.08 -3.32
CA SER C 1034 -38.90 -43.82 -4.28
C SER C 1034 -38.55 -45.09 -5.06
N LYS C 1035 -37.98 -44.88 -6.25
CA LYS C 1035 -37.52 -45.96 -7.09
C LYS C 1035 -36.02 -45.88 -7.39
N ARG C 1036 -35.35 -44.80 -7.00
CA ARG C 1036 -33.91 -44.71 -7.19
C ARG C 1036 -33.20 -45.57 -6.15
N VAL C 1037 -32.21 -46.34 -6.61
CA VAL C 1037 -31.49 -47.24 -5.72
C VAL C 1037 -30.54 -46.42 -4.85
N ASP C 1038 -30.68 -46.57 -3.54
CA ASP C 1038 -29.86 -45.92 -2.51
C ASP C 1038 -29.90 -44.39 -2.62
N PHE C 1039 -31.11 -43.84 -2.47
CA PHE C 1039 -31.27 -42.39 -2.38
C PHE C 1039 -32.07 -42.04 -1.14
N CYS C 1040 -33.01 -42.90 -0.76
CA CYS C 1040 -33.74 -42.77 0.49
C CYS C 1040 -33.47 -43.97 1.40
N GLY C 1041 -32.20 -44.36 1.52
CA GLY C 1041 -31.83 -45.47 2.38
C GLY C 1041 -31.15 -46.62 1.67
N LYS C 1042 -30.26 -47.32 2.36
CA LYS C 1042 -29.56 -48.46 1.78
C LYS C 1042 -30.49 -49.66 1.70
N GLY C 1043 -30.59 -50.25 0.51
CA GLY C 1043 -31.53 -51.31 0.26
C GLY C 1043 -32.80 -50.79 -0.40
N TYR C 1044 -33.82 -51.64 -0.40
CA TYR C 1044 -35.09 -51.20 -0.93
C TYR C 1044 -35.80 -50.29 0.07
N HIS C 1045 -36.76 -49.52 -0.42
CA HIS C 1045 -37.43 -48.51 0.39
C HIS C 1045 -38.89 -48.88 0.58
N LEU C 1046 -39.42 -48.60 1.79
CA LEU C 1046 -40.85 -48.79 2.04
C LEU C 1046 -41.54 -47.46 2.34
N MET C 1047 -41.06 -46.74 3.35
CA MET C 1047 -41.55 -45.41 3.69
C MET C 1047 -40.47 -44.71 4.48
N SER C 1048 -40.77 -43.50 4.95
CA SER C 1048 -39.82 -42.74 5.75
C SER C 1048 -40.57 -42.01 6.84
N PHE C 1049 -39.81 -41.36 7.73
CA PHE C 1049 -40.36 -40.63 8.86
C PHE C 1049 -39.49 -39.42 9.16
N PRO C 1050 -40.04 -38.21 9.11
CA PRO C 1050 -39.26 -37.03 9.47
C PRO C 1050 -39.41 -36.67 10.94
N GLN C 1051 -38.29 -36.24 11.55
CA GLN C 1051 -38.33 -35.70 12.89
C GLN C 1051 -37.48 -34.44 12.92
N SER C 1052 -37.96 -33.44 13.65
CA SER C 1052 -37.24 -32.17 13.74
C SER C 1052 -36.06 -32.29 14.69
N ALA C 1053 -35.12 -31.37 14.55
CA ALA C 1053 -33.92 -31.31 15.37
C ALA C 1053 -33.42 -29.88 15.30
N PRO C 1054 -32.62 -29.44 16.31
CA PRO C 1054 -32.11 -28.05 16.28
C PRO C 1054 -31.23 -27.77 15.07
N HIS C 1055 -31.79 -26.96 14.17
CA HIS C 1055 -31.24 -26.65 12.85
C HIS C 1055 -30.97 -27.91 12.04
N GLY C 1056 -31.94 -28.82 12.02
CA GLY C 1056 -31.78 -30.01 11.19
C GLY C 1056 -33.02 -30.88 11.17
N VAL C 1057 -33.01 -31.81 10.23
CA VAL C 1057 -34.04 -32.84 10.11
C VAL C 1057 -33.35 -34.19 10.16
N VAL C 1058 -33.92 -35.14 10.91
CA VAL C 1058 -33.49 -36.52 10.88
C VAL C 1058 -34.58 -37.36 10.23
N PHE C 1059 -34.18 -38.17 9.26
CA PHE C 1059 -35.09 -39.05 8.54
C PHE C 1059 -34.88 -40.49 8.99
N LEU C 1060 -35.98 -41.19 9.19
CA LEU C 1060 -35.99 -42.59 9.59
C LEU C 1060 -36.44 -43.41 8.39
N HIS C 1061 -35.49 -43.76 7.53
CA HIS C 1061 -35.78 -44.53 6.33
C HIS C 1061 -36.09 -45.96 6.71
N VAL C 1062 -37.27 -46.44 6.33
CA VAL C 1062 -37.68 -47.83 6.59
C VAL C 1062 -37.27 -48.63 5.35
N THR C 1063 -36.07 -49.18 5.41
CA THR C 1063 -35.52 -49.92 4.29
C THR C 1063 -36.02 -51.37 4.33
N TYR C 1064 -35.53 -52.16 3.38
CA TYR C 1064 -35.95 -53.55 3.21
C TYR C 1064 -34.78 -54.28 2.56
N VAL C 1065 -34.27 -55.29 3.25
CA VAL C 1065 -33.06 -56.00 2.85
C VAL C 1065 -33.31 -57.49 2.97
N PRO C 1066 -32.98 -58.31 1.94
CA PRO C 1066 -33.19 -59.75 2.04
C PRO C 1066 -32.26 -60.47 3.01
N ALA C 1067 -32.35 -61.79 3.05
CA ALA C 1067 -31.71 -62.60 4.09
C ALA C 1067 -31.09 -63.82 3.41
N GLN C 1068 -30.83 -64.86 4.21
CA GLN C 1068 -30.12 -66.06 3.76
C GLN C 1068 -30.81 -66.74 2.58
N GLU C 1069 -30.00 -67.20 1.64
CA GLU C 1069 -30.46 -67.61 0.33
C GLU C 1069 -30.20 -69.10 0.09
N LYS C 1070 -30.59 -69.56 -1.09
CA LYS C 1070 -30.36 -70.93 -1.52
C LYS C 1070 -29.88 -70.92 -2.97
N ASN C 1071 -29.09 -71.94 -3.31
CA ASN C 1071 -28.56 -72.12 -4.65
C ASN C 1071 -29.47 -73.04 -5.45
N PHE C 1072 -29.60 -72.77 -6.75
CA PHE C 1072 -30.44 -73.57 -7.62
C PHE C 1072 -29.82 -73.62 -9.01
N THR C 1073 -30.22 -74.63 -9.78
CA THR C 1073 -29.85 -74.76 -11.17
C THR C 1073 -30.93 -74.10 -12.04
N THR C 1074 -30.51 -73.28 -13.00
CA THR C 1074 -31.43 -72.47 -13.78
C THR C 1074 -31.16 -72.61 -15.27
N ALA C 1075 -32.20 -72.32 -16.06
CA ALA C 1075 -32.14 -72.33 -17.51
C ALA C 1075 -32.81 -71.05 -18.02
N PRO C 1076 -32.32 -70.47 -19.11
CA PRO C 1076 -32.90 -69.19 -19.58
C PRO C 1076 -34.29 -69.31 -20.18
N ALA C 1077 -34.70 -70.48 -20.65
CA ALA C 1077 -36.00 -70.62 -21.31
C ALA C 1077 -36.47 -72.06 -21.17
N ILE C 1078 -37.63 -72.34 -21.75
CA ILE C 1078 -38.27 -73.66 -21.69
C ILE C 1078 -38.88 -73.94 -23.05
N CYS C 1079 -38.57 -75.11 -23.61
CA CYS C 1079 -39.20 -75.59 -24.84
C CYS C 1079 -39.95 -76.89 -24.55
N HIS C 1080 -41.26 -76.91 -24.81
CA HIS C 1080 -42.04 -78.13 -24.62
C HIS C 1080 -42.60 -78.67 -25.92
N ASP C 1081 -43.44 -77.93 -26.63
CA ASP C 1081 -44.02 -78.40 -27.88
C ASP C 1081 -43.25 -77.87 -29.09
N GLY C 1082 -41.93 -78.03 -29.09
CA GLY C 1082 -41.10 -77.50 -30.16
C GLY C 1082 -41.00 -75.99 -30.22
N LYS C 1083 -41.49 -75.28 -29.22
CA LYS C 1083 -41.50 -73.82 -29.20
C LYS C 1083 -41.00 -73.34 -27.85
N ALA C 1084 -40.24 -72.25 -27.87
CA ALA C 1084 -39.70 -71.70 -26.64
C ALA C 1084 -40.79 -71.01 -25.82
N HIS C 1085 -40.59 -70.99 -24.51
CA HIS C 1085 -41.51 -70.34 -23.58
C HIS C 1085 -40.71 -69.45 -22.65
N PHE C 1086 -41.03 -68.16 -22.64
CA PHE C 1086 -40.31 -67.19 -21.83
C PHE C 1086 -41.18 -66.78 -20.65
N PRO C 1087 -40.60 -66.57 -19.46
CA PRO C 1087 -41.42 -66.30 -18.27
C PRO C 1087 -42.09 -64.94 -18.32
N ARG C 1088 -43.29 -64.88 -17.74
CA ARG C 1088 -44.04 -63.63 -17.69
C ARG C 1088 -43.36 -62.61 -16.78
N GLU C 1089 -43.02 -63.03 -15.56
CA GLU C 1089 -42.20 -62.23 -14.65
C GLU C 1089 -41.59 -63.18 -13.66
N GLY C 1090 -40.26 -63.34 -13.70
CA GLY C 1090 -39.55 -64.26 -12.85
C GLY C 1090 -38.56 -65.09 -13.64
N VAL C 1091 -38.01 -66.11 -12.99
CA VAL C 1091 -36.98 -66.95 -13.57
C VAL C 1091 -37.35 -68.41 -13.33
N PHE C 1092 -36.85 -69.28 -14.20
CA PHE C 1092 -37.07 -70.72 -14.06
C PHE C 1092 -36.05 -71.29 -13.08
N VAL C 1093 -36.52 -72.07 -12.11
CA VAL C 1093 -35.72 -72.55 -11.00
C VAL C 1093 -35.89 -74.06 -10.88
N SER C 1094 -34.80 -74.80 -10.92
CA SER C 1094 -34.83 -76.23 -10.68
C SER C 1094 -34.09 -76.55 -9.39
N ASN C 1095 -34.67 -77.44 -8.60
CA ASN C 1095 -34.03 -77.92 -7.38
C ASN C 1095 -33.39 -79.28 -7.56
N GLY C 1096 -33.29 -79.77 -8.81
CA GLY C 1096 -32.67 -81.03 -9.12
C GLY C 1096 -33.60 -82.02 -9.80
N THR C 1097 -34.88 -82.01 -9.44
CA THR C 1097 -35.85 -82.96 -9.98
C THR C 1097 -36.97 -82.29 -10.75
N HIS C 1098 -37.62 -81.28 -10.17
CA HIS C 1098 -38.74 -80.59 -10.81
C HIS C 1098 -38.39 -79.13 -11.02
N TRP C 1099 -39.13 -78.50 -11.94
CA TRP C 1099 -38.95 -77.09 -12.26
C TRP C 1099 -40.08 -76.26 -11.66
N PHE C 1100 -39.76 -75.01 -11.34
CA PHE C 1100 -40.69 -74.09 -10.72
C PHE C 1100 -40.39 -72.69 -11.26
N VAL C 1101 -41.30 -71.76 -10.98
CA VAL C 1101 -41.09 -70.35 -11.28
C VAL C 1101 -41.42 -69.53 -10.03
N THR C 1102 -40.57 -68.55 -9.74
CA THR C 1102 -40.77 -67.72 -8.57
C THR C 1102 -40.73 -66.25 -8.96
N GLN C 1103 -40.75 -65.36 -7.97
CA GLN C 1103 -40.67 -63.93 -8.21
C GLN C 1103 -39.21 -63.50 -8.33
N ARG C 1104 -38.97 -62.20 -8.29
CA ARG C 1104 -37.63 -61.68 -8.54
C ARG C 1104 -36.69 -61.94 -7.35
N ASN C 1105 -37.10 -61.53 -6.16
CA ASN C 1105 -36.22 -61.61 -5.00
C ASN C 1105 -36.98 -62.11 -3.76
N PHE C 1106 -37.81 -63.13 -3.95
CA PHE C 1106 -38.44 -63.83 -2.84
C PHE C 1106 -38.82 -65.22 -3.32
N TYR C 1107 -38.48 -66.24 -2.54
CA TYR C 1107 -38.69 -67.63 -2.94
C TYR C 1107 -40.14 -68.02 -2.67
N GLU C 1108 -40.97 -67.98 -3.70
CA GLU C 1108 -42.34 -68.47 -3.65
C GLU C 1108 -42.58 -69.27 -4.92
N PRO C 1109 -42.21 -70.54 -4.94
CA PRO C 1109 -42.29 -71.33 -6.18
C PRO C 1109 -43.72 -71.68 -6.55
N GLN C 1110 -43.94 -71.80 -7.86
CA GLN C 1110 -45.24 -72.18 -8.41
C GLN C 1110 -45.03 -73.15 -9.55
N ILE C 1111 -46.08 -73.92 -9.85
CA ILE C 1111 -46.02 -74.83 -10.98
C ILE C 1111 -46.10 -74.03 -12.29
N ILE C 1112 -45.47 -74.56 -13.33
CA ILE C 1112 -45.41 -73.87 -14.61
C ILE C 1112 -46.73 -74.05 -15.33
N THR C 1113 -47.39 -72.93 -15.66
CA THR C 1113 -48.63 -72.93 -16.42
C THR C 1113 -48.48 -72.00 -17.61
N THR C 1114 -49.51 -71.99 -18.46
CA THR C 1114 -49.45 -71.21 -19.70
C THR C 1114 -49.53 -69.72 -19.43
N ASP C 1115 -50.43 -69.30 -18.53
CA ASP C 1115 -50.57 -67.88 -18.22
C ASP C 1115 -49.40 -67.31 -17.42
N ASN C 1116 -48.51 -68.16 -16.92
CA ASN C 1116 -47.29 -67.73 -16.25
C ASN C 1116 -46.13 -67.53 -17.21
N THR C 1117 -46.35 -67.70 -18.51
CA THR C 1117 -45.30 -67.58 -19.51
C THR C 1117 -45.92 -67.07 -20.81
N PHE C 1118 -45.09 -66.96 -21.85
CA PHE C 1118 -45.58 -66.63 -23.18
C PHE C 1118 -44.69 -67.29 -24.22
N VAL C 1119 -45.29 -67.61 -25.36
CA VAL C 1119 -44.63 -68.38 -26.42
C VAL C 1119 -44.26 -67.45 -27.57
N SER C 1120 -43.03 -67.61 -28.09
CA SER C 1120 -42.55 -66.77 -29.19
C SER C 1120 -41.43 -67.53 -29.90
N GLY C 1121 -41.75 -68.11 -31.05
CA GLY C 1121 -40.74 -68.68 -31.92
C GLY C 1121 -40.50 -70.16 -31.71
N ASN C 1122 -39.29 -70.59 -32.07
CA ASN C 1122 -38.87 -71.98 -31.97
C ASN C 1122 -37.66 -72.08 -31.03
N CYS C 1123 -37.49 -73.26 -30.46
CA CYS C 1123 -36.43 -73.50 -29.48
C CYS C 1123 -35.18 -74.06 -30.15
N ASP C 1124 -34.67 -73.29 -31.12
CA ASP C 1124 -33.45 -73.69 -31.82
C ASP C 1124 -32.37 -72.61 -31.78
N VAL C 1125 -32.74 -71.34 -31.97
CA VAL C 1125 -31.74 -70.28 -31.97
C VAL C 1125 -31.34 -69.89 -30.55
N VAL C 1126 -32.15 -70.23 -29.56
CA VAL C 1126 -31.84 -69.94 -28.17
C VAL C 1126 -30.84 -70.98 -27.66
N ILE C 1127 -29.86 -70.52 -26.87
CA ILE C 1127 -28.86 -71.39 -26.27
C ILE C 1127 -29.21 -71.62 -24.82
N GLY C 1128 -28.76 -72.76 -24.29
CA GLY C 1128 -28.96 -73.07 -22.89
C GLY C 1128 -30.34 -73.56 -22.52
N ILE C 1129 -31.21 -73.83 -23.50
CA ILE C 1129 -32.57 -74.28 -23.17
C ILE C 1129 -32.55 -75.73 -22.73
N VAL C 1130 -33.57 -76.11 -21.96
CA VAL C 1130 -33.75 -77.47 -21.47
C VAL C 1130 -35.16 -77.94 -21.82
N ASN C 1131 -35.37 -79.24 -21.68
CA ASN C 1131 -36.68 -79.83 -21.95
C ASN C 1131 -37.47 -79.99 -20.66
N ASN C 1132 -38.74 -79.62 -20.71
CA ASN C 1132 -39.66 -79.75 -19.59
C ASN C 1132 -41.08 -79.71 -20.12
N THR C 1133 -41.97 -80.44 -19.44
CA THR C 1133 -43.39 -80.32 -19.73
C THR C 1133 -43.92 -79.01 -19.21
N VAL C 1134 -44.96 -78.50 -19.87
CA VAL C 1134 -45.59 -77.25 -19.47
C VAL C 1134 -47.09 -77.51 -19.38
N TYR C 1135 -47.76 -76.73 -18.54
CA TYR C 1135 -49.19 -76.90 -18.29
C TYR C 1135 -49.95 -75.67 -18.78
N ASP C 1136 -51.27 -75.79 -18.75
CA ASP C 1136 -52.19 -74.73 -19.11
C ASP C 1136 -53.26 -74.66 -18.03
N PRO C 1137 -53.77 -73.46 -17.70
CA PRO C 1137 -54.88 -73.38 -16.73
C PRO C 1137 -56.23 -73.83 -17.28
N LEU C 1138 -56.29 -74.46 -18.46
CA LEU C 1138 -57.55 -74.95 -18.99
C LEU C 1138 -57.80 -76.42 -18.73
N GLN C 1139 -56.76 -77.23 -18.50
CA GLN C 1139 -57.00 -78.61 -18.04
C GLN C 1139 -57.60 -78.73 -16.64
N PRO C 1140 -57.40 -77.79 -15.69
CA PRO C 1140 -58.32 -77.76 -14.54
C PRO C 1140 -59.77 -77.49 -14.91
N GLU C 1141 -60.05 -76.93 -16.09
CA GLU C 1141 -61.43 -76.85 -16.59
C GLU C 1141 -61.74 -77.98 -17.58
N LEU C 1142 -60.92 -78.12 -18.64
CA LEU C 1142 -61.27 -79.06 -19.70
C LEU C 1142 -61.02 -80.50 -19.27
N ASP C 1143 -59.84 -80.80 -18.71
CA ASP C 1143 -59.55 -82.19 -18.34
C ASP C 1143 -60.25 -82.62 -17.06
N SER C 1144 -60.96 -81.72 -16.40
CA SER C 1144 -61.98 -82.09 -15.43
C SER C 1144 -63.37 -82.17 -16.04
N PHE C 1145 -63.49 -81.90 -17.34
CA PHE C 1145 -64.80 -81.93 -18.01
C PHE C 1145 -64.77 -82.78 -19.28
N LYS C 1146 -63.63 -82.85 -19.97
CA LYS C 1146 -63.51 -83.73 -21.13
C LYS C 1146 -63.63 -85.19 -20.72
N GLU C 1147 -63.11 -85.56 -19.54
CA GLU C 1147 -63.42 -86.86 -18.98
C GLU C 1147 -64.89 -86.96 -18.58
N GLU C 1148 -65.48 -85.86 -18.09
CA GLU C 1148 -66.90 -85.86 -17.75
C GLU C 1148 -67.77 -85.93 -19.00
N LEU C 1149 -67.38 -85.21 -20.06
CA LEU C 1149 -68.12 -85.30 -21.32
C LEU C 1149 -67.90 -86.64 -22.01
N ASP C 1150 -66.75 -87.28 -21.79
CA ASP C 1150 -66.59 -88.65 -22.28
C ASP C 1150 -67.40 -89.65 -21.46
N LYS C 1151 -67.58 -89.38 -20.17
CA LYS C 1151 -68.50 -90.18 -19.34
C LYS C 1151 -69.94 -90.02 -19.81
N TYR C 1152 -70.32 -88.80 -20.20
CA TYR C 1152 -71.63 -88.59 -20.83
C TYR C 1152 -71.70 -89.25 -22.20
N PHE C 1153 -70.58 -89.32 -22.92
CA PHE C 1153 -70.52 -90.02 -24.19
C PHE C 1153 -70.66 -91.53 -24.01
N LYS C 1154 -70.26 -92.04 -22.86
CA LYS C 1154 -70.50 -93.45 -22.54
C LYS C 1154 -72.00 -93.73 -22.41
N ASN C 1155 -72.74 -92.80 -21.81
CA ASN C 1155 -74.19 -92.90 -21.74
C ASN C 1155 -74.87 -92.47 -23.04
N HIS C 1156 -74.15 -91.75 -23.92
CA HIS C 1156 -74.73 -91.28 -25.18
C HIS C 1156 -74.90 -92.42 -26.18
N THR C 1157 -73.93 -93.33 -26.25
CA THR C 1157 -73.96 -94.44 -27.20
C THR C 1157 -74.06 -95.79 -26.51
N SER C 1158 -74.58 -95.82 -25.28
CA SER C 1158 -74.79 -97.09 -24.58
C SER C 1158 -75.82 -98.01 -25.24
N PRO C 1159 -77.02 -97.55 -25.69
CA PRO C 1159 -77.84 -98.60 -26.28
C PRO C 1159 -77.56 -98.82 -27.76
N ILE D 1 23.67 46.28 43.57
CA ILE D 1 24.98 45.91 43.03
C ILE D 1 26.03 47.03 43.23
N THR D 2 27.15 46.66 43.84
CA THR D 2 28.29 47.55 43.99
C THR D 2 29.56 46.81 43.61
N LEU D 3 30.45 47.51 42.91
CA LEU D 3 31.78 47.01 42.56
C LEU D 3 32.81 48.00 43.06
N LYS D 4 33.75 47.51 43.87
CA LYS D 4 34.78 48.34 44.48
C LYS D 4 36.14 47.95 43.92
N GLU D 5 36.88 48.93 43.40
CA GLU D 5 38.19 48.69 42.81
C GLU D 5 39.26 49.39 43.64
N SER D 6 40.32 48.65 43.97
CA SER D 6 41.42 49.19 44.76
C SER D 6 42.75 48.82 44.13
N GLY D 7 43.66 49.79 44.11
CA GLY D 7 44.99 49.61 43.57
C GLY D 7 45.90 50.75 43.97
N PRO D 8 47.20 50.58 43.76
CA PRO D 8 48.16 51.63 44.13
C PRO D 8 48.08 52.81 43.17
N THR D 9 48.55 53.97 43.67
CA THR D 9 48.59 55.17 42.85
C THR D 9 49.85 55.20 41.98
N LEU D 10 51.01 55.13 42.62
CA LEU D 10 52.29 55.08 41.91
C LEU D 10 53.03 53.81 42.32
N VAL D 11 53.68 53.18 41.36
CA VAL D 11 54.41 51.94 41.58
C VAL D 11 55.83 52.07 41.05
N LYS D 12 56.73 51.28 41.61
CA LYS D 12 58.10 51.24 41.14
C LYS D 12 58.19 50.53 39.79
N PRO D 13 59.20 50.83 38.98
CA PRO D 13 59.37 50.09 37.70
C PRO D 13 59.66 48.61 37.87
N THR D 14 60.18 48.17 39.01
CA THR D 14 60.47 46.76 39.25
C THR D 14 59.45 46.09 40.15
N GLN D 15 58.34 46.76 40.46
CA GLN D 15 57.35 46.21 41.37
C GLN D 15 56.25 45.46 40.61
N THR D 16 55.43 44.74 41.36
CA THR D 16 54.33 43.94 40.81
C THR D 16 53.00 44.55 41.26
N LEU D 17 52.09 44.70 40.32
CA LEU D 17 50.78 45.28 40.61
C LEU D 17 49.86 44.25 41.25
N THR D 18 49.18 44.67 42.32
CA THR D 18 48.21 43.84 43.04
C THR D 18 46.89 44.60 43.07
N LEU D 19 46.07 44.40 42.03
CA LEU D 19 44.77 45.04 41.94
C LEU D 19 43.72 44.15 42.61
N THR D 20 42.77 44.77 43.28
CA THR D 20 41.68 44.04 43.92
C THR D 20 40.35 44.63 43.49
N CYS D 21 39.36 43.75 43.30
CA CYS D 21 38.01 44.23 43.06
C CYS D 21 36.99 43.34 43.78
N ALA D 22 36.02 43.98 44.41
CA ALA D 22 34.99 43.33 45.19
C ALA D 22 33.64 43.56 44.55
N PHE D 23 32.81 42.52 44.54
CA PHE D 23 31.46 42.58 43.98
C PHE D 23 30.45 42.21 45.06
N SER D 24 29.33 42.94 45.09
CA SER D 24 28.28 42.70 46.09
C SER D 24 26.95 42.46 45.40
N GLY D 25 26.55 41.19 45.31
CA GLY D 25 25.24 40.83 44.83
C GLY D 25 25.21 40.29 43.41
N PHE D 26 25.16 38.96 43.28
CA PHE D 26 25.04 38.31 41.99
C PHE D 26 24.33 36.98 42.18
N SER D 27 23.77 36.48 41.08
CA SER D 27 23.21 35.12 41.05
C SER D 27 24.34 34.17 40.73
N LEU D 28 25.00 33.66 41.77
CA LEU D 28 26.16 32.80 41.60
C LEU D 28 25.79 31.40 41.11
N ASN D 29 24.52 31.01 41.23
CA ASN D 29 24.04 29.73 40.73
C ASN D 29 23.76 29.87 39.24
N THR D 30 24.83 29.84 38.46
CA THR D 30 24.75 30.07 37.02
C THR D 30 25.93 29.40 36.34
N GLY D 31 25.93 29.45 35.01
CA GLY D 31 27.01 28.92 34.22
C GLY D 31 27.45 29.85 33.12
N GLY D 32 28.74 30.18 33.09
CA GLY D 32 29.30 31.05 32.08
C GLY D 32 29.59 32.46 32.53
N ALA D 33 29.00 32.89 33.65
CA ALA D 33 29.30 34.21 34.19
C ALA D 33 30.63 34.19 34.93
N GLY D 34 31.15 35.38 35.20
CA GLY D 34 32.43 35.47 35.88
C GLY D 34 32.86 36.91 36.08
N VAL D 35 34.13 37.06 36.45
CA VAL D 35 34.72 38.35 36.78
C VAL D 35 35.87 38.61 35.83
N GLY D 36 35.84 39.77 35.17
CA GLY D 36 36.84 40.12 34.19
C GLY D 36 37.58 41.39 34.54
N TRP D 37 38.84 41.47 34.10
CA TRP D 37 39.70 42.62 34.28
C TRP D 37 40.10 43.16 32.92
N ILE D 38 39.95 44.47 32.73
CA ILE D 38 40.30 45.14 31.48
C ILE D 38 41.06 46.41 31.85
N ARG D 39 41.91 46.88 30.94
CA ARG D 39 42.67 48.10 31.18
C ARG D 39 42.75 48.93 29.90
N GLN D 40 43.01 50.23 30.08
CA GLN D 40 43.32 51.09 28.94
C GLN D 40 44.19 52.26 29.38
N PRO D 41 45.17 52.65 28.58
CA PRO D 41 45.90 53.89 28.85
C PRO D 41 45.30 55.04 28.06
N PRO D 42 45.54 56.29 28.47
CA PRO D 42 45.12 57.43 27.64
C PRO D 42 45.91 57.48 26.34
N GLY D 43 45.23 57.91 25.28
CA GLY D 43 45.83 57.99 23.97
C GLY D 43 45.76 56.74 23.12
N LYS D 44 45.23 55.64 23.66
CA LYS D 44 45.10 54.42 22.89
C LYS D 44 43.84 53.70 23.39
N ALA D 45 43.23 52.91 22.51
CA ALA D 45 41.90 52.37 22.76
C ALA D 45 41.95 51.21 23.79
N LEU D 46 40.79 50.62 24.01
CA LEU D 46 40.65 49.58 25.02
C LEU D 46 41.28 48.27 24.56
N GLU D 47 41.74 47.47 25.53
CA GLU D 47 42.22 46.12 25.27
C GLU D 47 42.01 45.26 26.51
N TRP D 48 41.55 44.04 26.29
CA TRP D 48 41.13 43.14 27.36
C TRP D 48 42.32 42.41 27.97
N LEU D 49 42.25 42.17 29.28
CA LEU D 49 43.33 41.50 30.00
C LEU D 49 42.97 40.08 30.42
N ALA D 50 41.91 39.89 31.21
CA ALA D 50 41.69 38.57 31.80
C ALA D 50 40.22 38.38 32.17
N LEU D 51 39.85 37.12 32.37
CA LEU D 51 38.51 36.78 32.86
C LEU D 51 38.56 35.42 33.57
N ILE D 52 37.80 35.32 34.66
CA ILE D 52 37.73 34.13 35.50
C ILE D 52 36.28 33.70 35.58
N TYR D 53 36.03 32.39 35.41
CA TYR D 53 34.72 31.83 35.62
C TYR D 53 34.54 31.48 37.09
N TRP D 54 33.41 30.87 37.43
CA TRP D 54 33.14 30.42 38.78
C TRP D 54 33.69 29.02 39.04
N ASP D 55 34.28 28.37 38.04
CA ASP D 55 34.86 27.05 38.20
C ASP D 55 36.38 27.11 38.40
N GLY D 56 36.93 28.29 38.64
CA GLY D 56 38.36 28.44 38.85
C GLY D 56 39.19 28.56 37.59
N ASP D 57 38.57 28.49 36.41
CA ASP D 57 39.31 28.59 35.16
C ASP D 57 39.74 30.03 34.90
N LYS D 58 40.99 30.20 34.49
CA LYS D 58 41.58 31.50 34.26
C LYS D 58 41.89 31.67 32.78
N ARG D 59 41.42 32.75 32.17
CA ARG D 59 41.68 33.03 30.76
C ARG D 59 42.34 34.40 30.65
N TYR D 60 43.61 34.42 30.28
CA TYR D 60 44.33 35.65 30.02
C TYR D 60 44.45 35.89 28.52
N ASN D 61 44.94 37.07 28.17
CA ASN D 61 45.30 37.36 26.78
C ASN D 61 46.53 36.55 26.39
N PRO D 62 46.63 36.14 25.12
CA PRO D 62 47.76 35.29 24.70
C PRO D 62 49.09 36.03 24.74
N SER D 63 50.15 35.23 24.88
CA SER D 63 51.55 35.66 25.04
C SER D 63 51.78 36.52 26.28
N LEU D 64 50.88 36.44 27.26
CA LEU D 64 51.02 37.10 28.55
C LEU D 64 50.71 36.14 29.69
N LYS D 65 51.04 34.86 29.51
CA LYS D 65 50.64 33.83 30.47
C LYS D 65 51.43 33.91 31.77
N SER D 66 52.74 34.14 31.68
CA SER D 66 53.61 33.98 32.84
C SER D 66 53.47 35.13 33.82
N ARG D 67 53.26 36.35 33.33
CA ARG D 67 53.24 37.54 34.17
C ARG D 67 51.83 37.95 34.58
N LEU D 68 50.92 36.99 34.70
CA LEU D 68 49.55 37.27 35.13
C LEU D 68 49.07 36.14 36.02
N ALA D 69 48.72 36.46 37.26
CA ALA D 69 48.23 35.49 38.23
C ALA D 69 46.97 36.04 38.89
N ILE D 70 46.11 35.12 39.33
CA ILE D 70 44.79 35.47 39.85
C ILE D 70 44.58 34.75 41.18
N ILE D 71 44.23 35.51 42.21
CA ILE D 71 43.80 34.97 43.49
C ILE D 71 42.28 35.10 43.56
N MET D 72 41.61 33.95 43.61
CA MET D 72 40.16 33.89 43.71
C MET D 72 39.82 33.35 45.10
N ASP D 73 38.98 34.09 45.83
CA ASP D 73 38.86 33.91 47.27
C ASP D 73 38.07 32.67 47.68
N THR D 74 37.15 32.22 46.82
CA THR D 74 36.17 31.15 47.11
C THR D 74 35.36 31.47 48.36
N SER D 75 35.05 32.76 48.54
CA SER D 75 34.22 33.22 49.64
C SER D 75 33.28 34.35 49.20
N LYS D 76 33.23 34.64 47.89
CA LYS D 76 32.40 35.69 47.30
C LYS D 76 32.66 37.07 47.91
N ASN D 77 33.94 37.38 48.12
CA ASN D 77 34.34 38.67 48.68
C ASN D 77 35.10 39.53 47.69
N ARG D 78 36.22 39.04 47.16
CA ARG D 78 37.05 39.85 46.28
C ARG D 78 37.87 38.96 45.37
N VAL D 79 38.33 39.54 44.26
CA VAL D 79 39.18 38.89 43.28
C VAL D 79 40.43 39.75 43.12
N VAL D 80 41.60 39.12 43.21
CA VAL D 80 42.89 39.81 43.15
C VAL D 80 43.59 39.42 41.86
N LEU D 81 44.11 40.43 41.15
CA LEU D 81 44.98 40.22 40.00
C LEU D 81 46.39 40.69 40.38
N THR D 82 47.35 39.78 40.31
CA THR D 82 48.75 40.10 40.56
C THR D 82 49.52 39.93 39.26
N MET D 83 50.11 41.02 38.78
CA MET D 83 50.87 41.02 37.53
C MET D 83 52.28 41.47 37.83
N THR D 84 53.25 40.68 37.40
CA THR D 84 54.66 40.91 37.69
C THR D 84 55.38 41.45 36.46
N ASN D 85 56.52 42.10 36.72
CA ASN D 85 57.43 42.67 35.71
C ASN D 85 56.70 43.69 34.82
N MET D 86 56.26 44.77 35.44
CA MET D 86 55.46 45.76 34.74
C MET D 86 56.32 46.60 33.79
N ASP D 87 55.65 47.17 32.80
CA ASP D 87 56.22 47.97 31.73
C ASP D 87 55.61 49.37 31.82
N PRO D 88 56.41 50.45 31.68
CA PRO D 88 55.85 51.81 31.69
C PRO D 88 54.83 52.16 30.61
N VAL D 89 54.59 51.28 29.63
CA VAL D 89 53.46 51.46 28.73
C VAL D 89 52.17 50.96 29.37
N ASP D 90 52.27 50.13 30.42
CA ASP D 90 51.09 49.61 31.11
C ASP D 90 50.55 50.56 32.18
N THR D 91 51.14 51.74 32.34
CA THR D 91 50.61 52.77 33.24
C THR D 91 49.27 53.23 32.69
N ALA D 92 48.19 52.86 33.36
CA ALA D 92 46.88 52.84 32.72
C ALA D 92 45.80 52.79 33.79
N THR D 93 44.55 52.89 33.37
CA THR D 93 43.43 52.68 34.28
C THR D 93 42.85 51.28 34.07
N TYR D 94 42.30 50.72 35.14
CA TYR D 94 41.88 49.34 35.20
C TYR D 94 40.44 49.27 35.67
N TYR D 95 39.63 48.50 34.95
CA TYR D 95 38.22 48.31 35.25
C TYR D 95 37.97 46.83 35.54
N CYS D 96 37.31 46.56 36.67
CA CYS D 96 36.82 45.22 37.00
C CYS D 96 35.34 45.16 36.68
N ALA D 97 34.91 44.09 36.00
CA ALA D 97 33.56 44.01 35.47
C ALA D 97 33.02 42.59 35.60
N HIS D 98 31.70 42.48 35.45
CA HIS D 98 31.03 41.19 35.35
C HIS D 98 31.01 40.75 33.89
N HIS D 99 31.15 39.44 33.66
CA HIS D 99 31.33 38.90 32.32
C HIS D 99 30.41 37.71 32.10
N LYS D 100 29.34 37.92 31.34
CA LYS D 100 28.58 36.84 30.73
C LYS D 100 29.12 36.64 29.32
N ILE D 101 28.42 35.87 28.49
CA ILE D 101 28.84 35.67 27.10
C ILE D 101 28.01 36.47 26.11
N GLU D 102 26.76 36.81 26.43
CA GLU D 102 26.00 37.74 25.60
C GLU D 102 26.35 39.18 25.95
N TYR D 103 26.11 39.55 27.19
CA TYR D 103 26.69 40.76 27.76
C TYR D 103 28.18 40.50 27.93
N ILE D 104 28.99 41.11 27.05
CA ILE D 104 30.43 40.87 27.10
C ILE D 104 31.03 41.45 28.36
N PHE D 105 30.56 42.63 28.77
CA PHE D 105 30.85 43.18 30.10
C PHE D 105 29.57 43.87 30.56
N ASP D 106 28.82 43.20 31.44
CA ASP D 106 27.47 43.63 31.78
C ASP D 106 27.48 44.89 32.64
N TYR D 107 28.04 44.80 33.83
CA TYR D 107 28.17 45.94 34.73
C TYR D 107 29.65 46.27 34.89
N TRP D 108 29.96 47.56 34.92
CA TRP D 108 31.34 48.04 34.93
C TRP D 108 31.63 48.74 36.26
N GLY D 109 32.81 48.46 36.80
CA GLY D 109 33.25 49.13 38.01
C GLY D 109 33.83 50.51 37.72
N GLN D 110 34.22 51.19 38.80
CA GLN D 110 34.80 52.51 38.66
C GLN D 110 36.25 52.45 38.18
N GLY D 111 37.00 51.46 38.65
CA GLY D 111 38.37 51.26 38.23
C GLY D 111 39.34 52.20 38.92
N THR D 112 40.62 51.86 38.81
CA THR D 112 41.69 52.65 39.41
C THR D 112 42.81 52.86 38.40
N LEU D 113 43.46 54.02 38.46
CA LEU D 113 44.55 54.34 37.56
C LEU D 113 45.88 54.18 38.29
N VAL D 114 46.90 53.76 37.54
CA VAL D 114 48.24 53.55 38.10
C VAL D 114 49.28 54.07 37.12
N ALA D 115 50.38 54.57 37.67
CA ALA D 115 51.49 55.11 36.91
C ALA D 115 52.80 54.66 37.53
N VAL D 116 53.86 54.70 36.74
CA VAL D 116 55.18 54.26 37.18
C VAL D 116 55.89 55.42 37.88
N SER D 117 56.74 55.10 38.86
CA SER D 117 57.48 56.10 39.59
C SER D 117 58.80 56.48 38.93
N SER D 118 59.17 55.80 37.84
CA SER D 118 60.42 56.10 37.15
C SER D 118 60.25 57.32 36.24
N ILE E 1 78.15 -7.87 -2.43
CA ILE E 1 78.77 -6.58 -2.70
C ILE E 1 80.30 -6.67 -2.55
N THR E 2 81.01 -6.25 -3.61
CA THR E 2 82.48 -6.19 -3.60
C THR E 2 82.92 -4.84 -4.14
N LEU E 3 83.85 -4.20 -3.46
CA LEU E 3 84.46 -2.95 -3.91
C LEU E 3 85.95 -3.15 -4.11
N LYS E 4 86.44 -2.90 -5.32
CA LYS E 4 87.84 -3.08 -5.68
C LYS E 4 88.43 -1.72 -6.00
N GLU E 5 89.56 -1.39 -5.35
CA GLU E 5 90.23 -0.12 -5.55
C GLU E 5 91.53 -0.38 -6.30
N SER E 6 91.72 0.31 -7.42
CA SER E 6 92.89 0.10 -8.27
C SER E 6 93.56 1.44 -8.56
N GLY E 7 94.91 1.42 -8.52
CA GLY E 7 95.70 2.58 -8.80
C GLY E 7 97.19 2.32 -8.66
N PRO E 8 98.01 3.30 -9.07
CA PRO E 8 99.46 3.12 -9.02
C PRO E 8 99.99 3.17 -7.58
N THR E 9 101.12 2.50 -7.37
CA THR E 9 101.77 2.44 -6.06
C THR E 9 103.03 3.29 -6.02
N LEU E 10 103.95 3.08 -6.95
CA LEU E 10 105.18 3.86 -7.05
C LEU E 10 104.87 5.15 -7.79
N VAL E 11 104.51 6.19 -7.04
CA VAL E 11 104.00 7.45 -7.60
C VAL E 11 104.97 8.57 -7.22
N LYS E 12 105.35 9.37 -8.20
CA LYS E 12 106.17 10.54 -7.96
C LYS E 12 105.36 11.60 -7.22
N PRO E 13 106.02 12.49 -6.46
CA PRO E 13 105.28 13.58 -5.79
C PRO E 13 104.59 14.55 -6.74
N THR E 14 105.12 14.76 -7.94
CA THR E 14 104.49 15.63 -8.92
C THR E 14 103.44 14.91 -9.76
N GLN E 15 103.27 13.60 -9.57
CA GLN E 15 102.36 12.80 -10.39
C GLN E 15 100.97 12.79 -9.74
N THR E 16 99.95 13.04 -10.56
CA THR E 16 98.57 13.00 -10.07
C THR E 16 98.13 11.57 -9.81
N LEU E 17 97.44 11.36 -8.70
CA LEU E 17 96.91 10.03 -8.35
C LEU E 17 95.58 9.82 -9.04
N THR E 18 95.46 8.74 -9.79
CA THR E 18 94.21 8.32 -10.43
C THR E 18 93.80 6.99 -9.82
N LEU E 19 92.76 7.00 -8.98
CA LEU E 19 92.32 5.83 -8.25
C LEU E 19 90.87 5.52 -8.62
N THR E 20 90.60 4.26 -8.94
CA THR E 20 89.26 3.83 -9.31
C THR E 20 88.70 2.92 -8.22
N CYS E 21 87.52 3.26 -7.70
CA CYS E 21 86.84 2.45 -6.71
C CYS E 21 85.57 1.87 -7.35
N ALA E 22 85.49 0.54 -7.40
CA ALA E 22 84.45 -0.17 -8.12
C ALA E 22 83.54 -0.92 -7.16
N PHE E 23 82.22 -0.86 -7.43
CA PHE E 23 81.24 -1.56 -6.62
C PHE E 23 80.43 -2.51 -7.50
N SER E 24 79.86 -3.54 -6.86
CA SER E 24 79.12 -4.60 -7.56
C SER E 24 77.86 -4.93 -6.77
N GLY E 25 76.75 -4.29 -7.15
CA GLY E 25 75.45 -4.61 -6.59
C GLY E 25 74.94 -3.59 -5.59
N PHE E 26 74.05 -2.71 -6.04
CA PHE E 26 73.49 -1.67 -5.18
C PHE E 26 72.20 -1.17 -5.83
N SER E 27 71.24 -0.78 -4.99
CA SER E 27 69.98 -0.20 -5.46
C SER E 27 70.20 1.29 -5.65
N LEU E 28 70.52 1.68 -6.89
CA LEU E 28 70.83 3.08 -7.20
C LEU E 28 69.62 3.99 -7.23
N ASN E 29 68.40 3.43 -7.17
CA ASN E 29 67.18 4.23 -7.18
C ASN E 29 66.79 4.71 -5.78
N THR E 30 67.70 5.47 -5.18
CA THR E 30 67.53 6.00 -3.83
C THR E 30 68.28 7.31 -3.70
N GLY E 31 67.99 8.02 -2.61
CA GLY E 31 68.62 9.31 -2.35
C GLY E 31 69.31 9.32 -1.01
N GLY E 32 70.33 10.16 -0.90
CA GLY E 32 71.09 10.29 0.32
C GLY E 32 72.20 9.27 0.52
N ALA E 33 72.51 8.48 -0.49
CA ALA E 33 73.56 7.47 -0.41
C ALA E 33 74.69 7.82 -1.36
N GLY E 34 75.91 7.46 -0.99
CA GLY E 34 77.05 7.79 -1.82
C GLY E 34 78.29 7.03 -1.41
N VAL E 35 79.42 7.50 -1.92
CA VAL E 35 80.72 6.87 -1.71
C VAL E 35 81.65 7.87 -1.02
N GLY E 36 82.42 7.38 -0.07
CA GLY E 36 83.32 8.23 0.71
C GLY E 36 84.76 7.80 0.54
N TRP E 37 85.65 8.79 0.54
CA TRP E 37 87.06 8.62 0.25
C TRP E 37 87.86 8.95 1.50
N ILE E 38 88.60 7.97 2.01
CA ILE E 38 89.03 7.91 3.41
C ILE E 38 90.54 7.66 3.46
N ARG E 39 91.24 8.45 4.28
CA ARG E 39 92.69 8.43 4.30
C ARG E 39 93.10 7.65 5.56
N GLN E 40 94.26 6.98 5.53
CA GLN E 40 94.86 6.46 6.77
C GLN E 40 96.34 6.79 6.92
N PRO E 41 96.69 8.02 7.32
CA PRO E 41 98.07 8.29 7.77
C PRO E 41 98.42 7.52 9.04
N PRO E 42 99.65 7.03 9.16
CA PRO E 42 99.99 6.17 10.31
C PRO E 42 100.31 6.97 11.56
N GLY E 43 99.65 6.62 12.66
CA GLY E 43 99.95 7.18 13.96
C GLY E 43 99.40 8.57 14.21
N LYS E 44 98.67 9.15 13.28
CA LYS E 44 98.11 10.48 13.41
C LYS E 44 96.60 10.42 13.22
N ALA E 45 95.95 11.57 13.40
CA ALA E 45 94.52 11.68 13.14
C ALA E 45 94.27 11.63 11.64
N LEU E 46 93.33 10.78 11.23
CA LEU E 46 93.03 10.65 9.81
C LEU E 46 92.14 11.82 9.37
N GLU E 47 92.10 12.06 8.07
CA GLU E 47 91.31 13.15 7.51
C GLU E 47 90.54 12.64 6.30
N TRP E 48 89.53 13.39 5.90
CA TRP E 48 88.60 12.97 4.86
C TRP E 48 88.70 13.91 3.66
N LEU E 49 88.54 13.36 2.45
CA LEU E 49 88.64 14.13 1.22
C LEU E 49 87.28 14.40 0.58
N ALA E 50 86.50 13.38 0.25
CA ALA E 50 85.31 13.61 -0.55
C ALA E 50 84.28 12.52 -0.33
N LEU E 51 83.03 12.93 -0.11
CA LEU E 51 81.87 12.05 -0.16
C LEU E 51 80.98 12.53 -1.29
N ILE E 52 80.62 11.62 -2.19
CA ILE E 52 79.92 11.95 -3.42
C ILE E 52 78.65 11.11 -3.49
N TYR E 53 77.51 11.77 -3.64
CA TYR E 53 76.23 11.08 -3.76
C TYR E 53 75.95 10.79 -5.23
N TRP E 54 74.76 10.27 -5.52
CA TRP E 54 74.35 10.00 -6.90
C TRP E 54 73.70 11.21 -7.56
N ASP E 55 73.52 12.32 -6.83
CA ASP E 55 72.97 13.53 -7.41
C ASP E 55 73.99 14.32 -8.23
N GLY E 56 75.28 14.02 -8.07
CA GLY E 56 76.32 14.72 -8.79
C GLY E 56 76.80 16.01 -8.15
N ASP E 57 76.20 16.41 -7.02
CA ASP E 57 76.63 17.62 -6.34
C ASP E 57 77.94 17.40 -5.61
N LYS E 58 78.69 18.48 -5.41
CA LYS E 58 80.02 18.43 -4.84
C LYS E 58 79.99 18.89 -3.40
N ARG E 59 80.62 18.10 -2.51
CA ARG E 59 80.78 18.46 -1.11
C ARG E 59 82.25 18.31 -0.78
N TYR E 60 83.02 19.37 -1.02
CA TYR E 60 84.47 19.35 -0.84
C TYR E 60 84.83 19.84 0.55
N ASN E 61 85.95 19.32 1.07
CA ASN E 61 86.48 19.79 2.34
C ASN E 61 87.01 21.22 2.19
N PRO E 62 86.89 22.03 3.25
CA PRO E 62 87.36 23.43 3.15
C PRO E 62 88.87 23.53 3.10
N SER E 63 89.35 24.48 2.29
CA SER E 63 90.75 24.83 2.09
C SER E 63 91.59 23.67 1.54
N LEU E 64 90.95 22.66 0.93
CA LEU E 64 91.66 21.56 0.29
C LEU E 64 91.12 21.28 -1.11
N LYS E 65 90.54 22.30 -1.76
CA LYS E 65 89.88 22.09 -3.05
C LYS E 65 90.86 21.93 -4.20
N SER E 66 92.12 22.34 -4.02
CA SER E 66 93.12 22.24 -5.08
C SER E 66 93.85 20.90 -5.10
N ARG E 67 93.53 19.99 -4.18
CA ARG E 67 94.17 18.70 -4.10
C ARG E 67 93.23 17.55 -4.48
N LEU E 68 92.04 17.84 -5.00
CA LEU E 68 91.01 16.82 -5.16
C LEU E 68 90.16 17.11 -6.39
N ALA E 69 89.88 16.07 -7.18
CA ALA E 69 88.96 16.17 -8.30
C ALA E 69 88.26 14.83 -8.49
N ILE E 70 86.99 14.88 -8.90
CA ILE E 70 86.10 13.73 -8.87
C ILE E 70 85.55 13.52 -10.29
N ILE E 71 85.57 12.27 -10.77
CA ILE E 71 85.14 11.93 -12.12
C ILE E 71 84.17 10.76 -12.03
N MET E 72 83.00 10.90 -12.67
CA MET E 72 82.00 9.85 -12.74
C MET E 72 82.40 8.78 -13.75
N ASP E 73 81.59 7.75 -13.84
CA ASP E 73 81.67 6.78 -14.92
C ASP E 73 80.33 6.57 -15.63
N THR E 74 79.22 6.63 -14.87
CA THR E 74 77.84 6.55 -15.38
C THR E 74 77.57 5.25 -16.15
N SER E 75 78.30 4.18 -15.82
CA SER E 75 78.08 2.88 -16.45
C SER E 75 78.24 1.76 -15.43
N LYS E 76 78.08 2.07 -14.14
CA LYS E 76 78.21 1.15 -13.00
C LYS E 76 79.60 0.51 -12.92
N ASN E 77 80.62 1.14 -13.49
CA ASN E 77 81.96 0.56 -13.45
C ASN E 77 82.67 0.89 -12.15
N ARG E 78 82.93 2.18 -11.92
CA ARG E 78 83.74 2.62 -10.78
C ARG E 78 83.53 4.12 -10.59
N VAL E 79 84.32 4.71 -9.70
CA VAL E 79 84.42 6.15 -9.53
C VAL E 79 85.89 6.51 -9.63
N VAL E 80 86.22 7.50 -10.45
CA VAL E 80 87.60 7.92 -10.67
C VAL E 80 87.88 9.12 -9.77
N LEU E 81 88.96 9.05 -9.00
CA LEU E 81 89.31 10.10 -8.06
C LEU E 81 90.76 10.50 -8.32
N THR E 82 91.00 11.79 -8.53
CA THR E 82 92.30 12.29 -8.93
C THR E 82 92.81 13.29 -7.90
N MET E 83 94.03 13.06 -7.43
CA MET E 83 94.70 13.97 -6.51
C MET E 83 95.83 14.68 -7.25
N THR E 84 95.80 16.01 -7.22
CA THR E 84 96.74 16.85 -7.96
C THR E 84 97.71 17.53 -7.02
N ASN E 85 99.01 17.46 -7.36
CA ASN E 85 100.12 18.06 -6.62
C ASN E 85 100.14 17.60 -5.15
N MET E 86 100.24 16.29 -4.99
CA MET E 86 100.15 15.69 -3.67
C MET E 86 101.42 15.97 -2.86
N ASP E 87 101.23 16.11 -1.56
CA ASP E 87 102.29 16.38 -0.63
C ASP E 87 102.83 15.08 -0.04
N PRO E 88 104.10 15.02 0.35
CA PRO E 88 104.64 13.79 0.97
C PRO E 88 104.27 13.60 2.44
N VAL E 89 103.29 14.35 2.97
CA VAL E 89 102.83 14.13 4.33
C VAL E 89 101.84 12.97 4.39
N ASP E 90 101.31 12.54 3.25
CA ASP E 90 100.26 11.53 3.19
C ASP E 90 100.74 10.23 2.57
N THR E 91 101.93 9.77 2.97
CA THR E 91 102.40 8.42 2.62
C THR E 91 101.60 7.44 3.47
N ALA E 92 100.54 6.90 2.88
CA ALA E 92 99.46 6.31 3.67
C ALA E 92 98.72 5.29 2.81
N THR E 93 97.59 4.80 3.30
CA THR E 93 96.74 3.88 2.55
C THR E 93 95.38 4.52 2.38
N TYR E 94 94.74 4.11 1.30
CA TYR E 94 93.56 4.80 0.80
C TYR E 94 92.43 3.78 0.83
N TYR E 95 91.24 4.25 1.19
CA TYR E 95 90.06 3.38 1.18
C TYR E 95 88.83 4.13 0.67
N CYS E 96 87.84 3.35 0.22
CA CYS E 96 86.56 3.88 -0.24
C CYS E 96 85.44 3.07 0.41
N ALA E 97 84.38 3.76 0.79
CA ALA E 97 83.29 3.16 1.55
C ALA E 97 81.94 3.62 1.03
N HIS E 98 80.90 2.83 1.30
CA HIS E 98 79.53 3.26 1.08
C HIS E 98 79.07 4.09 2.28
N HIS E 99 78.92 5.39 2.09
CA HIS E 99 78.51 6.30 3.13
C HIS E 99 77.16 6.91 2.78
N LYS E 100 76.20 6.77 3.69
CA LYS E 100 74.89 7.39 3.51
C LYS E 100 74.53 8.25 4.71
N ILE E 101 73.28 8.72 4.77
CA ILE E 101 72.89 9.69 5.79
C ILE E 101 72.47 9.07 7.12
N GLU E 102 72.18 7.77 7.16
CA GLU E 102 71.83 7.11 8.41
C GLU E 102 72.86 6.09 8.83
N TYR E 103 73.18 5.12 7.96
CA TYR E 103 74.37 4.30 8.16
C TYR E 103 75.59 5.16 7.89
N ILE E 104 76.58 5.08 8.77
CA ILE E 104 77.77 5.92 8.60
C ILE E 104 78.61 5.30 7.49
N PHE E 105 79.15 4.11 7.73
CA PHE E 105 79.93 3.35 6.76
C PHE E 105 79.26 2.00 6.58
N ASP E 106 79.22 1.48 5.35
CA ASP E 106 78.51 0.24 5.09
C ASP E 106 79.45 -0.91 4.72
N TYR E 107 80.26 -0.75 3.68
CA TYR E 107 81.16 -1.83 3.28
C TYR E 107 82.36 -1.21 2.60
N TRP E 108 83.53 -1.81 2.81
CA TRP E 108 84.81 -1.24 2.40
C TRP E 108 85.44 -2.07 1.29
N GLY E 109 86.56 -1.56 0.77
CA GLY E 109 87.36 -2.25 -0.21
C GLY E 109 88.67 -2.75 0.35
N GLN E 110 89.57 -3.13 -0.55
CA GLN E 110 90.87 -3.63 -0.12
C GLN E 110 91.82 -2.50 0.26
N GLY E 111 91.72 -1.34 -0.39
CA GLY E 111 92.57 -0.20 -0.04
C GLY E 111 93.96 -0.28 -0.63
N THR E 112 94.56 0.86 -0.95
CA THR E 112 95.86 0.88 -1.60
C THR E 112 96.90 1.60 -0.76
N LEU E 113 98.07 0.99 -0.60
CA LEU E 113 99.16 1.57 0.19
C LEU E 113 100.11 2.29 -0.75
N VAL E 114 100.23 3.61 -0.60
CA VAL E 114 101.05 4.44 -1.49
C VAL E 114 101.98 5.30 -0.64
N ALA E 115 103.20 5.50 -1.13
CA ALA E 115 104.17 6.37 -0.48
C ALA E 115 104.79 7.30 -1.53
N VAL E 116 105.49 8.32 -1.04
CA VAL E 116 106.18 9.26 -1.91
C VAL E 116 107.45 8.58 -2.43
N SER E 117 107.80 8.87 -3.68
CA SER E 117 108.96 8.26 -4.32
C SER E 117 110.23 9.07 -4.12
N SER E 118 110.17 10.18 -3.38
CA SER E 118 111.35 10.99 -3.11
C SER E 118 112.06 10.52 -1.85
N ALA F 1 88.46 18.12 17.99
CA ALA F 1 88.55 16.80 17.36
C ALA F 1 88.40 15.70 18.41
N LEU F 2 88.29 14.46 17.95
CA LEU F 2 88.16 13.33 18.85
C LEU F 2 89.48 13.03 19.54
N THR F 3 89.38 12.57 20.78
CA THR F 3 90.56 12.17 21.55
C THR F 3 90.29 10.83 22.24
N GLN F 4 91.37 10.07 22.42
CA GLN F 4 91.33 8.75 23.05
C GLN F 4 92.73 8.39 23.50
N PRO F 5 92.87 7.56 24.53
CA PRO F 5 94.22 7.07 24.90
C PRO F 5 94.79 6.15 23.83
N ALA F 6 96.11 6.18 23.72
CA ALA F 6 96.79 5.36 22.72
C ALA F 6 97.06 3.95 23.25
N SER F 7 97.70 3.85 24.41
CA SER F 7 98.00 2.55 25.00
C SER F 7 96.79 2.05 25.75
N VAL F 8 96.08 1.09 25.16
CA VAL F 8 94.85 0.54 25.74
C VAL F 8 95.12 -0.91 26.14
N SER F 9 94.84 -1.23 27.41
CA SER F 9 95.03 -2.57 27.92
C SER F 9 94.08 -2.79 29.09
N GLY F 10 93.92 -4.05 29.47
CA GLY F 10 93.03 -4.38 30.57
C GLY F 10 93.04 -5.86 30.86
N SER F 11 91.91 -6.35 31.32
CA SER F 11 91.78 -7.77 31.65
C SER F 11 91.71 -8.59 30.36
N PRO F 12 92.49 -9.67 30.24
CA PRO F 12 92.43 -10.49 29.03
C PRO F 12 91.15 -11.31 28.98
N GLY F 13 90.75 -11.65 27.75
CA GLY F 13 89.58 -12.47 27.52
C GLY F 13 88.29 -11.67 27.46
N GLN F 14 87.88 -11.10 28.60
CA GLN F 14 86.64 -10.35 28.68
C GLN F 14 86.86 -9.14 29.58
N SER F 15 85.77 -8.37 29.78
CA SER F 15 85.67 -7.26 30.73
C SER F 15 86.70 -6.16 30.42
N ILE F 16 86.60 -5.60 29.22
CA ILE F 16 87.38 -4.43 28.84
C ILE F 16 86.43 -3.39 28.27
N THR F 17 86.59 -2.15 28.73
CA THR F 17 85.77 -1.02 28.31
C THR F 17 86.66 0.01 27.64
N VAL F 18 86.34 0.36 26.40
CA VAL F 18 87.12 1.30 25.62
C VAL F 18 86.23 2.50 25.27
N SER F 19 86.82 3.69 25.28
CA SER F 19 86.03 4.91 25.21
C SER F 19 86.64 5.93 24.27
N CYS F 20 85.77 6.79 23.74
CA CYS F 20 86.14 7.95 22.94
C CYS F 20 85.44 9.17 23.52
N THR F 21 86.12 10.32 23.48
CA THR F 21 85.56 11.56 23.98
C THR F 21 86.13 12.72 23.18
N GLY F 22 85.92 13.94 23.67
CA GLY F 22 86.39 15.13 23.00
C GLY F 22 85.82 16.41 23.57
N THR F 23 85.61 17.41 22.71
CA THR F 23 85.09 18.71 23.12
C THR F 23 83.75 18.96 22.42
N SER F 24 82.75 19.40 23.19
CA SER F 24 81.42 19.60 22.63
C SER F 24 81.33 20.83 21.73
N SER F 25 82.32 21.72 21.78
CA SER F 25 82.31 22.90 20.92
C SER F 25 83.12 22.66 19.64
N ASP F 26 84.30 22.04 19.77
CA ASP F 26 85.11 21.71 18.60
C ASP F 26 84.46 20.62 17.78
N LEU F 27 84.05 19.52 18.43
CA LEU F 27 83.26 18.48 17.79
C LEU F 27 81.79 18.84 17.98
N GLY F 28 81.07 19.03 16.86
CA GLY F 28 79.72 19.54 16.93
C GLY F 28 78.72 18.54 17.48
N ASN F 29 79.08 17.25 17.43
CA ASN F 29 78.33 16.12 17.98
C ASN F 29 76.95 16.00 17.36
N PHE F 30 76.01 15.39 18.10
CA PHE F 30 74.63 15.08 17.71
C PHE F 30 74.53 14.16 16.50
N GLN F 31 75.62 13.53 16.08
CA GLN F 31 75.63 12.50 15.06
C GLN F 31 76.11 11.22 15.71
N TYR F 32 75.41 10.12 15.47
CA TYR F 32 75.75 8.86 16.13
C TYR F 32 77.05 8.31 15.55
N VAL F 33 78.02 8.08 16.44
CA VAL F 33 79.39 7.74 16.05
C VAL F 33 79.44 6.32 15.55
N SER F 34 80.46 5.99 14.76
CA SER F 34 80.70 4.62 14.34
C SER F 34 82.15 4.28 14.59
N TRP F 35 82.46 3.00 14.83
CA TRP F 35 83.80 2.74 15.33
C TRP F 35 84.32 1.43 14.74
N TYR F 36 85.58 1.47 14.34
CA TYR F 36 86.20 0.64 13.32
C TYR F 36 87.55 0.16 13.83
N GLN F 37 88.01 -0.99 13.33
CA GLN F 37 89.35 -1.43 13.67
C GLN F 37 90.10 -1.81 12.41
N HIS F 38 91.41 -1.55 12.43
CA HIS F 38 92.31 -1.80 11.32
C HIS F 38 93.36 -2.83 11.73
N HIS F 39 93.65 -3.75 10.81
CA HIS F 39 94.61 -4.82 11.01
C HIS F 39 95.86 -4.56 10.17
N PRO F 40 97.05 -4.87 10.70
CA PRO F 40 98.29 -4.64 9.95
C PRO F 40 98.46 -5.67 8.83
N GLY F 41 98.29 -5.22 7.60
CA GLY F 41 98.47 -6.07 6.43
C GLY F 41 97.30 -6.96 6.07
N LYS F 42 96.19 -6.86 6.78
CA LYS F 42 95.02 -7.69 6.52
C LYS F 42 93.86 -6.82 6.04
N ALA F 43 92.69 -7.46 5.83
CA ALA F 43 91.51 -6.75 5.37
C ALA F 43 90.73 -6.24 6.57
N PRO F 44 90.52 -4.94 6.71
CA PRO F 44 89.80 -4.40 7.86
C PRO F 44 88.29 -4.29 7.62
N LYS F 45 87.57 -4.12 8.72
CA LYS F 45 86.11 -4.13 8.72
C LYS F 45 85.66 -3.51 10.03
N LEU F 46 84.55 -2.77 9.99
CA LEU F 46 84.04 -2.04 11.15
C LEU F 46 83.47 -2.98 12.19
N LEU F 47 83.79 -2.72 13.47
CA LEU F 47 83.23 -3.56 14.52
C LEU F 47 81.90 -3.05 15.06
N ILE F 48 81.66 -1.75 15.13
CA ILE F 48 80.40 -1.23 15.66
C ILE F 48 79.85 -0.19 14.69
N TYR F 49 78.71 -0.51 14.08
CA TYR F 49 77.95 0.43 13.27
C TYR F 49 76.93 1.15 14.15
N GLU F 50 76.81 2.47 13.95
CA GLU F 50 76.17 3.47 14.82
C GLU F 50 76.53 3.23 16.29
N VAL F 51 75.64 3.49 17.23
CA VAL F 51 76.01 3.34 18.62
C VAL F 51 75.80 1.90 19.09
N SER F 52 74.65 1.29 18.80
CA SER F 52 74.25 0.13 19.59
C SER F 52 73.59 -1.05 18.87
N LYS F 53 73.49 -1.08 17.54
CA LYS F 53 72.89 -2.28 16.97
C LYS F 53 73.98 -3.25 16.51
N ARG F 54 73.61 -4.51 16.41
CA ARG F 54 74.52 -5.56 15.96
C ARG F 54 74.04 -6.14 14.64
N PRO F 55 74.78 -5.99 13.55
CA PRO F 55 74.36 -6.59 12.27
C PRO F 55 74.60 -8.10 12.28
N SER F 56 74.01 -8.76 11.29
CA SER F 56 74.15 -10.20 11.14
C SER F 56 75.39 -10.52 10.31
N GLY F 57 75.85 -11.77 10.46
CA GLY F 57 77.02 -12.24 9.73
C GLY F 57 78.36 -11.88 10.33
N VAL F 58 78.37 -11.23 11.50
CA VAL F 58 79.62 -10.84 12.16
C VAL F 58 79.61 -11.36 13.59
N SER F 59 80.63 -11.00 14.36
CA SER F 59 80.70 -11.40 15.76
C SER F 59 79.70 -10.61 16.60
N ASN F 60 79.02 -11.32 17.50
CA ASN F 60 78.00 -10.74 18.37
C ASN F 60 78.43 -10.73 19.84
N ARG F 61 79.71 -10.43 20.09
CA ARG F 61 80.25 -10.36 21.44
C ARG F 61 80.59 -8.94 21.87
N PHE F 62 80.04 -7.94 21.17
CA PHE F 62 80.38 -6.55 21.39
C PHE F 62 79.16 -5.81 21.92
N SER F 63 79.40 -4.76 22.70
CA SER F 63 78.29 -3.89 23.10
C SER F 63 78.80 -2.46 23.18
N GLY F 64 77.86 -1.51 23.10
CA GLY F 64 78.22 -0.11 23.08
C GLY F 64 77.14 0.80 23.62
N SER F 65 77.56 1.97 24.07
CA SER F 65 76.66 3.00 24.57
C SER F 65 77.36 4.35 24.47
N LYS F 66 76.64 5.36 23.99
CA LYS F 66 77.17 6.71 23.85
C LYS F 66 76.25 7.68 24.60
N SER F 67 76.82 8.43 25.53
CA SER F 67 76.08 9.44 26.30
C SER F 67 76.78 10.78 26.15
N GLY F 68 76.01 11.78 25.73
CA GLY F 68 76.51 13.14 25.59
C GLY F 68 77.61 13.29 24.56
N ASN F 69 78.84 13.48 25.03
CA ASN F 69 80.01 13.55 24.17
C ASN F 69 80.91 12.33 24.29
N THR F 70 80.60 11.39 25.18
CA THR F 70 81.46 10.25 25.44
C THR F 70 80.81 8.97 24.94
N ALA F 71 81.50 8.26 24.06
CA ALA F 71 81.05 6.96 23.56
C ALA F 71 81.93 5.87 24.16
N SER F 72 81.37 4.67 24.29
CA SER F 72 82.13 3.57 24.86
C SER F 72 81.61 2.23 24.34
N LEU F 73 82.49 1.24 24.37
CA LEU F 73 82.18 -0.14 24.05
C LEU F 73 82.67 -1.06 25.16
N THR F 74 81.92 -2.12 25.41
CA THR F 74 82.37 -3.24 26.22
C THR F 74 82.65 -4.42 25.29
N ILE F 75 83.88 -4.93 25.36
CA ILE F 75 84.38 -5.93 24.43
C ILE F 75 84.56 -7.24 25.19
N SER F 76 84.00 -8.32 24.65
CA SER F 76 84.08 -9.64 25.28
C SER F 76 84.58 -10.64 24.25
N GLY F 77 85.20 -11.71 24.77
CA GLY F 77 85.73 -12.75 23.92
C GLY F 77 87.00 -12.35 23.19
N LEU F 78 88.07 -12.08 23.95
CA LEU F 78 89.35 -11.71 23.38
C LEU F 78 90.19 -12.97 23.18
N GLN F 79 90.46 -13.30 21.92
CA GLN F 79 91.28 -14.46 21.58
C GLN F 79 92.74 -14.05 21.47
N ALA F 80 93.58 -14.93 20.93
CA ALA F 80 95.00 -14.62 20.77
C ALA F 80 95.26 -13.63 19.64
N GLU F 81 94.28 -13.43 18.74
CA GLU F 81 94.41 -12.51 17.61
C GLU F 81 93.64 -11.22 17.85
N ASP F 82 93.66 -10.71 19.09
CA ASP F 82 92.88 -9.53 19.46
C ASP F 82 93.58 -8.22 19.12
N GLU F 83 94.75 -8.25 18.50
CA GLU F 83 95.45 -7.03 18.14
C GLU F 83 94.76 -6.32 16.98
N ALA F 84 94.60 -5.00 17.12
CA ALA F 84 93.87 -4.18 16.16
C ALA F 84 94.22 -2.72 16.38
N ASP F 85 93.61 -1.85 15.59
CA ASP F 85 93.73 -0.40 15.72
C ASP F 85 92.32 0.18 15.78
N TYR F 86 91.94 0.74 16.92
CA TYR F 86 90.58 1.18 17.17
C TYR F 86 90.41 2.67 16.84
N TYR F 87 89.63 2.96 15.79
CA TYR F 87 89.39 4.33 15.33
C TYR F 87 87.90 4.61 15.36
N CYS F 88 87.51 5.63 16.13
CA CYS F 88 86.12 6.05 16.22
C CYS F 88 85.91 7.32 15.40
N CYS F 89 84.72 7.45 14.82
CA CYS F 89 84.46 8.54 13.89
C CYS F 89 83.08 9.14 14.13
N SER F 90 83.01 10.46 13.94
CA SER F 90 81.80 11.26 14.05
C SER F 90 81.88 12.41 13.06
N TYR F 91 81.03 13.43 13.22
CA TYR F 91 81.01 14.58 12.34
C TYR F 91 81.48 15.81 13.11
N THR F 92 82.60 16.39 12.67
CA THR F 92 83.17 17.60 13.29
C THR F 92 82.75 18.80 12.48
N THR F 93 81.86 19.63 13.03
CA THR F 93 81.20 20.65 12.21
C THR F 93 82.07 21.88 11.99
N THR F 94 83.21 22.00 12.67
CA THR F 94 84.04 23.18 12.53
C THR F 94 84.84 23.15 11.24
N THR F 95 85.76 22.19 11.12
CA THR F 95 86.55 22.00 9.92
C THR F 95 87.04 20.55 9.90
N ILE F 96 87.39 20.09 8.70
CA ILE F 96 87.69 18.68 8.37
C ILE F 96 86.53 17.82 8.85
N PRO F 97 85.41 17.80 8.11
CA PRO F 97 84.11 17.35 8.68
C PRO F 97 84.05 15.92 9.21
N VAL F 98 84.83 15.00 8.67
CA VAL F 98 84.81 13.61 9.14
C VAL F 98 86.16 13.34 9.77
N ALA F 99 86.20 13.34 11.11
CA ALA F 99 87.42 13.04 11.84
C ALA F 99 87.43 11.57 12.27
N PHE F 100 88.62 11.04 12.51
CA PHE F 100 88.80 9.62 12.84
C PHE F 100 89.68 9.49 14.08
N GLY F 101 89.06 9.58 15.26
CA GLY F 101 89.65 9.24 16.55
C GLY F 101 90.89 10.06 16.90
N GLY F 102 91.79 9.41 17.64
CA GLY F 102 93.07 10.00 17.99
C GLY F 102 94.22 9.02 17.85
N GLY F 103 93.90 7.77 17.53
CA GLY F 103 94.89 6.72 17.39
C GLY F 103 95.02 5.85 18.62
N THR F 104 95.15 4.53 18.40
CA THR F 104 95.33 3.57 19.48
C THR F 104 96.47 2.62 19.14
N LYS F 105 97.13 2.13 20.19
CA LYS F 105 98.18 1.12 20.06
C LYS F 105 97.95 0.10 21.18
N LEU F 106 97.43 -1.07 20.81
CA LEU F 106 97.05 -2.09 21.78
C LEU F 106 98.01 -3.27 21.72
N THR F 107 98.21 -3.90 22.88
CA THR F 107 99.04 -5.09 23.00
C THR F 107 98.16 -6.32 23.16
N VAL F 108 98.80 -7.48 23.14
CA VAL F 108 98.11 -8.76 23.28
C VAL F 108 98.38 -9.32 24.67
N LEU F 109 97.40 -10.08 25.17
CA LEU F 109 97.51 -10.68 26.49
C LEU F 109 96.96 -12.11 26.49
N GLY F 110 97.00 -12.78 25.34
CA GLY F 110 96.57 -14.17 25.28
C GLY F 110 97.51 -15.11 26.02
N GLN F 111 98.81 -14.84 25.94
CA GLN F 111 99.80 -15.66 26.63
C GLN F 111 99.79 -15.41 28.13
N ALA G 1 39.47 41.41 11.91
CA ALA G 1 39.59 42.49 12.87
C ALA G 1 38.27 43.23 13.06
N LEU G 2 38.34 44.45 13.58
CA LEU G 2 37.16 45.26 13.82
C LEU G 2 37.57 46.72 13.74
N THR G 3 36.80 47.52 12.99
CA THR G 3 37.15 48.92 12.78
C THR G 3 35.90 49.77 12.70
N GLN G 4 36.08 51.05 13.01
CA GLN G 4 35.05 52.07 13.02
C GLN G 4 35.71 53.41 12.75
N PRO G 5 34.96 54.41 12.30
CA PRO G 5 35.53 55.76 12.14
C PRO G 5 36.01 56.35 13.47
N ALA G 6 37.09 57.12 13.39
CA ALA G 6 37.74 57.64 14.59
C ALA G 6 36.91 58.74 15.23
N SER G 7 36.23 59.56 14.43
CA SER G 7 35.38 60.61 14.96
C SER G 7 34.27 60.90 13.96
N VAL G 8 33.20 61.51 14.47
CA VAL G 8 32.06 61.89 13.64
C VAL G 8 31.44 63.14 14.24
N SER G 9 30.83 63.95 13.38
CA SER G 9 30.21 65.20 13.81
C SER G 9 29.01 65.49 12.92
N GLY G 10 28.13 66.35 13.42
CA GLY G 10 26.94 66.70 12.68
C GLY G 10 26.15 67.76 13.41
N SER G 11 25.00 68.09 12.84
CA SER G 11 24.10 69.06 13.45
C SER G 11 23.50 68.49 14.73
N PRO G 12 23.26 69.33 15.74
CA PRO G 12 22.58 68.86 16.95
C PRO G 12 21.12 68.51 16.67
N GLY G 13 20.59 67.65 17.54
CA GLY G 13 19.23 67.18 17.39
C GLY G 13 19.12 65.83 16.70
N GLN G 14 19.55 65.74 15.44
CA GLN G 14 19.36 64.51 14.66
C GLN G 14 20.56 64.32 13.74
N SER G 15 20.39 63.43 12.76
CA SER G 15 21.31 63.17 11.65
C SER G 15 22.69 62.73 12.13
N ILE G 16 22.70 61.54 12.75
CA ILE G 16 23.95 60.88 13.10
C ILE G 16 23.73 59.36 13.05
N THR G 17 24.78 58.64 12.64
CA THR G 17 24.74 57.19 12.46
C THR G 17 26.17 56.67 12.48
N VAL G 18 26.47 55.73 13.38
CA VAL G 18 27.85 55.26 13.57
C VAL G 18 27.90 53.76 13.27
N SER G 19 28.93 53.34 12.53
CA SER G 19 29.01 51.96 12.04
C SER G 19 30.36 51.34 12.36
N CYS G 20 30.37 50.01 12.42
CA CYS G 20 31.57 49.18 12.54
C CYS G 20 31.53 48.08 11.49
N THR G 21 32.73 47.61 11.14
CA THR G 21 32.85 46.52 10.18
C THR G 21 34.11 45.71 10.50
N GLY G 22 34.31 44.63 9.75
CA GLY G 22 35.47 43.79 9.97
C GLY G 22 35.59 42.74 8.90
N THR G 23 36.73 42.06 8.90
CA THR G 23 37.01 41.01 7.93
C THR G 23 36.24 39.75 8.30
N SER G 24 35.56 39.17 7.31
CA SER G 24 34.69 38.01 7.57
C SER G 24 35.46 36.74 7.88
N SER G 25 36.73 36.65 7.46
CA SER G 25 37.52 35.46 7.78
C SER G 25 37.88 35.43 9.27
N ASP G 26 38.28 36.57 9.83
CA ASP G 26 38.56 36.64 11.26
C ASP G 26 37.28 36.59 12.08
N LEU G 27 36.16 37.02 11.51
CA LEU G 27 34.92 37.16 12.26
C LEU G 27 34.18 35.83 12.29
N GLY G 28 33.93 35.32 13.49
CA GLY G 28 33.28 34.03 13.67
C GLY G 28 31.77 34.09 13.58
N ASN G 29 31.26 34.17 12.35
CA ASN G 29 29.85 34.13 11.95
C ASN G 29 29.04 35.34 12.40
N PHE G 30 29.65 36.31 13.10
CA PHE G 30 29.08 37.61 13.47
C PHE G 30 27.81 37.43 14.32
N GLN G 31 28.03 36.94 15.54
CA GLN G 31 27.01 36.92 16.56
C GLN G 31 27.59 37.49 17.85
N TYR G 32 26.69 38.03 18.68
CA TYR G 32 27.00 38.64 19.98
C TYR G 32 28.01 39.79 19.85
N VAL G 33 27.59 40.83 19.14
CA VAL G 33 28.34 42.08 19.06
C VAL G 33 27.53 43.15 19.81
N SER G 34 28.21 43.91 20.67
CA SER G 34 27.54 44.80 21.60
C SER G 34 28.05 46.23 21.44
N TRP G 35 27.20 47.17 21.81
CA TRP G 35 27.47 48.60 21.69
C TRP G 35 27.43 49.24 23.07
N TYR G 36 28.54 49.88 23.45
CA TYR G 36 28.71 50.54 24.74
C TYR G 36 28.95 52.04 24.53
N GLN G 37 28.91 52.77 25.64
CA GLN G 37 29.16 54.20 25.65
C GLN G 37 30.07 54.52 26.83
N HIS G 38 31.13 55.30 26.58
CA HIS G 38 32.09 55.69 27.59
C HIS G 38 32.03 57.19 27.82
N HIS G 39 32.07 57.60 29.08
CA HIS G 39 32.09 59.00 29.44
C HIS G 39 33.43 59.36 30.08
N PRO G 40 33.91 60.60 29.89
CA PRO G 40 35.15 61.03 30.56
C PRO G 40 34.93 61.22 32.05
N GLY G 41 35.64 60.44 32.86
CA GLY G 41 35.51 60.52 34.30
C GLY G 41 34.35 59.75 34.88
N LYS G 42 33.64 58.96 34.07
CA LYS G 42 32.52 58.16 34.55
C LYS G 42 32.66 56.74 34.05
N ALA G 43 32.00 55.82 34.74
CA ALA G 43 32.06 54.41 34.36
C ALA G 43 31.27 54.16 33.07
N PRO G 44 31.79 53.33 32.17
CA PRO G 44 31.02 52.99 30.97
C PRO G 44 29.82 52.12 31.30
N LYS G 45 28.82 52.20 30.44
CA LYS G 45 27.57 51.48 30.64
C LYS G 45 27.16 50.77 29.35
N LEU G 46 26.41 49.68 29.52
CA LEU G 46 25.93 48.91 28.38
C LEU G 46 24.71 49.59 27.77
N LEU G 47 24.65 49.61 26.45
CA LEU G 47 23.51 50.17 25.74
C LEU G 47 22.80 49.16 24.85
N ILE G 48 23.53 48.39 24.04
CA ILE G 48 22.88 47.45 23.12
C ILE G 48 23.63 46.11 23.18
N TYR G 49 22.89 45.03 23.42
CA TYR G 49 23.45 43.69 23.36
C TYR G 49 22.84 42.92 22.20
N GLU G 50 23.70 42.25 21.41
CA GLU G 50 23.39 41.42 20.24
C GLU G 50 22.49 42.16 19.24
N VAL G 51 23.10 43.19 18.65
CA VAL G 51 22.64 43.94 17.48
C VAL G 51 21.36 44.73 17.76
N SER G 52 20.24 44.04 17.97
CA SER G 52 18.95 44.75 17.98
C SER G 52 18.05 44.23 19.11
N LYS G 53 18.63 43.97 20.28
CA LYS G 53 17.87 43.63 21.47
C LYS G 53 18.08 44.72 22.53
N ARG G 54 16.98 45.23 23.06
CA ARG G 54 17.02 46.38 23.96
C ARG G 54 17.03 45.93 25.41
N PRO G 55 18.05 46.26 26.19
CA PRO G 55 18.02 45.98 27.62
C PRO G 55 17.15 46.98 28.37
N SER G 56 16.96 46.69 29.66
CA SER G 56 16.18 47.58 30.50
C SER G 56 17.00 48.82 30.87
N GLY G 57 16.30 49.93 31.08
CA GLY G 57 16.90 51.17 31.52
C GLY G 57 17.34 52.10 30.42
N VAL G 58 17.29 51.68 29.16
CA VAL G 58 17.70 52.53 28.05
C VAL G 58 16.45 53.13 27.41
N SER G 59 16.65 54.20 26.65
CA SER G 59 15.57 54.88 25.96
C SER G 59 15.34 54.25 24.59
N ASN G 60 14.16 54.54 24.03
CA ASN G 60 13.79 53.99 22.73
C ASN G 60 14.46 54.68 21.55
N ARG G 61 15.17 55.80 21.80
CA ARG G 61 15.81 56.52 20.70
C ARG G 61 17.05 55.79 20.19
N PHE G 62 17.69 54.99 21.02
CA PHE G 62 18.81 54.17 20.57
C PHE G 62 18.29 53.00 19.75
N SER G 63 18.90 52.77 18.59
CA SER G 63 18.55 51.61 17.78
C SER G 63 19.81 51.10 17.08
N GLY G 64 19.80 49.83 16.74
CA GLY G 64 20.94 49.22 16.07
C GLY G 64 20.48 48.20 15.05
N SER G 65 21.27 48.08 13.98
CA SER G 65 20.94 47.14 12.92
C SER G 65 22.23 46.74 12.20
N LYS G 66 22.22 45.54 11.64
CA LYS G 66 23.38 45.00 10.96
C LYS G 66 22.98 44.45 9.60
N SER G 67 23.74 44.83 8.57
CA SER G 67 23.50 44.37 7.20
C SER G 67 24.81 43.86 6.63
N GLY G 68 24.78 42.65 6.06
CA GLY G 68 25.92 42.05 5.43
C GLY G 68 27.07 41.79 6.38
N ASN G 69 28.13 42.59 6.25
CA ASN G 69 29.27 42.53 7.15
C ASN G 69 29.37 43.74 8.07
N THR G 70 28.49 44.73 7.92
CA THR G 70 28.60 45.99 8.63
C THR G 70 27.45 46.15 9.61
N ALA G 71 27.78 46.48 10.87
CA ALA G 71 26.77 46.80 11.87
C ALA G 71 26.80 48.30 12.14
N SER G 72 25.70 48.82 12.68
CA SER G 72 25.59 50.25 12.93
C SER G 72 24.53 50.53 13.98
N LEU G 73 24.59 51.74 14.53
CA LEU G 73 23.58 52.25 15.44
C LEU G 73 23.19 53.65 15.02
N THR G 74 21.93 53.98 15.33
CA THR G 74 21.37 55.32 15.13
C THR G 74 20.74 55.79 16.44
N ILE G 75 20.75 57.11 16.62
CA ILE G 75 20.09 57.75 17.75
C ILE G 75 19.40 59.01 17.25
N SER G 76 18.15 59.20 17.63
CA SER G 76 17.36 60.37 17.25
C SER G 76 17.05 61.20 18.49
N GLY G 77 16.84 62.50 18.28
CA GLY G 77 16.58 63.39 19.39
C GLY G 77 17.81 63.63 20.25
N LEU G 78 18.86 64.19 19.65
CA LEU G 78 20.09 64.45 20.38
C LEU G 78 19.91 65.61 21.35
N GLN G 79 20.76 65.63 22.38
CA GLN G 79 20.73 66.63 23.43
C GLN G 79 22.12 67.23 23.59
N ALA G 80 22.25 68.18 24.53
CA ALA G 80 23.51 68.85 24.76
C ALA G 80 24.54 67.98 25.48
N GLU G 81 24.11 66.88 26.10
CA GLU G 81 25.01 65.97 26.80
C GLU G 81 25.07 64.60 26.14
N ASP G 82 24.74 64.51 24.85
CA ASP G 82 24.71 63.25 24.14
C ASP G 82 26.02 62.94 23.42
N GLU G 83 27.05 63.76 23.61
CA GLU G 83 28.38 63.42 23.14
C GLU G 83 28.90 62.19 23.87
N ALA G 84 29.56 61.30 23.13
CA ALA G 84 29.81 59.97 23.67
C ALA G 84 31.09 59.40 23.04
N ASP G 85 31.43 58.20 23.48
CA ASP G 85 32.57 57.41 23.02
C ASP G 85 32.11 56.01 22.66
N TYR G 86 31.07 55.94 21.81
CA TYR G 86 30.39 54.72 21.38
C TYR G 86 31.33 53.65 20.84
N TYR G 87 31.41 52.51 21.51
CA TYR G 87 32.30 51.42 21.14
C TYR G 87 31.50 50.20 20.72
N CYS G 88 32.06 49.44 19.79
CA CYS G 88 31.54 48.14 19.39
C CYS G 88 32.53 47.07 19.83
N CYS G 89 32.03 46.05 20.54
CA CYS G 89 32.85 44.93 20.99
C CYS G 89 32.28 43.65 20.42
N SER G 90 33.18 42.74 20.02
CA SER G 90 32.75 41.57 19.26
C SER G 90 33.72 40.41 19.50
N TYR G 91 33.38 39.27 18.94
CA TYR G 91 34.16 38.05 19.06
C TYR G 91 34.97 37.81 17.79
N THR G 92 36.26 37.56 17.95
CA THR G 92 37.17 37.27 16.83
C THR G 92 37.91 35.98 17.12
N THR G 93 37.68 34.94 16.31
CA THR G 93 38.14 33.60 16.65
C THR G 93 39.62 33.37 16.38
N THR G 94 40.20 33.97 15.33
CA THR G 94 41.58 33.65 14.97
C THR G 94 42.59 34.35 15.87
N THR G 95 42.37 35.64 16.13
CA THR G 95 43.21 36.42 17.03
C THR G 95 42.63 36.31 18.45
N ILE G 96 43.03 37.24 19.33
CA ILE G 96 42.47 37.45 20.68
C ILE G 96 40.95 37.38 20.65
N PRO G 97 40.32 36.57 21.51
CA PRO G 97 38.90 36.22 21.34
C PRO G 97 37.91 37.39 21.43
N VAL G 98 38.31 38.52 22.00
CA VAL G 98 37.44 39.69 22.04
C VAL G 98 38.16 40.87 21.38
N ALA G 99 37.38 41.68 20.66
CA ALA G 99 37.87 42.87 20.00
C ALA G 99 37.03 44.07 20.41
N PHE G 100 37.71 45.21 20.63
CA PHE G 100 37.08 46.40 21.22
C PHE G 100 37.33 47.62 20.33
N GLY G 101 36.46 47.79 19.33
CA GLY G 101 36.32 49.02 18.57
C GLY G 101 37.55 49.60 17.89
N GLY G 102 37.49 50.90 17.63
CA GLY G 102 38.63 51.64 17.08
C GLY G 102 38.72 53.05 17.64
N GLY G 103 37.83 53.38 18.57
CA GLY G 103 37.76 54.70 19.14
C GLY G 103 36.79 55.63 18.45
N THR G 104 35.87 56.22 19.21
CA THR G 104 34.96 57.25 18.69
C THR G 104 34.92 58.42 19.67
N LYS G 105 34.68 59.61 19.12
CA LYS G 105 34.54 60.82 19.94
C LYS G 105 33.54 61.73 19.23
N LEU G 106 32.28 61.65 19.64
CA LEU G 106 31.25 62.47 19.04
C LEU G 106 31.32 63.89 19.59
N THR G 107 31.21 64.88 18.69
CA THR G 107 31.20 66.28 19.07
C THR G 107 29.99 66.96 18.45
N VAL G 108 29.56 68.05 19.08
CA VAL G 108 28.37 68.77 18.66
C VAL G 108 28.79 70.14 18.15
N LEU G 109 27.86 70.81 17.48
CA LEU G 109 28.07 72.14 16.92
C LEU G 109 27.11 73.16 17.53
N GLY G 110 26.69 72.94 18.77
CA GLY G 110 25.79 73.86 19.43
C GLY G 110 26.42 75.11 20.00
N GLN G 111 27.75 75.18 20.02
CA GLN G 111 28.44 76.35 20.54
C GLN G 111 29.62 76.72 19.65
N ILE H 1 -5.97 71.35 -33.55
CA ILE H 1 -5.47 72.31 -32.58
C ILE H 1 -5.42 73.74 -33.15
N THR H 2 -6.01 74.68 -32.40
CA THR H 2 -6.02 76.09 -32.75
C THR H 2 -5.74 76.91 -31.51
N LEU H 3 -4.69 77.73 -31.58
CA LEU H 3 -4.38 78.74 -30.56
C LEU H 3 -4.31 80.08 -31.27
N LYS H 4 -5.28 80.95 -31.01
CA LYS H 4 -5.29 82.26 -31.65
C LYS H 4 -4.91 83.34 -30.64
N GLU H 5 -4.12 84.32 -31.11
CA GLU H 5 -3.62 85.40 -30.28
C GLU H 5 -4.31 86.70 -30.68
N SER H 6 -4.72 87.48 -29.70
CA SER H 6 -5.39 88.75 -29.94
C SER H 6 -4.74 89.84 -29.09
N GLY H 7 -4.63 91.03 -29.66
CA GLY H 7 -4.06 92.17 -28.97
C GLY H 7 -4.04 93.40 -29.84
N PRO H 8 -3.68 94.55 -29.26
CA PRO H 8 -3.61 95.78 -30.05
C PRO H 8 -2.40 95.79 -30.97
N THR H 9 -2.48 96.63 -31.99
CA THR H 9 -1.38 96.82 -32.93
C THR H 9 -0.49 97.99 -32.53
N LEU H 10 -1.09 99.09 -32.07
CA LEU H 10 -0.36 100.24 -31.56
C LEU H 10 -0.85 100.56 -30.16
N VAL H 11 0.09 100.85 -29.26
CA VAL H 11 -0.23 101.14 -27.86
C VAL H 11 0.49 102.39 -27.42
N LYS H 12 -0.04 103.03 -26.38
CA LYS H 12 0.58 104.18 -25.76
C LYS H 12 1.67 103.72 -24.78
N PRO H 13 2.70 104.56 -24.56
CA PRO H 13 3.71 104.22 -23.54
C PRO H 13 3.18 104.23 -22.11
N THR H 14 2.07 104.93 -21.85
CA THR H 14 1.47 104.97 -20.52
C THR H 14 0.23 104.08 -20.40
N GLN H 15 0.00 103.21 -21.37
CA GLN H 15 -1.18 102.35 -21.40
C GLN H 15 -0.81 101.03 -20.71
N THR H 16 -1.65 100.00 -20.83
CA THR H 16 -1.33 98.65 -20.38
C THR H 16 -1.55 97.69 -21.55
N LEU H 17 -0.57 96.83 -21.80
CA LEU H 17 -0.74 95.77 -22.79
C LEU H 17 -1.62 94.66 -22.22
N THR H 18 -2.67 94.31 -22.97
CA THR H 18 -3.61 93.25 -22.60
C THR H 18 -3.69 92.27 -23.77
N LEU H 19 -2.77 91.32 -23.81
CA LEU H 19 -2.79 90.27 -24.82
C LEU H 19 -3.65 89.11 -24.34
N THR H 20 -4.24 88.39 -25.29
CA THR H 20 -5.00 87.19 -24.98
C THR H 20 -4.58 86.08 -25.93
N CYS H 21 -4.56 84.85 -25.44
CA CYS H 21 -4.44 83.72 -26.34
C CYS H 21 -5.44 82.64 -25.94
N ALA H 22 -6.14 82.11 -26.94
CA ALA H 22 -7.19 81.12 -26.73
C ALA H 22 -6.78 79.80 -27.38
N PHE H 23 -6.90 78.72 -26.62
CA PHE H 23 -6.55 77.37 -27.06
C PHE H 23 -7.81 76.55 -27.19
N SER H 24 -7.85 75.67 -28.19
CA SER H 24 -8.98 74.79 -28.41
C SER H 24 -8.51 73.34 -28.52
N GLY H 25 -8.70 72.57 -27.46
CA GLY H 25 -8.47 71.13 -27.49
C GLY H 25 -7.16 70.68 -26.88
N PHE H 26 -7.22 70.19 -25.64
CA PHE H 26 -6.04 69.67 -24.97
C PHE H 26 -6.44 68.57 -24.01
N SER H 27 -5.47 67.72 -23.66
CA SER H 27 -5.68 66.69 -22.65
C SER H 27 -5.37 67.30 -21.29
N LEU H 28 -6.44 67.71 -20.59
CA LEU H 28 -6.29 68.41 -19.32
C LEU H 28 -5.94 67.48 -18.17
N ASN H 29 -6.01 66.16 -18.36
CA ASN H 29 -5.67 65.19 -17.32
C ASN H 29 -4.17 64.88 -17.41
N THR H 30 -3.37 65.88 -17.05
CA THR H 30 -1.92 65.76 -17.12
C THR H 30 -1.29 66.68 -16.07
N GLY H 31 0.02 66.53 -15.91
CA GLY H 31 0.76 67.36 -14.98
C GLY H 31 2.07 67.86 -15.57
N GLY H 32 2.46 69.08 -15.23
CA GLY H 32 3.67 69.68 -15.75
C GLY H 32 3.48 70.46 -17.03
N ALA H 33 2.29 70.42 -17.62
CA ALA H 33 1.99 71.14 -18.85
C ALA H 33 1.28 72.45 -18.54
N GLY H 34 1.26 73.34 -19.52
CA GLY H 34 0.63 74.62 -19.32
C GLY H 34 0.72 75.52 -20.53
N VAL H 35 0.61 76.82 -20.28
CA VAL H 35 0.56 77.86 -21.29
C VAL H 35 1.78 78.76 -21.11
N GLY H 36 2.54 78.95 -22.19
CA GLY H 36 3.72 79.81 -22.14
C GLY H 36 3.67 80.96 -23.13
N TRP H 37 4.33 82.06 -22.77
CA TRP H 37 4.40 83.26 -23.59
C TRP H 37 5.87 83.55 -23.89
N ILE H 38 6.16 83.89 -25.14
CA ILE H 38 7.52 84.21 -25.57
C ILE H 38 7.48 85.43 -26.51
N ARG H 39 8.52 86.25 -26.44
CA ARG H 39 8.63 87.55 -27.10
C ARG H 39 9.72 87.49 -28.17
N GLN H 40 9.50 88.22 -29.28
CA GLN H 40 10.56 88.36 -30.28
C GLN H 40 10.55 89.73 -30.95
N PRO H 41 11.58 90.54 -30.76
CA PRO H 41 11.75 91.75 -31.59
C PRO H 41 12.70 91.50 -32.74
N PRO H 42 12.56 92.25 -33.85
CA PRO H 42 13.57 92.17 -34.91
C PRO H 42 14.89 92.79 -34.47
N GLY H 43 15.99 92.22 -34.99
CA GLY H 43 17.33 92.69 -34.68
C GLY H 43 18.04 91.98 -33.55
N LYS H 44 17.34 91.17 -32.75
CA LYS H 44 17.98 90.30 -31.77
C LYS H 44 17.10 89.09 -31.55
N ALA H 45 17.66 88.06 -30.91
CA ALA H 45 17.06 86.74 -30.87
C ALA H 45 15.89 86.69 -29.88
N LEU H 46 15.36 85.49 -29.68
CA LEU H 46 14.18 85.24 -28.86
C LEU H 46 14.45 85.49 -27.39
N GLU H 47 13.41 85.92 -26.68
CA GLU H 47 13.48 86.13 -25.24
C GLU H 47 12.21 85.57 -24.61
N TRP H 48 12.37 84.57 -23.75
CA TRP H 48 11.25 83.95 -23.07
C TRP H 48 10.59 84.90 -22.07
N LEU H 49 9.26 84.85 -21.99
CA LEU H 49 8.52 85.74 -21.10
C LEU H 49 7.95 85.03 -19.88
N ALA H 50 7.06 84.04 -20.06
CA ALA H 50 6.26 83.62 -18.91
C ALA H 50 5.71 82.21 -19.06
N LEU H 51 5.38 81.60 -17.91
CA LEU H 51 4.75 80.29 -17.85
C LEU H 51 3.63 80.28 -16.82
N ILE H 52 2.56 79.54 -17.15
CA ILE H 52 1.47 79.17 -16.25
C ILE H 52 1.25 77.67 -16.39
N TYR H 53 1.09 76.97 -15.26
CA TYR H 53 0.58 75.60 -15.29
C TYR H 53 -0.93 75.56 -15.02
N TRP H 54 -1.48 74.34 -15.03
CA TRP H 54 -2.89 74.13 -14.78
C TRP H 54 -3.29 74.39 -13.34
N ASP H 55 -2.34 74.37 -12.40
CA ASP H 55 -2.63 74.60 -10.99
C ASP H 55 -2.56 76.07 -10.61
N GLY H 56 -2.26 76.96 -11.56
CA GLY H 56 -2.29 78.38 -11.29
C GLY H 56 -0.98 79.00 -10.88
N ASP H 57 0.14 78.32 -11.08
CA ASP H 57 1.44 78.94 -10.82
C ASP H 57 1.73 80.02 -11.86
N LYS H 58 2.50 81.01 -11.46
CA LYS H 58 2.59 82.30 -12.16
C LYS H 58 4.05 82.72 -12.22
N ARG H 59 4.75 82.38 -13.30
CA ARG H 59 6.19 82.64 -13.32
C ARG H 59 6.61 83.40 -14.56
N TYR H 60 7.67 84.20 -14.39
CA TYR H 60 8.26 85.02 -15.44
C TYR H 60 9.77 84.85 -15.43
N ASN H 61 10.44 85.64 -16.25
CA ASN H 61 11.87 85.83 -16.12
C ASN H 61 12.19 86.60 -14.84
N PRO H 62 13.37 86.38 -14.24
CA PRO H 62 13.70 87.09 -13.00
C PRO H 62 13.92 88.58 -13.21
N SER H 63 13.73 89.31 -12.10
CA SER H 63 13.81 90.77 -12.01
C SER H 63 12.82 91.50 -12.91
N LEU H 64 11.70 90.83 -13.24
CA LEU H 64 10.60 91.44 -13.97
C LEU H 64 9.27 91.15 -13.28
N LYS H 65 9.30 91.00 -11.96
CA LYS H 65 8.14 90.52 -11.22
C LYS H 65 7.04 91.57 -11.09
N SER H 66 7.40 92.85 -11.00
CA SER H 66 6.42 93.89 -10.70
C SER H 66 5.55 94.25 -11.89
N ARG H 67 6.09 94.17 -13.11
CA ARG H 67 5.42 94.70 -14.30
C ARG H 67 4.83 93.59 -15.18
N LEU H 68 4.45 92.46 -14.58
CA LEU H 68 3.88 91.34 -15.32
C LEU H 68 2.75 90.72 -14.52
N ALA H 69 1.57 90.62 -15.12
CA ALA H 69 0.43 89.99 -14.46
C ALA H 69 -0.32 89.10 -15.45
N ILE H 70 -0.96 88.06 -14.91
CA ILE H 70 -1.68 87.06 -15.69
C ILE H 70 -3.10 86.94 -15.14
N ILE H 71 -4.07 86.78 -16.04
CA ILE H 71 -5.44 86.48 -15.67
C ILE H 71 -5.82 85.15 -16.31
N MET H 72 -6.23 84.20 -15.48
CA MET H 72 -6.74 82.91 -15.92
C MET H 72 -8.27 82.91 -15.80
N ASP H 73 -8.94 82.47 -16.85
CA ASP H 73 -10.40 82.47 -16.87
C ASP H 73 -10.98 81.38 -15.97
N THR H 74 -10.21 80.32 -15.72
CA THR H 74 -10.65 79.09 -15.03
C THR H 74 -11.88 78.48 -15.70
N SER H 75 -11.92 78.56 -17.03
CA SER H 75 -12.99 77.95 -17.81
C SER H 75 -12.48 77.33 -19.11
N LYS H 76 -11.15 77.21 -19.26
CA LYS H 76 -10.48 76.63 -20.44
C LYS H 76 -10.86 77.36 -21.74
N ASN H 77 -10.86 78.69 -21.70
CA ASN H 77 -11.16 79.49 -22.87
C ASN H 77 -9.96 80.33 -23.32
N ARG H 78 -9.41 81.18 -22.46
CA ARG H 78 -8.35 82.08 -22.87
C ARG H 78 -7.48 82.43 -21.67
N VAL H 79 -6.26 82.87 -21.98
CA VAL H 79 -5.27 83.31 -20.98
C VAL H 79 -4.89 84.74 -21.31
N VAL H 80 -4.92 85.62 -20.30
CA VAL H 80 -4.70 87.05 -20.46
C VAL H 80 -3.35 87.42 -19.88
N LEU H 81 -2.53 88.10 -20.69
CA LEU H 81 -1.21 88.58 -20.32
C LEU H 81 -1.22 90.10 -20.28
N THR H 82 -0.92 90.69 -19.12
CA THR H 82 -1.02 92.13 -18.94
C THR H 82 0.31 92.71 -18.48
N MET H 83 0.74 93.78 -19.15
CA MET H 83 1.95 94.52 -18.83
C MET H 83 1.64 95.98 -18.54
N THR H 84 2.36 96.54 -17.58
CA THR H 84 2.36 97.96 -17.26
C THR H 84 3.79 98.48 -17.32
N ASN H 85 3.93 99.79 -17.60
CA ASN H 85 5.18 100.54 -17.57
C ASN H 85 6.22 99.95 -18.54
N MET H 86 5.90 100.07 -19.82
CA MET H 86 6.70 99.46 -20.86
C MET H 86 8.00 100.22 -21.07
N ASP H 87 8.89 99.61 -21.85
CA ASP H 87 10.19 99.94 -22.41
C ASP H 87 10.07 99.97 -23.93
N PRO H 88 10.44 101.08 -24.59
CA PRO H 88 10.24 101.19 -26.05
C PRO H 88 11.08 100.25 -26.91
N VAL H 89 12.05 99.53 -26.34
CA VAL H 89 12.77 98.52 -27.13
C VAL H 89 11.92 97.26 -27.30
N ASP H 90 10.87 97.10 -26.50
CA ASP H 90 10.04 95.89 -26.48
C ASP H 90 8.93 95.91 -27.53
N THR H 91 9.02 96.78 -28.54
CA THR H 91 8.11 96.74 -29.67
C THR H 91 8.39 95.48 -30.48
N ALA H 92 7.49 94.49 -30.38
CA ALA H 92 7.87 93.13 -30.74
C ALA H 92 6.62 92.31 -31.01
N THR H 93 6.83 91.05 -31.38
CA THR H 93 5.75 90.11 -31.59
C THR H 93 5.69 89.08 -30.47
N TYR H 94 4.54 88.45 -30.32
CA TYR H 94 4.20 87.60 -29.21
C TYR H 94 3.76 86.24 -29.73
N TYR H 95 4.29 85.17 -29.15
CA TYR H 95 3.84 83.82 -29.41
C TYR H 95 3.33 83.20 -28.11
N CYS H 96 2.08 82.74 -28.13
CA CYS H 96 1.52 81.94 -27.05
C CYS H 96 1.54 80.48 -27.48
N ALA H 97 2.00 79.59 -26.60
CA ALA H 97 2.27 78.22 -26.99
C ALA H 97 1.95 77.28 -25.83
N HIS H 98 1.81 76.00 -26.17
CA HIS H 98 1.74 74.96 -25.16
C HIS H 98 3.13 74.74 -24.58
N HIS H 99 3.20 74.50 -23.28
CA HIS H 99 4.47 74.49 -22.56
C HIS H 99 4.57 73.20 -21.75
N LYS H 100 5.39 72.28 -22.22
CA LYS H 100 5.74 71.06 -21.52
C LYS H 100 7.17 71.23 -20.99
N ILE H 101 7.71 70.20 -20.33
CA ILE H 101 9.07 70.25 -19.85
C ILE H 101 10.07 69.53 -20.78
N GLU H 102 9.65 68.44 -21.43
CA GLU H 102 10.50 67.85 -22.47
C GLU H 102 10.30 68.58 -23.80
N TYR H 103 9.06 68.72 -24.22
CA TYR H 103 8.72 69.63 -25.31
C TYR H 103 8.85 71.06 -24.78
N ILE H 104 9.87 71.79 -25.24
CA ILE H 104 10.12 73.13 -24.71
C ILE H 104 8.98 74.08 -25.07
N PHE H 105 8.48 73.99 -26.30
CA PHE H 105 7.19 74.58 -26.65
C PHE H 105 6.54 73.62 -27.65
N ASP H 106 5.38 73.06 -27.27
CA ASP H 106 4.81 71.95 -28.02
C ASP H 106 4.19 72.39 -29.34
N TYR H 107 3.16 73.24 -29.28
CA TYR H 107 2.51 73.75 -30.47
C TYR H 107 2.63 75.27 -30.53
N TRP H 108 3.08 75.76 -31.67
CA TRP H 108 3.38 77.18 -31.86
C TRP H 108 2.15 77.93 -32.31
N GLY H 109 1.84 79.03 -31.62
CA GLY H 109 0.76 79.91 -32.03
C GLY H 109 1.17 80.85 -33.14
N GLN H 110 0.17 81.55 -33.68
CA GLN H 110 0.43 82.50 -34.76
C GLN H 110 1.10 83.77 -34.24
N GLY H 111 0.65 84.25 -33.09
CA GLY H 111 1.27 85.41 -32.45
C GLY H 111 0.81 86.73 -33.05
N THR H 112 1.06 87.79 -32.31
CA THR H 112 0.65 89.14 -32.71
C THR H 112 1.76 90.14 -32.41
N LEU H 113 1.93 91.11 -33.30
CA LEU H 113 2.97 92.12 -33.16
C LEU H 113 2.38 93.45 -32.70
N VAL H 114 3.14 94.19 -31.91
CA VAL H 114 2.72 95.49 -31.40
C VAL H 114 3.93 96.41 -31.33
N ALA H 115 3.68 97.70 -31.56
CA ALA H 115 4.71 98.73 -31.47
C ALA H 115 4.13 99.92 -30.72
N VAL H 116 5.03 100.72 -30.14
CA VAL H 116 4.64 101.89 -29.37
C VAL H 116 4.22 103.00 -30.31
N SER H 117 3.27 103.83 -29.87
CA SER H 117 2.75 104.92 -30.68
C SER H 117 3.51 106.23 -30.46
N SER H 118 4.54 106.23 -29.62
CA SER H 118 5.32 107.44 -29.37
C SER H 118 6.27 107.74 -30.53
N ALA I 1 26.53 79.84 -20.76
CA ALA I 1 25.41 80.18 -21.64
C ALA I 1 25.28 79.16 -22.77
N LEU I 2 24.63 79.58 -23.86
CA LEU I 2 24.46 78.75 -25.04
C LEU I 2 24.76 79.59 -26.27
N THR I 3 25.64 79.10 -27.13
CA THR I 3 26.06 79.86 -28.30
C THR I 3 26.07 78.97 -29.53
N GLN I 4 25.94 79.62 -30.68
CA GLN I 4 25.91 78.96 -31.98
C GLN I 4 26.44 79.94 -33.02
N PRO I 5 26.95 79.45 -34.15
CA PRO I 5 27.33 80.36 -35.24
C PRO I 5 26.14 81.13 -35.79
N ALA I 6 26.39 82.38 -36.20
CA ALA I 6 25.33 83.27 -36.64
C ALA I 6 24.81 82.90 -38.02
N SER I 7 25.68 82.46 -38.92
CA SER I 7 25.26 82.12 -40.26
C SER I 7 26.13 80.98 -40.80
N VAL I 8 25.54 80.16 -41.67
CA VAL I 8 26.25 79.07 -42.31
C VAL I 8 25.83 79.04 -43.77
N SER I 9 26.71 78.51 -44.62
CA SER I 9 26.45 78.44 -46.05
C SER I 9 27.19 77.25 -46.64
N GLY I 10 26.77 76.84 -47.82
CA GLY I 10 27.41 75.72 -48.50
C GLY I 10 26.70 75.41 -49.79
N SER I 11 27.16 74.34 -50.44
CA SER I 11 26.55 73.88 -51.67
C SER I 11 25.17 73.28 -51.37
N PRO I 12 24.21 73.45 -52.29
CA PRO I 12 22.90 72.83 -52.10
C PRO I 12 22.95 71.31 -52.23
N GLY I 13 21.93 70.66 -51.70
CA GLY I 13 21.85 69.22 -51.71
C GLY I 13 22.38 68.55 -50.47
N GLN I 14 23.67 68.71 -50.18
CA GLN I 14 24.29 68.07 -49.03
C GLN I 14 25.32 69.02 -48.43
N SER I 15 26.14 68.47 -47.53
CA SER I 15 27.30 69.13 -46.91
C SER I 15 26.88 70.39 -46.14
N ILE I 16 26.05 70.20 -45.13
CA ILE I 16 25.68 71.26 -44.20
C ILE I 16 25.35 70.64 -42.85
N THR I 17 25.63 71.39 -41.79
CA THR I 17 25.30 71.01 -40.42
C THR I 17 25.27 72.28 -39.57
N VAL I 18 24.41 72.28 -38.56
CA VAL I 18 24.30 73.42 -37.64
C VAL I 18 24.54 72.91 -36.22
N SER I 19 25.41 73.60 -35.49
CA SER I 19 25.87 73.14 -34.18
C SER I 19 25.70 74.24 -33.13
N CYS I 20 25.63 73.79 -31.88
CA CYS I 20 25.58 74.65 -30.70
C CYS I 20 26.51 74.10 -29.63
N THR I 21 26.98 75.00 -28.76
CA THR I 21 27.81 74.62 -27.63
C THR I 21 27.54 75.58 -26.48
N GLY I 22 28.28 75.42 -25.39
CA GLY I 22 28.09 76.28 -24.25
C GLY I 22 29.00 75.89 -23.11
N THR I 23 28.83 76.58 -21.98
CA THR I 23 29.63 76.34 -20.79
C THR I 23 28.95 75.28 -19.93
N SER I 24 29.73 74.27 -19.50
CA SER I 24 29.17 73.16 -18.74
C SER I 24 28.78 73.55 -17.32
N SER I 25 29.37 74.62 -16.78
CA SER I 25 28.99 75.07 -15.44
C SER I 25 27.58 75.64 -15.41
N ASP I 26 27.22 76.42 -16.43
CA ASP I 26 25.86 76.91 -16.59
C ASP I 26 24.90 75.82 -17.05
N LEU I 27 25.42 74.81 -17.74
CA LEU I 27 24.58 73.77 -18.32
C LEU I 27 24.19 72.73 -17.28
N GLY I 28 22.90 72.41 -17.23
CA GLY I 28 22.41 71.42 -16.29
C GLY I 28 22.41 70.01 -16.83
N ASN I 29 23.61 69.46 -17.01
CA ASN I 29 23.90 68.08 -17.44
C ASN I 29 23.40 67.77 -18.85
N PHE I 30 22.99 68.77 -19.62
CA PHE I 30 22.63 68.70 -21.04
C PHE I 30 21.49 67.70 -21.29
N GLN I 31 20.34 68.03 -20.70
CA GLN I 31 19.16 67.20 -20.81
C GLN I 31 18.03 67.95 -21.50
N TYR I 32 17.34 67.25 -22.41
CA TYR I 32 16.16 67.73 -23.14
C TYR I 32 16.48 68.99 -23.96
N VAL I 33 17.54 68.89 -24.75
CA VAL I 33 17.87 69.91 -25.75
C VAL I 33 17.00 69.65 -26.97
N SER I 34 16.44 70.73 -27.54
CA SER I 34 15.52 70.60 -28.66
C SER I 34 15.94 71.52 -29.80
N TRP I 35 15.75 71.02 -31.02
CA TRP I 35 16.07 71.72 -32.25
C TRP I 35 14.77 72.13 -32.93
N TYR I 36 14.64 73.42 -33.21
CA TYR I 36 13.46 74.02 -33.82
C TYR I 36 13.83 74.75 -35.10
N GLN I 37 12.80 75.15 -35.84
CA GLN I 37 12.95 75.93 -37.06
C GLN I 37 11.89 77.02 -37.09
N HIS I 38 12.31 78.27 -37.28
CA HIS I 38 11.41 79.40 -37.40
C HIS I 38 11.43 79.93 -38.83
N HIS I 39 10.25 80.25 -39.35
CA HIS I 39 10.16 80.85 -40.67
C HIS I 39 9.72 82.31 -40.55
N PRO I 40 10.30 83.22 -41.33
CA PRO I 40 9.88 84.62 -41.27
C PRO I 40 8.48 84.82 -41.83
N GLY I 41 7.62 85.46 -41.05
CA GLY I 41 6.25 85.70 -41.44
C GLY I 41 5.29 84.57 -41.14
N LYS I 42 5.75 83.48 -40.55
CA LYS I 42 4.91 82.33 -40.24
C LYS I 42 5.28 81.76 -38.88
N ALA I 43 4.42 80.88 -38.38
CA ALA I 43 4.67 80.23 -37.10
C ALA I 43 5.79 79.21 -37.23
N PRO I 44 6.58 78.98 -36.17
CA PRO I 44 7.64 77.97 -36.22
C PRO I 44 7.12 76.54 -36.18
N LYS I 45 8.02 75.57 -36.22
CA LYS I 45 7.62 74.17 -36.18
C LYS I 45 8.64 73.36 -35.41
N LEU I 46 8.20 72.19 -34.93
CA LEU I 46 9.00 71.34 -34.05
C LEU I 46 9.70 70.27 -34.88
N LEU I 47 11.01 70.11 -34.66
CA LEU I 47 11.79 69.11 -35.37
C LEU I 47 12.36 68.03 -34.46
N ILE I 48 13.19 68.39 -33.47
CA ILE I 48 13.94 67.40 -32.72
C ILE I 48 13.79 67.70 -31.23
N TYR I 49 13.49 66.68 -30.43
CA TYR I 49 13.58 66.79 -28.98
C TYR I 49 14.48 65.70 -28.45
N GLU I 50 15.22 66.04 -27.38
CA GLU I 50 16.20 65.22 -26.65
C GLU I 50 17.11 64.41 -27.59
N VAL I 51 17.89 65.16 -28.37
CA VAL I 51 18.98 64.71 -29.24
C VAL I 51 18.49 63.77 -30.34
N SER I 52 18.09 62.56 -29.99
CA SER I 52 17.89 61.49 -30.96
C SER I 52 16.50 60.88 -30.84
N LYS I 53 15.48 61.72 -30.78
CA LYS I 53 14.09 61.27 -30.80
C LYS I 53 13.33 62.03 -31.88
N ARG I 54 12.44 61.31 -32.59
CA ARG I 54 11.78 61.84 -33.76
C ARG I 54 10.26 61.80 -33.59
N PRO I 55 9.56 62.91 -33.76
CA PRO I 55 8.09 62.90 -33.69
C PRO I 55 7.47 62.47 -35.01
N SER I 56 6.14 62.57 -35.07
CA SER I 56 5.42 62.32 -36.30
C SER I 56 5.29 63.61 -37.11
N GLY I 57 5.21 63.46 -38.43
CA GLY I 57 5.09 64.58 -39.33
C GLY I 57 6.41 65.12 -39.84
N VAL I 58 7.54 64.67 -39.30
CA VAL I 58 8.85 65.09 -39.76
C VAL I 58 9.42 64.01 -40.68
N SER I 59 10.44 64.40 -41.44
CA SER I 59 11.06 63.48 -42.38
C SER I 59 12.26 62.79 -41.74
N ASN I 60 12.76 61.75 -42.41
CA ASN I 60 13.92 61.01 -41.94
C ASN I 60 15.24 61.64 -42.36
N ARG I 61 15.20 62.75 -43.11
CA ARG I 61 16.43 63.40 -43.54
C ARG I 61 17.11 64.15 -42.39
N PHE I 62 16.33 64.59 -41.41
CA PHE I 62 16.91 65.29 -40.26
C PHE I 62 17.57 64.29 -39.33
N SER I 63 18.81 64.58 -38.93
CA SER I 63 19.51 63.75 -37.95
C SER I 63 20.18 64.65 -36.93
N GLY I 64 20.18 64.19 -35.67
CA GLY I 64 20.79 64.97 -34.61
C GLY I 64 21.79 64.17 -33.80
N SER I 65 22.92 64.77 -33.47
CA SER I 65 23.95 64.08 -32.71
C SER I 65 24.62 65.06 -31.76
N LYS I 66 24.82 64.62 -30.51
CA LYS I 66 25.45 65.45 -29.49
C LYS I 66 26.60 64.69 -28.87
N SER I 67 27.77 65.31 -28.82
CA SER I 67 28.96 64.70 -28.24
C SER I 67 29.67 65.73 -27.36
N GLY I 68 30.11 65.27 -26.19
CA GLY I 68 30.82 66.12 -25.25
C GLY I 68 29.99 67.28 -24.74
N ASN I 69 30.32 68.48 -25.21
CA ASN I 69 29.56 69.68 -24.90
C ASN I 69 28.89 70.28 -26.13
N THR I 70 29.05 69.68 -27.30
CA THR I 70 28.57 70.27 -28.55
C THR I 70 27.51 69.37 -29.18
N ALA I 71 26.38 69.98 -29.56
CA ALA I 71 25.32 69.28 -30.28
C ALA I 71 25.25 69.83 -31.70
N SER I 72 24.69 69.03 -32.60
CA SER I 72 24.56 69.45 -34.00
C SER I 72 23.43 68.66 -34.66
N LEU I 73 22.95 69.19 -35.78
CA LEU I 73 22.04 68.48 -36.65
C LEU I 73 22.51 68.60 -38.09
N THR I 74 22.15 67.58 -38.88
CA THR I 74 22.52 67.46 -40.28
C THR I 74 21.29 67.07 -41.08
N ILE I 75 21.06 67.75 -42.19
CA ILE I 75 19.97 67.47 -43.11
C ILE I 75 20.55 67.02 -44.44
N SER I 76 20.00 65.95 -45.00
CA SER I 76 20.42 65.42 -46.29
C SER I 76 19.33 65.65 -47.32
N GLY I 77 19.75 65.89 -48.56
CA GLY I 77 18.82 66.17 -49.63
C GLY I 77 18.17 67.54 -49.51
N LEU I 78 18.97 68.59 -49.59
CA LEU I 78 18.45 69.94 -49.49
C LEU I 78 17.73 70.33 -50.78
N GLN I 79 16.75 71.22 -50.63
CA GLN I 79 15.94 71.71 -51.73
C GLN I 79 16.05 73.23 -51.81
N ALA I 80 15.24 73.83 -52.69
CA ALA I 80 15.23 75.28 -52.85
C ALA I 80 14.47 75.99 -51.74
N GLU I 81 13.72 75.26 -50.91
CA GLU I 81 12.98 75.85 -49.80
C GLU I 81 13.43 75.28 -48.46
N ASP I 82 14.65 74.75 -48.39
CA ASP I 82 15.19 74.20 -47.16
C ASP I 82 15.99 75.21 -46.34
N GLU I 83 16.03 76.47 -46.77
CA GLU I 83 16.62 77.52 -45.95
C GLU I 83 15.77 77.74 -44.71
N ALA I 84 16.44 77.92 -43.57
CA ALA I 84 15.74 77.92 -42.30
C ALA I 84 16.51 78.72 -41.26
N ASP I 85 15.97 78.73 -40.05
CA ASP I 85 16.48 79.44 -38.88
C ASP I 85 16.60 78.47 -37.71
N TYR I 86 17.33 77.37 -37.93
CA TYR I 86 17.54 76.31 -36.94
C TYR I 86 18.03 76.84 -35.60
N TYR I 87 17.28 76.55 -34.55
CA TYR I 87 17.52 77.06 -33.20
C TYR I 87 17.69 75.88 -32.25
N CYS I 88 18.55 76.05 -31.26
CA CYS I 88 18.75 75.05 -30.20
C CYS I 88 18.30 75.64 -28.87
N CYS I 89 17.65 74.81 -28.05
CA CYS I 89 17.22 75.25 -26.73
C CYS I 89 17.47 74.20 -25.68
N SER I 90 17.83 74.65 -24.49
CA SER I 90 18.11 73.79 -23.35
C SER I 90 17.89 74.59 -22.07
N TYR I 91 18.34 74.03 -20.95
CA TYR I 91 18.15 74.62 -19.64
C TYR I 91 19.47 75.09 -19.06
N THR I 92 19.48 76.30 -18.51
CA THR I 92 20.67 76.88 -17.88
C THR I 92 20.30 77.31 -16.46
N THR I 93 20.82 76.59 -15.47
CA THR I 93 20.32 76.72 -14.10
C THR I 93 20.82 77.96 -13.38
N THR I 94 21.96 78.53 -13.80
CA THR I 94 22.50 79.69 -13.09
C THR I 94 21.78 80.97 -13.52
N THR I 95 21.62 81.16 -14.82
CA THR I 95 20.89 82.29 -15.37
C THR I 95 19.42 81.88 -15.56
N ILE I 96 18.69 82.61 -16.40
CA ILE I 96 17.29 82.33 -16.78
C ILE I 96 17.17 80.89 -17.27
N PRO I 97 16.24 80.10 -16.71
CA PRO I 97 16.30 78.64 -16.87
C PRO I 97 15.99 78.11 -18.27
N VAL I 98 15.65 78.97 -19.23
CA VAL I 98 15.45 78.56 -20.61
C VAL I 98 16.42 79.34 -21.49
N ALA I 99 17.29 78.63 -22.21
CA ALA I 99 18.17 79.25 -23.19
C ALA I 99 17.83 78.72 -24.57
N PHE I 100 17.42 79.64 -25.46
CA PHE I 100 16.79 79.26 -26.73
C PHE I 100 17.51 80.03 -27.84
N GLY I 101 18.66 79.48 -28.27
CA GLY I 101 19.51 79.89 -29.37
C GLY I 101 20.06 81.32 -29.31
N GLY I 102 20.68 81.71 -30.41
CA GLY I 102 21.29 83.03 -30.53
C GLY I 102 21.15 83.65 -31.90
N GLY I 103 20.44 82.98 -32.81
CA GLY I 103 20.17 83.51 -34.13
C GLY I 103 20.91 82.83 -35.27
N THR I 104 20.18 82.17 -36.15
CA THR I 104 20.72 81.58 -37.37
C THR I 104 19.85 81.95 -38.55
N LYS I 105 20.45 81.95 -39.74
CA LYS I 105 19.72 82.18 -40.99
C LYS I 105 20.48 81.47 -42.11
N LEU I 106 19.97 80.31 -42.50
CA LEU I 106 20.60 79.51 -43.55
C LEU I 106 20.33 80.11 -44.92
N THR I 107 21.37 80.23 -45.73
CA THR I 107 21.28 80.74 -47.09
C THR I 107 21.68 79.66 -48.08
N VAL I 108 21.35 79.89 -49.35
CA VAL I 108 21.66 78.95 -50.42
C VAL I 108 22.38 79.70 -51.53
N LEU I 109 23.11 78.95 -52.35
CA LEU I 109 23.88 79.49 -53.46
C LEU I 109 23.32 79.02 -54.81
N GLY I 110 22.01 78.79 -54.87
CA GLY I 110 21.39 78.35 -56.11
C GLY I 110 21.06 79.43 -57.10
N GLN I 111 21.32 80.70 -56.74
CA GLN I 111 21.04 81.80 -57.64
C GLN I 111 22.04 82.95 -57.44
#